data_8EPY
#
_entry.id   8EPY
#
loop_
_entity.id
_entity.type
_entity.pdbx_description
1 polymer Glyoxalase
2 non-polymer (6R,16R)-3,11,13,15-tetrahydroxy-1,6,9,9-tetramethyl-6,7,9,16-tetrahydro-14H-6,16-epoxyanthra[2,3-e]benzo[b]oxocin-14-one
#
_entity_poly.entity_id   1
_entity_poly.type   'polypeptide(L)'
_entity_poly.pdbx_seq_one_letter_code
;GSHMSHDAVRPAPGEPTWVDLLTPDRGAALQFYSALFGWEFSTTSDGTSPYTMCRLRGREVCSIGDLGENPGPALGGWSS
YLSVDDADAAAAAVPELGGAVLLGPIDILAQGRMLLAGDPSGHRVGLWQAKEHTGSGPDDGIGAYTRSELLTGASATDGA
FYRGLFGADFATESGTDGGGRRAAIRQVGPAAPSGWYPCFRAQESAVPAAVMLGASVLLRYDCPDGPAVVVSAPGGEVFT
LLLTD
;
_entity_poly.pdbx_strand_id   A
#
# COMPACT_ATOMS: atom_id res chain seq x y z
N GLY A 1 -26.06 3.16 23.45
CA GLY A 1 -27.27 3.95 23.08
C GLY A 1 -26.91 5.31 22.47
N SER A 2 -26.38 5.23 21.23
CA SER A 2 -26.08 6.40 20.43
C SER A 2 -25.23 7.41 21.21
N HIS A 3 -24.34 6.84 22.06
CA HIS A 3 -23.41 7.64 22.82
C HIS A 3 -22.14 7.90 22.00
N MET A 4 -21.50 9.04 22.28
CA MET A 4 -20.27 9.44 21.63
C MET A 4 -19.10 9.19 22.58
N SER A 5 -17.90 9.10 21.97
CA SER A 5 -16.67 8.96 22.73
C SER A 5 -16.19 10.33 23.24
N HIS A 6 -15.36 10.25 24.30
CA HIS A 6 -14.81 11.42 24.93
C HIS A 6 -13.27 11.43 24.94
N ASP A 7 -12.71 10.86 23.87
CA ASP A 7 -11.27 10.74 23.71
C ASP A 7 -10.93 10.95 22.23
N ALA A 8 -9.92 11.80 21.99
CA ALA A 8 -9.44 12.10 20.66
C ALA A 8 -8.10 11.40 20.42
N VAL A 9 -8.05 10.56 19.37
CA VAL A 9 -6.87 9.81 19.04
C VAL A 9 -6.21 10.45 17.81
N ARG A 10 -4.92 10.80 17.96
CA ARG A 10 -4.15 11.46 16.92
C ARG A 10 -2.87 10.64 16.67
N PRO A 11 -2.90 9.79 15.64
CA PRO A 11 -1.73 8.98 15.33
C PRO A 11 -0.65 9.84 14.64
N ALA A 12 0.52 9.23 14.51
CA ALA A 12 1.68 9.90 13.94
C ALA A 12 1.66 9.79 12.41
N PRO A 13 1.54 10.91 11.71
CA PRO A 13 1.54 10.86 10.27
C PRO A 13 2.96 10.51 9.78
N GLY A 14 2.98 10.03 8.51
CA GLY A 14 4.21 9.65 7.85
C GLY A 14 4.46 8.14 7.82
N GLU A 15 4.01 7.46 8.89
CA GLU A 15 4.27 6.04 9.03
C GLU A 15 3.30 5.29 8.11
N PRO A 16 3.84 4.51 7.17
CA PRO A 16 3.00 3.73 6.27
C PRO A 16 2.35 2.55 7.01
N THR A 17 1.25 2.05 6.40
CA THR A 17 0.49 0.99 7.01
C THR A 17 1.16 -0.38 6.73
N TRP A 18 1.05 -0.81 5.47
CA TRP A 18 1.56 -2.07 4.98
C TRP A 18 1.46 -2.05 3.46
N VAL A 19 2.21 -2.98 2.86
CA VAL A 19 2.22 -3.17 1.42
C VAL A 19 2.46 -4.66 1.15
N ASP A 20 1.50 -5.29 0.48
CA ASP A 20 1.64 -6.67 0.04
C ASP A 20 1.61 -6.71 -1.49
N LEU A 21 2.25 -7.78 -2.01
CA LEU A 21 2.31 -8.00 -3.44
C LEU A 21 2.16 -9.50 -3.69
N LEU A 22 1.06 -9.82 -4.39
CA LEU A 22 0.78 -11.18 -4.83
C LEU A 22 1.61 -11.50 -6.06
N THR A 23 1.88 -12.80 -6.23
CA THR A 23 2.60 -13.28 -7.38
C THR A 23 2.07 -14.67 -7.74
N PRO A 24 2.26 -15.05 -9.01
CA PRO A 24 1.86 -16.39 -9.44
C PRO A 24 2.73 -17.46 -8.79
N ASP A 25 4.03 -17.13 -8.69
CA ASP A 25 5.04 -18.06 -8.22
C ASP A 25 5.92 -17.35 -7.19
N ARG A 26 5.59 -17.53 -5.91
CA ARG A 26 6.31 -16.89 -4.83
C ARG A 26 7.81 -17.22 -4.94
N GLY A 27 8.09 -18.50 -5.19
CA GLY A 27 9.47 -18.92 -5.35
C GLY A 27 10.24 -18.04 -6.33
N ALA A 28 9.60 -17.74 -7.46
CA ALA A 28 10.27 -16.99 -8.51
C ALA A 28 10.31 -15.50 -8.15
N ALA A 29 9.20 -15.02 -7.59
CA ALA A 29 9.09 -13.62 -7.26
C ALA A 29 10.21 -13.20 -6.30
N LEU A 30 10.49 -14.06 -5.32
CA LEU A 30 11.54 -13.77 -4.36
C LEU A 30 12.89 -13.58 -5.05
N GLN A 31 13.05 -14.17 -6.25
CA GLN A 31 14.29 -14.05 -6.98
C GLN A 31 14.42 -12.71 -7.70
N PHE A 32 13.27 -12.22 -8.20
CA PHE A 32 13.22 -10.93 -8.88
C PHE A 32 13.11 -9.79 -7.87
N TYR A 33 12.01 -9.79 -7.12
CA TYR A 33 11.75 -8.70 -6.19
C TYR A 33 12.92 -8.48 -5.25
N SER A 34 13.39 -9.59 -4.64
CA SER A 34 14.46 -9.46 -3.69
C SER A 34 15.78 -9.06 -4.33
N ALA A 35 15.92 -9.27 -5.64
CA ALA A 35 17.09 -8.87 -6.37
C ALA A 35 17.15 -7.35 -6.60
N LEU A 36 16.02 -6.67 -6.37
CA LEU A 36 15.95 -5.23 -6.59
C LEU A 36 16.52 -4.49 -5.37
N PHE A 37 16.02 -4.92 -4.20
CA PHE A 37 16.40 -4.33 -2.94
C PHE A 37 17.61 -5.02 -2.28
N GLY A 38 17.70 -6.34 -2.50
CA GLY A 38 18.74 -7.16 -1.95
C GLY A 38 18.41 -7.68 -0.55
N TRP A 39 17.16 -8.15 -0.40
CA TRP A 39 16.69 -8.68 0.85
C TRP A 39 16.93 -10.18 0.94
N GLU A 40 16.67 -10.73 2.14
CA GLU A 40 16.87 -12.13 2.43
C GLU A 40 15.53 -12.80 2.71
N PHE A 41 15.50 -14.11 2.47
CA PHE A 41 14.31 -14.90 2.72
C PHE A 41 14.36 -15.45 4.15
N SER A 42 13.18 -15.94 4.60
CA SER A 42 13.05 -16.56 5.90
C SER A 42 12.08 -17.74 5.80
N THR A 43 12.28 -18.68 6.72
CA THR A 43 11.46 -19.87 6.78
C THR A 43 10.06 -19.52 7.29
N THR A 44 9.06 -20.25 6.77
CA THR A 44 7.70 -20.14 7.25
C THR A 44 7.51 -20.97 8.52
N SER A 45 6.45 -20.61 9.26
CA SER A 45 6.00 -21.40 10.37
C SER A 45 5.39 -22.71 9.86
N ASP A 46 5.35 -23.71 10.75
CA ASP A 46 4.78 -25.00 10.46
C ASP A 46 3.35 -25.06 10.99
N GLY A 47 2.53 -25.91 10.34
CA GLY A 47 1.15 -26.08 10.72
C GLY A 47 0.17 -25.17 9.97
N THR A 48 0.69 -24.02 9.52
CA THR A 48 -0.07 -23.06 8.77
C THR A 48 0.42 -23.02 7.32
N SER A 49 -0.36 -22.28 6.51
CA SER A 49 -0.04 -22.07 5.12
C SER A 49 1.38 -21.47 4.99
N PRO A 50 1.99 -21.68 3.81
CA PRO A 50 3.34 -21.21 3.57
C PRO A 50 3.39 -19.67 3.45
N TYR A 51 4.10 -19.06 4.42
CA TYR A 51 4.23 -17.62 4.48
C TYR A 51 5.70 -17.23 4.61
N THR A 52 6.24 -16.59 3.56
CA THR A 52 7.62 -16.13 3.55
C THR A 52 7.68 -14.64 3.94
N MET A 53 8.29 -14.41 5.11
CA MET A 53 8.48 -13.09 5.67
C MET A 53 9.88 -12.58 5.27
N CYS A 54 9.92 -11.41 4.59
CA CYS A 54 11.17 -10.87 4.06
C CYS A 54 11.68 -9.81 5.06
N ARG A 55 12.74 -10.20 5.79
CA ARG A 55 13.28 -9.38 6.83
C ARG A 55 14.81 -9.35 6.70
N LEU A 56 15.41 -8.32 7.31
CA LEU A 56 16.84 -8.10 7.23
C LEU A 56 17.28 -7.33 8.46
N ARG A 57 18.50 -7.62 8.93
CA ARG A 57 19.05 -6.94 10.09
C ARG A 57 18.06 -6.97 11.27
N GLY A 58 17.29 -8.06 11.36
CA GLY A 58 16.33 -8.19 12.43
C GLY A 58 15.31 -7.04 12.48
N ARG A 59 15.00 -6.49 11.31
CA ARG A 59 14.10 -5.38 11.17
C ARG A 59 13.04 -5.73 10.11
N GLU A 60 11.78 -5.60 10.52
CA GLU A 60 10.64 -5.86 9.66
C GLU A 60 10.63 -4.89 8.46
N VAL A 61 10.30 -5.48 7.29
CA VAL A 61 10.22 -4.76 6.04
C VAL A 61 8.88 -5.02 5.36
N CYS A 62 8.70 -6.24 4.83
CA CYS A 62 7.52 -6.54 4.05
C CYS A 62 7.33 -8.06 3.96
N SER A 63 6.17 -8.42 3.41
CA SER A 63 5.82 -9.81 3.19
C SER A 63 5.29 -9.97 1.76
N ILE A 64 5.49 -11.20 1.27
CA ILE A 64 5.05 -11.60 -0.05
C ILE A 64 3.88 -12.57 0.09
N GLY A 65 2.93 -12.44 -0.84
CA GLY A 65 1.82 -13.37 -0.92
C GLY A 65 1.84 -14.14 -2.23
N ASP A 66 0.77 -14.93 -2.40
CA ASP A 66 0.66 -15.87 -3.50
C ASP A 66 -0.79 -16.28 -3.62
N LEU A 67 -1.06 -16.98 -4.74
CA LEU A 67 -2.38 -17.38 -5.12
C LEU A 67 -2.50 -18.87 -5.39
N GLY A 68 -1.46 -19.47 -5.99
CA GLY A 68 -1.43 -20.88 -6.33
C GLY A 68 -2.46 -21.23 -7.42
N GLU A 69 -3.68 -21.49 -6.95
CA GLU A 69 -4.79 -21.91 -7.76
C GLU A 69 -5.89 -20.86 -7.86
N ASN A 70 -5.59 -19.63 -7.40
CA ASN A 70 -6.54 -18.53 -7.38
C ASN A 70 -6.24 -17.56 -8.55
N PRO A 71 -6.99 -17.68 -9.65
CA PRO A 71 -6.71 -16.84 -10.80
C PRO A 71 -7.10 -15.36 -10.58
N GLY A 72 -8.06 -15.15 -9.68
CA GLY A 72 -8.58 -13.83 -9.36
C GLY A 72 -8.30 -13.47 -7.89
N PRO A 73 -7.08 -13.02 -7.60
CA PRO A 73 -6.74 -12.64 -6.23
C PRO A 73 -7.43 -11.31 -5.86
N ALA A 74 -7.08 -10.87 -4.62
CA ALA A 74 -7.63 -9.64 -4.08
C ALA A 74 -6.74 -8.42 -4.36
N LEU A 75 -5.43 -8.68 -4.40
CA LEU A 75 -4.42 -7.63 -4.48
C LEU A 75 -4.37 -7.04 -5.90
N GLY A 76 -4.05 -7.92 -6.86
CA GLY A 76 -3.98 -7.52 -8.25
C GLY A 76 -2.77 -6.65 -8.62
N GLY A 77 -1.71 -6.74 -7.79
CA GLY A 77 -0.52 -5.95 -7.96
C GLY A 77 -0.23 -5.12 -6.71
N TRP A 78 0.87 -4.36 -6.79
CA TRP A 78 1.19 -3.41 -5.75
C TRP A 78 -0.02 -2.51 -5.51
N SER A 79 -0.03 -1.93 -4.29
CA SER A 79 -1.06 -0.99 -3.89
C SER A 79 -0.67 -0.40 -2.55
N SER A 80 -1.25 0.78 -2.29
CA SER A 80 -1.05 1.50 -1.05
C SER A 80 -2.23 1.22 -0.11
N TYR A 81 -1.87 0.82 1.12
CA TYR A 81 -2.84 0.56 2.17
C TYR A 81 -2.93 1.77 3.10
N LEU A 82 -4.06 2.46 2.99
CA LEU A 82 -4.37 3.59 3.84
C LEU A 82 -5.08 3.07 5.10
N SER A 83 -4.76 3.73 6.23
CA SER A 83 -5.33 3.38 7.52
C SER A 83 -6.58 4.23 7.79
N VAL A 84 -7.69 3.51 7.99
CA VAL A 84 -8.98 4.10 8.24
C VAL A 84 -9.36 3.96 9.72
N ASP A 85 -10.34 4.79 10.13
CA ASP A 85 -10.85 4.77 11.48
C ASP A 85 -11.29 3.37 11.90
N ASP A 86 -11.89 2.67 10.92
CA ASP A 86 -12.39 1.32 11.13
C ASP A 86 -12.73 0.74 9.75
N ALA A 87 -12.54 -0.56 9.61
CA ALA A 87 -12.92 -1.25 8.39
C ALA A 87 -14.32 -0.79 7.96
N ASP A 88 -15.20 -0.79 8.96
CA ASP A 88 -16.60 -0.52 8.71
C ASP A 88 -16.84 0.96 8.48
N ALA A 89 -16.07 1.79 9.19
CA ALA A 89 -16.12 3.24 9.03
C ALA A 89 -15.97 3.59 7.55
N ALA A 90 -14.84 3.14 6.98
CA ALA A 90 -14.53 3.49 5.61
C ALA A 90 -15.64 2.97 4.70
N ALA A 91 -15.90 1.66 4.81
CA ALA A 91 -16.89 1.02 3.98
C ALA A 91 -18.25 1.73 4.05
N ALA A 92 -18.58 2.25 5.23
CA ALA A 92 -19.84 2.92 5.47
C ALA A 92 -19.91 4.28 4.77
N ALA A 93 -18.75 4.93 4.65
CA ALA A 93 -18.67 6.21 4.00
C ALA A 93 -18.50 6.06 2.49
N VAL A 94 -17.99 4.92 2.04
CA VAL A 94 -17.87 4.66 0.61
C VAL A 94 -19.17 5.06 -0.10
N PRO A 95 -20.31 4.50 0.28
CA PRO A 95 -21.56 4.82 -0.42
C PRO A 95 -21.99 6.28 -0.23
N GLU A 96 -21.61 6.88 0.90
CA GLU A 96 -21.96 8.26 1.18
C GLU A 96 -21.38 9.22 0.15
N LEU A 97 -20.23 8.84 -0.43
CA LEU A 97 -19.55 9.66 -1.40
C LEU A 97 -20.01 9.32 -2.83
N GLY A 98 -20.53 8.10 -2.97
CA GLY A 98 -21.00 7.59 -4.23
C GLY A 98 -20.09 6.53 -4.85
N GLY A 99 -19.37 5.81 -3.99
CA GLY A 99 -18.55 4.70 -4.44
C GLY A 99 -19.28 3.37 -4.23
N ALA A 100 -18.50 2.30 -4.43
CA ALA A 100 -18.99 0.94 -4.38
C ALA A 100 -17.93 0.08 -3.69
N VAL A 101 -18.38 -0.66 -2.66
CA VAL A 101 -17.51 -1.59 -1.97
C VAL A 101 -17.41 -2.86 -2.82
N LEU A 102 -16.17 -3.34 -2.97
CA LEU A 102 -15.92 -4.54 -3.75
C LEU A 102 -15.61 -5.75 -2.87
N LEU A 103 -14.83 -5.49 -1.81
CA LEU A 103 -14.49 -6.51 -0.85
C LEU A 103 -14.75 -6.00 0.56
N GLY A 104 -14.79 -6.96 1.51
CA GLY A 104 -15.01 -6.66 2.89
C GLY A 104 -16.46 -6.24 3.18
N PRO A 105 -16.73 -6.00 4.47
CA PRO A 105 -15.81 -6.21 5.58
C PRO A 105 -15.51 -7.71 5.76
N ILE A 106 -14.23 -8.01 6.01
CA ILE A 106 -13.78 -9.36 6.26
C ILE A 106 -12.84 -9.35 7.47
N ASP A 107 -12.77 -10.53 8.12
CA ASP A 107 -11.97 -10.71 9.32
C ASP A 107 -10.85 -11.72 9.01
N ILE A 108 -9.67 -11.17 8.71
CA ILE A 108 -8.53 -11.99 8.38
C ILE A 108 -7.97 -12.55 9.68
N LEU A 109 -8.24 -13.84 9.92
CA LEU A 109 -7.71 -14.57 11.06
C LEU A 109 -7.99 -13.85 12.38
N ALA A 110 -9.12 -13.10 12.39
CA ALA A 110 -9.51 -12.29 13.53
C ALA A 110 -8.35 -11.42 14.06
N GLN A 111 -7.46 -11.04 13.13
CA GLN A 111 -6.30 -10.24 13.47
C GLN A 111 -6.41 -8.82 12.89
N GLY A 112 -6.99 -8.74 11.70
CA GLY A 112 -7.16 -7.49 11.00
C GLY A 112 -8.30 -7.59 10.00
N ARG A 113 -8.46 -6.50 9.25
CA ARG A 113 -9.53 -6.34 8.28
C ARG A 113 -8.93 -5.55 7.09
N MET A 114 -9.14 -6.12 5.90
CA MET A 114 -8.71 -5.54 4.64
C MET A 114 -9.93 -5.52 3.72
N LEU A 115 -10.19 -4.38 3.09
CA LEU A 115 -11.29 -4.28 2.15
C LEU A 115 -10.88 -3.32 1.04
N LEU A 116 -11.56 -3.46 -0.11
CA LEU A 116 -11.32 -2.60 -1.25
C LEU A 116 -12.63 -1.89 -1.64
N ALA A 117 -12.46 -0.68 -2.18
CA ALA A 117 -13.55 0.19 -2.60
C ALA A 117 -13.13 0.92 -3.88
N GLY A 118 -14.09 1.72 -4.39
CA GLY A 118 -13.91 2.47 -5.59
C GLY A 118 -15.05 2.19 -6.57
N ASP A 119 -14.68 2.06 -7.84
CA ASP A 119 -15.61 1.81 -8.92
C ASP A 119 -15.50 0.35 -9.38
N PRO A 120 -16.58 -0.15 -9.98
CA PRO A 120 -16.63 -1.55 -10.38
C PRO A 120 -15.74 -1.90 -11.57
N SER A 121 -15.06 -0.89 -12.14
CA SER A 121 -14.08 -1.15 -13.18
C SER A 121 -12.96 -2.10 -12.73
N GLY A 122 -12.82 -2.22 -11.39
CA GLY A 122 -11.84 -3.10 -10.81
C GLY A 122 -10.77 -2.38 -10.00
N HIS A 123 -11.10 -1.17 -9.54
CA HIS A 123 -10.17 -0.35 -8.81
C HIS A 123 -10.10 -0.84 -7.36
N ARG A 124 -8.88 -1.20 -6.93
CA ARG A 124 -8.65 -1.72 -5.61
C ARG A 124 -7.83 -0.70 -4.80
N VAL A 125 -8.41 -0.30 -3.66
CA VAL A 125 -7.81 0.68 -2.77
C VAL A 125 -7.54 0.00 -1.43
N GLY A 126 -6.26 -0.16 -1.10
CA GLY A 126 -5.91 -0.83 0.14
C GLY A 126 -6.43 -0.04 1.35
N LEU A 127 -7.21 -0.73 2.19
CA LEU A 127 -7.80 -0.16 3.38
C LEU A 127 -7.59 -1.15 4.53
N TRP A 128 -6.84 -0.68 5.54
CA TRP A 128 -6.55 -1.42 6.75
C TRP A 128 -7.13 -0.66 7.95
N GLN A 129 -7.53 -1.44 8.96
CA GLN A 129 -8.14 -0.92 10.17
C GLN A 129 -7.09 -0.83 11.29
N ALA A 130 -6.70 0.40 11.60
CA ALA A 130 -5.70 0.66 12.63
C ALA A 130 -6.37 0.64 14.02
N LYS A 131 -6.00 -0.40 14.79
CA LYS A 131 -6.51 -0.59 16.14
C LYS A 131 -5.42 -0.61 17.22
N GLU A 132 -4.28 -1.23 16.88
CA GLU A 132 -3.15 -1.40 17.77
C GLU A 132 -2.00 -0.47 17.39
N HIS A 133 -1.66 -0.50 16.09
CA HIS A 133 -0.61 0.32 15.52
C HIS A 133 -1.03 0.69 14.09
N THR A 134 -0.36 1.73 13.59
CA THR A 134 -0.58 2.27 12.27
C THR A 134 0.54 1.91 11.26
N GLY A 135 1.20 0.77 11.55
CA GLY A 135 2.29 0.29 10.74
C GLY A 135 3.66 0.87 11.10
N SER A 136 3.78 1.31 12.38
CA SER A 136 4.99 1.92 12.88
C SER A 136 6.06 0.84 13.07
N GLY A 137 6.84 0.65 12.00
CA GLY A 137 7.90 -0.32 11.98
C GLY A 137 9.26 0.34 12.21
N PRO A 138 10.31 -0.46 12.05
CA PRO A 138 11.66 0.05 12.27
C PRO A 138 12.08 1.02 11.15
N ASP A 139 12.67 2.13 11.59
CA ASP A 139 13.11 3.17 10.67
C ASP A 139 14.61 2.99 10.38
N ASP A 140 14.87 2.04 9.47
CA ASP A 140 16.22 1.74 9.02
C ASP A 140 16.59 2.52 7.75
N GLY A 141 15.83 3.59 7.49
CA GLY A 141 16.05 4.37 6.29
C GLY A 141 15.77 3.51 5.04
N ILE A 142 16.85 3.12 4.38
CA ILE A 142 16.75 2.31 3.18
C ILE A 142 16.25 0.91 3.53
N GLY A 143 15.47 0.34 2.58
CA GLY A 143 14.96 -0.98 2.76
C GLY A 143 13.55 -1.00 3.35
N ALA A 144 13.20 0.10 4.04
CA ALA A 144 11.88 0.24 4.59
C ALA A 144 11.00 1.07 3.63
N TYR A 145 9.69 0.93 3.83
CA TYR A 145 8.71 1.67 3.07
C TYR A 145 9.04 3.17 3.17
N THR A 146 8.57 3.91 2.14
CA THR A 146 8.82 5.34 2.08
C THR A 146 7.55 6.17 2.30
N ARG A 147 6.52 5.84 1.52
CA ARG A 147 5.26 6.56 1.55
C ARG A 147 4.33 5.89 0.54
N SER A 148 3.09 6.42 0.51
CA SER A 148 2.06 5.96 -0.38
C SER A 148 1.64 7.08 -1.33
N GLU A 149 1.60 6.72 -2.62
CA GLU A 149 1.30 7.64 -3.70
C GLU A 149 0.55 6.85 -4.78
N LEU A 150 -0.62 7.38 -5.14
CA LEU A 150 -1.45 6.82 -6.19
C LEU A 150 -1.48 7.80 -7.38
N LEU A 151 -1.37 7.21 -8.57
CA LEU A 151 -1.38 7.95 -9.81
C LEU A 151 -2.69 7.64 -10.53
N THR A 152 -3.61 8.61 -10.47
CA THR A 152 -4.90 8.46 -11.10
C THR A 152 -5.12 9.58 -12.11
N GLY A 153 -6.03 9.31 -13.06
CA GLY A 153 -6.41 10.30 -14.02
C GLY A 153 -7.48 11.28 -13.54
N ALA A 154 -7.75 11.29 -12.22
CA ALA A 154 -8.83 12.10 -11.69
C ALA A 154 -8.53 12.51 -10.26
N SER A 155 -7.48 13.33 -10.09
CA SER A 155 -7.07 13.75 -8.76
C SER A 155 -8.27 14.27 -7.96
N ALA A 156 -9.08 15.12 -8.62
CA ALA A 156 -10.23 15.72 -7.96
C ALA A 156 -11.21 14.67 -7.41
N THR A 157 -11.40 13.60 -8.21
CA THR A 157 -12.26 12.51 -7.81
C THR A 157 -11.68 11.71 -6.65
N ASP A 158 -10.46 11.21 -6.84
CA ASP A 158 -9.84 10.39 -5.82
C ASP A 158 -9.75 11.18 -4.51
N GLY A 159 -9.39 12.45 -4.61
CA GLY A 159 -9.32 13.29 -3.44
C GLY A 159 -10.62 13.26 -2.64
N ALA A 160 -11.74 13.32 -3.36
CA ALA A 160 -13.06 13.28 -2.74
C ALA A 160 -13.28 11.96 -1.99
N PHE A 161 -12.75 10.87 -2.56
CA PHE A 161 -12.85 9.57 -1.93
C PHE A 161 -12.07 9.55 -0.62
N TYR A 162 -10.85 10.11 -0.67
CA TYR A 162 -10.00 10.11 0.51
C TYR A 162 -10.55 11.04 1.58
N ARG A 163 -10.93 12.25 1.17
CA ARG A 163 -11.44 13.20 2.14
C ARG A 163 -12.73 12.71 2.81
N GLY A 164 -13.41 11.77 2.16
CA GLY A 164 -14.63 11.20 2.67
C GLY A 164 -14.40 10.02 3.63
N LEU A 165 -13.44 9.15 3.28
CA LEU A 165 -13.24 7.98 4.11
C LEU A 165 -12.27 8.25 5.27
N PHE A 166 -11.41 9.26 5.05
CA PHE A 166 -10.36 9.63 5.97
C PHE A 166 -10.52 11.07 6.48
N GLY A 167 -10.66 11.99 5.52
CA GLY A 167 -10.88 13.37 5.85
C GLY A 167 -12.07 13.55 6.79
N ALA A 168 -12.13 14.76 7.36
CA ALA A 168 -13.12 15.11 8.38
C ALA A 168 -14.54 14.84 7.89
N ASP A 169 -14.74 15.04 6.58
CA ASP A 169 -16.00 14.76 5.92
C ASP A 169 -16.61 13.45 6.39
N PHE A 170 -15.76 12.46 6.70
CA PHE A 170 -16.22 11.17 7.15
C PHE A 170 -17.27 11.29 8.24
N ALA A 171 -16.94 12.10 9.26
CA ALA A 171 -17.80 12.32 10.40
C ALA A 171 -18.44 13.71 10.42
N THR A 172 -18.19 14.45 9.34
CA THR A 172 -18.74 15.77 9.12
C THR A 172 -18.66 16.62 10.40
N GLU A 173 -17.47 16.57 11.02
CA GLU A 173 -17.22 17.22 12.29
C GLU A 173 -15.72 17.40 12.47
N SER A 174 -15.38 18.13 13.54
CA SER A 174 -14.01 18.36 13.95
C SER A 174 -13.96 18.36 15.48
N GLY A 175 -12.80 17.91 15.99
CA GLY A 175 -12.52 17.91 17.41
C GLY A 175 -12.01 16.58 17.95
N THR A 176 -12.47 15.48 17.31
CA THR A 176 -12.16 14.14 17.76
C THR A 176 -11.08 13.46 16.89
N ASP A 177 -10.12 14.28 16.46
CA ASP A 177 -9.03 13.85 15.60
C ASP A 177 -8.01 15.00 15.55
N GLY A 178 -6.87 14.65 14.95
CA GLY A 178 -5.81 15.58 14.67
C GLY A 178 -5.45 15.73 13.20
N GLY A 179 -5.48 14.60 12.47
CA GLY A 179 -5.11 14.60 11.07
C GLY A 179 -3.76 13.91 10.82
N GLY A 180 -3.68 12.64 11.29
CA GLY A 180 -2.48 11.85 11.15
C GLY A 180 -2.61 10.72 10.14
N ARG A 181 -3.41 10.97 9.10
CA ARG A 181 -3.62 10.04 8.00
C ARG A 181 -2.57 10.32 6.92
N ARG A 182 -2.21 9.23 6.22
CA ARG A 182 -1.23 9.27 5.15
C ARG A 182 -1.93 8.88 3.83
N ALA A 183 -1.60 9.61 2.77
CA ALA A 183 -2.07 9.36 1.42
C ALA A 183 -1.47 10.42 0.51
N ALA A 184 -1.55 10.15 -0.80
CA ALA A 184 -1.12 11.09 -1.80
C ALA A 184 -1.70 10.64 -3.14
N ILE A 185 -2.18 11.61 -3.91
CA ILE A 185 -2.80 11.40 -5.20
C ILE A 185 -2.29 12.48 -6.15
N ARG A 186 -1.81 12.03 -7.32
CA ARG A 186 -1.38 12.93 -8.37
C ARG A 186 -2.18 12.60 -9.65
N GLN A 187 -2.42 13.68 -10.41
CA GLN A 187 -3.04 13.64 -11.74
C GLN A 187 -1.93 13.53 -12.79
N VAL A 188 -1.97 12.43 -13.53
CA VAL A 188 -1.08 12.13 -14.63
C VAL A 188 -1.75 11.10 -15.54
N GLY A 189 -1.06 10.79 -16.65
CA GLY A 189 -1.48 9.74 -17.55
C GLY A 189 -0.60 9.67 -18.80
N PRO A 190 -0.51 10.77 -19.54
CA PRO A 190 0.29 10.76 -20.76
C PRO A 190 1.79 10.72 -20.48
N ALA A 191 2.20 11.49 -19.45
CA ALA A 191 3.59 11.63 -19.09
C ALA A 191 3.95 10.92 -17.77
N ALA A 192 3.13 9.92 -17.41
CA ALA A 192 3.40 9.14 -16.22
C ALA A 192 2.37 8.01 -16.15
N PRO A 193 2.76 6.93 -15.46
CA PRO A 193 1.90 5.76 -15.33
C PRO A 193 0.71 6.07 -14.41
N SER A 194 -0.14 5.04 -14.28
CA SER A 194 -1.35 5.08 -13.49
C SER A 194 -1.50 3.77 -12.71
N GLY A 195 -1.99 3.93 -11.47
CA GLY A 195 -2.22 2.83 -10.58
C GLY A 195 -1.72 3.15 -9.17
N TRP A 196 -1.99 2.20 -8.28
CA TRP A 196 -1.64 2.29 -6.87
C TRP A 196 -0.29 1.61 -6.63
N TYR A 197 0.72 2.40 -6.24
CA TYR A 197 2.02 1.81 -5.99
C TYR A 197 2.85 2.75 -5.13
N PRO A 198 3.05 2.37 -3.86
CA PRO A 198 3.84 3.20 -2.97
C PRO A 198 5.30 3.26 -3.44
N CYS A 199 5.99 4.25 -2.86
CA CYS A 199 7.40 4.45 -3.08
C CYS A 199 8.23 3.71 -2.00
N PHE A 200 9.48 3.46 -2.36
CA PHE A 200 10.42 2.75 -1.54
C PHE A 200 11.81 3.41 -1.68
N ARG A 201 12.62 3.26 -0.63
CA ARG A 201 13.96 3.81 -0.57
C ARG A 201 15.01 2.76 -0.90
N ALA A 202 15.96 3.14 -1.75
CA ALA A 202 17.09 2.28 -2.10
C ALA A 202 18.24 3.12 -2.63
N GLN A 203 19.44 2.53 -2.58
CA GLN A 203 20.63 3.17 -3.08
C GLN A 203 20.52 3.31 -4.60
N GLU A 204 21.36 4.19 -5.16
CA GLU A 204 21.43 4.38 -6.59
C GLU A 204 21.70 3.07 -7.32
N SER A 205 22.50 2.19 -6.71
CA SER A 205 22.85 0.91 -7.30
C SER A 205 21.64 0.00 -7.52
N ALA A 206 20.53 0.29 -6.81
CA ALA A 206 19.32 -0.48 -6.95
C ALA A 206 18.65 -0.23 -8.32
N VAL A 207 18.82 0.99 -8.84
CA VAL A 207 18.24 1.32 -10.14
C VAL A 207 18.61 0.25 -11.16
N PRO A 208 19.91 0.07 -11.43
CA PRO A 208 20.29 -0.93 -12.42
C PRO A 208 19.98 -2.36 -11.97
N ALA A 209 19.94 -2.59 -10.67
CA ALA A 209 19.64 -3.90 -10.14
C ALA A 209 18.35 -4.45 -10.77
N ALA A 210 17.40 -3.56 -11.05
CA ALA A 210 16.16 -3.96 -11.68
C ALA A 210 16.33 -4.12 -13.20
N VAL A 211 17.06 -3.18 -13.79
CA VAL A 211 17.28 -3.18 -15.22
C VAL A 211 17.90 -4.50 -15.68
N MET A 212 18.95 -4.93 -14.99
CA MET A 212 19.65 -6.14 -15.35
C MET A 212 18.73 -7.36 -15.45
N LEU A 213 17.65 -7.36 -14.65
CA LEU A 213 16.69 -8.43 -14.64
C LEU A 213 15.73 -8.40 -15.84
N GLY A 214 15.62 -7.22 -16.45
CA GLY A 214 14.77 -7.00 -17.59
C GLY A 214 13.51 -6.21 -17.26
N ALA A 215 13.59 -5.36 -16.24
CA ALA A 215 12.45 -4.55 -15.85
C ALA A 215 12.08 -3.62 -17.01
N SER A 216 10.79 -3.22 -17.02
CA SER A 216 10.28 -2.34 -18.06
C SER A 216 10.29 -0.89 -17.58
N VAL A 217 10.82 -0.03 -18.44
CA VAL A 217 10.92 1.40 -18.19
C VAL A 217 9.62 2.09 -18.64
N LEU A 218 9.05 2.88 -17.71
CA LEU A 218 7.86 3.67 -18.01
C LEU A 218 8.14 5.17 -17.79
N LEU A 219 8.67 5.47 -16.59
CA LEU A 219 8.82 6.87 -16.18
C LEU A 219 9.80 6.90 -15.02
N ARG A 220 10.86 7.71 -15.16
CA ARG A 220 11.87 7.82 -14.12
C ARG A 220 12.35 9.26 -13.94
N TYR A 221 11.37 10.15 -13.71
CA TYR A 221 11.62 11.57 -13.56
C TYR A 221 10.29 12.24 -13.22
N ASP A 222 10.37 13.57 -13.00
CA ASP A 222 9.22 14.41 -12.75
C ASP A 222 8.53 14.03 -11.43
N CYS A 223 9.33 14.18 -10.35
CA CYS A 223 8.89 13.85 -9.03
C CYS A 223 9.27 14.98 -8.06
N PRO A 224 8.49 15.11 -6.97
CA PRO A 224 8.69 16.22 -6.04
C PRO A 224 10.01 16.16 -5.28
N ASP A 225 10.52 14.92 -5.14
CA ASP A 225 11.77 14.62 -4.49
C ASP A 225 12.97 14.63 -5.43
N GLY A 226 12.72 14.77 -6.74
CA GLY A 226 13.74 14.79 -7.75
C GLY A 226 13.88 13.44 -8.46
N PRO A 227 14.95 12.71 -8.16
CA PRO A 227 15.25 11.47 -8.88
C PRO A 227 14.26 10.35 -8.53
N ALA A 228 13.60 9.83 -9.57
CA ALA A 228 12.58 8.82 -9.40
C ALA A 228 12.76 7.75 -10.47
N VAL A 229 12.37 6.51 -10.12
CA VAL A 229 12.48 5.39 -11.03
C VAL A 229 11.25 4.50 -10.87
N VAL A 230 10.43 4.44 -11.92
CA VAL A 230 9.27 3.57 -11.94
C VAL A 230 9.54 2.51 -13.01
N VAL A 231 9.58 1.27 -12.56
CA VAL A 231 9.70 0.11 -13.43
C VAL A 231 8.46 -0.77 -13.26
N SER A 232 8.15 -1.44 -14.38
CA SER A 232 7.08 -2.41 -14.45
C SER A 232 7.69 -3.81 -14.52
N ALA A 233 7.34 -4.60 -13.51
CA ALA A 233 7.81 -5.97 -13.41
C ALA A 233 7.12 -6.79 -14.50
N PRO A 234 7.74 -7.92 -14.87
CA PRO A 234 7.27 -8.71 -15.99
C PRO A 234 5.88 -9.31 -15.77
N GLY A 235 5.56 -9.58 -14.50
CA GLY A 235 4.27 -10.12 -14.14
C GLY A 235 3.13 -9.12 -14.16
N GLY A 236 3.47 -7.81 -14.11
CA GLY A 236 2.49 -6.77 -14.08
C GLY A 236 2.51 -5.90 -12.83
N GLU A 237 3.56 -6.06 -12.02
CA GLU A 237 3.64 -5.36 -10.74
C GLU A 237 4.39 -4.03 -10.97
N VAL A 238 3.73 -2.91 -10.67
CA VAL A 238 4.30 -1.58 -10.89
C VAL A 238 4.69 -0.98 -9.54
N PHE A 239 5.89 -0.39 -9.48
CA PHE A 239 6.39 0.17 -8.24
C PHE A 239 7.45 1.23 -8.54
N THR A 240 7.63 2.13 -7.55
CA THR A 240 8.52 3.27 -7.68
C THR A 240 9.64 3.22 -6.64
N LEU A 241 10.83 3.56 -7.14
CA LEU A 241 12.06 3.58 -6.36
C LEU A 241 12.61 5.01 -6.31
N LEU A 242 12.90 5.42 -5.07
CA LEU A 242 13.48 6.72 -4.78
C LEU A 242 14.85 6.50 -4.13
N LEU A 243 15.82 7.28 -4.62
CA LEU A 243 17.20 7.23 -4.16
C LEU A 243 17.38 8.27 -3.05
N THR A 244 17.65 7.78 -1.84
CA THR A 244 17.88 8.59 -0.68
C THR A 244 18.79 7.80 0.28
N ASP A 245 19.33 8.53 1.24
CA ASP A 245 20.28 8.08 2.24
C ASP A 245 20.58 9.32 3.14
N GLY A 1 -20.64 -10.64 37.74
CA GLY A 1 -20.15 -9.24 37.83
C GLY A 1 -18.61 -9.28 37.72
N SER A 2 -18.07 -8.35 36.93
CA SER A 2 -16.66 -8.30 36.62
C SER A 2 -16.43 -7.06 35.75
N HIS A 3 -15.15 -6.73 35.56
CA HIS A 3 -14.75 -5.60 34.75
C HIS A 3 -13.47 -5.98 34.00
N MET A 4 -13.38 -5.53 32.74
CA MET A 4 -12.22 -5.74 31.91
C MET A 4 -11.41 -4.45 31.77
N SER A 5 -10.27 -4.57 31.07
CA SER A 5 -9.42 -3.44 30.79
C SER A 5 -10.03 -2.59 29.66
N HIS A 6 -9.41 -1.43 29.43
CA HIS A 6 -9.88 -0.50 28.40
C HIS A 6 -8.85 0.64 28.27
N ASP A 7 -8.16 0.66 27.12
CA ASP A 7 -7.12 1.65 26.86
C ASP A 7 -7.00 1.81 25.35
N ALA A 8 -6.96 3.05 24.88
CA ALA A 8 -6.81 3.36 23.47
C ALA A 8 -5.40 3.90 23.18
N VAL A 9 -4.84 3.46 22.04
CA VAL A 9 -3.51 3.83 21.62
C VAL A 9 -3.61 4.88 20.51
N ARG A 10 -2.59 5.75 20.46
CA ARG A 10 -2.52 6.82 19.49
C ARG A 10 -1.17 6.74 18.76
N PRO A 11 -1.16 6.14 17.56
CA PRO A 11 0.07 6.04 16.80
C PRO A 11 0.45 7.41 16.21
N ALA A 12 1.65 7.42 15.59
CA ALA A 12 2.18 8.61 14.98
C ALA A 12 1.65 8.72 13.54
N PRO A 13 0.86 9.75 13.26
CA PRO A 13 0.36 9.92 11.90
C PRO A 13 1.50 10.35 10.98
N GLY A 14 1.36 9.95 9.70
CA GLY A 14 2.30 10.33 8.68
C GLY A 14 3.00 9.14 7.99
N GLU A 15 3.19 8.09 8.78
CA GLU A 15 3.81 6.86 8.32
C GLU A 15 2.83 6.09 7.44
N PRO A 16 3.38 5.29 6.51
CA PRO A 16 2.55 4.44 5.66
C PRO A 16 1.93 3.31 6.49
N THR A 17 0.82 2.78 5.94
CA THR A 17 0.03 1.76 6.62
C THR A 17 0.64 0.36 6.41
N TRP A 18 0.46 -0.16 5.18
CA TRP A 18 0.91 -1.48 4.79
C TRP A 18 0.76 -1.60 3.28
N VAL A 19 1.60 -2.45 2.70
CA VAL A 19 1.59 -2.77 1.27
C VAL A 19 2.00 -4.24 1.12
N ASP A 20 1.14 -5.01 0.45
CA ASP A 20 1.36 -6.41 0.14
C ASP A 20 1.40 -6.58 -1.39
N LEU A 21 2.27 -7.51 -1.82
CA LEU A 21 2.42 -7.84 -3.22
C LEU A 21 2.30 -9.36 -3.38
N LEU A 22 1.20 -9.75 -4.04
CA LEU A 22 0.94 -11.14 -4.37
C LEU A 22 1.72 -11.52 -5.63
N THR A 23 2.06 -12.81 -5.71
CA THR A 23 2.77 -13.32 -6.85
C THR A 23 2.29 -14.74 -7.17
N PRO A 24 2.37 -15.12 -8.46
CA PRO A 24 1.94 -16.44 -8.86
C PRO A 24 2.83 -17.53 -8.25
N ASP A 25 4.13 -17.20 -8.15
CA ASP A 25 5.13 -18.15 -7.68
C ASP A 25 5.98 -17.46 -6.61
N ARG A 26 5.59 -17.66 -5.35
CA ARG A 26 6.28 -17.03 -4.24
C ARG A 26 7.78 -17.37 -4.30
N GLY A 27 8.07 -18.65 -4.56
CA GLY A 27 9.45 -19.08 -4.66
C GLY A 27 10.28 -18.20 -5.60
N ALA A 28 9.69 -17.90 -6.76
CA ALA A 28 10.39 -17.13 -7.77
C ALA A 28 10.39 -15.65 -7.42
N ALA A 29 9.26 -15.18 -6.89
CA ALA A 29 9.14 -13.77 -6.53
C ALA A 29 10.26 -13.37 -5.56
N LEU A 30 10.51 -14.24 -4.59
CA LEU A 30 11.53 -13.95 -3.61
C LEU A 30 12.91 -13.83 -4.26
N GLN A 31 13.09 -14.43 -5.43
CA GLN A 31 14.33 -14.35 -6.16
C GLN A 31 14.48 -13.01 -6.89
N PHE A 32 13.36 -12.52 -7.45
CA PHE A 32 13.34 -11.26 -8.16
C PHE A 32 13.20 -10.09 -7.19
N TYR A 33 12.04 -10.02 -6.52
CA TYR A 33 11.75 -8.90 -5.66
C TYR A 33 12.88 -8.67 -4.64
N SER A 34 13.29 -9.77 -3.98
CA SER A 34 14.30 -9.63 -2.96
C SER A 34 15.67 -9.24 -3.53
N ALA A 35 15.88 -9.49 -4.83
CA ALA A 35 17.09 -9.11 -5.51
C ALA A 35 17.15 -7.61 -5.84
N LEU A 36 15.99 -6.94 -5.73
CA LEU A 36 15.91 -5.52 -6.03
C LEU A 36 16.44 -4.71 -4.84
N PHE A 37 15.93 -5.11 -3.66
CA PHE A 37 16.26 -4.45 -2.42
C PHE A 37 17.43 -5.11 -1.67
N GLY A 38 17.51 -6.44 -1.79
CA GLY A 38 18.53 -7.24 -1.14
C GLY A 38 18.13 -7.67 0.26
N TRP A 39 16.89 -8.18 0.37
CA TRP A 39 16.35 -8.63 1.63
C TRP A 39 16.55 -10.14 1.79
N GLU A 40 16.26 -10.60 3.01
CA GLU A 40 16.39 -11.99 3.40
C GLU A 40 15.01 -12.62 3.60
N PHE A 41 14.99 -13.95 3.49
CA PHE A 41 13.77 -14.71 3.64
C PHE A 41 13.61 -15.21 5.07
N SER A 42 12.35 -15.22 5.56
CA SER A 42 12.07 -15.66 6.90
C SER A 42 10.61 -16.13 7.00
N THR A 43 10.45 -17.46 7.09
CA THR A 43 9.13 -18.06 7.14
C THR A 43 9.01 -18.89 8.43
N THR A 44 8.21 -18.36 9.37
CA THR A 44 8.02 -19.01 10.66
C THR A 44 6.58 -18.79 11.10
N SER A 45 5.78 -19.85 10.96
CA SER A 45 4.37 -19.84 11.28
C SER A 45 4.08 -20.94 12.30
N ASP A 46 3.47 -20.53 13.42
CA ASP A 46 3.22 -21.43 14.53
C ASP A 46 1.78 -21.94 14.45
N GLY A 47 1.66 -23.17 13.93
CA GLY A 47 0.36 -23.78 13.74
C GLY A 47 -0.48 -23.12 12.63
N THR A 48 0.18 -22.26 11.84
CA THR A 48 -0.44 -21.56 10.76
C THR A 48 0.21 -21.97 9.44
N SER A 49 -0.49 -21.59 8.35
CA SER A 49 -0.02 -21.86 7.01
C SER A 49 1.34 -21.17 6.76
N PRO A 50 2.07 -21.67 5.77
CA PRO A 50 3.42 -21.17 5.51
C PRO A 50 3.39 -19.78 4.83
N TYR A 51 3.83 -18.78 5.62
CA TYR A 51 3.83 -17.39 5.19
C TYR A 51 5.26 -16.82 5.33
N THR A 52 5.87 -16.53 4.16
CA THR A 52 7.20 -15.93 4.11
C THR A 52 7.10 -14.42 4.34
N MET A 53 7.72 -13.99 5.44
CA MET A 53 7.76 -12.59 5.82
C MET A 53 9.19 -12.06 5.60
N CYS A 54 9.27 -10.80 5.15
CA CYS A 54 10.55 -10.16 4.92
C CYS A 54 10.96 -9.42 6.21
N ARG A 55 11.99 -9.97 6.84
CA ARG A 55 12.53 -9.49 8.09
C ARG A 55 14.06 -9.46 7.98
N LEU A 56 14.66 -8.41 8.54
CA LEU A 56 16.10 -8.24 8.53
C LEU A 56 16.46 -7.32 9.70
N ARG A 57 17.66 -7.55 10.26
CA ARG A 57 18.14 -6.72 11.36
C ARG A 57 17.10 -6.62 12.50
N GLY A 58 16.30 -7.71 12.66
CA GLY A 58 15.30 -7.73 13.69
C GLY A 58 14.14 -6.74 13.50
N ARG A 59 13.92 -6.34 12.24
CA ARG A 59 12.94 -5.34 11.90
C ARG A 59 12.20 -5.79 10.64
N GLU A 60 10.86 -5.79 10.76
CA GLU A 60 10.00 -6.13 9.63
C GLU A 60 10.01 -5.01 8.58
N VAL A 61 9.96 -5.47 7.33
CA VAL A 61 9.93 -4.59 6.19
C VAL A 61 8.66 -4.73 5.37
N CYS A 62 8.36 -6.00 4.98
CA CYS A 62 7.18 -6.26 4.20
C CYS A 62 6.81 -7.74 4.33
N SER A 63 5.77 -8.14 3.59
CA SER A 63 5.32 -9.52 3.53
C SER A 63 4.97 -9.85 2.08
N ILE A 64 5.04 -11.15 1.77
CA ILE A 64 4.68 -11.68 0.48
C ILE A 64 3.58 -12.70 0.65
N GLY A 65 2.70 -12.77 -0.37
CA GLY A 65 1.60 -13.70 -0.37
C GLY A 65 1.36 -14.26 -1.78
N ASP A 66 0.69 -15.41 -1.81
CA ASP A 66 0.32 -16.08 -3.03
C ASP A 66 -1.20 -16.11 -3.15
N LEU A 67 -1.67 -16.83 -4.16
CA LEU A 67 -3.08 -16.98 -4.47
C LEU A 67 -3.59 -18.41 -4.36
N GLY A 68 -2.71 -19.40 -4.50
CA GLY A 68 -3.10 -20.80 -4.47
C GLY A 68 -4.16 -21.06 -5.54
N GLU A 69 -5.41 -21.21 -5.06
CA GLU A 69 -6.55 -21.55 -5.86
C GLU A 69 -7.61 -20.43 -5.91
N ASN A 70 -7.17 -19.20 -5.61
CA ASN A 70 -8.05 -18.05 -5.55
C ASN A 70 -7.92 -17.22 -6.84
N PRO A 71 -8.90 -17.36 -7.74
CA PRO A 71 -8.83 -16.65 -9.01
C PRO A 71 -9.15 -15.16 -8.90
N GLY A 72 -9.89 -14.81 -7.83
CA GLY A 72 -10.27 -13.44 -7.56
C GLY A 72 -9.58 -12.90 -6.30
N PRO A 73 -8.29 -12.57 -6.41
CA PRO A 73 -7.57 -12.03 -5.27
C PRO A 73 -8.01 -10.59 -4.99
N ALA A 74 -7.43 -10.08 -3.89
CA ALA A 74 -7.73 -8.75 -3.39
C ALA A 74 -6.65 -7.72 -3.77
N LEU A 75 -5.40 -8.20 -3.79
CA LEU A 75 -4.25 -7.35 -4.01
C LEU A 75 -4.18 -6.91 -5.49
N GLY A 76 -4.05 -7.94 -6.37
CA GLY A 76 -3.97 -7.71 -7.79
C GLY A 76 -2.75 -6.90 -8.25
N GLY A 77 -1.68 -6.95 -7.43
CA GLY A 77 -0.47 -6.22 -7.69
C GLY A 77 -0.19 -5.22 -6.57
N TRP A 78 0.90 -4.46 -6.75
CA TRP A 78 1.21 -3.41 -5.82
C TRP A 78 -0.01 -2.49 -5.69
N SER A 79 -0.09 -1.87 -4.51
CA SER A 79 -1.12 -0.90 -4.22
C SER A 79 -0.77 -0.17 -2.93
N SER A 80 -1.32 1.04 -2.81
CA SER A 80 -1.20 1.84 -1.62
C SER A 80 -2.47 1.69 -0.76
N TYR A 81 -2.26 1.39 0.52
CA TYR A 81 -3.34 1.27 1.48
C TYR A 81 -3.41 2.53 2.34
N LEU A 82 -4.50 3.27 2.14
CA LEU A 82 -4.77 4.47 2.88
C LEU A 82 -5.51 4.09 4.18
N SER A 83 -5.28 4.91 5.22
CA SER A 83 -5.84 4.71 6.54
C SER A 83 -7.08 5.62 6.71
N VAL A 84 -8.20 4.94 6.99
CA VAL A 84 -9.49 5.57 7.17
C VAL A 84 -9.91 5.53 8.64
N ASP A 85 -10.94 6.35 8.94
CA ASP A 85 -11.46 6.46 10.28
C ASP A 85 -12.01 5.12 10.78
N ASP A 86 -12.65 4.39 9.86
CA ASP A 86 -13.21 3.09 10.16
C ASP A 86 -13.46 2.37 8.85
N ALA A 87 -13.30 1.05 8.87
CA ALA A 87 -13.60 0.21 7.71
C ALA A 87 -14.97 0.58 7.12
N ASP A 88 -15.94 0.68 8.04
CA ASP A 88 -17.29 0.96 7.65
C ASP A 88 -17.47 2.43 7.26
N ALA A 89 -16.74 3.31 7.94
CA ALA A 89 -16.80 4.73 7.62
C ALA A 89 -16.55 4.92 6.13
N ALA A 90 -15.41 4.40 5.68
CA ALA A 90 -15.01 4.60 4.30
C ALA A 90 -16.08 4.02 3.38
N ALA A 91 -16.36 2.73 3.59
CA ALA A 91 -17.34 2.04 2.76
C ALA A 91 -18.67 2.78 2.70
N ALA A 92 -19.04 3.44 3.80
CA ALA A 92 -20.29 4.15 3.92
C ALA A 92 -20.30 5.44 3.10
N ALA A 93 -19.11 6.05 2.98
CA ALA A 93 -18.95 7.26 2.21
C ALA A 93 -18.79 6.95 0.73
N VAL A 94 -18.30 5.76 0.40
CA VAL A 94 -18.17 5.36 -0.99
C VAL A 94 -19.44 5.70 -1.78
N PRO A 95 -20.61 5.21 -1.37
CA PRO A 95 -21.82 5.48 -2.12
C PRO A 95 -22.24 6.95 -2.09
N GLU A 96 -21.87 7.65 -1.01
CA GLU A 96 -22.21 9.06 -0.87
C GLU A 96 -21.62 9.88 -2.03
N LEU A 97 -20.47 9.43 -2.54
CA LEU A 97 -19.76 10.13 -3.58
C LEU A 97 -20.18 9.65 -4.97
N GLY A 98 -20.71 8.41 -4.99
CA GLY A 98 -21.15 7.77 -6.19
C GLY A 98 -20.24 6.65 -6.68
N GLY A 99 -19.51 6.04 -5.73
CA GLY A 99 -18.68 4.90 -6.03
C GLY A 99 -19.41 3.59 -5.72
N ALA A 100 -18.63 2.51 -5.77
CA ALA A 100 -19.14 1.16 -5.59
C ALA A 100 -18.11 0.38 -4.76
N VAL A 101 -18.61 -0.26 -3.70
CA VAL A 101 -17.78 -1.12 -2.88
C VAL A 101 -17.65 -2.45 -3.61
N LEU A 102 -16.39 -2.90 -3.76
CA LEU A 102 -16.12 -4.15 -4.45
C LEU A 102 -15.89 -5.29 -3.46
N LEU A 103 -15.14 -4.98 -2.39
CA LEU A 103 -14.87 -5.92 -1.33
C LEU A 103 -15.17 -5.28 0.02
N GLY A 104 -15.30 -6.15 1.02
CA GLY A 104 -15.56 -5.72 2.38
C GLY A 104 -17.01 -5.26 2.58
N PRO A 105 -17.32 -4.94 3.85
CA PRO A 105 -16.45 -5.08 5.00
C PRO A 105 -16.19 -6.56 5.31
N ILE A 106 -14.92 -6.87 5.62
CA ILE A 106 -14.49 -8.21 5.98
C ILE A 106 -13.59 -8.13 7.22
N ASP A 107 -13.62 -9.20 8.02
CA ASP A 107 -12.84 -9.33 9.23
C ASP A 107 -11.76 -10.39 9.03
N ILE A 108 -10.54 -9.91 8.73
CA ILE A 108 -9.41 -10.80 8.49
C ILE A 108 -8.90 -11.26 9.84
N LEU A 109 -9.18 -12.53 10.17
CA LEU A 109 -8.70 -13.18 11.38
C LEU A 109 -9.07 -12.36 12.64
N ALA A 110 -10.17 -11.60 12.52
CA ALA A 110 -10.62 -10.72 13.58
C ALA A 110 -9.48 -9.82 14.11
N GLN A 111 -8.53 -9.49 13.21
CA GLN A 111 -7.38 -8.69 13.56
C GLN A 111 -7.41 -7.33 12.86
N GLY A 112 -7.96 -7.32 11.65
CA GLY A 112 -8.06 -6.12 10.86
C GLY A 112 -9.14 -6.28 9.81
N ARG A 113 -9.27 -5.21 9.00
CA ARG A 113 -10.28 -5.11 7.97
C ARG A 113 -9.63 -4.41 6.76
N MET A 114 -9.80 -5.05 5.60
CA MET A 114 -9.32 -4.57 4.32
C MET A 114 -10.50 -4.62 3.36
N LEU A 115 -10.72 -3.51 2.65
CA LEU A 115 -11.78 -3.45 1.67
C LEU A 115 -11.31 -2.60 0.49
N LEU A 116 -11.93 -2.84 -0.67
CA LEU A 116 -11.62 -2.09 -1.88
C LEU A 116 -12.90 -1.42 -2.41
N ALA A 117 -12.69 -0.26 -3.04
CA ALA A 117 -13.73 0.57 -3.61
C ALA A 117 -13.26 1.12 -4.96
N GLY A 118 -14.20 1.83 -5.62
CA GLY A 118 -13.96 2.39 -6.93
C GLY A 118 -15.07 2.03 -7.90
N ASP A 119 -14.66 1.81 -9.16
CA ASP A 119 -15.55 1.49 -10.25
C ASP A 119 -15.41 0.02 -10.63
N PRO A 120 -16.47 -0.54 -11.21
CA PRO A 120 -16.49 -1.95 -11.56
C PRO A 120 -15.53 -2.34 -12.69
N SER A 121 -14.91 -1.32 -13.31
CA SER A 121 -13.85 -1.50 -14.27
C SER A 121 -12.65 -2.29 -13.70
N GLY A 122 -12.58 -2.38 -12.36
CA GLY A 122 -11.54 -3.14 -11.71
C GLY A 122 -10.56 -2.30 -10.92
N HIS A 123 -11.02 -1.11 -10.51
CA HIS A 123 -10.19 -0.20 -9.75
C HIS A 123 -10.20 -0.66 -8.29
N ARG A 124 -9.00 -0.96 -7.78
CA ARG A 124 -8.84 -1.39 -6.40
C ARG A 124 -8.05 -0.30 -5.65
N VAL A 125 -8.61 0.09 -4.49
CA VAL A 125 -8.02 1.11 -3.66
C VAL A 125 -7.85 0.53 -2.25
N GLY A 126 -6.58 0.37 -1.84
CA GLY A 126 -6.31 -0.22 -0.55
C GLY A 126 -6.84 0.66 0.58
N LEU A 127 -7.68 0.05 1.43
CA LEU A 127 -8.29 0.74 2.56
C LEU A 127 -8.14 -0.17 3.80
N TRP A 128 -7.40 0.36 4.77
CA TRP A 128 -7.17 -0.29 6.06
C TRP A 128 -7.69 0.63 7.17
N GLN A 129 -8.10 -0.03 8.27
CA GLN A 129 -8.68 0.62 9.43
C GLN A 129 -7.69 0.62 10.60
N ALA A 130 -7.24 1.83 10.97
CA ALA A 130 -6.25 2.00 12.01
C ALA A 130 -6.90 2.27 13.39
N LYS A 131 -6.62 1.32 14.31
CA LYS A 131 -7.19 1.31 15.64
C LYS A 131 -6.14 1.27 16.76
N GLU A 132 -5.08 0.48 16.53
CA GLU A 132 -3.99 0.30 17.46
C GLU A 132 -2.75 1.07 17.00
N HIS A 133 -2.42 0.88 15.72
CA HIS A 133 -1.27 1.52 15.11
C HIS A 133 -1.53 1.66 13.61
N THR A 134 -0.72 2.53 13.00
CA THR A 134 -0.72 2.79 11.58
C THR A 134 0.41 2.06 10.83
N GLY A 135 0.88 0.96 11.44
CA GLY A 135 1.92 0.16 10.82
C GLY A 135 3.28 0.86 10.81
N SER A 136 3.53 1.62 11.89
CA SER A 136 4.74 2.41 12.06
C SER A 136 5.95 1.53 11.76
N GLY A 137 6.65 1.85 10.67
CA GLY A 137 7.76 1.06 10.25
C GLY A 137 9.04 1.43 10.99
N PRO A 138 10.06 0.58 10.84
CA PRO A 138 11.34 0.83 11.48
C PRO A 138 12.04 2.01 10.80
N ASP A 139 12.58 2.91 11.64
CA ASP A 139 13.22 4.13 11.18
C ASP A 139 14.69 3.86 10.83
N ASP A 140 14.84 3.01 9.80
CA ASP A 140 16.13 2.58 9.29
C ASP A 140 16.52 3.31 8.01
N GLY A 141 15.49 3.80 7.30
CA GLY A 141 15.69 4.53 6.07
C GLY A 141 15.65 3.59 4.87
N ILE A 142 16.85 3.26 4.36
CA ILE A 142 16.93 2.38 3.21
C ILE A 142 16.25 1.06 3.54
N GLY A 143 15.47 0.57 2.57
CA GLY A 143 14.77 -0.68 2.74
C GLY A 143 13.34 -0.52 3.23
N ALA A 144 13.08 0.58 3.94
CA ALA A 144 11.75 0.83 4.46
C ALA A 144 10.91 1.55 3.40
N TYR A 145 9.59 1.49 3.63
CA TYR A 145 8.64 2.19 2.80
C TYR A 145 8.93 3.71 2.86
N THR A 146 8.53 4.41 1.79
CA THR A 146 8.77 5.84 1.73
C THR A 146 7.47 6.64 1.87
N ARG A 147 6.55 6.40 0.93
CA ARG A 147 5.29 7.12 0.85
C ARG A 147 4.38 6.37 -0.12
N SER A 148 3.12 6.83 -0.17
CA SER A 148 2.08 6.24 -0.97
C SER A 148 1.54 7.28 -1.96
N GLU A 149 1.60 6.92 -3.24
CA GLU A 149 1.17 7.77 -4.33
C GLU A 149 0.50 6.89 -5.39
N LEU A 150 -0.52 7.47 -6.03
CA LEU A 150 -1.24 6.82 -7.11
C LEU A 150 -1.23 7.75 -8.33
N LEU A 151 -1.08 7.10 -9.49
CA LEU A 151 -1.04 7.77 -10.77
C LEU A 151 -2.35 7.42 -11.52
N THR A 152 -3.26 8.40 -11.54
CA THR A 152 -4.55 8.23 -12.15
C THR A 152 -4.75 9.28 -13.25
N GLY A 153 -5.48 8.87 -14.29
CA GLY A 153 -5.74 9.74 -15.41
C GLY A 153 -6.93 10.69 -15.22
N ALA A 154 -7.05 11.23 -14.00
CA ALA A 154 -8.19 12.06 -13.61
C ALA A 154 -8.09 12.39 -12.11
N SER A 155 -7.11 13.26 -11.78
CA SER A 155 -6.93 13.69 -10.41
C SER A 155 -8.24 14.24 -9.84
N ALA A 156 -8.95 15.00 -10.66
CA ALA A 156 -10.19 15.63 -10.24
C ALA A 156 -11.16 14.59 -9.67
N THR A 157 -11.20 13.42 -10.35
CA THR A 157 -12.08 12.34 -9.94
C THR A 157 -11.59 11.70 -8.64
N ASP A 158 -10.34 11.25 -8.67
CA ASP A 158 -9.83 10.53 -7.53
C ASP A 158 -9.84 11.41 -6.28
N GLY A 159 -9.47 12.67 -6.47
CA GLY A 159 -9.51 13.61 -5.36
C GLY A 159 -10.87 13.64 -4.68
N ALA A 160 -11.93 13.61 -5.49
CA ALA A 160 -13.29 13.60 -4.98
C ALA A 160 -13.57 12.37 -4.12
N PHE A 161 -12.94 11.26 -4.49
CA PHE A 161 -13.06 10.02 -3.74
C PHE A 161 -12.33 10.13 -2.40
N TYR A 162 -11.14 10.72 -2.43
CA TYR A 162 -10.34 10.85 -1.23
C TYR A 162 -10.99 11.85 -0.27
N ARG A 163 -11.46 12.97 -0.79
CA ARG A 163 -12.05 13.96 0.07
C ARG A 163 -13.36 13.52 0.73
N GLY A 164 -13.95 12.42 0.23
CA GLY A 164 -15.11 11.84 0.86
C GLY A 164 -14.80 10.76 1.90
N LEU A 165 -13.84 9.88 1.56
CA LEU A 165 -13.56 8.77 2.45
C LEU A 165 -12.61 9.18 3.59
N PHE A 166 -11.89 10.28 3.35
CA PHE A 166 -10.89 10.81 4.24
C PHE A 166 -11.18 12.27 4.59
N GLY A 167 -11.32 13.08 3.53
CA GLY A 167 -11.60 14.48 3.73
C GLY A 167 -12.77 14.70 4.69
N ALA A 168 -12.62 15.78 5.49
CA ALA A 168 -13.63 16.18 6.44
C ALA A 168 -14.71 17.05 5.79
N ASP A 169 -14.39 17.58 4.61
CA ASP A 169 -15.29 18.43 3.85
C ASP A 169 -16.68 17.84 3.75
N PHE A 170 -16.75 16.51 3.64
CA PHE A 170 -18.03 15.83 3.60
C PHE A 170 -19.01 16.35 4.68
N ALA A 171 -18.50 16.42 5.91
CA ALA A 171 -19.29 16.84 7.05
C ALA A 171 -19.17 18.35 7.36
N THR A 172 -18.11 18.97 6.85
CA THR A 172 -17.89 20.40 6.99
C THR A 172 -18.06 20.82 8.47
N GLU A 173 -17.34 20.09 9.34
CA GLU A 173 -17.36 20.32 10.77
C GLU A 173 -16.00 19.88 11.34
N SER A 174 -15.81 20.19 12.63
CA SER A 174 -14.63 19.84 13.39
C SER A 174 -14.95 20.05 14.87
N GLY A 175 -14.10 19.46 15.72
CA GLY A 175 -14.17 19.73 17.13
C GLY A 175 -13.27 18.82 17.96
N THR A 176 -13.26 17.53 17.58
CA THR A 176 -12.52 16.51 18.29
C THR A 176 -11.71 15.64 17.31
N ASP A 177 -10.92 16.35 16.49
CA ASP A 177 -10.14 15.71 15.46
C ASP A 177 -8.65 16.01 15.68
N GLY A 178 -7.82 15.23 14.96
CA GLY A 178 -6.38 15.34 15.07
C GLY A 178 -5.64 14.08 14.60
N GLY A 179 -6.02 13.64 13.39
CA GLY A 179 -5.41 12.46 12.78
C GLY A 179 -4.24 12.86 11.87
N GLY A 180 -4.59 13.22 10.62
CA GLY A 180 -3.60 13.60 9.64
C GLY A 180 -3.44 12.52 8.56
N ARG A 181 -4.55 12.30 7.83
CA ARG A 181 -4.54 11.40 6.69
C ARG A 181 -3.48 11.88 5.68
N ARG A 182 -2.90 10.88 5.00
CA ARG A 182 -1.90 11.12 3.97
C ARG A 182 -2.34 10.38 2.70
N ALA A 183 -2.03 11.02 1.55
CA ALA A 183 -2.29 10.48 0.23
C ALA A 183 -1.77 11.49 -0.79
N ALA A 184 -1.74 11.04 -2.06
CA ALA A 184 -1.35 11.90 -3.17
C ALA A 184 -1.75 11.19 -4.46
N ILE A 185 -2.34 11.98 -5.37
CA ILE A 185 -2.80 11.52 -6.67
C ILE A 185 -2.31 12.50 -7.73
N ARG A 186 -1.38 12.02 -8.58
CA ARG A 186 -0.88 12.82 -9.67
C ARG A 186 -1.63 12.42 -10.97
N GLN A 187 -1.80 13.46 -11.82
CA GLN A 187 -2.42 13.36 -13.13
C GLN A 187 -1.31 13.24 -14.19
N VAL A 188 -1.28 12.06 -14.83
CA VAL A 188 -0.35 11.74 -15.90
C VAL A 188 -0.98 10.61 -16.74
N GLY A 189 -0.26 10.26 -17.81
CA GLY A 189 -0.64 9.14 -18.66
C GLY A 189 0.31 8.95 -19.84
N PRO A 190 0.47 10.01 -20.66
CA PRO A 190 1.33 9.87 -21.83
C PRO A 190 2.82 9.85 -21.45
N ALA A 191 3.16 10.69 -20.46
CA ALA A 191 4.53 10.87 -20.01
C ALA A 191 4.79 10.26 -18.62
N ALA A 192 3.95 9.28 -18.24
CA ALA A 192 4.16 8.56 -17.00
C ALA A 192 3.13 7.44 -16.91
N PRO A 193 3.48 6.40 -16.15
CA PRO A 193 2.61 5.25 -15.99
C PRO A 193 1.36 5.62 -15.18
N SER A 194 0.51 4.58 -15.02
CA SER A 194 -0.74 4.70 -14.30
C SER A 194 -0.92 3.43 -13.44
N GLY A 195 -1.45 3.67 -12.23
CA GLY A 195 -1.71 2.61 -11.29
C GLY A 195 -1.25 2.99 -9.89
N TRP A 196 -1.52 2.05 -8.97
CA TRP A 196 -1.25 2.20 -7.55
C TRP A 196 0.10 1.56 -7.21
N TYR A 197 1.08 2.41 -6.85
CA TYR A 197 2.38 1.89 -6.50
C TYR A 197 3.11 2.91 -5.63
N PRO A 198 3.28 2.56 -4.34
CA PRO A 198 4.00 3.44 -3.45
C PRO A 198 5.49 3.47 -3.79
N CYS A 199 6.16 4.39 -3.10
CA CYS A 199 7.58 4.62 -3.22
C CYS A 199 8.33 3.87 -2.10
N PHE A 200 9.60 3.60 -2.38
CA PHE A 200 10.45 2.82 -1.49
C PHE A 200 11.86 3.42 -1.52
N ARG A 201 12.55 3.35 -0.37
CA ARG A 201 13.87 3.92 -0.23
C ARG A 201 14.94 2.85 -0.49
N ALA A 202 15.94 3.21 -1.30
CA ALA A 202 17.04 2.29 -1.57
C ALA A 202 18.27 3.07 -2.00
N GLN A 203 19.33 2.29 -2.24
CA GLN A 203 20.63 2.80 -2.66
C GLN A 203 20.70 2.86 -4.19
N GLU A 204 21.62 3.68 -4.69
CA GLU A 204 21.83 3.79 -6.12
C GLU A 204 22.09 2.43 -6.76
N SER A 205 22.80 1.55 -6.04
CA SER A 205 23.14 0.23 -6.52
C SER A 205 21.91 -0.67 -6.74
N ALA A 206 20.82 -0.34 -6.05
CA ALA A 206 19.59 -1.11 -6.20
C ALA A 206 18.95 -0.89 -7.57
N VAL A 207 19.09 0.33 -8.10
CA VAL A 207 18.54 0.65 -9.41
C VAL A 207 18.94 -0.41 -10.43
N PRO A 208 20.24 -0.60 -10.68
CA PRO A 208 20.65 -1.59 -11.66
C PRO A 208 20.37 -3.01 -11.21
N ALA A 209 20.28 -3.23 -9.90
CA ALA A 209 19.94 -4.54 -9.38
C ALA A 209 18.69 -5.10 -10.06
N ALA A 210 17.75 -4.21 -10.42
CA ALA A 210 16.54 -4.65 -11.09
C ALA A 210 16.78 -4.85 -12.58
N VAL A 211 17.57 -3.95 -13.16
CA VAL A 211 17.87 -3.98 -14.58
C VAL A 211 18.48 -5.33 -14.96
N MET A 212 19.50 -5.75 -14.21
CA MET A 212 20.19 -6.99 -14.51
C MET A 212 19.24 -8.20 -14.62
N LEU A 213 18.14 -8.15 -13.87
CA LEU A 213 17.16 -9.21 -13.85
C LEU A 213 16.26 -9.21 -15.10
N GLY A 214 16.19 -8.05 -15.75
CA GLY A 214 15.41 -7.87 -16.94
C GLY A 214 14.14 -7.04 -16.71
N ALA A 215 14.19 -6.14 -15.72
CA ALA A 215 13.06 -5.29 -15.44
C ALA A 215 12.81 -4.35 -16.63
N SER A 216 11.56 -3.88 -16.73
CA SER A 216 11.16 -2.99 -17.79
C SER A 216 11.13 -1.55 -17.29
N VAL A 217 11.78 -0.65 -18.03
CA VAL A 217 11.82 0.75 -17.70
C VAL A 217 10.66 1.49 -18.39
N LEU A 218 9.94 2.29 -17.58
CA LEU A 218 8.85 3.08 -18.10
C LEU A 218 9.11 4.57 -17.87
N LEU A 219 9.37 4.91 -16.60
CA LEU A 219 9.49 6.30 -16.19
C LEU A 219 10.51 6.38 -15.07
N ARG A 220 11.55 7.22 -15.29
CA ARG A 220 12.62 7.36 -14.32
C ARG A 220 13.06 8.82 -14.17
N TYR A 221 12.05 9.71 -14.06
CA TYR A 221 12.31 11.13 -13.89
C TYR A 221 10.96 11.80 -13.58
N ASP A 222 11.01 13.13 -13.43
CA ASP A 222 9.83 13.97 -13.25
C ASP A 222 9.14 13.69 -11.91
N CYS A 223 9.92 13.90 -10.84
CA CYS A 223 9.45 13.65 -9.49
C CYS A 223 9.74 14.84 -8.59
N PRO A 224 8.95 14.98 -7.52
CA PRO A 224 9.08 16.14 -6.64
C PRO A 224 10.41 16.16 -5.88
N ASP A 225 10.96 14.97 -5.67
CA ASP A 225 12.23 14.74 -5.00
C ASP A 225 13.42 14.73 -5.95
N GLY A 226 13.15 14.76 -7.26
CA GLY A 226 14.17 14.75 -8.29
C GLY A 226 14.30 13.38 -8.96
N PRO A 227 15.34 12.62 -8.59
CA PRO A 227 15.60 11.35 -9.25
C PRO A 227 14.51 10.33 -8.92
N ALA A 228 14.01 9.65 -9.96
CA ALA A 228 12.96 8.67 -9.81
C ALA A 228 13.28 7.45 -10.68
N VAL A 229 12.80 6.28 -10.24
CA VAL A 229 12.99 5.06 -10.98
C VAL A 229 11.75 4.18 -10.82
N VAL A 230 10.98 4.05 -11.90
CA VAL A 230 9.79 3.23 -11.93
C VAL A 230 10.00 2.14 -12.98
N VAL A 231 10.14 0.91 -12.48
CA VAL A 231 10.27 -0.27 -13.30
C VAL A 231 9.04 -1.16 -13.13
N SER A 232 8.71 -1.82 -14.25
CA SER A 232 7.63 -2.77 -14.34
C SER A 232 8.22 -4.19 -14.37
N ALA A 233 7.82 -4.95 -13.37
CA ALA A 233 8.22 -6.32 -13.19
C ALA A 233 7.64 -7.17 -14.32
N PRO A 234 8.28 -8.32 -14.60
CA PRO A 234 7.89 -9.12 -15.74
C PRO A 234 6.49 -9.71 -15.62
N GLY A 235 6.05 -9.95 -14.37
CA GLY A 235 4.74 -10.47 -14.12
C GLY A 235 3.59 -9.47 -14.29
N GLY A 236 3.93 -8.17 -14.33
CA GLY A 236 2.97 -7.12 -14.45
C GLY A 236 2.86 -6.18 -13.26
N GLU A 237 3.78 -6.32 -12.30
CA GLU A 237 3.75 -5.47 -11.12
C GLU A 237 4.52 -4.17 -11.40
N VAL A 238 4.20 -3.10 -10.65
CA VAL A 238 4.80 -1.80 -10.87
C VAL A 238 5.13 -1.19 -9.50
N PHE A 239 6.31 -0.57 -9.39
CA PHE A 239 6.76 0.01 -8.14
C PHE A 239 7.80 1.10 -8.42
N THR A 240 7.90 2.03 -7.45
CA THR A 240 8.77 3.18 -7.58
C THR A 240 9.92 3.14 -6.55
N LEU A 241 11.10 3.50 -7.05
CA LEU A 241 12.34 3.48 -6.30
C LEU A 241 12.91 4.89 -6.21
N LEU A 242 13.17 5.30 -4.97
CA LEU A 242 13.73 6.62 -4.69
C LEU A 242 15.00 6.48 -3.87
N LEU A 243 16.12 6.90 -4.48
CA LEU A 243 17.41 6.86 -3.85
C LEU A 243 17.41 7.85 -2.69
N THR A 244 17.73 7.34 -1.49
CA THR A 244 17.86 8.14 -0.30
C THR A 244 18.85 7.43 0.65
N ASP A 245 19.47 8.25 1.50
CA ASP A 245 20.48 7.86 2.45
C ASP A 245 20.86 9.14 3.26
N GLY A 1 -21.81 -8.65 21.20
CA GLY A 1 -20.76 -9.59 21.66
C GLY A 1 -19.49 -9.42 20.80
N SER A 2 -18.49 -8.77 21.40
CA SER A 2 -17.26 -8.41 20.72
C SER A 2 -16.15 -8.31 21.76
N HIS A 3 -14.91 -8.22 21.26
CA HIS A 3 -13.77 -8.01 22.14
C HIS A 3 -14.02 -6.75 23.01
N MET A 4 -13.62 -6.89 24.28
CA MET A 4 -13.78 -5.84 25.28
C MET A 4 -12.40 -5.27 25.64
N SER A 5 -11.98 -4.27 24.86
CA SER A 5 -10.71 -3.61 25.06
C SER A 5 -10.90 -2.36 25.91
N HIS A 6 -9.88 -2.10 26.76
CA HIS A 6 -9.90 -1.01 27.70
C HIS A 6 -8.61 -0.18 27.67
N ASP A 7 -8.08 0.01 26.45
CA ASP A 7 -6.83 0.70 26.24
C ASP A 7 -6.90 1.44 24.90
N ALA A 8 -6.55 2.72 24.93
CA ALA A 8 -6.55 3.57 23.74
C ALA A 8 -5.10 3.87 23.31
N VAL A 9 -4.75 3.37 22.12
CA VAL A 9 -3.41 3.54 21.58
C VAL A 9 -3.43 4.63 20.51
N ARG A 10 -2.34 5.42 20.49
CA ARG A 10 -2.22 6.54 19.57
C ARG A 10 -0.90 6.39 18.79
N PRO A 11 -0.97 5.82 17.59
CA PRO A 11 0.23 5.66 16.77
C PRO A 11 0.67 7.02 16.21
N ALA A 12 1.86 6.98 15.58
CA ALA A 12 2.49 8.19 15.06
C ALA A 12 2.04 8.41 13.59
N PRO A 13 1.32 9.50 13.34
CA PRO A 13 0.85 9.75 11.99
C PRO A 13 2.03 10.17 11.10
N GLY A 14 1.83 9.97 9.79
CA GLY A 14 2.84 10.30 8.81
C GLY A 14 3.42 9.11 8.05
N GLU A 15 3.55 7.99 8.78
CA GLU A 15 4.10 6.78 8.24
C GLU A 15 3.00 5.98 7.51
N PRO A 16 3.40 5.24 6.47
CA PRO A 16 2.45 4.41 5.75
C PRO A 16 1.93 3.29 6.66
N THR A 17 0.81 2.69 6.19
CA THR A 17 0.15 1.62 6.89
C THR A 17 0.83 0.27 6.62
N TRP A 18 0.56 -0.29 5.42
CA TRP A 18 1.09 -1.56 5.00
C TRP A 18 0.92 -1.65 3.49
N VAL A 19 1.80 -2.45 2.87
CA VAL A 19 1.77 -2.72 1.45
C VAL A 19 2.18 -4.18 1.25
N ASP A 20 1.32 -4.92 0.55
CA ASP A 20 1.50 -6.34 0.30
C ASP A 20 1.45 -6.55 -1.22
N LEU A 21 2.24 -7.53 -1.68
CA LEU A 21 2.33 -7.84 -3.10
C LEU A 21 2.18 -9.35 -3.28
N LEU A 22 1.04 -9.71 -3.91
CA LEU A 22 0.73 -11.07 -4.29
C LEU A 22 1.53 -11.45 -5.53
N THR A 23 1.88 -12.73 -5.60
CA THR A 23 2.58 -13.27 -6.75
C THR A 23 2.08 -14.69 -7.01
N PRO A 24 2.19 -15.13 -8.27
CA PRO A 24 1.79 -16.49 -8.62
C PRO A 24 2.72 -17.56 -8.06
N ASP A 25 3.97 -17.15 -7.79
CA ASP A 25 4.97 -18.06 -7.28
C ASP A 25 5.78 -17.37 -6.17
N ARG A 26 5.30 -17.50 -4.94
CA ARG A 26 5.97 -16.85 -3.82
C ARG A 26 7.46 -17.15 -3.86
N GLY A 27 7.81 -18.44 -3.93
CA GLY A 27 9.20 -18.82 -3.94
C GLY A 27 10.05 -18.01 -4.93
N ALA A 28 9.45 -17.77 -6.10
CA ALA A 28 10.13 -17.03 -7.15
C ALA A 28 10.13 -15.53 -6.85
N ALA A 29 9.04 -15.05 -6.26
CA ALA A 29 8.96 -13.65 -5.89
C ALA A 29 10.16 -13.27 -5.04
N LEU A 30 10.50 -14.15 -4.10
CA LEU A 30 11.59 -13.87 -3.20
C LEU A 30 12.94 -13.75 -3.92
N GLN A 31 13.01 -14.36 -5.11
CA GLN A 31 14.21 -14.35 -5.91
C GLN A 31 14.36 -13.03 -6.69
N PHE A 32 13.23 -12.57 -7.26
CA PHE A 32 13.22 -11.34 -8.02
C PHE A 32 13.07 -10.12 -7.08
N TYR A 33 11.95 -10.06 -6.38
CA TYR A 33 11.65 -8.91 -5.56
C TYR A 33 12.78 -8.62 -4.58
N SER A 34 13.20 -9.69 -3.86
CA SER A 34 14.22 -9.50 -2.86
C SER A 34 15.57 -9.10 -3.47
N ALA A 35 15.78 -9.42 -4.75
CA ALA A 35 16.99 -9.04 -5.47
C ALA A 35 17.02 -7.56 -5.85
N LEU A 36 15.88 -6.88 -5.73
CA LEU A 36 15.79 -5.48 -6.07
C LEU A 36 16.31 -4.61 -4.92
N PHE A 37 15.81 -4.95 -3.73
CA PHE A 37 16.15 -4.25 -2.51
C PHE A 37 17.34 -4.88 -1.75
N GLY A 38 17.44 -6.20 -1.85
CA GLY A 38 18.48 -6.97 -1.20
C GLY A 38 18.08 -7.38 0.23
N TRP A 39 16.86 -7.91 0.33
CA TRP A 39 16.32 -8.35 1.60
C TRP A 39 16.57 -9.85 1.79
N GLU A 40 16.20 -10.32 2.99
CA GLU A 40 16.33 -11.71 3.38
C GLU A 40 14.95 -12.33 3.58
N PHE A 41 14.96 -13.67 3.57
CA PHE A 41 13.77 -14.46 3.78
C PHE A 41 13.72 -14.94 5.24
N SER A 42 12.51 -15.33 5.66
CA SER A 42 12.29 -15.85 6.99
C SER A 42 11.37 -17.07 6.93
N THR A 43 11.55 -17.94 7.92
CA THR A 43 10.80 -19.17 8.03
C THR A 43 9.35 -18.84 8.42
N THR A 44 8.42 -19.66 7.89
CA THR A 44 7.03 -19.58 8.26
C THR A 44 6.76 -20.33 9.57
N SER A 45 5.64 -19.96 10.20
CA SER A 45 5.16 -20.65 11.37
C SER A 45 4.56 -22.01 11.00
N ASP A 46 4.56 -22.90 12.00
CA ASP A 46 3.97 -24.21 11.85
C ASP A 46 2.50 -24.17 12.27
N GLY A 47 1.75 -25.12 11.72
CA GLY A 47 0.34 -25.25 12.04
C GLY A 47 -0.59 -24.41 11.15
N THR A 48 -0.03 -23.33 10.62
CA THR A 48 -0.72 -22.41 9.76
C THR A 48 -0.16 -22.51 8.33
N SER A 49 -0.90 -21.87 7.42
CA SER A 49 -0.51 -21.82 6.03
C SER A 49 0.88 -21.18 5.89
N PRO A 50 1.51 -21.44 4.73
CA PRO A 50 2.88 -20.95 4.51
C PRO A 50 2.88 -19.43 4.25
N TYR A 51 3.51 -18.71 5.18
CA TYR A 51 3.61 -17.27 5.11
C TYR A 51 5.08 -16.86 5.27
N THR A 52 5.60 -16.18 4.23
CA THR A 52 6.96 -15.67 4.28
C THR A 52 6.94 -14.17 4.57
N MET A 53 7.45 -13.83 5.76
CA MET A 53 7.63 -12.46 6.20
C MET A 53 9.07 -12.05 5.85
N CYS A 54 9.20 -10.87 5.24
CA CYS A 54 10.50 -10.29 4.92
C CYS A 54 11.04 -9.57 6.17
N ARG A 55 12.10 -10.14 6.71
CA ARG A 55 12.79 -9.64 7.88
C ARG A 55 14.29 -9.61 7.58
N LEU A 56 14.96 -8.63 8.19
CA LEU A 56 16.39 -8.42 8.02
C LEU A 56 16.89 -7.65 9.23
N ARG A 57 18.13 -7.93 9.65
CA ARG A 57 18.74 -7.22 10.77
C ARG A 57 17.82 -7.21 12.00
N GLY A 58 17.02 -8.29 12.15
CA GLY A 58 16.11 -8.40 13.26
C GLY A 58 14.89 -7.45 13.23
N ARG A 59 14.51 -7.02 12.02
CA ARG A 59 13.45 -6.06 11.83
C ARG A 59 12.62 -6.44 10.60
N GLU A 60 11.31 -6.27 10.73
CA GLU A 60 10.41 -6.50 9.63
C GLU A 60 10.46 -5.36 8.62
N VAL A 61 10.14 -5.73 7.36
CA VAL A 61 10.05 -4.78 6.28
C VAL A 61 8.73 -4.87 5.52
N CYS A 62 8.41 -6.10 5.07
CA CYS A 62 7.22 -6.34 4.28
C CYS A 62 6.84 -7.81 4.41
N SER A 63 5.83 -8.23 3.65
CA SER A 63 5.41 -9.61 3.60
C SER A 63 4.98 -9.94 2.17
N ILE A 64 5.11 -11.23 1.84
CA ILE A 64 4.72 -11.74 0.54
C ILE A 64 3.62 -12.77 0.70
N GLY A 65 2.69 -12.74 -0.27
CA GLY A 65 1.59 -13.68 -0.29
C GLY A 65 1.36 -14.26 -1.69
N ASP A 66 0.50 -15.29 -1.69
CA ASP A 66 0.15 -16.04 -2.88
C ASP A 66 -1.36 -15.96 -3.10
N LEU A 67 -1.81 -16.79 -4.04
CA LEU A 67 -3.21 -16.90 -4.36
C LEU A 67 -3.71 -18.34 -4.28
N GLY A 68 -2.82 -19.32 -4.46
CA GLY A 68 -3.24 -20.71 -4.48
C GLY A 68 -4.35 -20.94 -5.53
N GLU A 69 -5.58 -21.06 -5.01
CA GLU A 69 -6.75 -21.38 -5.79
C GLU A 69 -7.78 -20.25 -5.83
N ASN A 70 -7.33 -19.03 -5.50
CA ASN A 70 -8.19 -17.87 -5.44
C ASN A 70 -8.02 -17.02 -6.72
N PRO A 71 -8.98 -17.13 -7.66
CA PRO A 71 -8.87 -16.39 -8.90
C PRO A 71 -9.16 -14.90 -8.76
N GLY A 72 -9.94 -14.56 -7.72
CA GLY A 72 -10.30 -13.20 -7.41
C GLY A 72 -9.65 -12.73 -6.11
N PRO A 73 -8.37 -12.38 -6.16
CA PRO A 73 -7.68 -11.88 -4.97
C PRO A 73 -8.17 -10.47 -4.64
N ALA A 74 -7.58 -9.95 -3.55
CA ALA A 74 -7.92 -8.64 -3.02
C ALA A 74 -6.86 -7.57 -3.33
N LEU A 75 -5.60 -8.04 -3.45
CA LEU A 75 -4.47 -7.14 -3.66
C LEU A 75 -4.43 -6.77 -5.15
N GLY A 76 -4.19 -7.79 -5.99
CA GLY A 76 -4.18 -7.58 -7.41
C GLY A 76 -3.11 -6.58 -7.86
N GLY A 77 -1.94 -6.68 -7.19
CA GLY A 77 -0.78 -5.87 -7.45
C GLY A 77 -0.45 -5.00 -6.23
N TRP A 78 0.66 -4.25 -6.37
CA TRP A 78 0.99 -3.26 -5.36
C TRP A 78 -0.23 -2.33 -5.19
N SER A 79 -0.27 -1.73 -3.99
CA SER A 79 -1.26 -0.73 -3.67
C SER A 79 -0.86 -0.07 -2.36
N SER A 80 -1.32 1.18 -2.21
CA SER A 80 -1.13 1.96 -1.00
C SER A 80 -2.40 1.83 -0.13
N TYR A 81 -2.17 1.46 1.14
CA TYR A 81 -3.23 1.37 2.12
C TYR A 81 -3.21 2.64 2.99
N LEU A 82 -4.36 3.30 2.97
CA LEU A 82 -4.61 4.50 3.73
C LEU A 82 -5.43 4.14 4.98
N SER A 83 -5.21 4.92 6.05
CA SER A 83 -5.84 4.69 7.33
C SER A 83 -7.11 5.54 7.45
N VAL A 84 -8.22 4.83 7.68
CA VAL A 84 -9.53 5.44 7.78
C VAL A 84 -10.02 5.44 9.23
N ASP A 85 -11.00 6.32 9.48
CA ASP A 85 -11.57 6.45 10.80
C ASP A 85 -12.05 5.11 11.33
N ASP A 86 -12.67 4.35 10.41
CA ASP A 86 -13.23 3.05 10.71
C ASP A 86 -13.50 2.34 9.39
N ALA A 87 -13.35 1.02 9.40
CA ALA A 87 -13.65 0.23 8.22
C ALA A 87 -15.00 0.64 7.63
N ASP A 88 -15.97 0.72 8.54
CA ASP A 88 -17.33 1.02 8.15
C ASP A 88 -17.50 2.48 7.79
N ALA A 89 -16.74 3.36 8.47
CA ALA A 89 -16.76 4.79 8.17
C ALA A 89 -16.51 5.00 6.68
N ALA A 90 -15.35 4.49 6.23
CA ALA A 90 -14.95 4.73 4.86
C ALA A 90 -16.00 4.15 3.92
N ALA A 91 -16.30 2.87 4.12
CA ALA A 91 -17.25 2.18 3.29
C ALA A 91 -18.59 2.94 3.20
N ALA A 92 -19.00 3.54 4.32
CA ALA A 92 -20.25 4.26 4.42
C ALA A 92 -20.24 5.56 3.62
N ALA A 93 -19.05 6.15 3.51
CA ALA A 93 -18.89 7.39 2.79
C ALA A 93 -18.67 7.12 1.30
N VAL A 94 -18.18 5.94 0.96
CA VAL A 94 -18.03 5.57 -0.45
C VAL A 94 -19.28 5.97 -1.25
N PRO A 95 -20.46 5.47 -0.88
CA PRO A 95 -21.66 5.79 -1.64
C PRO A 95 -22.06 7.26 -1.58
N GLU A 96 -21.67 7.94 -0.48
CA GLU A 96 -21.99 9.34 -0.30
C GLU A 96 -21.33 10.21 -1.38
N LEU A 97 -20.16 9.75 -1.85
CA LEU A 97 -19.41 10.48 -2.85
C LEU A 97 -19.81 10.06 -4.28
N GLY A 98 -20.36 8.84 -4.35
CA GLY A 98 -20.82 8.27 -5.59
C GLY A 98 -19.95 7.13 -6.11
N GLY A 99 -19.26 6.45 -5.18
CA GLY A 99 -18.48 5.28 -5.51
C GLY A 99 -19.24 4.00 -5.18
N ALA A 100 -18.48 2.89 -5.23
CA ALA A 100 -19.02 1.57 -5.02
C ALA A 100 -17.99 0.76 -4.20
N VAL A 101 -18.52 0.05 -3.19
CA VAL A 101 -17.72 -0.86 -2.40
C VAL A 101 -17.59 -2.18 -3.15
N LEU A 102 -16.36 -2.69 -3.23
CA LEU A 102 -16.10 -3.94 -3.91
C LEU A 102 -15.90 -5.08 -2.92
N LEU A 103 -15.15 -4.78 -1.84
CA LEU A 103 -14.89 -5.73 -0.80
C LEU A 103 -15.19 -5.10 0.56
N GLY A 104 -15.31 -5.98 1.57
CA GLY A 104 -15.58 -5.56 2.92
C GLY A 104 -17.02 -5.06 3.11
N PRO A 105 -17.34 -4.75 4.37
CA PRO A 105 -16.48 -4.90 5.53
C PRO A 105 -16.25 -6.39 5.85
N ILE A 106 -14.98 -6.73 6.15
CA ILE A 106 -14.58 -8.07 6.52
C ILE A 106 -13.70 -8.02 7.77
N ASP A 107 -13.76 -9.10 8.55
CA ASP A 107 -12.96 -9.26 9.76
C ASP A 107 -11.87 -10.30 9.52
N ILE A 108 -10.64 -9.80 9.35
CA ILE A 108 -9.49 -10.66 9.12
C ILE A 108 -8.97 -11.09 10.49
N LEU A 109 -9.27 -12.34 10.85
CA LEU A 109 -8.77 -12.97 12.06
C LEU A 109 -9.09 -12.14 13.31
N ALA A 110 -10.20 -11.37 13.20
CA ALA A 110 -10.63 -10.46 14.25
C ALA A 110 -9.49 -9.55 14.72
N GLN A 111 -8.55 -9.26 13.81
CA GLN A 111 -7.42 -8.44 14.12
C GLN A 111 -7.49 -7.10 13.39
N GLY A 112 -8.00 -7.13 12.16
CA GLY A 112 -8.13 -5.94 11.36
C GLY A 112 -9.22 -6.13 10.32
N ARG A 113 -9.37 -5.09 9.49
CA ARG A 113 -10.38 -5.02 8.45
C ARG A 113 -9.73 -4.34 7.25
N MET A 114 -9.83 -5.01 6.10
CA MET A 114 -9.35 -4.55 4.82
C MET A 114 -10.54 -4.54 3.86
N LEU A 115 -10.71 -3.44 3.14
CA LEU A 115 -11.78 -3.35 2.17
C LEU A 115 -11.29 -2.49 1.01
N LEU A 116 -11.93 -2.70 -0.16
CA LEU A 116 -11.61 -1.94 -1.35
C LEU A 116 -12.87 -1.23 -1.86
N ALA A 117 -12.64 -0.07 -2.48
CA ALA A 117 -13.67 0.79 -3.04
C ALA A 117 -13.16 1.38 -4.35
N GLY A 118 -14.06 2.12 -5.00
CA GLY A 118 -13.79 2.72 -6.28
C GLY A 118 -14.93 2.42 -7.27
N ASP A 119 -14.52 2.20 -8.52
CA ASP A 119 -15.44 1.95 -9.62
C ASP A 119 -15.42 0.47 -9.98
N PRO A 120 -16.53 -0.01 -10.56
CA PRO A 120 -16.65 -1.41 -10.92
C PRO A 120 -15.71 -1.85 -12.06
N SER A 121 -15.02 -0.86 -12.66
CA SER A 121 -13.99 -1.14 -13.63
C SER A 121 -12.91 -2.09 -13.09
N GLY A 122 -12.80 -2.13 -11.75
CA GLY A 122 -11.83 -2.99 -11.10
C GLY A 122 -10.77 -2.23 -10.32
N HIS A 123 -11.09 -0.97 -9.99
CA HIS A 123 -10.17 -0.10 -9.28
C HIS A 123 -10.37 -0.30 -7.77
N ARG A 124 -9.30 -0.75 -7.11
CA ARG A 124 -9.29 -0.97 -5.69
C ARG A 124 -8.38 0.06 -5.02
N VAL A 125 -8.74 0.37 -3.76
CA VAL A 125 -8.03 1.33 -2.95
C VAL A 125 -7.81 0.70 -1.57
N GLY A 126 -6.54 0.58 -1.17
CA GLY A 126 -6.22 -0.04 0.10
C GLY A 126 -6.76 0.79 1.27
N LEU A 127 -7.63 0.17 2.06
CA LEU A 127 -8.25 0.80 3.21
C LEU A 127 -8.07 -0.13 4.42
N TRP A 128 -7.35 0.38 5.43
CA TRP A 128 -7.11 -0.31 6.68
C TRP A 128 -7.61 0.54 7.85
N GLN A 129 -8.01 -0.18 8.90
CA GLN A 129 -8.60 0.43 10.09
C GLN A 129 -7.58 0.48 11.24
N ALA A 130 -6.85 1.61 11.31
CA ALA A 130 -5.85 1.80 12.33
C ALA A 130 -6.52 2.16 13.69
N LYS A 131 -6.39 1.19 14.62
CA LYS A 131 -6.94 1.30 15.95
C LYS A 131 -5.89 1.12 17.06
N GLU A 132 -4.93 0.22 16.80
CA GLU A 132 -3.85 -0.08 17.73
C GLU A 132 -2.53 0.49 17.21
N HIS A 133 -2.21 0.13 15.95
CA HIS A 133 -1.01 0.60 15.29
C HIS A 133 -1.32 0.77 13.81
N THR A 134 -0.63 1.76 13.21
CA THR A 134 -0.71 2.01 11.79
C THR A 134 0.07 0.99 10.95
N GLY A 135 1.20 0.53 11.52
CA GLY A 135 2.12 -0.34 10.83
C GLY A 135 3.37 0.32 10.25
N SER A 136 3.76 1.46 10.86
CA SER A 136 4.97 2.14 10.44
C SER A 136 6.09 1.10 10.27
N GLY A 137 6.76 1.19 9.12
CA GLY A 137 7.86 0.32 8.79
C GLY A 137 9.07 0.59 9.68
N PRO A 138 10.15 -0.17 9.42
CA PRO A 138 11.32 -0.09 10.28
C PRO A 138 12.06 1.23 10.03
N ASP A 139 12.58 1.80 11.14
CA ASP A 139 13.23 3.10 11.09
C ASP A 139 14.72 2.97 10.75
N ASP A 140 14.94 2.43 9.53
CA ASP A 140 16.26 2.08 9.07
C ASP A 140 16.59 2.79 7.74
N GLY A 141 15.82 3.85 7.47
CA GLY A 141 15.98 4.59 6.23
C GLY A 141 15.76 3.70 5.02
N ILE A 142 16.86 3.43 4.30
CA ILE A 142 16.78 2.58 3.12
C ILE A 142 16.22 1.21 3.50
N GLY A 143 15.36 0.70 2.60
CA GLY A 143 14.76 -0.58 2.81
C GLY A 143 13.34 -0.50 3.38
N ALA A 144 13.03 0.63 4.03
CA ALA A 144 11.71 0.80 4.58
C ALA A 144 10.85 1.64 3.65
N TYR A 145 9.53 1.42 3.79
CA TYR A 145 8.54 2.18 3.06
C TYR A 145 8.85 3.67 3.22
N THR A 146 8.45 4.45 2.19
CA THR A 146 8.71 5.88 2.21
C THR A 146 7.40 6.67 2.28
N ARG A 147 6.61 6.54 1.21
CA ARG A 147 5.35 7.25 1.09
C ARG A 147 4.47 6.50 0.09
N SER A 148 3.22 6.97 0.04
CA SER A 148 2.15 6.36 -0.72
C SER A 148 1.61 7.39 -1.73
N GLU A 149 1.71 7.01 -3.01
CA GLU A 149 1.30 7.84 -4.13
C GLU A 149 0.58 6.95 -5.14
N LEU A 150 -0.45 7.54 -5.74
CA LEU A 150 -1.25 6.89 -6.77
C LEU A 150 -1.30 7.79 -8.00
N LEU A 151 -1.19 7.13 -9.15
CA LEU A 151 -1.23 7.79 -10.44
C LEU A 151 -2.58 7.47 -11.09
N THR A 152 -3.47 8.45 -11.09
CA THR A 152 -4.81 8.29 -11.63
C THR A 152 -5.05 9.34 -12.71
N GLY A 153 -5.83 8.93 -13.72
CA GLY A 153 -6.15 9.79 -14.83
C GLY A 153 -7.32 10.76 -14.58
N ALA A 154 -7.37 11.30 -13.36
CA ALA A 154 -8.49 12.15 -12.91
C ALA A 154 -8.29 12.51 -11.44
N SER A 155 -7.28 13.36 -11.19
CA SER A 155 -7.01 13.80 -9.83
C SER A 155 -8.26 14.43 -9.21
N ALA A 156 -8.98 15.21 -10.01
CA ALA A 156 -10.20 15.85 -9.55
C ALA A 156 -11.15 14.87 -8.89
N THR A 157 -11.24 13.66 -9.48
CA THR A 157 -12.10 12.61 -8.97
C THR A 157 -11.51 11.99 -7.71
N ASP A 158 -10.27 11.51 -7.82
CA ASP A 158 -9.68 10.78 -6.71
C ASP A 158 -9.57 11.67 -5.48
N GLY A 159 -9.20 12.93 -5.69
CA GLY A 159 -9.14 13.88 -4.60
C GLY A 159 -10.44 13.91 -3.80
N ALA A 160 -11.56 13.89 -4.53
CA ALA A 160 -12.88 13.89 -3.92
C ALA A 160 -13.11 12.60 -3.12
N PHE A 161 -12.57 11.49 -3.62
CA PHE A 161 -12.66 10.22 -2.93
C PHE A 161 -11.94 10.31 -1.58
N TYR A 162 -10.74 10.89 -1.61
CA TYR A 162 -9.92 10.96 -0.41
C TYR A 162 -10.54 11.94 0.59
N ARG A 163 -10.85 13.14 0.10
CA ARG A 163 -11.43 14.12 0.99
C ARG A 163 -12.77 13.68 1.59
N GLY A 164 -13.41 12.70 0.94
CA GLY A 164 -14.67 12.17 1.40
C GLY A 164 -14.51 11.04 2.43
N LEU A 165 -13.55 10.13 2.18
CA LEU A 165 -13.42 9.00 3.08
C LEU A 165 -12.51 9.33 4.29
N PHE A 166 -11.66 10.33 4.09
CA PHE A 166 -10.67 10.76 5.06
C PHE A 166 -10.86 12.21 5.48
N GLY A 167 -10.91 13.08 4.45
CA GLY A 167 -11.17 14.48 4.70
C GLY A 167 -12.43 14.70 5.54
N ALA A 168 -12.53 15.96 6.03
CA ALA A 168 -13.58 16.36 6.94
C ALA A 168 -14.96 16.10 6.37
N ASP A 169 -15.05 16.23 5.03
CA ASP A 169 -16.28 15.92 4.31
C ASP A 169 -16.94 14.64 4.82
N PHE A 170 -16.13 13.67 5.25
CA PHE A 170 -16.66 12.43 5.74
C PHE A 170 -17.81 12.67 6.73
N ALA A 171 -17.54 13.56 7.70
CA ALA A 171 -18.48 13.88 8.75
C ALA A 171 -19.10 15.28 8.61
N THR A 172 -18.73 15.95 7.51
CA THR A 172 -19.26 17.25 7.14
C THR A 172 -19.29 18.19 8.35
N GLU A 173 -18.17 18.20 9.08
CA GLU A 173 -18.05 18.95 10.32
C GLU A 173 -16.57 19.15 10.63
N SER A 174 -16.32 20.05 11.59
CA SER A 174 -15.00 20.32 12.10
C SER A 174 -15.15 21.06 13.44
N GLY A 175 -14.00 21.20 14.12
CA GLY A 175 -13.92 21.94 15.36
C GLY A 175 -13.04 21.27 16.41
N THR A 176 -13.08 19.93 16.44
CA THR A 176 -12.39 19.16 17.45
C THR A 176 -11.72 17.92 16.82
N ASP A 177 -10.78 18.21 15.91
CA ASP A 177 -10.10 17.18 15.16
C ASP A 177 -8.70 17.68 14.80
N GLY A 178 -7.80 16.70 14.58
CA GLY A 178 -6.42 17.01 14.23
C GLY A 178 -5.57 15.78 13.99
N GLY A 179 -6.15 14.79 13.29
CA GLY A 179 -5.46 13.52 13.08
C GLY A 179 -4.29 13.66 12.10
N GLY A 180 -4.64 14.06 10.88
CA GLY A 180 -3.66 14.26 9.82
C GLY A 180 -3.76 13.18 8.74
N ARG A 181 -4.40 13.58 7.63
CA ARG A 181 -4.58 12.71 6.48
C ARG A 181 -3.35 12.82 5.57
N ARG A 182 -2.83 11.66 5.18
CA ARG A 182 -1.68 11.59 4.29
C ARG A 182 -2.02 10.76 3.04
N ALA A 183 -1.72 11.36 1.88
CA ALA A 183 -1.95 10.75 0.57
C ALA A 183 -1.41 11.71 -0.49
N ALA A 184 -1.39 11.21 -1.73
CA ALA A 184 -0.96 11.99 -2.89
C ALA A 184 -1.46 11.29 -4.15
N ILE A 185 -2.06 12.09 -5.04
CA ILE A 185 -2.61 11.64 -6.30
C ILE A 185 -2.16 12.62 -7.39
N ARG A 186 -1.36 12.10 -8.33
CA ARG A 186 -0.92 12.88 -9.46
C ARG A 186 -1.72 12.47 -10.70
N GLN A 187 -1.95 13.50 -11.55
CA GLN A 187 -2.64 13.39 -12.83
C GLN A 187 -1.58 13.22 -13.94
N VAL A 188 -1.63 12.04 -14.58
CA VAL A 188 -0.76 11.67 -15.69
C VAL A 188 -1.45 10.55 -16.45
N GLY A 189 -0.80 10.15 -17.56
CA GLY A 189 -1.25 9.01 -18.36
C GLY A 189 -0.35 8.78 -19.57
N PRO A 190 -0.22 9.80 -20.43
CA PRO A 190 0.59 9.62 -21.63
C PRO A 190 2.09 9.57 -21.32
N ALA A 191 2.51 10.43 -20.37
CA ALA A 191 3.89 10.58 -20.00
C ALA A 191 4.22 9.99 -18.62
N ALA A 192 3.38 9.03 -18.19
CA ALA A 192 3.62 8.33 -16.93
C ALA A 192 2.59 7.23 -16.78
N PRO A 193 2.96 6.21 -16.00
CA PRO A 193 2.08 5.07 -15.77
C PRO A 193 0.87 5.48 -14.92
N SER A 194 0.01 4.47 -14.69
CA SER A 194 -1.20 4.62 -13.92
C SER A 194 -1.36 3.39 -13.03
N GLY A 195 -1.80 3.66 -11.79
CA GLY A 195 -2.02 2.61 -10.81
C GLY A 195 -1.50 3.02 -9.43
N TRP A 196 -1.74 2.11 -8.48
CA TRP A 196 -1.41 2.29 -7.08
C TRP A 196 -0.04 1.64 -6.79
N TYR A 197 0.95 2.49 -6.48
CA TYR A 197 2.26 1.96 -6.18
C TYR A 197 3.05 2.99 -5.37
N PRO A 198 3.27 2.68 -4.09
CA PRO A 198 4.02 3.58 -3.24
C PRO A 198 5.50 3.63 -3.66
N CYS A 199 6.18 4.60 -3.03
CA CYS A 199 7.59 4.82 -3.21
C CYS A 199 8.41 4.21 -2.05
N PHE A 200 9.67 3.93 -2.38
CA PHE A 200 10.59 3.31 -1.47
C PHE A 200 11.98 3.94 -1.65
N ARG A 201 12.75 3.95 -0.57
CA ARG A 201 14.10 4.49 -0.54
C ARG A 201 15.14 3.38 -0.76
N ALA A 202 16.03 3.63 -1.70
CA ALA A 202 17.12 2.72 -1.99
C ALA A 202 18.32 3.50 -2.54
N GLN A 203 19.38 2.73 -2.77
CA GLN A 203 20.63 3.23 -3.29
C GLN A 203 20.61 3.20 -4.83
N GLU A 204 21.48 4.01 -5.44
CA GLU A 204 21.59 4.02 -6.88
C GLU A 204 21.83 2.63 -7.44
N SER A 205 22.59 1.80 -6.70
CA SER A 205 22.92 0.47 -7.15
C SER A 205 21.70 -0.46 -7.27
N ALA A 206 20.60 -0.09 -6.59
CA ALA A 206 19.38 -0.87 -6.64
C ALA A 206 18.67 -0.72 -8.00
N VAL A 207 18.82 0.47 -8.61
CA VAL A 207 18.22 0.71 -9.91
C VAL A 207 18.59 -0.42 -10.88
N PRO A 208 19.88 -0.61 -11.16
CA PRO A 208 20.26 -1.67 -12.09
C PRO A 208 19.98 -3.07 -11.54
N ALA A 209 19.94 -3.21 -10.22
CA ALA A 209 19.60 -4.48 -9.62
C ALA A 209 18.33 -5.07 -10.24
N ALA A 210 17.40 -4.20 -10.63
CA ALA A 210 16.16 -4.67 -11.24
C ALA A 210 16.37 -4.94 -12.73
N VAL A 211 17.11 -4.04 -13.38
CA VAL A 211 17.37 -4.15 -14.81
C VAL A 211 17.98 -5.52 -15.14
N MET A 212 19.02 -5.89 -14.40
CA MET A 212 19.71 -7.14 -14.66
C MET A 212 18.78 -8.35 -14.70
N LEU A 213 17.69 -8.28 -13.91
CA LEU A 213 16.73 -9.35 -13.83
C LEU A 213 15.73 -9.35 -14.98
N GLY A 214 15.59 -8.17 -15.60
CA GLY A 214 14.70 -7.96 -16.72
C GLY A 214 13.52 -7.04 -16.41
N ALA A 215 13.73 -6.13 -15.46
CA ALA A 215 12.69 -5.16 -15.13
C ALA A 215 12.32 -4.33 -16.37
N SER A 216 11.04 -3.93 -16.40
CA SER A 216 10.53 -3.10 -17.48
C SER A 216 10.54 -1.64 -17.07
N VAL A 217 11.06 -0.79 -17.96
CA VAL A 217 11.10 0.64 -17.76
C VAL A 217 9.81 1.27 -18.30
N LEU A 218 9.21 2.14 -17.46
CA LEU A 218 8.03 2.87 -17.85
C LEU A 218 8.29 4.38 -17.77
N LEU A 219 8.76 4.81 -16.58
CA LEU A 219 8.90 6.23 -16.30
C LEU A 219 9.97 6.41 -15.23
N ARG A 220 11.01 7.18 -15.55
CA ARG A 220 12.11 7.40 -14.63
C ARG A 220 12.50 8.89 -14.55
N TYR A 221 11.48 9.73 -14.29
CA TYR A 221 11.65 11.16 -14.19
C TYR A 221 10.32 11.77 -13.76
N ASP A 222 10.31 13.11 -13.65
CA ASP A 222 9.12 13.88 -13.32
C ASP A 222 8.61 13.55 -11.91
N CYS A 223 9.46 13.94 -10.93
CA CYS A 223 9.17 13.70 -9.53
C CYS A 223 9.48 14.97 -8.72
N PRO A 224 8.81 15.11 -7.57
CA PRO A 224 8.97 16.30 -6.75
C PRO A 224 10.38 16.42 -6.13
N ASP A 225 11.01 15.26 -5.96
CA ASP A 225 12.34 15.13 -5.42
C ASP A 225 13.44 15.14 -6.48
N GLY A 226 13.04 15.07 -7.75
CA GLY A 226 13.94 15.05 -8.88
C GLY A 226 14.04 13.66 -9.52
N PRO A 227 15.09 12.91 -9.18
CA PRO A 227 15.31 11.62 -9.81
C PRO A 227 14.24 10.62 -9.38
N ALA A 228 13.70 9.90 -10.39
CA ALA A 228 12.64 8.93 -10.18
C ALA A 228 12.95 7.70 -11.02
N VAL A 229 12.55 6.52 -10.52
CA VAL A 229 12.72 5.28 -11.24
C VAL A 229 11.52 4.37 -10.98
N VAL A 230 10.65 4.24 -11.98
CA VAL A 230 9.49 3.38 -11.89
C VAL A 230 9.71 2.22 -12.86
N VAL A 231 9.87 1.03 -12.28
CA VAL A 231 10.02 -0.20 -13.02
C VAL A 231 8.86 -1.15 -12.68
N SER A 232 8.44 -1.87 -13.72
CA SER A 232 7.40 -2.87 -13.58
C SER A 232 8.01 -4.27 -13.68
N ALA A 233 7.63 -5.09 -12.70
CA ALA A 233 8.09 -6.47 -12.63
C ALA A 233 7.37 -7.29 -13.70
N PRO A 234 7.99 -8.41 -14.08
CA PRO A 234 7.45 -9.22 -15.17
C PRO A 234 6.08 -9.82 -14.85
N GLY A 235 5.80 -9.96 -13.54
CA GLY A 235 4.52 -10.49 -13.12
C GLY A 235 3.31 -9.59 -13.41
N GLY A 236 3.56 -8.28 -13.56
CA GLY A 236 2.50 -7.35 -13.86
C GLY A 236 2.30 -6.23 -12.85
N GLU A 237 3.13 -6.28 -11.79
CA GLU A 237 3.15 -5.30 -10.73
C GLU A 237 4.12 -4.16 -11.08
N VAL A 238 3.94 -3.03 -10.39
CA VAL A 238 4.68 -1.81 -10.64
C VAL A 238 5.01 -1.14 -9.31
N PHE A 239 6.21 -0.52 -9.23
CA PHE A 239 6.65 0.13 -8.02
C PHE A 239 7.68 1.20 -8.35
N THR A 240 7.83 2.15 -7.41
CA THR A 240 8.70 3.29 -7.60
C THR A 240 9.90 3.28 -6.63
N LEU A 241 11.05 3.63 -7.18
CA LEU A 241 12.34 3.63 -6.52
C LEU A 241 12.90 5.06 -6.51
N LEU A 242 13.12 5.56 -5.30
CA LEU A 242 13.70 6.87 -5.07
C LEU A 242 15.08 6.66 -4.43
N LEU A 243 16.08 7.26 -5.10
CA LEU A 243 17.46 7.21 -4.65
C LEU A 243 17.69 8.32 -3.61
N THR A 244 17.88 7.88 -2.37
CA THR A 244 18.12 8.75 -1.25
C THR A 244 18.90 7.97 -0.17
N ASP A 245 19.48 8.73 0.74
CA ASP A 245 20.31 8.27 1.84
C ASP A 245 20.65 9.53 2.70
N GLY A 1 -25.78 -7.42 20.17
CA GLY A 1 -24.81 -7.12 21.25
C GLY A 1 -23.64 -6.33 20.66
N SER A 2 -22.69 -5.99 21.53
CA SER A 2 -21.51 -5.25 21.13
C SER A 2 -20.45 -5.41 22.22
N HIS A 3 -19.19 -5.46 21.79
CA HIS A 3 -18.05 -5.59 22.69
C HIS A 3 -17.08 -4.44 22.42
N MET A 4 -16.98 -3.53 23.40
CA MET A 4 -16.06 -2.41 23.33
C MET A 4 -14.82 -2.73 24.18
N SER A 5 -13.70 -2.10 23.81
CA SER A 5 -12.48 -2.19 24.59
C SER A 5 -12.50 -1.14 25.72
N HIS A 6 -11.45 -1.20 26.55
CA HIS A 6 -11.30 -0.29 27.68
C HIS A 6 -9.92 0.38 27.70
N ASP A 7 -9.39 0.64 26.50
CA ASP A 7 -8.09 1.27 26.35
C ASP A 7 -8.02 1.97 25.01
N ALA A 8 -7.57 3.23 25.06
CA ALA A 8 -7.42 4.06 23.87
C ALA A 8 -5.94 4.23 23.54
N VAL A 9 -5.56 3.74 22.34
CA VAL A 9 -4.19 3.80 21.89
C VAL A 9 -4.08 4.86 20.79
N ARG A 10 -2.98 5.63 20.85
CA ARG A 10 -2.75 6.72 19.91
C ARG A 10 -1.38 6.50 19.25
N PRO A 11 -1.39 5.89 18.06
CA PRO A 11 -0.15 5.64 17.35
C PRO A 11 0.42 6.95 16.79
N ALA A 12 1.64 6.81 16.24
CA ALA A 12 2.34 7.94 15.64
C ALA A 12 1.89 8.12 14.19
N PRO A 13 1.32 9.28 13.88
CA PRO A 13 0.91 9.56 12.51
C PRO A 13 2.15 9.89 11.66
N GLY A 14 1.92 9.77 10.33
CA GLY A 14 2.93 10.05 9.33
C GLY A 14 3.51 8.81 8.67
N GLU A 15 3.65 7.75 9.49
CA GLU A 15 4.26 6.50 9.08
C GLU A 15 3.27 5.75 8.17
N PRO A 16 3.81 4.87 7.32
CA PRO A 16 2.96 4.06 6.46
C PRO A 16 2.14 3.04 7.28
N THR A 17 1.15 2.48 6.57
CA THR A 17 0.25 1.50 7.16
C THR A 17 0.75 0.07 6.96
N TRP A 18 0.71 -0.36 5.68
CA TRP A 18 1.10 -1.70 5.27
C TRP A 18 1.06 -1.74 3.74
N VAL A 19 1.83 -2.67 3.19
CA VAL A 19 1.91 -2.90 1.76
C VAL A 19 2.18 -4.41 1.58
N ASP A 20 1.29 -5.08 0.83
CA ASP A 20 1.42 -6.50 0.53
C ASP A 20 1.48 -6.69 -0.98
N LEU A 21 2.27 -7.70 -1.40
CA LEU A 21 2.43 -8.00 -2.81
C LEU A 21 2.23 -9.50 -3.03
N LEU A 22 1.09 -9.80 -3.67
CA LEU A 22 0.71 -11.15 -4.07
C LEU A 22 1.48 -11.54 -5.33
N THR A 23 1.79 -12.84 -5.44
CA THR A 23 2.45 -13.35 -6.61
C THR A 23 1.99 -14.79 -6.88
N PRO A 24 2.07 -15.21 -8.14
CA PRO A 24 1.66 -16.57 -8.47
C PRO A 24 2.59 -17.60 -7.82
N ASP A 25 3.89 -17.27 -7.85
CA ASP A 25 4.92 -18.15 -7.35
C ASP A 25 5.85 -17.36 -6.44
N ARG A 26 5.57 -17.42 -5.13
CA ARG A 26 6.40 -16.74 -4.15
C ARG A 26 7.86 -17.17 -4.31
N GLY A 27 8.07 -18.47 -4.56
CA GLY A 27 9.43 -18.95 -4.70
C GLY A 27 10.24 -18.10 -5.68
N ALA A 28 9.64 -17.87 -6.84
CA ALA A 28 10.33 -17.15 -7.90
C ALA A 28 10.32 -15.65 -7.62
N ALA A 29 9.19 -15.14 -7.14
CA ALA A 29 9.08 -13.72 -6.90
C ALA A 29 10.15 -13.26 -5.91
N LEU A 30 10.43 -14.10 -4.92
CA LEU A 30 11.45 -13.77 -3.94
C LEU A 30 12.83 -13.63 -4.58
N GLN A 31 13.03 -14.28 -5.73
CA GLN A 31 14.31 -14.22 -6.41
C GLN A 31 14.46 -12.93 -7.21
N PHE A 32 13.34 -12.49 -7.81
CA PHE A 32 13.32 -11.25 -8.59
C PHE A 32 13.19 -10.04 -7.67
N TYR A 33 12.06 -9.98 -6.94
CA TYR A 33 11.76 -8.83 -6.12
C TYR A 33 12.89 -8.55 -5.14
N SER A 34 13.31 -9.60 -4.42
CA SER A 34 14.34 -9.42 -3.43
C SER A 34 15.69 -9.03 -4.05
N ALA A 35 15.88 -9.36 -5.33
CA ALA A 35 17.09 -9.00 -6.05
C ALA A 35 17.17 -7.51 -6.37
N LEU A 36 16.04 -6.80 -6.25
CA LEU A 36 15.98 -5.39 -6.55
C LEU A 36 16.52 -4.57 -5.38
N PHE A 37 15.97 -4.92 -4.19
CA PHE A 37 16.32 -4.24 -2.96
C PHE A 37 17.49 -4.88 -2.20
N GLY A 38 17.58 -6.21 -2.32
CA GLY A 38 18.60 -7.00 -1.67
C GLY A 38 18.19 -7.43 -0.26
N TRP A 39 16.95 -7.91 -0.15
CA TRP A 39 16.40 -8.36 1.11
C TRP A 39 16.68 -9.86 1.31
N GLU A 40 16.24 -10.36 2.47
CA GLU A 40 16.40 -11.76 2.83
C GLU A 40 15.03 -12.39 3.09
N PHE A 41 15.04 -13.73 3.04
CA PHE A 41 13.85 -14.52 3.24
C PHE A 41 13.79 -15.04 4.69
N SER A 42 12.57 -15.02 5.25
CA SER A 42 12.38 -15.47 6.62
C SER A 42 10.93 -15.94 6.78
N THR A 43 10.77 -17.27 6.90
CA THR A 43 9.45 -17.87 7.02
C THR A 43 9.35 -18.64 8.33
N THR A 44 8.64 -18.05 9.30
CA THR A 44 8.50 -18.63 10.61
C THR A 44 7.08 -18.35 11.12
N SER A 45 6.25 -19.41 11.08
CA SER A 45 4.86 -19.32 11.47
C SER A 45 4.58 -20.35 12.57
N ASP A 46 4.17 -19.83 13.74
CA ASP A 46 3.90 -20.67 14.90
C ASP A 46 2.44 -21.12 14.88
N GLY A 47 2.25 -22.39 14.48
CA GLY A 47 0.93 -22.96 14.40
C GLY A 47 0.04 -22.35 13.32
N THR A 48 0.68 -21.55 12.44
CA THR A 48 0.00 -20.88 11.37
C THR A 48 0.59 -21.35 10.02
N SER A 49 -0.22 -21.10 8.99
CA SER A 49 0.14 -21.42 7.61
C SER A 49 1.49 -20.79 7.26
N PRO A 50 2.16 -21.37 6.26
CA PRO A 50 3.50 -20.91 5.87
C PRO A 50 3.42 -19.56 5.16
N TYR A 51 4.01 -18.54 5.82
CA TYR A 51 4.01 -17.18 5.34
C TYR A 51 5.45 -16.63 5.36
N THR A 52 5.96 -16.33 4.16
CA THR A 52 7.31 -15.82 4.01
C THR A 52 7.34 -14.30 4.20
N MET A 53 8.01 -13.89 5.28
CA MET A 53 8.16 -12.50 5.65
C MET A 53 9.56 -12.03 5.22
N CYS A 54 9.59 -11.08 4.28
CA CYS A 54 10.85 -10.56 3.76
C CYS A 54 11.36 -9.49 4.74
N ARG A 55 12.37 -9.90 5.51
CA ARG A 55 12.94 -9.06 6.55
C ARG A 55 14.46 -9.02 6.38
N LEU A 56 15.08 -8.03 7.03
CA LEU A 56 16.51 -7.80 6.92
C LEU A 56 16.96 -7.06 8.17
N ARG A 57 18.20 -7.35 8.61
CA ARG A 57 18.77 -6.68 9.77
C ARG A 57 17.81 -6.69 10.97
N GLY A 58 17.02 -7.77 11.08
CA GLY A 58 16.06 -7.87 12.16
C GLY A 58 15.04 -6.74 12.21
N ARG A 59 14.69 -6.22 11.03
CA ARG A 59 13.78 -5.11 10.86
C ARG A 59 12.69 -5.51 9.86
N GLU A 60 11.43 -5.34 10.28
CA GLU A 60 10.30 -5.63 9.44
C GLU A 60 10.27 -4.68 8.23
N VAL A 61 9.97 -5.27 7.06
CA VAL A 61 9.87 -4.55 5.80
C VAL A 61 8.53 -4.85 5.15
N CYS A 62 8.42 -6.06 4.58
CA CYS A 62 7.26 -6.42 3.80
C CYS A 62 6.96 -7.90 3.99
N SER A 63 5.92 -8.36 3.27
CA SER A 63 5.54 -9.74 3.28
C SER A 63 5.10 -10.12 1.86
N ILE A 64 5.32 -11.40 1.53
CA ILE A 64 4.94 -11.96 0.26
C ILE A 64 4.04 -13.17 0.52
N GLY A 65 3.14 -13.41 -0.46
CA GLY A 65 2.23 -14.53 -0.38
C GLY A 65 1.73 -14.88 -1.78
N ASP A 66 0.84 -15.86 -1.81
CA ASP A 66 0.30 -16.40 -3.03
C ASP A 66 -1.23 -16.29 -2.98
N LEU A 67 -1.86 -16.90 -4.00
CA LEU A 67 -3.28 -16.88 -4.18
C LEU A 67 -3.93 -18.26 -4.16
N GLY A 68 -3.16 -19.31 -4.43
CA GLY A 68 -3.69 -20.66 -4.48
C GLY A 68 -4.80 -20.75 -5.53
N GLU A 69 -6.04 -20.80 -5.01
CA GLU A 69 -7.24 -20.98 -5.80
C GLU A 69 -8.18 -19.78 -5.73
N ASN A 70 -7.61 -18.61 -5.40
CA ASN A 70 -8.37 -17.38 -5.23
C ASN A 70 -8.23 -16.49 -6.49
N PRO A 71 -9.24 -16.53 -7.37
CA PRO A 71 -9.16 -15.75 -8.60
C PRO A 71 -9.35 -14.26 -8.38
N GLY A 72 -10.09 -13.92 -7.31
CA GLY A 72 -10.37 -12.55 -6.93
C GLY A 72 -9.71 -12.19 -5.59
N PRO A 73 -8.40 -11.95 -5.61
CA PRO A 73 -7.72 -11.56 -4.38
C PRO A 73 -8.11 -10.13 -4.00
N ALA A 74 -7.48 -9.69 -2.89
CA ALA A 74 -7.70 -8.39 -2.33
C ALA A 74 -6.62 -7.36 -2.72
N LEU A 75 -5.40 -7.88 -2.98
CA LEU A 75 -4.26 -7.02 -3.25
C LEU A 75 -4.27 -6.60 -4.73
N GLY A 76 -4.14 -7.64 -5.60
CA GLY A 76 -4.14 -7.40 -7.02
C GLY A 76 -2.94 -6.59 -7.54
N GLY A 77 -1.82 -6.70 -6.81
CA GLY A 77 -0.60 -6.00 -7.12
C GLY A 77 -0.27 -4.99 -6.03
N TRP A 78 0.85 -4.27 -6.26
CA TRP A 78 1.21 -3.19 -5.38
C TRP A 78 0.01 -2.25 -5.24
N SER A 79 -0.04 -1.59 -4.07
CA SER A 79 -1.06 -0.60 -3.78
C SER A 79 -0.70 0.05 -2.44
N SER A 80 -1.27 1.23 -2.24
CA SER A 80 -1.11 1.99 -1.02
C SER A 80 -2.36 1.81 -0.13
N TYR A 81 -2.11 1.52 1.14
CA TYR A 81 -3.14 1.36 2.14
C TYR A 81 -3.26 2.64 2.99
N LEU A 82 -4.35 3.35 2.73
CA LEU A 82 -4.67 4.56 3.43
C LEU A 82 -5.44 4.18 4.71
N SER A 83 -5.08 4.83 5.82
CA SER A 83 -5.70 4.60 7.12
C SER A 83 -6.91 5.54 7.29
N VAL A 84 -8.08 4.92 7.43
CA VAL A 84 -9.33 5.61 7.61
C VAL A 84 -9.84 5.49 9.04
N ASP A 85 -10.83 6.33 9.35
CA ASP A 85 -11.43 6.37 10.67
C ASP A 85 -11.83 4.97 11.12
N ASP A 86 -12.40 4.21 10.17
CA ASP A 86 -12.89 2.88 10.43
C ASP A 86 -13.22 2.19 9.13
N ALA A 87 -13.15 0.86 9.14
CA ALA A 87 -13.55 0.08 7.98
C ALA A 87 -14.92 0.53 7.49
N ASP A 88 -15.84 0.68 8.45
CA ASP A 88 -17.20 1.04 8.12
C ASP A 88 -17.31 2.50 7.73
N ALA A 89 -16.50 3.36 8.38
CA ALA A 89 -16.53 4.79 8.10
C ALA A 89 -16.30 5.01 6.60
N ALA A 90 -15.19 4.45 6.12
CA ALA A 90 -14.84 4.66 4.72
C ALA A 90 -15.95 4.09 3.84
N ALA A 91 -16.28 2.82 4.07
CA ALA A 91 -17.28 2.14 3.29
C ALA A 91 -18.59 2.93 3.22
N ALA A 92 -18.91 3.62 4.31
CA ALA A 92 -20.15 4.36 4.45
C ALA A 92 -20.13 5.66 3.63
N ALA A 93 -18.94 6.24 3.49
CA ALA A 93 -18.78 7.45 2.71
C ALA A 93 -18.62 7.12 1.22
N VAL A 94 -18.11 5.93 0.90
CA VAL A 94 -17.99 5.52 -0.48
C VAL A 94 -19.26 5.87 -1.28
N PRO A 95 -20.43 5.38 -0.87
CA PRO A 95 -21.64 5.65 -1.63
C PRO A 95 -22.06 7.12 -1.61
N GLU A 96 -21.67 7.83 -0.55
CA GLU A 96 -21.98 9.24 -0.43
C GLU A 96 -21.33 10.06 -1.54
N LEU A 97 -20.14 9.62 -1.95
CA LEU A 97 -19.36 10.31 -2.96
C LEU A 97 -19.74 9.86 -4.37
N GLY A 98 -20.29 8.64 -4.43
CA GLY A 98 -20.73 8.03 -5.66
C GLY A 98 -19.84 6.90 -6.15
N GLY A 99 -19.13 6.27 -5.21
CA GLY A 99 -18.33 5.11 -5.52
C GLY A 99 -19.11 3.81 -5.26
N ALA A 100 -18.35 2.71 -5.33
CA ALA A 100 -18.91 1.38 -5.19
C ALA A 100 -17.89 0.53 -4.39
N VAL A 101 -18.41 -0.10 -3.33
CA VAL A 101 -17.61 -1.03 -2.54
C VAL A 101 -17.50 -2.34 -3.32
N LEU A 102 -16.28 -2.88 -3.37
CA LEU A 102 -16.02 -4.12 -4.06
C LEU A 102 -15.78 -5.29 -3.10
N LEU A 103 -15.03 -4.99 -2.04
CA LEU A 103 -14.74 -5.97 -1.00
C LEU A 103 -15.13 -5.39 0.36
N GLY A 104 -15.17 -6.29 1.35
CA GLY A 104 -15.51 -5.91 2.70
C GLY A 104 -17.01 -5.67 2.88
N PRO A 105 -17.40 -5.46 4.15
CA PRO A 105 -16.55 -5.55 5.32
C PRO A 105 -16.13 -7.01 5.57
N ILE A 106 -14.84 -7.18 5.92
CA ILE A 106 -14.28 -8.48 6.22
C ILE A 106 -13.49 -8.40 7.53
N ASP A 107 -13.45 -9.54 8.23
CA ASP A 107 -12.78 -9.66 9.51
C ASP A 107 -11.63 -10.67 9.37
N ILE A 108 -10.42 -10.10 9.25
CA ILE A 108 -9.22 -10.92 9.09
C ILE A 108 -8.77 -11.33 10.50
N LEU A 109 -9.20 -12.53 10.90
CA LEU A 109 -8.77 -13.14 12.16
C LEU A 109 -9.05 -12.23 13.37
N ALA A 110 -10.09 -11.37 13.21
CA ALA A 110 -10.45 -10.39 14.22
C ALA A 110 -9.25 -9.54 14.64
N GLN A 111 -8.28 -9.40 13.72
CA GLN A 111 -7.07 -8.66 14.01
C GLN A 111 -7.04 -7.35 13.19
N GLY A 112 -7.53 -7.43 11.96
CA GLY A 112 -7.58 -6.27 11.09
C GLY A 112 -8.76 -6.40 10.14
N ARG A 113 -9.15 -5.24 9.58
CA ARG A 113 -10.21 -5.12 8.61
C ARG A 113 -9.70 -4.19 7.50
N MET A 114 -9.92 -4.63 6.26
CA MET A 114 -9.57 -3.86 5.08
C MET A 114 -10.63 -4.12 4.02
N LEU A 115 -10.79 -3.17 3.11
CA LEU A 115 -11.78 -3.26 2.05
C LEU A 115 -11.31 -2.38 0.89
N LEU A 116 -11.79 -2.72 -0.32
CA LEU A 116 -11.48 -1.98 -1.51
C LEU A 116 -12.76 -1.32 -2.07
N ALA A 117 -12.55 -0.17 -2.73
CA ALA A 117 -13.59 0.65 -3.31
C ALA A 117 -13.08 1.23 -4.63
N GLY A 118 -14.01 1.93 -5.31
CA GLY A 118 -13.73 2.53 -6.59
C GLY A 118 -14.81 2.13 -7.61
N ASP A 119 -14.34 1.91 -8.85
CA ASP A 119 -15.20 1.58 -9.97
C ASP A 119 -15.08 0.09 -10.29
N PRO A 120 -16.12 -0.44 -10.93
CA PRO A 120 -16.17 -1.87 -11.24
C PRO A 120 -15.18 -2.31 -12.31
N SER A 121 -14.48 -1.34 -12.91
CA SER A 121 -13.40 -1.60 -13.82
C SER A 121 -12.28 -2.45 -13.19
N GLY A 122 -12.25 -2.49 -11.86
CA GLY A 122 -11.26 -3.27 -11.15
C GLY A 122 -10.26 -2.42 -10.37
N HIS A 123 -10.72 -1.23 -9.97
CA HIS A 123 -9.87 -0.33 -9.20
C HIS A 123 -9.98 -0.70 -7.72
N ARG A 124 -8.81 -1.04 -7.15
CA ARG A 124 -8.72 -1.41 -5.75
C ARG A 124 -7.93 -0.32 -5.02
N VAL A 125 -8.50 0.12 -3.88
CA VAL A 125 -7.89 1.15 -3.05
C VAL A 125 -7.68 0.57 -1.66
N GLY A 126 -6.41 0.46 -1.24
CA GLY A 126 -6.09 -0.11 0.05
C GLY A 126 -6.64 0.78 1.17
N LEU A 127 -7.41 0.18 2.06
CA LEU A 127 -8.04 0.87 3.17
C LEU A 127 -7.89 -0.01 4.42
N TRP A 128 -7.19 0.53 5.42
CA TRP A 128 -6.97 -0.13 6.69
C TRP A 128 -7.60 0.66 7.82
N GLN A 129 -7.98 -0.08 8.87
CA GLN A 129 -8.69 0.44 10.04
C GLN A 129 -7.74 0.47 11.25
N ALA A 130 -7.18 1.65 11.51
CA ALA A 130 -6.25 1.81 12.61
C ALA A 130 -7.03 1.97 13.93
N LYS A 131 -6.89 0.94 14.79
CA LYS A 131 -7.56 0.89 16.08
C LYS A 131 -6.60 0.78 17.26
N GLU A 132 -5.52 0.00 17.06
CA GLU A 132 -4.49 -0.23 18.05
C GLU A 132 -3.18 0.45 17.65
N HIS A 133 -2.81 0.27 16.37
CA HIS A 133 -1.58 0.85 15.87
C HIS A 133 -1.75 1.06 14.36
N THR A 134 -1.02 2.06 13.86
CA THR A 134 -0.97 2.36 12.44
C THR A 134 -0.14 1.37 11.62
N GLY A 135 0.90 0.83 12.29
CA GLY A 135 1.85 -0.03 11.66
C GLY A 135 3.21 0.61 11.36
N SER A 136 3.61 1.56 12.22
CA SER A 136 4.91 2.20 12.12
C SER A 136 6.00 1.20 12.54
N GLY A 137 6.55 0.57 11.50
CA GLY A 137 7.68 -0.32 11.66
C GLY A 137 8.98 0.45 11.91
N PRO A 138 10.09 -0.29 11.88
CA PRO A 138 11.38 0.31 12.14
C PRO A 138 11.81 1.20 10.96
N ASP A 139 12.29 2.40 11.32
CA ASP A 139 12.71 3.37 10.32
C ASP A 139 14.20 3.19 10.06
N ASP A 140 14.51 2.22 9.21
CA ASP A 140 15.86 1.90 8.80
C ASP A 140 16.25 2.59 7.50
N GLY A 141 15.51 3.67 7.18
CA GLY A 141 15.76 4.37 5.93
C GLY A 141 15.65 3.40 4.75
N ILE A 142 16.79 3.12 4.11
CA ILE A 142 16.81 2.24 2.97
C ILE A 142 16.19 0.89 3.34
N GLY A 143 15.34 0.40 2.42
CA GLY A 143 14.70 -0.87 2.61
C GLY A 143 13.28 -0.76 3.16
N ALA A 144 12.99 0.36 3.83
CA ALA A 144 11.68 0.61 4.36
C ALA A 144 10.84 1.39 3.34
N TYR A 145 9.53 1.34 3.57
CA TYR A 145 8.59 2.09 2.76
C TYR A 145 8.86 3.60 2.93
N THR A 146 8.44 4.35 1.89
CA THR A 146 8.68 5.79 1.89
C THR A 146 7.37 6.56 2.12
N ARG A 147 6.43 6.36 1.19
CA ARG A 147 5.16 7.08 1.22
C ARG A 147 4.22 6.43 0.22
N SER A 148 3.00 6.96 0.19
CA SER A 148 1.92 6.45 -0.62
C SER A 148 1.51 7.50 -1.68
N GLU A 149 1.56 7.06 -2.94
CA GLU A 149 1.19 7.89 -4.07
C GLU A 149 0.54 7.01 -5.14
N LEU A 150 -0.51 7.58 -5.73
CA LEU A 150 -1.27 6.95 -6.79
C LEU A 150 -1.29 7.88 -7.99
N LEU A 151 -1.16 7.26 -9.18
CA LEU A 151 -1.17 7.96 -10.44
C LEU A 151 -2.49 7.63 -11.14
N THR A 152 -3.42 8.59 -11.11
CA THR A 152 -4.72 8.44 -11.74
C THR A 152 -4.92 9.53 -12.78
N GLY A 153 -5.63 9.16 -13.85
CA GLY A 153 -5.89 10.07 -14.94
C GLY A 153 -7.09 11.01 -14.74
N ALA A 154 -7.20 11.53 -13.50
CA ALA A 154 -8.36 12.34 -13.10
C ALA A 154 -8.24 12.68 -11.61
N SER A 155 -7.29 13.57 -11.29
CA SER A 155 -7.08 13.98 -9.91
C SER A 155 -8.38 14.53 -9.32
N ALA A 156 -9.13 15.26 -10.15
CA ALA A 156 -10.37 15.86 -9.71
C ALA A 156 -11.35 14.80 -9.18
N THR A 157 -11.36 13.63 -9.85
CA THR A 157 -12.24 12.54 -9.48
C THR A 157 -11.73 11.84 -8.23
N ASP A 158 -10.48 11.36 -8.29
CA ASP A 158 -9.96 10.58 -7.20
C ASP A 158 -9.84 11.44 -5.94
N GLY A 159 -9.44 12.70 -6.13
CA GLY A 159 -9.35 13.63 -5.04
C GLY A 159 -10.65 13.68 -4.24
N ALA A 160 -11.78 13.67 -4.96
CA ALA A 160 -13.09 13.70 -4.34
C ALA A 160 -13.32 12.44 -3.49
N PHE A 161 -12.84 11.31 -4.01
CA PHE A 161 -12.94 10.05 -3.28
C PHE A 161 -12.20 10.13 -1.95
N TYR A 162 -10.97 10.68 -2.01
CA TYR A 162 -10.13 10.75 -0.83
C TYR A 162 -10.70 11.75 0.18
N ARG A 163 -10.98 12.98 -0.30
CA ARG A 163 -11.48 14.00 0.60
C ARG A 163 -12.77 13.57 1.30
N GLY A 164 -13.50 12.60 0.72
CA GLY A 164 -14.67 12.09 1.36
C GLY A 164 -14.40 11.03 2.43
N LEU A 165 -13.46 10.12 2.13
CA LEU A 165 -13.18 9.05 3.05
C LEU A 165 -12.25 9.49 4.20
N PHE A 166 -11.60 10.64 3.99
CA PHE A 166 -10.67 11.24 4.91
C PHE A 166 -11.18 12.56 5.47
N GLY A 167 -11.46 13.50 4.55
CA GLY A 167 -11.95 14.80 4.94
C GLY A 167 -13.10 14.69 5.93
N ALA A 168 -13.07 15.60 6.92
CA ALA A 168 -14.08 15.64 7.96
C ALA A 168 -15.46 15.91 7.39
N ASP A 169 -15.49 16.50 6.19
CA ASP A 169 -16.72 16.74 5.45
C ASP A 169 -17.68 15.57 5.58
N PHE A 170 -17.16 14.34 5.53
CA PHE A 170 -18.03 13.18 5.62
C PHE A 170 -19.11 13.36 6.68
N ALA A 171 -18.65 13.69 7.91
CA ALA A 171 -19.51 13.83 9.05
C ALA A 171 -19.72 15.29 9.49
N THR A 172 -19.17 16.20 8.69
CA THR A 172 -19.29 17.62 8.88
C THR A 172 -19.10 18.00 10.36
N GLU A 173 -18.05 17.43 10.96
CA GLU A 173 -17.74 17.61 12.36
C GLU A 173 -16.27 17.25 12.58
N SER A 174 -15.77 17.66 13.75
CA SER A 174 -14.43 17.36 14.20
C SER A 174 -14.34 17.65 15.70
N GLY A 175 -13.20 17.26 16.27
CA GLY A 175 -12.88 17.52 17.66
C GLY A 175 -11.71 18.50 17.77
N THR A 176 -10.55 17.95 18.18
CA THR A 176 -9.36 18.74 18.45
C THR A 176 -8.07 18.10 17.92
N ASP A 177 -8.23 17.34 16.82
CA ASP A 177 -7.15 16.58 16.24
C ASP A 177 -7.47 16.31 14.78
N GLY A 178 -6.45 15.77 14.09
CA GLY A 178 -6.55 15.38 12.70
C GLY A 178 -6.42 13.88 12.41
N GLY A 179 -5.65 13.17 13.24
CA GLY A 179 -5.48 11.73 13.10
C GLY A 179 -4.20 11.34 12.35
N GLY A 180 -3.90 12.12 11.30
CA GLY A 180 -2.73 11.89 10.48
C GLY A 180 -3.05 11.11 9.20
N ARG A 181 -3.49 11.88 8.20
CA ARG A 181 -3.86 11.35 6.90
C ARG A 181 -2.62 11.33 5.99
N ARG A 182 -2.54 10.26 5.18
CA ARG A 182 -1.44 10.08 4.25
C ARG A 182 -1.98 9.53 2.92
N ALA A 183 -1.86 10.33 1.87
CA ALA A 183 -2.21 9.93 0.52
C ALA A 183 -1.78 11.05 -0.43
N ALA A 184 -1.87 10.74 -1.73
CA ALA A 184 -1.51 11.66 -2.78
C ALA A 184 -1.91 11.04 -4.12
N ILE A 185 -2.48 11.89 -4.98
CA ILE A 185 -2.95 11.50 -6.30
C ILE A 185 -2.46 12.53 -7.31
N ARG A 186 -1.63 12.07 -8.24
CA ARG A 186 -1.13 12.91 -9.31
C ARG A 186 -1.85 12.55 -10.63
N GLN A 187 -2.05 13.60 -11.43
CA GLN A 187 -2.64 13.53 -12.77
C GLN A 187 -1.50 13.36 -13.80
N VAL A 188 -1.52 12.20 -14.45
CA VAL A 188 -0.60 11.84 -15.51
C VAL A 188 -1.28 10.77 -16.38
N GLY A 189 -0.57 10.39 -17.45
CA GLY A 189 -0.99 9.29 -18.31
C GLY A 189 -0.10 9.16 -19.54
N PRO A 190 0.01 10.24 -20.33
CA PRO A 190 0.82 10.15 -21.54
C PRO A 190 2.32 10.12 -21.23
N ALA A 191 2.71 10.93 -20.23
CA ALA A 191 4.09 11.09 -19.85
C ALA A 191 4.44 10.44 -18.51
N ALA A 192 3.58 9.49 -18.09
CA ALA A 192 3.84 8.75 -16.87
C ALA A 192 2.79 7.65 -16.74
N PRO A 193 3.16 6.57 -16.04
CA PRO A 193 2.27 5.44 -15.84
C PRO A 193 1.11 5.80 -14.91
N SER A 194 0.22 4.80 -14.76
CA SER A 194 -0.95 4.91 -13.94
C SER A 194 -1.12 3.64 -13.09
N GLY A 195 -1.65 3.86 -11.89
CA GLY A 195 -1.88 2.80 -10.94
C GLY A 195 -1.42 3.17 -9.54
N TRP A 196 -1.71 2.24 -8.62
CA TRP A 196 -1.40 2.39 -7.20
C TRP A 196 -0.06 1.72 -6.90
N TYR A 197 0.92 2.54 -6.49
CA TYR A 197 2.22 1.98 -6.16
C TYR A 197 2.99 2.97 -5.29
N PRO A 198 3.12 2.64 -3.99
CA PRO A 198 3.86 3.51 -3.10
C PRO A 198 5.35 3.54 -3.50
N CYS A 199 6.02 4.55 -2.90
CA CYS A 199 7.44 4.73 -3.07
C CYS A 199 8.21 3.96 -1.98
N PHE A 200 9.48 3.69 -2.31
CA PHE A 200 10.36 2.87 -1.49
C PHE A 200 11.77 3.47 -1.53
N ARG A 201 12.49 3.32 -0.42
CA ARG A 201 13.83 3.87 -0.28
C ARG A 201 14.89 2.83 -0.64
N ALA A 202 15.82 3.23 -1.50
CA ALA A 202 16.92 2.36 -1.89
C ALA A 202 18.12 3.18 -2.35
N GLN A 203 19.17 2.43 -2.72
CA GLN A 203 20.44 2.98 -3.14
C GLN A 203 20.54 3.01 -4.66
N GLU A 204 21.50 3.79 -5.17
CA GLU A 204 21.73 3.89 -6.59
C GLU A 204 21.97 2.53 -7.23
N SER A 205 22.69 1.64 -6.50
CA SER A 205 23.00 0.32 -7.00
C SER A 205 21.75 -0.54 -7.27
N ALA A 206 20.62 -0.15 -6.67
CA ALA A 206 19.39 -0.89 -6.86
C ALA A 206 18.81 -0.67 -8.26
N VAL A 207 19.04 0.53 -8.81
CA VAL A 207 18.56 0.84 -10.15
C VAL A 207 18.98 -0.27 -11.13
N PRO A 208 20.28 -0.48 -11.30
CA PRO A 208 20.71 -1.51 -12.24
C PRO A 208 20.33 -2.91 -11.78
N ALA A 209 20.22 -3.11 -10.48
CA ALA A 209 19.82 -4.39 -9.93
C ALA A 209 18.55 -4.91 -10.62
N ALA A 210 17.65 -3.97 -10.97
CA ALA A 210 16.43 -4.37 -11.64
C ALA A 210 16.66 -4.58 -13.14
N VAL A 211 17.45 -3.68 -13.72
CA VAL A 211 17.73 -3.74 -15.14
C VAL A 211 18.31 -5.10 -15.53
N MET A 212 19.31 -5.55 -14.77
CA MET A 212 19.97 -6.81 -15.09
C MET A 212 19.00 -7.98 -15.18
N LEU A 213 17.90 -7.91 -14.42
CA LEU A 213 16.91 -8.95 -14.40
C LEU A 213 15.96 -8.90 -15.62
N GLY A 214 15.88 -7.70 -16.22
CA GLY A 214 15.05 -7.47 -17.38
C GLY A 214 13.78 -6.68 -17.06
N ALA A 215 13.86 -5.84 -16.02
CA ALA A 215 12.74 -4.99 -15.66
C ALA A 215 12.35 -4.11 -16.87
N SER A 216 11.07 -3.71 -16.85
CA SER A 216 10.53 -2.87 -17.91
C SER A 216 10.56 -1.40 -17.49
N VAL A 217 11.12 -0.57 -18.37
CA VAL A 217 11.23 0.86 -18.19
C VAL A 217 9.95 1.56 -18.68
N LEU A 218 9.37 2.37 -17.78
CA LEU A 218 8.20 3.17 -18.12
C LEU A 218 8.49 4.66 -17.94
N LEU A 219 9.01 5.01 -16.75
CA LEU A 219 9.18 6.41 -16.38
C LEU A 219 10.14 6.48 -15.20
N ARG A 220 11.22 7.27 -15.36
CA ARG A 220 12.21 7.39 -14.31
C ARG A 220 12.70 8.84 -14.16
N TYR A 221 11.72 9.74 -13.95
CA TYR A 221 11.99 11.16 -13.84
C TYR A 221 10.66 11.86 -13.52
N ASP A 222 10.76 13.18 -13.36
CA ASP A 222 9.60 14.04 -13.15
C ASP A 222 8.90 13.77 -11.82
N CYS A 223 9.71 13.86 -10.74
CA CYS A 223 9.25 13.60 -9.41
C CYS A 223 9.63 14.76 -8.48
N PRO A 224 8.85 14.94 -7.41
CA PRO A 224 9.05 16.08 -6.52
C PRO A 224 10.36 16.03 -5.75
N ASP A 225 10.85 14.80 -5.55
CA ASP A 225 12.10 14.51 -4.88
C ASP A 225 13.31 14.49 -5.82
N GLY A 226 13.05 14.58 -7.13
CA GLY A 226 14.09 14.56 -8.13
C GLY A 226 14.22 13.18 -8.82
N PRO A 227 15.27 12.43 -8.46
CA PRO A 227 15.55 11.18 -9.15
C PRO A 227 14.53 10.10 -8.78
N ALA A 228 13.88 9.56 -9.82
CA ALA A 228 12.84 8.56 -9.65
C ALA A 228 13.03 7.44 -10.65
N VAL A 229 12.60 6.24 -10.26
CA VAL A 229 12.70 5.08 -11.13
C VAL A 229 11.46 4.22 -10.95
N VAL A 230 10.65 4.13 -12.01
CA VAL A 230 9.48 3.28 -12.01
C VAL A 230 9.74 2.18 -13.05
N VAL A 231 9.77 0.95 -12.55
CA VAL A 231 9.89 -0.23 -13.38
C VAL A 231 8.65 -1.12 -13.18
N SER A 232 8.33 -1.81 -14.29
CA SER A 232 7.25 -2.78 -14.29
C SER A 232 7.86 -4.19 -14.28
N ALA A 233 7.43 -4.94 -13.26
CA ALA A 233 7.85 -6.31 -13.08
C ALA A 233 7.26 -7.18 -14.20
N PRO A 234 7.92 -8.30 -14.48
CA PRO A 234 7.51 -9.14 -15.61
C PRO A 234 6.12 -9.74 -15.43
N GLY A 235 5.74 -9.95 -14.15
CA GLY A 235 4.44 -10.49 -13.83
C GLY A 235 3.28 -9.51 -14.02
N GLY A 236 3.59 -8.21 -14.10
CA GLY A 236 2.58 -7.20 -14.29
C GLY A 236 2.41 -6.22 -13.13
N GLU A 237 3.41 -6.20 -12.24
CA GLU A 237 3.39 -5.34 -11.07
C GLU A 237 4.15 -4.05 -11.39
N VAL A 238 3.90 -3.00 -10.61
CA VAL A 238 4.49 -1.70 -10.84
C VAL A 238 4.85 -1.08 -9.49
N PHE A 239 6.05 -0.49 -9.41
CA PHE A 239 6.53 0.10 -8.18
C PHE A 239 7.60 1.16 -8.49
N THR A 240 7.82 2.03 -7.49
CA THR A 240 8.71 3.16 -7.62
C THR A 240 9.90 3.07 -6.64
N LEU A 241 11.06 3.42 -7.17
CA LEU A 241 12.35 3.36 -6.50
C LEU A 241 12.92 4.78 -6.39
N LEU A 242 13.14 5.21 -5.15
CA LEU A 242 13.69 6.53 -4.88
C LEU A 242 15.05 6.38 -4.18
N LEU A 243 16.08 6.87 -4.88
CA LEU A 243 17.45 6.79 -4.40
C LEU A 243 17.69 7.88 -3.34
N THR A 244 17.98 7.41 -2.13
CA THR A 244 18.25 8.26 -0.99
C THR A 244 19.14 7.48 -0.02
N ASP A 245 19.69 8.23 0.93
CA ASP A 245 20.61 7.77 1.96
C ASP A 245 20.88 8.99 2.89
N GLY A 1 -24.06 0.94 29.60
CA GLY A 1 -22.87 0.83 28.73
C GLY A 1 -21.63 1.18 29.58
N SER A 2 -20.69 1.89 28.95
CA SER A 2 -19.48 2.34 29.63
C SER A 2 -18.58 1.15 30.02
N HIS A 3 -18.33 0.30 29.01
CA HIS A 3 -17.53 -0.89 29.20
C HIS A 3 -16.31 -0.91 28.25
N MET A 4 -15.66 0.25 28.18
CA MET A 4 -14.46 0.40 27.38
C MET A 4 -13.21 0.31 28.25
N SER A 5 -12.05 0.25 27.57
CA SER A 5 -10.77 0.26 28.24
C SER A 5 -10.50 1.65 28.85
N HIS A 6 -9.36 1.70 29.57
CA HIS A 6 -8.96 2.89 30.28
C HIS A 6 -7.60 3.43 29.81
N ASP A 7 -7.33 3.23 28.51
CA ASP A 7 -6.07 3.63 27.91
C ASP A 7 -6.35 3.96 26.44
N ALA A 8 -5.87 5.14 26.02
CA ALA A 8 -6.02 5.60 24.64
C ALA A 8 -4.67 5.48 23.91
N VAL A 9 -4.69 4.71 22.81
CA VAL A 9 -3.49 4.44 22.04
C VAL A 9 -3.52 5.33 20.78
N ARG A 10 -2.53 6.23 20.69
CA ARG A 10 -2.44 7.18 19.58
C ARG A 10 -1.06 7.02 18.93
N PRO A 11 -0.98 6.25 17.85
CA PRO A 11 0.29 6.05 17.16
C PRO A 11 0.69 7.33 16.42
N ALA A 12 1.91 7.27 15.86
CA ALA A 12 2.47 8.40 15.13
C ALA A 12 1.75 8.52 13.78
N PRO A 13 1.06 9.63 13.55
CA PRO A 13 0.37 9.81 12.28
C PRO A 13 1.40 10.10 11.19
N GLY A 14 0.97 9.85 9.94
CA GLY A 14 1.79 10.13 8.79
C GLY A 14 2.52 8.92 8.19
N GLU A 15 2.93 8.02 9.09
CA GLU A 15 3.64 6.81 8.74
C GLU A 15 2.79 5.94 7.81
N PRO A 16 3.47 5.12 7.00
CA PRO A 16 2.77 4.23 6.08
C PRO A 16 2.07 3.11 6.85
N THR A 17 1.04 2.55 6.18
CA THR A 17 0.19 1.54 6.80
C THR A 17 0.73 0.13 6.57
N TRP A 18 0.65 -0.34 5.31
CA TRP A 18 1.12 -1.65 4.92
C TRP A 18 0.97 -1.76 3.41
N VAL A 19 1.82 -2.59 2.80
CA VAL A 19 1.77 -2.89 1.38
C VAL A 19 2.20 -4.35 1.19
N ASP A 20 1.32 -5.12 0.53
CA ASP A 20 1.60 -6.50 0.20
C ASP A 20 1.55 -6.68 -1.32
N LEU A 21 2.40 -7.59 -1.80
CA LEU A 21 2.46 -7.90 -3.23
C LEU A 21 2.33 -9.42 -3.40
N LEU A 22 1.21 -9.78 -4.04
CA LEU A 22 0.92 -11.16 -4.40
C LEU A 22 1.73 -11.53 -5.64
N THR A 23 2.08 -12.83 -5.73
CA THR A 23 2.80 -13.35 -6.85
C THR A 23 2.34 -14.78 -7.14
N PRO A 24 2.44 -15.21 -8.39
CA PRO A 24 2.06 -16.57 -8.73
C PRO A 24 2.98 -17.62 -8.09
N ASP A 25 4.25 -17.22 -7.91
CA ASP A 25 5.27 -18.11 -7.39
C ASP A 25 6.08 -17.38 -6.32
N ARG A 26 5.69 -17.56 -5.05
CA ARG A 26 6.40 -16.88 -3.98
C ARG A 26 7.89 -17.14 -4.10
N GLY A 27 8.26 -18.43 -4.20
CA GLY A 27 9.66 -18.79 -4.26
C GLY A 27 10.44 -17.91 -5.24
N ALA A 28 9.81 -17.69 -6.41
CA ALA A 28 10.44 -16.91 -7.45
C ALA A 28 10.41 -15.41 -7.12
N ALA A 29 9.32 -14.98 -6.48
CA ALA A 29 9.22 -13.59 -6.08
C ALA A 29 10.44 -13.21 -5.23
N LEU A 30 10.80 -14.12 -4.33
CA LEU A 30 11.89 -13.84 -3.42
C LEU A 30 13.24 -13.75 -4.14
N GLN A 31 13.28 -14.21 -5.39
CA GLN A 31 14.47 -14.14 -6.21
C GLN A 31 14.58 -12.78 -6.93
N PHE A 32 13.43 -12.33 -7.47
CA PHE A 32 13.38 -11.07 -8.18
C PHE A 32 13.20 -9.91 -7.20
N TYR A 33 12.06 -9.89 -6.52
CA TYR A 33 11.74 -8.78 -5.63
C TYR A 33 12.86 -8.54 -4.63
N SER A 34 13.30 -9.62 -3.98
CA SER A 34 14.32 -9.48 -2.97
C SER A 34 15.64 -8.97 -3.53
N ALA A 35 15.88 -9.20 -4.82
CA ALA A 35 17.07 -8.76 -5.51
C ALA A 35 17.05 -7.26 -5.85
N LEU A 36 15.88 -6.64 -5.75
CA LEU A 36 15.74 -5.23 -6.07
C LEU A 36 16.23 -4.39 -4.88
N PHE A 37 15.71 -4.78 -3.70
CA PHE A 37 16.02 -4.09 -2.46
C PHE A 37 17.22 -4.69 -1.72
N GLY A 38 17.39 -6.01 -1.85
CA GLY A 38 18.44 -6.74 -1.19
C GLY A 38 18.07 -7.19 0.21
N TRP A 39 16.84 -7.73 0.31
CA TRP A 39 16.31 -8.22 1.56
C TRP A 39 16.54 -9.73 1.68
N GLU A 40 16.18 -10.26 2.85
CA GLU A 40 16.25 -11.67 3.15
C GLU A 40 14.86 -12.19 3.54
N PHE A 41 14.69 -13.50 3.35
CA PHE A 41 13.51 -14.25 3.65
C PHE A 41 13.89 -15.53 4.41
N SER A 42 12.86 -16.14 5.03
CA SER A 42 13.03 -17.37 5.77
C SER A 42 11.76 -18.21 5.64
N THR A 43 11.91 -19.51 5.90
CA THR A 43 10.81 -20.45 5.85
C THR A 43 10.33 -20.78 7.27
N THR A 44 9.00 -20.94 7.39
CA THR A 44 8.38 -21.36 8.63
C THR A 44 8.22 -22.88 8.68
N SER A 45 8.01 -23.35 9.92
CA SER A 45 7.72 -24.76 10.15
C SER A 45 6.57 -25.23 9.26
N ASP A 46 6.61 -26.54 8.99
CA ASP A 46 5.60 -27.21 8.19
C ASP A 46 4.43 -27.61 9.09
N GLY A 47 3.33 -27.99 8.42
CA GLY A 47 2.11 -28.42 9.07
C GLY A 47 1.07 -27.31 9.23
N THR A 48 1.60 -26.08 9.35
CA THR A 48 0.80 -24.88 9.48
C THR A 48 0.93 -24.04 8.20
N SER A 49 0.01 -23.08 8.09
CA SER A 49 -0.09 -22.18 6.96
C SER A 49 1.29 -21.56 6.67
N PRO A 50 1.89 -21.87 5.52
CA PRO A 50 3.24 -21.37 5.26
C PRO A 50 3.19 -19.92 4.77
N TYR A 51 3.73 -19.03 5.62
CA TYR A 51 3.79 -17.60 5.35
C TYR A 51 5.25 -17.16 5.45
N THR A 52 5.74 -16.57 4.33
CA THR A 52 7.10 -16.08 4.25
C THR A 52 7.12 -14.56 4.42
N MET A 53 7.64 -14.14 5.57
CA MET A 53 7.79 -12.73 5.90
C MET A 53 9.23 -12.28 5.58
N CYS A 54 9.33 -10.98 5.24
CA CYS A 54 10.60 -10.36 4.94
C CYS A 54 11.08 -9.59 6.18
N ARG A 55 12.16 -10.12 6.75
CA ARG A 55 12.76 -9.63 7.96
C ARG A 55 14.28 -9.62 7.76
N LEU A 56 14.92 -8.56 8.25
CA LEU A 56 16.36 -8.41 8.13
C LEU A 56 16.83 -7.53 9.28
N ARG A 57 18.06 -7.79 9.75
CA ARG A 57 18.63 -6.99 10.83
C ARG A 57 17.67 -6.92 12.04
N GLY A 58 16.86 -7.98 12.23
CA GLY A 58 15.92 -7.99 13.33
C GLY A 58 14.83 -6.91 13.25
N ARG A 59 14.45 -6.56 12.02
CA ARG A 59 13.50 -5.50 11.75
C ARG A 59 12.63 -5.92 10.57
N GLU A 60 11.32 -5.89 10.81
CA GLU A 60 10.38 -6.23 9.76
C GLU A 60 10.36 -5.14 8.68
N VAL A 61 10.19 -5.61 7.44
CA VAL A 61 10.10 -4.73 6.29
C VAL A 61 8.78 -4.90 5.56
N CYS A 62 8.53 -6.14 5.09
CA CYS A 62 7.37 -6.41 4.28
C CYS A 62 6.98 -7.89 4.40
N SER A 63 5.99 -8.27 3.59
CA SER A 63 5.50 -9.63 3.54
C SER A 63 5.13 -9.95 2.08
N ILE A 64 5.23 -11.24 1.75
CA ILE A 64 4.84 -11.75 0.46
C ILE A 64 3.71 -12.76 0.66
N GLY A 65 2.85 -12.84 -0.36
CA GLY A 65 1.75 -13.77 -0.37
C GLY A 65 1.52 -14.37 -1.75
N ASP A 66 0.71 -15.43 -1.75
CA ASP A 66 0.34 -16.18 -2.92
C ASP A 66 -1.19 -16.16 -3.06
N LEU A 67 -1.64 -16.91 -4.06
CA LEU A 67 -3.03 -17.04 -4.40
C LEU A 67 -3.54 -18.47 -4.30
N GLY A 68 -2.64 -19.45 -4.45
CA GLY A 68 -3.02 -20.85 -4.47
C GLY A 68 -4.09 -21.09 -5.54
N GLU A 69 -5.34 -21.23 -5.06
CA GLU A 69 -6.49 -21.55 -5.87
C GLU A 69 -7.54 -20.43 -5.89
N ASN A 70 -7.09 -19.21 -5.56
CA ASN A 70 -7.96 -18.05 -5.48
C ASN A 70 -7.81 -17.19 -6.75
N PRO A 71 -8.77 -17.31 -7.68
CA PRO A 71 -8.68 -16.57 -8.94
C PRO A 71 -8.97 -15.07 -8.79
N GLY A 72 -9.74 -14.74 -7.73
CA GLY A 72 -10.12 -13.37 -7.44
C GLY A 72 -9.46 -12.86 -6.15
N PRO A 73 -8.17 -12.53 -6.23
CA PRO A 73 -7.48 -12.02 -5.06
C PRO A 73 -7.91 -10.58 -4.75
N ALA A 74 -7.35 -10.11 -3.62
CA ALA A 74 -7.66 -8.80 -3.08
C ALA A 74 -6.62 -7.74 -3.51
N LEU A 75 -5.36 -8.20 -3.63
CA LEU A 75 -4.25 -7.31 -3.90
C LEU A 75 -4.24 -6.91 -5.38
N GLY A 76 -4.08 -7.94 -6.25
CA GLY A 76 -4.05 -7.71 -7.68
C GLY A 76 -2.87 -6.86 -8.16
N GLY A 77 -1.77 -6.90 -7.39
CA GLY A 77 -0.59 -6.14 -7.68
C GLY A 77 -0.29 -5.15 -6.56
N TRP A 78 0.81 -4.39 -6.77
CA TRP A 78 1.13 -3.32 -5.84
C TRP A 78 -0.09 -2.40 -5.73
N SER A 79 -0.15 -1.74 -4.56
CA SER A 79 -1.21 -0.81 -4.27
C SER A 79 -0.88 -0.11 -2.95
N SER A 80 -1.44 1.09 -2.82
CA SER A 80 -1.32 1.91 -1.64
C SER A 80 -2.54 1.69 -0.73
N TYR A 81 -2.24 1.40 0.54
CA TYR A 81 -3.24 1.23 1.57
C TYR A 81 -3.32 2.53 2.41
N LEU A 82 -4.45 3.19 2.24
CA LEU A 82 -4.76 4.39 2.98
C LEU A 82 -5.48 4.00 4.28
N SER A 83 -5.27 4.83 5.32
CA SER A 83 -5.83 4.59 6.64
C SER A 83 -7.08 5.46 6.83
N VAL A 84 -8.20 4.78 7.11
CA VAL A 84 -9.48 5.40 7.33
C VAL A 84 -9.87 5.34 8.81
N ASP A 85 -10.89 6.14 9.15
CA ASP A 85 -11.40 6.23 10.50
C ASP A 85 -11.88 4.87 11.00
N ASP A 86 -12.52 4.13 10.09
CA ASP A 86 -13.04 2.82 10.38
C ASP A 86 -13.34 2.10 9.09
N ALA A 87 -13.23 0.78 9.13
CA ALA A 87 -13.50 -0.04 7.96
C ALA A 87 -14.87 0.35 7.38
N ASP A 88 -15.84 0.42 8.30
CA ASP A 88 -17.21 0.72 7.92
C ASP A 88 -17.39 2.17 7.55
N ALA A 89 -16.65 3.06 8.23
CA ALA A 89 -16.70 4.48 7.93
C ALA A 89 -16.50 4.70 6.43
N ALA A 90 -15.37 4.16 5.95
CA ALA A 90 -15.00 4.38 4.56
C ALA A 90 -16.09 3.80 3.66
N ALA A 91 -16.38 2.52 3.90
CA ALA A 91 -17.36 1.81 3.09
C ALA A 91 -18.70 2.54 3.03
N ALA A 92 -19.05 3.21 4.13
CA ALA A 92 -20.29 3.92 4.27
C ALA A 92 -20.33 5.21 3.44
N ALA A 93 -19.14 5.82 3.28
CA ALA A 93 -19.03 7.02 2.49
C ALA A 93 -18.87 6.70 1.01
N VAL A 94 -18.38 5.50 0.70
CA VAL A 94 -18.27 5.09 -0.69
C VAL A 94 -19.56 5.43 -1.46
N PRO A 95 -20.71 4.92 -1.02
CA PRO A 95 -21.95 5.18 -1.75
C PRO A 95 -22.36 6.65 -1.71
N GLU A 96 -21.98 7.37 -0.65
CA GLU A 96 -22.32 8.77 -0.52
C GLU A 96 -21.75 9.59 -1.68
N LEU A 97 -20.61 9.14 -2.21
CA LEU A 97 -19.94 9.83 -3.28
C LEU A 97 -20.39 9.33 -4.67
N GLY A 98 -20.87 8.07 -4.66
CA GLY A 98 -21.34 7.41 -5.84
C GLY A 98 -20.40 6.31 -6.35
N GLY A 99 -19.62 5.74 -5.41
CA GLY A 99 -18.78 4.62 -5.73
C GLY A 99 -19.47 3.29 -5.44
N ALA A 100 -18.67 2.22 -5.50
CA ALA A 100 -19.15 0.87 -5.32
C ALA A 100 -18.11 0.11 -4.49
N VAL A 101 -18.59 -0.52 -3.41
CA VAL A 101 -17.75 -1.38 -2.59
C VAL A 101 -17.60 -2.72 -3.31
N LEU A 102 -16.34 -3.13 -3.51
CA LEU A 102 -16.06 -4.37 -4.21
C LEU A 102 -15.82 -5.51 -3.22
N LEU A 103 -15.03 -5.19 -2.18
CA LEU A 103 -14.75 -6.14 -1.12
C LEU A 103 -15.06 -5.50 0.23
N GLY A 104 -15.16 -6.38 1.23
CA GLY A 104 -15.43 -5.95 2.59
C GLY A 104 -16.90 -5.55 2.79
N PRO A 105 -17.23 -5.27 4.06
CA PRO A 105 -16.34 -5.39 5.21
C PRO A 105 -16.07 -6.89 5.50
N ILE A 106 -14.78 -7.17 5.82
CA ILE A 106 -14.32 -8.50 6.15
C ILE A 106 -13.46 -8.43 7.41
N ASP A 107 -13.37 -9.55 8.12
CA ASP A 107 -12.58 -9.68 9.34
C ASP A 107 -11.46 -10.68 9.10
N ILE A 108 -10.28 -10.14 8.79
CA ILE A 108 -9.11 -10.99 8.54
C ILE A 108 -8.61 -11.49 9.88
N LEU A 109 -8.88 -12.78 10.15
CA LEU A 109 -8.40 -13.46 11.34
C LEU A 109 -8.77 -12.70 12.62
N ALA A 110 -9.90 -11.96 12.54
CA ALA A 110 -10.37 -11.13 13.62
C ALA A 110 -9.27 -10.21 14.18
N GLN A 111 -8.33 -9.84 13.29
CA GLN A 111 -7.22 -8.99 13.67
C GLN A 111 -7.32 -7.62 13.01
N GLY A 112 -7.80 -7.60 11.76
CA GLY A 112 -7.94 -6.37 11.02
C GLY A 112 -9.02 -6.53 9.97
N ARG A 113 -9.18 -5.44 9.19
CA ARG A 113 -10.19 -5.34 8.16
C ARG A 113 -9.57 -4.58 6.98
N MET A 114 -9.73 -5.19 5.80
CA MET A 114 -9.25 -4.67 4.53
C MET A 114 -10.43 -4.72 3.56
N LEU A 115 -10.66 -3.62 2.84
CA LEU A 115 -11.71 -3.58 1.85
C LEU A 115 -11.26 -2.72 0.68
N LEU A 116 -11.85 -2.99 -0.50
CA LEU A 116 -11.56 -2.22 -1.69
C LEU A 116 -12.85 -1.58 -2.21
N ALA A 117 -12.66 -0.41 -2.83
CA ALA A 117 -13.73 0.39 -3.41
C ALA A 117 -13.26 0.95 -4.75
N GLY A 118 -14.20 1.64 -5.42
CA GLY A 118 -13.96 2.20 -6.73
C GLY A 118 -15.08 1.79 -7.70
N ASP A 119 -14.68 1.68 -8.97
CA ASP A 119 -15.58 1.33 -10.05
C ASP A 119 -15.35 -0.12 -10.48
N PRO A 120 -16.39 -0.72 -11.07
CA PRO A 120 -16.30 -2.11 -11.51
C PRO A 120 -15.34 -2.34 -12.67
N SER A 121 -14.80 -1.24 -13.22
CA SER A 121 -13.77 -1.32 -14.24
C SER A 121 -12.54 -2.12 -13.78
N GLY A 122 -12.38 -2.22 -12.46
CA GLY A 122 -11.28 -2.97 -11.88
C GLY A 122 -10.33 -2.11 -11.05
N HIS A 123 -10.85 -0.98 -10.55
CA HIS A 123 -10.06 -0.09 -9.73
C HIS A 123 -10.15 -0.56 -8.27
N ARG A 124 -8.96 -0.85 -7.71
CA ARG A 124 -8.84 -1.28 -6.34
C ARG A 124 -8.10 -0.18 -5.56
N VAL A 125 -8.62 0.12 -4.35
CA VAL A 125 -8.06 1.12 -3.48
C VAL A 125 -7.87 0.50 -2.10
N GLY A 126 -6.60 0.36 -1.68
CA GLY A 126 -6.32 -0.25 -0.40
C GLY A 126 -6.84 0.61 0.75
N LEU A 127 -7.65 -0.01 1.60
CA LEU A 127 -8.27 0.65 2.74
C LEU A 127 -8.09 -0.24 3.98
N TRP A 128 -7.33 0.29 4.95
CA TRP A 128 -7.08 -0.35 6.23
C TRP A 128 -7.57 0.55 7.36
N GLN A 129 -7.96 -0.13 8.46
CA GLN A 129 -8.52 0.51 9.64
C GLN A 129 -7.51 0.47 10.79
N ALA A 130 -7.06 1.67 11.20
CA ALA A 130 -6.06 1.78 12.24
C ALA A 130 -6.70 2.02 13.63
N LYS A 131 -6.42 1.05 14.52
CA LYS A 131 -6.98 1.01 15.86
C LYS A 131 -5.92 0.95 16.96
N GLU A 132 -4.84 0.19 16.68
CA GLU A 132 -3.74 0.00 17.60
C GLU A 132 -2.51 0.80 17.18
N HIS A 133 -2.14 0.65 15.90
CA HIS A 133 -1.03 1.36 15.33
C HIS A 133 -1.38 1.76 13.89
N THR A 134 -0.54 2.67 13.35
CA THR A 134 -0.67 3.18 12.01
C THR A 134 0.26 2.46 11.00
N GLY A 135 0.69 1.24 11.38
CA GLY A 135 1.60 0.44 10.59
C GLY A 135 3.03 1.00 10.54
N SER A 136 3.39 1.71 11.63
CA SER A 136 4.66 2.40 11.70
C SER A 136 5.72 1.39 12.18
N GLY A 137 6.38 0.77 11.20
CA GLY A 137 7.45 -0.15 11.48
C GLY A 137 8.72 0.58 11.92
N PRO A 138 9.77 -0.22 12.16
CA PRO A 138 11.03 0.36 12.63
C PRO A 138 11.66 1.23 11.55
N ASP A 139 12.17 2.39 11.99
CA ASP A 139 12.84 3.32 11.11
C ASP A 139 14.30 2.89 10.93
N ASP A 140 14.51 2.06 9.90
CA ASP A 140 15.83 1.59 9.54
C ASP A 140 16.38 2.32 8.32
N GLY A 141 15.85 3.52 8.07
CA GLY A 141 16.29 4.27 6.91
C GLY A 141 16.04 3.46 5.63
N ILE A 142 17.12 3.24 4.87
CA ILE A 142 17.03 2.52 3.61
C ILE A 142 16.47 1.12 3.86
N GLY A 143 15.50 0.75 3.00
CA GLY A 143 14.88 -0.53 3.10
C GLY A 143 13.48 -0.51 3.71
N ALA A 144 13.08 0.67 4.19
CA ALA A 144 11.76 0.86 4.75
C ALA A 144 10.86 1.54 3.70
N TYR A 145 9.55 1.47 4.01
CA TYR A 145 8.57 2.14 3.18
C TYR A 145 8.81 3.66 3.24
N THR A 146 8.32 4.35 2.21
CA THR A 146 8.44 5.80 2.13
C THR A 146 7.08 6.48 2.25
N ARG A 147 6.19 6.19 1.29
CA ARG A 147 4.90 6.83 1.24
C ARG A 147 4.07 6.18 0.15
N SER A 148 2.83 6.67 0.04
CA SER A 148 1.82 6.11 -0.83
C SER A 148 1.33 7.18 -1.83
N GLU A 149 1.51 6.87 -3.12
CA GLU A 149 1.16 7.74 -4.21
C GLU A 149 0.48 6.89 -5.29
N LEU A 150 -0.55 7.48 -5.90
CA LEU A 150 -1.31 6.87 -6.97
C LEU A 150 -1.31 7.82 -8.16
N LEU A 151 -1.15 7.23 -9.34
CA LEU A 151 -1.11 7.94 -10.60
C LEU A 151 -2.39 7.60 -11.37
N THR A 152 -3.33 8.54 -11.38
CA THR A 152 -4.61 8.34 -12.04
C THR A 152 -4.84 9.45 -13.06
N GLY A 153 -5.51 9.09 -14.16
CA GLY A 153 -5.77 10.02 -15.23
C GLY A 153 -7.01 10.90 -15.02
N ALA A 154 -7.21 11.32 -13.75
CA ALA A 154 -8.41 12.05 -13.36
C ALA A 154 -8.32 12.39 -11.87
N SER A 155 -7.38 13.29 -11.53
CA SER A 155 -7.21 13.70 -10.15
C SER A 155 -8.54 14.19 -9.57
N ALA A 156 -9.28 14.96 -10.37
CA ALA A 156 -10.55 15.51 -9.93
C ALA A 156 -11.47 14.40 -9.38
N THR A 157 -11.48 13.26 -10.10
CA THR A 157 -12.31 12.15 -9.72
C THR A 157 -11.79 11.47 -8.45
N ASP A 158 -10.53 11.08 -8.49
CA ASP A 158 -9.97 10.34 -7.38
C ASP A 158 -10.01 11.19 -6.10
N GLY A 159 -9.65 12.46 -6.25
CA GLY A 159 -9.70 13.38 -5.14
C GLY A 159 -11.07 13.37 -4.48
N ALA A 160 -12.13 13.36 -5.30
CA ALA A 160 -13.49 13.32 -4.81
C ALA A 160 -13.74 12.09 -3.93
N PHE A 161 -13.10 10.99 -4.29
CA PHE A 161 -13.20 9.75 -3.54
C PHE A 161 -12.48 9.88 -2.19
N TYR A 162 -11.30 10.49 -2.23
CA TYR A 162 -10.51 10.65 -1.02
C TYR A 162 -11.17 11.63 -0.07
N ARG A 163 -11.65 12.76 -0.60
CA ARG A 163 -12.25 13.74 0.27
C ARG A 163 -13.52 13.23 0.96
N GLY A 164 -14.13 12.18 0.39
CA GLY A 164 -15.29 11.57 1.00
C GLY A 164 -14.96 10.50 2.04
N LEU A 165 -13.94 9.67 1.74
CA LEU A 165 -13.65 8.58 2.65
C LEU A 165 -12.70 9.00 3.78
N PHE A 166 -12.04 10.14 3.56
CA PHE A 166 -11.04 10.69 4.45
C PHE A 166 -11.31 12.16 4.77
N GLY A 167 -11.45 12.95 3.71
CA GLY A 167 -11.73 14.35 3.87
C GLY A 167 -12.91 14.59 4.83
N ALA A 168 -12.93 15.83 5.35
CA ALA A 168 -13.92 16.25 6.34
C ALA A 168 -15.34 15.98 5.85
N ASP A 169 -15.53 16.09 4.53
CA ASP A 169 -16.79 15.79 3.89
C ASP A 169 -17.44 14.55 4.52
N PHE A 170 -16.63 13.55 4.84
CA PHE A 170 -17.16 12.31 5.35
C PHE A 170 -18.24 12.56 6.41
N ALA A 171 -17.87 13.40 7.40
CA ALA A 171 -18.73 13.73 8.51
C ALA A 171 -19.28 15.17 8.44
N THR A 172 -19.01 15.83 7.32
CA THR A 172 -19.50 17.15 7.03
C THR A 172 -19.35 18.07 8.25
N GLU A 173 -18.17 18.00 8.87
CA GLU A 173 -17.88 18.73 10.08
C GLU A 173 -16.36 18.83 10.24
N SER A 174 -15.97 19.66 11.23
CA SER A 174 -14.58 19.87 11.59
C SER A 174 -14.46 19.92 13.11
N GLY A 175 -13.31 19.37 13.59
CA GLY A 175 -13.08 19.28 15.03
C GLY A 175 -11.73 18.63 15.31
N THR A 176 -10.68 19.32 14.84
CA THR A 176 -9.30 18.96 15.14
C THR A 176 -9.13 17.43 15.04
N ASP A 177 -9.40 16.96 13.81
CA ASP A 177 -9.37 15.53 13.51
C ASP A 177 -8.05 14.96 14.01
N GLY A 178 -8.14 13.93 14.86
CA GLY A 178 -6.97 13.32 15.46
C GLY A 178 -6.70 11.91 14.95
N GLY A 179 -6.35 11.85 13.66
CA GLY A 179 -6.17 10.59 12.97
C GLY A 179 -4.76 10.48 12.36
N GLY A 180 -4.62 11.11 11.18
CA GLY A 180 -3.37 11.10 10.47
C GLY A 180 -3.37 10.45 9.08
N ARG A 181 -4.53 10.53 8.42
CA ARG A 181 -4.71 9.98 7.08
C ARG A 181 -3.72 10.69 6.13
N ARG A 182 -3.24 9.91 5.15
CA ARG A 182 -2.34 10.39 4.14
C ARG A 182 -2.75 9.74 2.81
N ALA A 183 -2.48 10.46 1.72
CA ALA A 183 -2.72 10.00 0.36
C ALA A 183 -2.19 11.07 -0.60
N ALA A 184 -2.07 10.67 -1.87
CA ALA A 184 -1.65 11.57 -2.93
C ALA A 184 -2.02 10.94 -4.27
N ILE A 185 -2.63 11.77 -5.12
CA ILE A 185 -3.08 11.36 -6.45
C ILE A 185 -2.62 12.43 -7.46
N ARG A 186 -1.70 12.02 -8.33
CA ARG A 186 -1.22 12.89 -9.38
C ARG A 186 -1.88 12.50 -10.72
N GLN A 187 -2.13 13.55 -11.52
CA GLN A 187 -2.68 13.46 -12.87
C GLN A 187 -1.51 13.32 -13.87
N VAL A 188 -1.50 12.17 -14.55
CA VAL A 188 -0.55 11.82 -15.57
C VAL A 188 -1.19 10.76 -16.47
N GLY A 189 -0.45 10.40 -17.53
CA GLY A 189 -0.84 9.32 -18.42
C GLY A 189 0.08 9.23 -19.63
N PRO A 190 0.21 10.33 -20.39
CA PRO A 190 1.05 10.30 -21.58
C PRO A 190 2.53 10.27 -21.24
N ALA A 191 2.91 11.07 -20.23
CA ALA A 191 4.29 11.24 -19.83
C ALA A 191 4.61 10.58 -18.48
N ALA A 192 3.78 9.60 -18.11
CA ALA A 192 4.00 8.86 -16.87
C ALA A 192 2.94 7.75 -16.79
N PRO A 193 3.29 6.69 -16.06
CA PRO A 193 2.41 5.54 -15.92
C PRO A 193 1.18 5.89 -15.07
N SER A 194 0.34 4.87 -14.91
CA SER A 194 -0.92 4.96 -14.20
C SER A 194 -1.14 3.68 -13.40
N GLY A 195 -1.58 3.87 -12.14
CA GLY A 195 -1.86 2.78 -11.24
C GLY A 195 -1.41 3.14 -9.82
N TRP A 196 -1.71 2.18 -8.93
CA TRP A 196 -1.46 2.29 -7.51
C TRP A 196 -0.10 1.64 -7.20
N TYR A 197 0.88 2.48 -6.80
CA TYR A 197 2.18 1.95 -6.48
C TYR A 197 2.91 2.94 -5.57
N PRO A 198 3.06 2.56 -4.30
CA PRO A 198 3.78 3.42 -3.38
C PRO A 198 5.27 3.47 -3.73
N CYS A 199 5.93 4.43 -3.05
CA CYS A 199 7.34 4.67 -3.20
C CYS A 199 8.11 4.08 -2.01
N PHE A 200 9.39 3.82 -2.27
CA PHE A 200 10.26 3.18 -1.32
C PHE A 200 11.66 3.79 -1.40
N ARG A 201 12.35 3.79 -0.26
CA ARG A 201 13.67 4.37 -0.12
C ARG A 201 14.77 3.30 -0.24
N ALA A 202 15.65 3.52 -1.22
CA ALA A 202 16.75 2.61 -1.45
C ALA A 202 18.00 3.39 -1.89
N GLN A 203 19.05 2.59 -2.15
CA GLN A 203 20.33 3.09 -2.59
C GLN A 203 20.40 3.13 -4.11
N GLU A 204 21.30 3.96 -4.63
CA GLU A 204 21.52 4.05 -6.07
C GLU A 204 21.78 2.67 -6.68
N SER A 205 22.50 1.81 -5.93
CA SER A 205 22.86 0.50 -6.40
C SER A 205 21.64 -0.41 -6.67
N ALA A 206 20.50 -0.04 -6.05
CA ALA A 206 19.27 -0.80 -6.26
C ALA A 206 18.71 -0.61 -7.67
N VAL A 207 18.93 0.58 -8.23
CA VAL A 207 18.47 0.88 -9.57
C VAL A 207 18.92 -0.22 -10.54
N PRO A 208 20.24 -0.40 -10.70
CA PRO A 208 20.70 -1.43 -11.62
C PRO A 208 20.36 -2.83 -11.15
N ALA A 209 20.22 -3.01 -9.84
CA ALA A 209 19.84 -4.30 -9.29
C ALA A 209 18.60 -4.86 -9.99
N ALA A 210 17.67 -3.97 -10.38
CA ALA A 210 16.48 -4.41 -11.07
C ALA A 210 16.76 -4.61 -12.56
N VAL A 211 17.54 -3.68 -13.12
CA VAL A 211 17.86 -3.73 -14.54
C VAL A 211 18.47 -5.07 -14.92
N MET A 212 19.48 -5.50 -14.15
CA MET A 212 20.18 -6.73 -14.45
C MET A 212 19.24 -7.94 -14.59
N LEU A 213 18.12 -7.89 -13.86
CA LEU A 213 17.14 -8.95 -13.88
C LEU A 213 16.24 -8.92 -15.11
N GLY A 214 16.16 -7.75 -15.73
CA GLY A 214 15.37 -7.51 -16.90
C GLY A 214 14.13 -6.65 -16.67
N ALA A 215 14.21 -5.80 -15.63
CA ALA A 215 13.09 -4.91 -15.33
C ALA A 215 12.84 -3.98 -16.53
N SER A 216 11.56 -3.60 -16.67
CA SER A 216 11.15 -2.71 -17.75
C SER A 216 11.07 -1.27 -17.25
N VAL A 217 11.72 -0.37 -17.97
CA VAL A 217 11.75 1.04 -17.65
C VAL A 217 10.59 1.76 -18.35
N LEU A 218 9.85 2.55 -17.57
CA LEU A 218 8.76 3.33 -18.11
C LEU A 218 8.99 4.83 -17.85
N LEU A 219 9.23 5.15 -16.56
CA LEU A 219 9.32 6.54 -16.14
C LEU A 219 10.33 6.63 -15.01
N ARG A 220 11.35 7.47 -15.20
CA ARG A 220 12.40 7.63 -14.23
C ARG A 220 12.83 9.10 -14.07
N TYR A 221 11.81 9.98 -13.96
CA TYR A 221 12.03 11.39 -13.79
C TYR A 221 10.68 12.05 -13.48
N ASP A 222 10.72 13.38 -13.32
CA ASP A 222 9.53 14.19 -13.14
C ASP A 222 8.82 13.92 -11.82
N CYS A 223 9.60 14.11 -10.72
CA CYS A 223 9.13 13.85 -9.39
C CYS A 223 9.42 15.03 -8.48
N PRO A 224 8.63 15.18 -7.42
CA PRO A 224 8.76 16.34 -6.54
C PRO A 224 10.08 16.38 -5.78
N ASP A 225 10.64 15.19 -5.57
CA ASP A 225 11.91 14.98 -4.90
C ASP A 225 13.11 14.98 -5.86
N GLY A 226 12.84 15.00 -7.16
CA GLY A 226 13.85 15.00 -8.19
C GLY A 226 14.01 13.62 -8.86
N PRO A 227 15.05 12.89 -8.49
CA PRO A 227 15.34 11.61 -9.14
C PRO A 227 14.27 10.57 -8.80
N ALA A 228 13.77 9.90 -9.85
CA ALA A 228 12.73 8.91 -9.71
C ALA A 228 13.06 7.70 -10.57
N VAL A 229 12.58 6.53 -10.14
CA VAL A 229 12.78 5.30 -10.91
C VAL A 229 11.54 4.43 -10.75
N VAL A 230 10.78 4.31 -11.84
CA VAL A 230 9.59 3.47 -11.87
C VAL A 230 9.81 2.40 -12.93
N VAL A 231 9.94 1.16 -12.44
CA VAL A 231 10.08 -0.01 -13.28
C VAL A 231 8.85 -0.91 -13.11
N SER A 232 8.55 -1.58 -14.24
CA SER A 232 7.49 -2.55 -14.34
C SER A 232 8.08 -3.95 -14.35
N ALA A 233 7.61 -4.74 -13.38
CA ALA A 233 8.02 -6.11 -13.20
C ALA A 233 7.47 -6.97 -14.36
N PRO A 234 8.16 -8.07 -14.65
CA PRO A 234 7.80 -8.87 -15.81
C PRO A 234 6.39 -9.47 -15.71
N GLY A 235 5.96 -9.71 -14.45
CA GLY A 235 4.64 -10.24 -14.21
C GLY A 235 3.48 -9.25 -14.40
N GLY A 236 3.81 -7.94 -14.44
CA GLY A 236 2.80 -6.92 -14.62
C GLY A 236 2.60 -5.99 -13.44
N GLU A 237 3.57 -6.01 -12.50
CA GLU A 237 3.52 -5.21 -11.30
C GLU A 237 4.29 -3.91 -11.54
N VAL A 238 4.02 -2.88 -10.74
CA VAL A 238 4.65 -1.57 -10.91
C VAL A 238 4.97 -1.03 -9.52
N PHE A 239 6.17 -0.42 -9.39
CA PHE A 239 6.59 0.15 -8.13
C PHE A 239 7.61 1.24 -8.39
N THR A 240 7.70 2.18 -7.42
CA THR A 240 8.56 3.33 -7.54
C THR A 240 9.69 3.31 -6.49
N LEU A 241 10.87 3.67 -6.97
CA LEU A 241 12.10 3.67 -6.22
C LEU A 241 12.66 5.09 -6.17
N LEU A 242 12.87 5.55 -4.93
CA LEU A 242 13.46 6.85 -4.67
C LEU A 242 14.74 6.64 -3.88
N LEU A 243 15.82 7.26 -4.37
CA LEU A 243 17.11 7.19 -3.73
C LEU A 243 17.16 8.22 -2.60
N THR A 244 17.42 7.73 -1.39
CA THR A 244 17.58 8.56 -0.22
C THR A 244 18.55 7.86 0.73
N ASP A 245 19.22 8.69 1.54
CA ASP A 245 20.21 8.30 2.52
C ASP A 245 20.50 9.57 3.39
N GLY A 1 -25.77 15.30 30.19
CA GLY A 1 -24.54 15.48 29.39
C GLY A 1 -23.57 14.34 29.71
N SER A 2 -22.28 14.61 29.48
CA SER A 2 -21.24 13.63 29.72
C SER A 2 -19.96 14.37 30.13
N HIS A 3 -19.37 13.93 31.25
CA HIS A 3 -18.17 14.53 31.78
C HIS A 3 -16.97 13.56 31.68
N MET A 4 -16.90 12.89 30.51
CA MET A 4 -15.86 11.93 30.24
C MET A 4 -14.82 12.53 29.30
N SER A 5 -13.64 11.88 29.27
CA SER A 5 -12.57 12.29 28.39
C SER A 5 -12.95 12.02 26.93
N HIS A 6 -12.55 12.96 26.07
CA HIS A 6 -12.83 12.93 24.65
C HIS A 6 -11.57 13.31 23.85
N ASP A 7 -10.54 12.47 23.98
CA ASP A 7 -9.29 12.68 23.25
C ASP A 7 -8.86 11.35 22.64
N ALA A 8 -8.45 11.43 21.37
CA ALA A 8 -7.94 10.29 20.62
C ALA A 8 -6.41 10.39 20.49
N VAL A 9 -5.81 9.23 20.16
CA VAL A 9 -4.39 9.14 19.92
C VAL A 9 -4.10 9.57 18.48
N ARG A 10 -2.96 10.27 18.31
CA ARG A 10 -2.50 10.79 17.04
C ARG A 10 -1.06 10.29 16.81
N PRO A 11 -0.93 9.16 16.10
CA PRO A 11 0.39 8.63 15.81
C PRO A 11 1.12 9.52 14.79
N ALA A 12 2.39 9.16 14.56
CA ALA A 12 3.23 9.91 13.64
C ALA A 12 2.78 9.62 12.20
N PRO A 13 2.36 10.65 11.48
CA PRO A 13 1.99 10.45 10.09
C PRO A 13 3.27 10.26 9.25
N GLY A 14 3.04 9.66 8.06
CA GLY A 14 4.08 9.41 7.10
C GLY A 14 4.28 7.93 6.78
N GLU A 15 4.02 7.09 7.79
CA GLU A 15 4.30 5.67 7.68
C GLU A 15 3.05 4.98 7.09
N PRO A 16 3.22 4.30 5.96
CA PRO A 16 2.09 3.62 5.33
C PRO A 16 1.70 2.35 6.11
N THR A 17 0.48 1.88 5.84
CA THR A 17 -0.09 0.77 6.59
C THR A 17 0.71 -0.51 6.36
N TRP A 18 0.68 -0.97 5.09
CA TRP A 18 1.32 -2.18 4.64
C TRP A 18 1.24 -2.22 3.12
N VAL A 19 1.98 -3.15 2.53
CA VAL A 19 1.99 -3.34 1.10
C VAL A 19 2.22 -4.83 0.81
N ASP A 20 1.29 -5.43 0.05
CA ASP A 20 1.37 -6.81 -0.35
C ASP A 20 1.48 -6.90 -1.87
N LEU A 21 2.35 -7.80 -2.33
CA LEU A 21 2.55 -8.05 -3.75
C LEU A 21 2.45 -9.56 -3.99
N LEU A 22 1.37 -9.94 -4.69
CA LEU A 22 1.13 -11.30 -5.12
C LEU A 22 1.95 -11.59 -6.38
N THR A 23 2.33 -12.87 -6.53
CA THR A 23 3.07 -13.29 -7.70
C THR A 23 2.63 -14.69 -8.11
N PRO A 24 2.74 -14.98 -9.43
CA PRO A 24 2.35 -16.29 -9.92
C PRO A 24 3.28 -17.39 -9.41
N ASP A 25 4.56 -17.03 -9.27
CA ASP A 25 5.58 -17.96 -8.85
C ASP A 25 6.41 -17.33 -7.74
N ARG A 26 5.98 -17.54 -6.50
CA ARG A 26 6.66 -16.98 -5.34
C ARG A 26 8.16 -17.30 -5.40
N GLY A 27 8.47 -18.55 -5.79
CA GLY A 27 9.86 -18.94 -5.86
C GLY A 27 10.70 -18.05 -6.75
N ALA A 28 10.11 -17.64 -7.88
CA ALA A 28 10.80 -16.81 -8.85
C ALA A 28 10.76 -15.34 -8.44
N ALA A 29 9.61 -14.92 -7.90
CA ALA A 29 9.46 -13.55 -7.47
C ALA A 29 10.56 -13.17 -6.48
N LEU A 30 10.82 -14.08 -5.54
CA LEU A 30 11.84 -13.83 -4.54
C LEU A 30 13.23 -13.64 -5.17
N GLN A 31 13.41 -14.16 -6.39
CA GLN A 31 14.65 -14.00 -7.10
C GLN A 31 14.76 -12.63 -7.79
N PHE A 32 13.63 -12.16 -8.33
CA PHE A 32 13.57 -10.88 -9.01
C PHE A 32 13.41 -9.74 -7.98
N TYR A 33 12.25 -9.73 -7.31
CA TYR A 33 11.94 -8.65 -6.39
C TYR A 33 13.06 -8.43 -5.38
N SER A 34 13.50 -9.54 -4.76
CA SER A 34 14.51 -9.42 -3.74
C SER A 34 15.85 -8.96 -4.30
N ALA A 35 16.07 -9.18 -5.60
CA ALA A 35 17.27 -8.71 -6.27
C ALA A 35 17.29 -7.20 -6.50
N LEU A 36 16.13 -6.56 -6.36
CA LEU A 36 16.01 -5.13 -6.58
C LEU A 36 16.51 -4.37 -5.35
N PHE A 37 15.98 -4.81 -4.19
CA PHE A 37 16.31 -4.21 -2.92
C PHE A 37 17.51 -4.87 -2.21
N GLY A 38 17.65 -6.18 -2.42
CA GLY A 38 18.69 -6.97 -1.83
C GLY A 38 18.31 -7.48 -0.43
N TRP A 39 17.08 -8.00 -0.34
CA TRP A 39 16.56 -8.54 0.90
C TRP A 39 16.88 -10.04 0.99
N GLU A 40 16.51 -10.60 2.16
CA GLU A 40 16.71 -12.00 2.46
C GLU A 40 15.34 -12.68 2.66
N PHE A 41 15.39 -14.01 2.53
CA PHE A 41 14.19 -14.85 2.65
C PHE A 41 14.11 -15.45 4.05
N SER A 42 12.87 -15.51 4.58
CA SER A 42 12.66 -16.07 5.90
C SER A 42 11.23 -16.62 6.00
N THR A 43 11.13 -17.94 6.00
CA THR A 43 9.85 -18.63 6.04
C THR A 43 9.79 -19.53 7.27
N THR A 44 9.07 -19.04 8.30
CA THR A 44 8.91 -19.76 9.55
C THR A 44 7.47 -19.63 10.02
N SER A 45 6.72 -20.73 9.87
CA SER A 45 5.31 -20.74 10.23
C SER A 45 5.06 -21.85 11.25
N ASP A 46 4.53 -21.45 12.42
CA ASP A 46 4.28 -22.39 13.50
C ASP A 46 2.86 -22.94 13.32
N GLY A 47 2.80 -24.22 12.94
CA GLY A 47 1.53 -24.88 12.73
C GLY A 47 0.65 -24.27 11.63
N THR A 48 1.26 -23.40 10.82
CA THR A 48 0.59 -22.67 9.78
C THR A 48 1.25 -23.00 8.43
N SER A 49 0.53 -22.61 7.37
CA SER A 49 0.98 -22.82 6.01
C SER A 49 2.30 -22.06 5.78
N PRO A 50 3.06 -22.51 4.77
CA PRO A 50 4.36 -21.92 4.48
C PRO A 50 4.19 -20.53 3.85
N TYR A 51 4.68 -19.52 4.58
CA TYR A 51 4.60 -18.13 4.18
C TYR A 51 6.01 -17.51 4.30
N THR A 52 6.54 -17.08 3.14
CA THR A 52 7.84 -16.44 3.10
C THR A 52 7.68 -14.94 3.41
N MET A 53 8.26 -14.55 4.54
CA MET A 53 8.28 -13.18 4.98
C MET A 53 9.66 -12.57 4.71
N CYS A 54 9.65 -11.23 4.55
CA CYS A 54 10.86 -10.46 4.33
C CYS A 54 11.18 -9.68 5.60
N ARG A 55 12.29 -10.09 6.23
CA ARG A 55 12.78 -9.50 7.46
C ARG A 55 14.31 -9.40 7.35
N LEU A 56 14.85 -8.30 7.90
CA LEU A 56 16.27 -8.05 7.88
C LEU A 56 16.58 -7.12 9.04
N ARG A 57 17.78 -7.28 9.62
CA ARG A 57 18.21 -6.42 10.71
C ARG A 57 17.18 -6.39 11.85
N GLY A 58 16.45 -7.51 12.01
CA GLY A 58 15.44 -7.58 13.05
C GLY A 58 14.27 -6.61 12.87
N ARG A 59 14.01 -6.23 11.62
CA ARG A 59 13.01 -5.24 11.28
C ARG A 59 12.25 -5.72 10.04
N GLU A 60 10.92 -5.77 10.17
CA GLU A 60 10.07 -6.15 9.08
C GLU A 60 10.08 -5.08 7.97
N VAL A 61 9.87 -5.60 6.75
CA VAL A 61 9.83 -4.76 5.56
C VAL A 61 8.56 -4.95 4.75
N CYS A 62 8.24 -6.22 4.46
CA CYS A 62 7.08 -6.53 3.64
C CYS A 62 6.84 -8.04 3.71
N SER A 63 5.85 -8.48 2.92
CA SER A 63 5.50 -9.87 2.79
C SER A 63 5.12 -10.14 1.32
N ILE A 64 5.29 -11.41 0.94
CA ILE A 64 4.95 -11.89 -0.39
C ILE A 64 3.82 -12.90 -0.27
N GLY A 65 2.98 -12.93 -1.31
CA GLY A 65 1.87 -13.85 -1.38
C GLY A 65 1.73 -14.44 -2.77
N ASP A 66 0.92 -15.50 -2.84
CA ASP A 66 0.61 -16.19 -4.07
C ASP A 66 -0.91 -16.27 -4.23
N LEU A 67 -1.32 -17.01 -5.27
CA LEU A 67 -2.71 -17.19 -5.61
C LEU A 67 -3.18 -18.64 -5.54
N GLY A 68 -2.26 -19.59 -5.67
CA GLY A 68 -2.62 -21.00 -5.70
C GLY A 68 -3.66 -21.24 -6.80
N GLU A 69 -4.90 -21.49 -6.35
CA GLU A 69 -6.01 -21.85 -7.21
C GLU A 69 -7.08 -20.75 -7.27
N ASN A 70 -6.67 -19.51 -6.94
CA ASN A 70 -7.58 -18.39 -6.86
C ASN A 70 -7.43 -17.52 -8.12
N PRO A 71 -8.37 -17.66 -9.07
CA PRO A 71 -8.29 -16.90 -10.31
C PRO A 71 -8.64 -15.43 -10.15
N GLY A 72 -9.44 -15.14 -9.11
CA GLY A 72 -9.87 -13.80 -8.78
C GLY A 72 -9.26 -13.33 -7.45
N PRO A 73 -7.98 -12.95 -7.48
CA PRO A 73 -7.34 -12.45 -6.27
C PRO A 73 -7.89 -11.04 -5.95
N ALA A 74 -7.36 -10.53 -4.82
CA ALA A 74 -7.76 -9.24 -4.31
C ALA A 74 -6.75 -8.13 -4.60
N LEU A 75 -5.46 -8.53 -4.62
CA LEU A 75 -4.37 -7.60 -4.79
C LEU A 75 -4.27 -7.17 -6.26
N GLY A 76 -3.97 -8.18 -7.11
CA GLY A 76 -3.83 -7.95 -8.53
C GLY A 76 -2.67 -7.00 -8.92
N GLY A 77 -1.63 -7.00 -8.07
CA GLY A 77 -0.46 -6.20 -8.26
C GLY A 77 -0.17 -5.37 -7.02
N TRP A 78 0.90 -4.57 -7.12
CA TRP A 78 1.21 -3.60 -6.09
C TRP A 78 -0.04 -2.75 -5.84
N SER A 79 -0.13 -2.26 -4.59
CA SER A 79 -1.19 -1.39 -4.18
C SER A 79 -0.83 -0.76 -2.84
N SER A 80 -1.45 0.41 -2.59
CA SER A 80 -1.28 1.15 -1.36
C SER A 80 -2.48 0.85 -0.44
N TYR A 81 -2.14 0.61 0.83
CA TYR A 81 -3.12 0.35 1.88
C TYR A 81 -3.25 1.58 2.78
N LEU A 82 -4.44 2.17 2.72
CA LEU A 82 -4.78 3.32 3.53
C LEU A 82 -5.52 2.85 4.79
N SER A 83 -5.30 3.57 5.89
CA SER A 83 -5.88 3.25 7.17
C SER A 83 -7.19 4.03 7.38
N VAL A 84 -8.25 3.23 7.60
CA VAL A 84 -9.59 3.73 7.76
C VAL A 84 -10.05 3.60 9.21
N ASP A 85 -11.07 4.42 9.55
CA ASP A 85 -11.63 4.42 10.88
C ASP A 85 -12.04 3.02 11.30
N ASP A 86 -12.60 2.30 10.32
CA ASP A 86 -13.05 0.93 10.50
C ASP A 86 -13.32 0.34 9.13
N ALA A 87 -13.13 -0.97 9.05
CA ALA A 87 -13.40 -1.72 7.83
C ALA A 87 -14.78 -1.33 7.28
N ASP A 88 -15.73 -1.36 8.22
CA ASP A 88 -17.11 -1.11 7.88
C ASP A 88 -17.36 0.36 7.64
N ALA A 89 -16.65 1.21 8.40
CA ALA A 89 -16.76 2.66 8.22
C ALA A 89 -16.53 3.01 6.76
N ALA A 90 -15.38 2.56 6.24
CA ALA A 90 -15.01 2.92 4.88
C ALA A 90 -16.07 2.36 3.93
N ALA A 91 -16.31 1.05 4.03
CA ALA A 91 -17.26 0.39 3.16
C ALA A 91 -18.64 1.07 3.17
N ALA A 92 -19.02 1.59 4.33
CA ALA A 92 -20.31 2.22 4.53
C ALA A 92 -20.39 3.58 3.85
N ALA A 93 -19.23 4.26 3.79
CA ALA A 93 -19.16 5.55 3.15
C ALA A 93 -18.94 5.42 1.65
N VAL A 94 -18.38 4.29 1.21
CA VAL A 94 -18.22 4.05 -0.21
C VAL A 94 -19.50 4.43 -0.98
N PRO A 95 -20.64 3.83 -0.63
CA PRO A 95 -21.86 4.13 -1.36
C PRO A 95 -22.35 5.57 -1.18
N GLU A 96 -22.00 6.18 -0.04
CA GLU A 96 -22.41 7.54 0.26
C GLU A 96 -21.81 8.54 -0.74
N LEU A 97 -20.63 8.19 -1.28
CA LEU A 97 -19.93 9.04 -2.21
C LEU A 97 -20.33 8.71 -3.66
N GLY A 98 -20.80 7.48 -3.84
CA GLY A 98 -21.23 6.97 -5.12
C GLY A 98 -20.27 5.94 -5.73
N GLY A 99 -19.54 5.23 -4.86
CA GLY A 99 -18.68 4.16 -5.29
C GLY A 99 -19.38 2.80 -5.14
N ALA A 100 -18.56 1.75 -5.30
CA ALA A 100 -19.02 0.38 -5.27
C ALA A 100 -17.98 -0.46 -4.53
N VAL A 101 -18.45 -1.20 -3.52
CA VAL A 101 -17.61 -2.13 -2.80
C VAL A 101 -17.45 -3.39 -3.66
N LEU A 102 -16.19 -3.84 -3.80
CA LEU A 102 -15.91 -5.01 -4.59
C LEU A 102 -15.67 -6.24 -3.71
N LEU A 103 -14.89 -6.02 -2.64
CA LEU A 103 -14.62 -7.05 -1.66
C LEU A 103 -14.96 -6.54 -0.27
N GLY A 104 -15.05 -7.51 0.66
CA GLY A 104 -15.33 -7.21 2.04
C GLY A 104 -16.79 -6.82 2.28
N PRO A 105 -17.12 -6.62 3.56
CA PRO A 105 -16.23 -6.79 4.70
C PRO A 105 -15.90 -8.28 4.92
N ILE A 106 -14.61 -8.55 5.19
CA ILE A 106 -14.13 -9.89 5.45
C ILE A 106 -13.24 -9.88 6.70
N ASP A 107 -13.26 -11.00 7.43
CA ASP A 107 -12.48 -11.20 8.63
C ASP A 107 -11.35 -12.19 8.34
N ILE A 108 -10.15 -11.64 8.13
CA ILE A 108 -8.98 -12.46 7.86
C ILE A 108 -8.49 -12.99 9.21
N LEU A 109 -8.73 -14.28 9.43
CA LEU A 109 -8.25 -14.99 10.61
C LEU A 109 -8.67 -14.30 11.91
N ALA A 110 -9.80 -13.57 11.82
CA ALA A 110 -10.31 -12.79 12.93
C ALA A 110 -9.23 -11.87 13.54
N GLN A 111 -8.28 -11.46 12.70
CA GLN A 111 -7.17 -10.63 13.14
C GLN A 111 -7.29 -9.22 12.57
N GLY A 112 -7.77 -9.13 11.32
CA GLY A 112 -7.93 -7.88 10.64
C GLY A 112 -8.98 -8.03 9.54
N ARG A 113 -9.13 -6.93 8.80
CA ARG A 113 -10.11 -6.81 7.73
C ARG A 113 -9.45 -6.01 6.60
N MET A 114 -9.59 -6.55 5.39
CA MET A 114 -9.09 -5.97 4.15
C MET A 114 -10.26 -5.98 3.16
N LEU A 115 -10.54 -4.82 2.57
CA LEU A 115 -11.59 -4.73 1.57
C LEU A 115 -11.15 -3.74 0.50
N LEU A 116 -11.74 -3.88 -0.69
CA LEU A 116 -11.44 -3.02 -1.82
C LEU A 116 -12.72 -2.36 -2.32
N ALA A 117 -12.56 -1.13 -2.82
CA ALA A 117 -13.63 -0.30 -3.33
C ALA A 117 -13.15 0.40 -4.60
N GLY A 118 -14.10 1.15 -5.20
CA GLY A 118 -13.85 1.86 -6.43
C GLY A 118 -14.95 1.58 -7.45
N ASP A 119 -14.52 1.47 -8.72
CA ASP A 119 -15.39 1.23 -9.84
C ASP A 119 -15.25 -0.23 -10.31
N PRO A 120 -16.30 -0.73 -10.95
CA PRO A 120 -16.30 -2.11 -11.43
C PRO A 120 -15.31 -2.38 -12.58
N SER A 121 -14.67 -1.30 -13.06
CA SER A 121 -13.61 -1.42 -14.03
C SER A 121 -12.46 -2.33 -13.56
N GLY A 122 -12.38 -2.50 -12.22
CA GLY A 122 -11.36 -3.34 -11.65
C GLY A 122 -10.35 -2.57 -10.78
N HIS A 123 -10.81 -1.42 -10.27
CA HIS A 123 -9.97 -0.58 -9.44
C HIS A 123 -10.07 -1.07 -7.99
N ARG A 124 -8.91 -1.46 -7.45
CA ARG A 124 -8.81 -1.94 -6.09
C ARG A 124 -8.01 -0.92 -5.27
N VAL A 125 -8.58 -0.56 -4.11
CA VAL A 125 -7.98 0.40 -3.21
C VAL A 125 -7.77 -0.29 -1.86
N GLY A 126 -6.49 -0.46 -1.48
CA GLY A 126 -6.16 -1.16 -0.25
C GLY A 126 -6.73 -0.40 0.96
N LEU A 127 -7.55 -1.09 1.74
CA LEU A 127 -8.19 -0.54 2.92
C LEU A 127 -7.97 -1.52 4.08
N TRP A 128 -7.23 -1.04 5.09
CA TRP A 128 -6.96 -1.78 6.30
C TRP A 128 -7.51 -1.01 7.51
N GLN A 129 -7.96 -1.81 8.51
CA GLN A 129 -8.57 -1.30 9.72
C GLN A 129 -7.50 -1.22 10.83
N ALA A 130 -6.99 0.00 11.05
CA ALA A 130 -6.00 0.23 12.08
C ALA A 130 -6.69 0.32 13.47
N LYS A 131 -6.39 -0.72 14.28
CA LYS A 131 -6.95 -0.84 15.62
C LYS A 131 -5.88 -0.88 16.71
N GLU A 132 -4.77 -1.60 16.42
CA GLU A 132 -3.66 -1.77 17.33
C GLU A 132 -2.45 -0.96 16.89
N HIS A 133 -2.12 -1.09 15.59
CA HIS A 133 -0.99 -0.40 15.00
C HIS A 133 -1.45 0.20 13.67
N THR A 134 -0.81 1.33 13.33
CA THR A 134 -1.04 2.03 12.09
C THR A 134 -0.07 1.61 10.97
N GLY A 135 1.13 1.20 11.38
CA GLY A 135 2.16 0.80 10.46
C GLY A 135 3.44 1.64 10.53
N SER A 136 3.81 2.06 11.75
CA SER A 136 5.04 2.80 11.94
C SER A 136 6.22 1.90 11.54
N GLY A 137 6.77 2.20 10.35
CA GLY A 137 7.88 1.44 9.85
C GLY A 137 9.09 1.59 10.76
N PRO A 138 10.04 0.66 10.59
CA PRO A 138 11.24 0.69 11.40
C PRO A 138 12.15 1.85 10.98
N ASP A 139 13.09 2.16 11.91
CA ASP A 139 14.02 3.26 11.75
C ASP A 139 15.38 2.79 11.23
N ASP A 140 15.30 1.82 10.30
CA ASP A 140 16.49 1.27 9.68
C ASP A 140 17.00 2.16 8.55
N GLY A 141 16.04 2.88 7.93
CA GLY A 141 16.34 3.83 6.88
C GLY A 141 16.10 3.19 5.50
N ILE A 142 17.21 2.74 4.90
CA ILE A 142 17.13 2.08 3.61
C ILE A 142 16.46 0.71 3.77
N GLY A 143 15.59 0.39 2.80
CA GLY A 143 14.91 -0.87 2.82
C GLY A 143 13.66 -0.90 3.70
N ALA A 144 13.25 0.29 4.15
CA ALA A 144 12.06 0.44 4.96
C ALA A 144 10.96 1.12 4.14
N TYR A 145 9.73 0.94 4.63
CA TYR A 145 8.59 1.60 4.04
C TYR A 145 8.88 3.11 3.95
N THR A 146 8.24 3.73 2.93
CA THR A 146 8.40 5.15 2.70
C THR A 146 7.08 5.91 2.84
N ARG A 147 6.12 5.56 1.96
CA ARG A 147 4.83 6.21 1.92
C ARG A 147 4.01 5.58 0.78
N SER A 148 2.76 6.04 0.71
CA SER A 148 1.76 5.52 -0.20
C SER A 148 1.24 6.63 -1.13
N GLU A 149 1.42 6.41 -2.44
CA GLU A 149 1.08 7.35 -3.48
C GLU A 149 0.36 6.60 -4.60
N LEU A 150 -0.71 7.20 -5.10
CA LEU A 150 -1.49 6.65 -6.19
C LEU A 150 -1.58 7.66 -7.32
N LEU A 151 -1.37 7.13 -8.54
CA LEU A 151 -1.38 7.93 -9.74
C LEU A 151 -2.69 7.64 -10.49
N THR A 152 -3.63 8.57 -10.37
CA THR A 152 -4.94 8.45 -10.99
C THR A 152 -5.16 9.59 -11.95
N GLY A 153 -5.86 9.30 -13.05
CA GLY A 153 -6.15 10.29 -14.06
C GLY A 153 -7.38 11.16 -13.78
N ALA A 154 -7.55 11.53 -12.49
CA ALA A 154 -8.74 12.24 -12.05
C ALA A 154 -8.62 12.53 -10.54
N SER A 155 -7.68 13.41 -10.19
CA SER A 155 -7.48 13.75 -8.78
C SER A 155 -8.79 14.22 -8.15
N ALA A 156 -9.54 15.04 -8.88
CA ALA A 156 -10.79 15.56 -8.39
C ALA A 156 -11.70 14.43 -7.87
N THR A 157 -11.73 13.32 -8.62
CA THR A 157 -12.54 12.18 -8.26
C THR A 157 -11.96 11.44 -7.06
N ASP A 158 -10.69 11.05 -7.18
CA ASP A 158 -10.10 10.26 -6.13
C ASP A 158 -10.13 11.01 -4.81
N GLY A 159 -9.81 12.30 -4.87
CA GLY A 159 -9.85 13.14 -3.70
C GLY A 159 -11.19 13.02 -2.98
N ALA A 160 -12.28 13.01 -3.75
CA ALA A 160 -13.61 12.87 -3.21
C ALA A 160 -13.80 11.53 -2.50
N PHE A 161 -13.18 10.49 -3.06
CA PHE A 161 -13.23 9.16 -2.47
C PHE A 161 -12.50 9.15 -1.12
N TYR A 162 -11.31 9.74 -1.12
CA TYR A 162 -10.48 9.75 0.07
C TYR A 162 -11.11 10.65 1.14
N ARG A 163 -11.50 11.85 0.74
CA ARG A 163 -12.08 12.77 1.71
C ARG A 163 -13.39 12.23 2.30
N GLY A 164 -14.00 11.26 1.62
CA GLY A 164 -15.22 10.65 2.07
C GLY A 164 -14.99 9.48 3.02
N LEU A 165 -13.99 8.63 2.70
CA LEU A 165 -13.77 7.46 3.52
C LEU A 165 -12.86 7.74 4.72
N PHE A 166 -12.03 8.76 4.55
CA PHE A 166 -11.01 9.16 5.50
C PHE A 166 -11.19 10.60 5.98
N GLY A 167 -11.43 11.50 5.01
CA GLY A 167 -11.76 12.87 5.35
C GLY A 167 -12.92 12.95 6.34
N ALA A 168 -13.02 14.14 6.95
CA ALA A 168 -14.04 14.43 7.94
C ALA A 168 -15.44 14.17 7.39
N ASP A 169 -15.58 14.41 6.08
CA ASP A 169 -16.81 14.15 5.35
C ASP A 169 -17.44 12.82 5.76
N PHE A 170 -16.59 11.83 6.09
CA PHE A 170 -17.09 10.53 6.48
C PHE A 170 -18.21 10.64 7.51
N ALA A 171 -17.91 11.40 8.58
CA ALA A 171 -18.83 11.59 9.67
C ALA A 171 -19.47 12.98 9.67
N THR A 172 -19.16 13.76 8.63
CA THR A 172 -19.68 15.09 8.45
C THR A 172 -19.60 15.90 9.75
N GLU A 173 -18.43 15.79 10.41
CA GLU A 173 -18.21 16.42 11.70
C GLU A 173 -16.72 16.54 11.93
N SER A 174 -16.39 17.26 13.01
CA SER A 174 -15.03 17.44 13.47
C SER A 174 -15.03 17.38 15.01
N GLY A 175 -13.90 16.87 15.54
CA GLY A 175 -13.67 16.83 16.97
C GLY A 175 -13.08 15.52 17.46
N THR A 176 -13.47 14.42 16.79
CA THR A 176 -13.06 13.09 17.17
C THR A 176 -12.33 12.37 16.01
N ASP A 177 -11.38 13.12 15.43
CA ASP A 177 -10.61 12.62 14.32
C ASP A 177 -9.19 12.27 14.78
N GLY A 178 -8.61 11.28 14.09
CA GLY A 178 -7.27 10.83 14.40
C GLY A 178 -6.18 11.84 14.02
N GLY A 179 -6.42 12.55 12.90
CA GLY A 179 -5.52 13.62 12.52
C GLY A 179 -4.13 13.13 12.11
N GLY A 180 -4.11 11.95 11.47
CA GLY A 180 -2.85 11.31 11.14
C GLY A 180 -3.02 10.24 10.05
N ARG A 181 -3.75 10.65 9.01
CA ARG A 181 -4.00 9.81 7.85
C ARG A 181 -2.86 10.02 6.83
N ARG A 182 -2.54 8.93 6.12
CA ARG A 182 -1.52 8.96 5.09
C ARG A 182 -2.18 8.57 3.75
N ALA A 183 -1.98 9.42 2.74
CA ALA A 183 -2.46 9.18 1.40
C ALA A 183 -1.97 10.32 0.51
N ALA A 184 -2.05 10.08 -0.81
CA ALA A 184 -1.66 11.05 -1.81
C ALA A 184 -2.09 10.52 -3.17
N ILE A 185 -2.68 11.43 -3.96
CA ILE A 185 -3.19 11.14 -5.28
C ILE A 185 -2.75 12.26 -6.22
N ARG A 186 -1.85 11.92 -7.15
CA ARG A 186 -1.40 12.86 -8.16
C ARG A 186 -2.12 12.57 -9.48
N GLN A 187 -2.39 13.69 -10.19
CA GLN A 187 -2.99 13.72 -11.53
C GLN A 187 -1.87 13.70 -12.57
N VAL A 188 -1.84 12.61 -13.34
CA VAL A 188 -0.90 12.38 -14.43
C VAL A 188 -1.52 11.34 -15.37
N GLY A 189 -0.80 11.09 -16.47
CA GLY A 189 -1.17 10.05 -17.42
C GLY A 189 -0.23 10.01 -18.62
N PRO A 190 -0.12 11.14 -19.34
CA PRO A 190 0.72 11.16 -20.53
C PRO A 190 2.21 11.14 -20.18
N ALA A 191 2.55 11.89 -19.12
CA ALA A 191 3.92 12.07 -18.69
C ALA A 191 4.24 11.33 -17.38
N ALA A 192 3.43 10.31 -17.07
CA ALA A 192 3.68 9.48 -15.90
C ALA A 192 2.68 8.32 -15.90
N PRO A 193 3.08 7.21 -15.27
CA PRO A 193 2.24 6.03 -15.20
C PRO A 193 1.01 6.28 -14.32
N SER A 194 0.19 5.22 -14.23
CA SER A 194 -1.05 5.22 -13.49
C SER A 194 -1.18 3.90 -12.75
N GLY A 195 -1.77 3.99 -11.55
CA GLY A 195 -1.99 2.84 -10.70
C GLY A 195 -1.52 3.10 -9.26
N TRP A 196 -1.80 2.10 -8.43
CA TRP A 196 -1.53 2.12 -7.01
C TRP A 196 -0.16 1.47 -6.73
N TYR A 197 0.79 2.29 -6.28
CA TYR A 197 2.10 1.74 -5.99
C TYR A 197 2.85 2.68 -5.05
N PRO A 198 3.03 2.23 -3.79
CA PRO A 198 3.78 3.04 -2.85
C PRO A 198 5.24 3.16 -3.28
N CYS A 199 5.90 4.12 -2.59
CA CYS A 199 7.32 4.37 -2.74
C CYS A 199 8.10 3.62 -1.66
N PHE A 200 9.40 3.46 -1.94
CA PHE A 200 10.31 2.76 -1.07
C PHE A 200 11.70 3.41 -1.15
N ARG A 201 12.42 3.35 -0.04
CA ARG A 201 13.74 3.94 0.10
C ARG A 201 14.84 2.91 -0.16
N ALA A 202 15.78 3.28 -1.02
CA ALA A 202 16.90 2.41 -1.34
C ALA A 202 18.13 3.24 -1.72
N GLN A 203 19.19 2.50 -2.07
CA GLN A 203 20.46 3.08 -2.47
C GLN A 203 20.52 3.22 -4.00
N GLU A 204 21.41 4.11 -4.45
CA GLU A 204 21.62 4.29 -5.88
C GLU A 204 21.92 2.98 -6.58
N SER A 205 22.66 2.09 -5.90
CA SER A 205 23.05 0.81 -6.47
C SER A 205 21.84 -0.09 -6.81
N ALA A 206 20.70 0.21 -6.20
CA ALA A 206 19.48 -0.55 -6.46
C ALA A 206 18.91 -0.24 -7.84
N VAL A 207 19.10 1.01 -8.31
CA VAL A 207 18.63 1.39 -9.63
C VAL A 207 19.08 0.35 -10.67
N PRO A 208 20.40 0.17 -10.85
CA PRO A 208 20.84 -0.78 -11.85
C PRO A 208 20.49 -2.22 -11.49
N ALA A 209 20.37 -2.51 -10.20
CA ALA A 209 20.01 -3.84 -9.74
C ALA A 209 18.75 -4.33 -10.47
N ALA A 210 17.82 -3.41 -10.75
CA ALA A 210 16.61 -3.78 -11.45
C ALA A 210 16.85 -3.86 -12.96
N VAL A 211 17.62 -2.89 -13.47
CA VAL A 211 17.91 -2.83 -14.89
C VAL A 211 18.52 -4.14 -15.38
N MET A 212 19.54 -4.62 -14.66
CA MET A 212 20.24 -5.82 -15.06
C MET A 212 19.29 -7.03 -15.25
N LEU A 213 18.20 -7.03 -14.50
CA LEU A 213 17.21 -8.10 -14.58
C LEU A 213 16.31 -7.98 -15.81
N GLY A 214 16.22 -6.77 -16.34
CA GLY A 214 15.42 -6.47 -17.50
C GLY A 214 14.13 -5.72 -17.19
N ALA A 215 14.17 -4.92 -16.11
CA ALA A 215 13.02 -4.14 -15.72
C ALA A 215 12.64 -3.16 -16.83
N SER A 216 11.37 -2.76 -16.82
CA SER A 216 10.85 -1.86 -17.84
C SER A 216 10.83 -0.42 -17.32
N VAL A 217 11.36 0.48 -18.15
CA VAL A 217 11.41 1.90 -17.84
C VAL A 217 10.13 2.60 -18.31
N LEU A 218 9.53 3.36 -17.37
CA LEU A 218 8.35 4.15 -17.67
C LEU A 218 8.60 5.63 -17.38
N LEU A 219 9.08 5.91 -16.16
CA LEU A 219 9.22 7.29 -15.71
C LEU A 219 10.17 7.28 -14.50
N ARG A 220 11.22 8.09 -14.59
CA ARG A 220 12.19 8.18 -13.51
C ARG A 220 12.66 9.63 -13.26
N TYR A 221 11.66 10.50 -13.02
CA TYR A 221 11.90 11.90 -12.81
C TYR A 221 10.57 12.55 -12.47
N ASP A 222 10.62 13.88 -12.26
CA ASP A 222 9.43 14.70 -12.03
C ASP A 222 8.74 14.27 -10.73
N CYS A 223 9.52 14.41 -9.63
CA CYS A 223 9.03 14.04 -8.32
C CYS A 223 9.35 15.14 -7.32
N PRO A 224 8.54 15.21 -6.26
CA PRO A 224 8.69 16.28 -5.27
C PRO A 224 9.98 16.20 -4.48
N ASP A 225 10.49 14.97 -4.35
CA ASP A 225 11.72 14.66 -3.66
C ASP A 225 12.95 14.72 -4.58
N GLY A 226 12.74 14.90 -5.88
CA GLY A 226 13.80 14.96 -6.86
C GLY A 226 13.98 13.64 -7.62
N PRO A 227 15.04 12.89 -7.30
CA PRO A 227 15.36 11.68 -8.05
C PRO A 227 14.35 10.56 -7.77
N ALA A 228 13.73 10.07 -8.85
CA ALA A 228 12.71 9.04 -8.76
C ALA A 228 12.95 8.00 -9.84
N VAL A 229 12.55 6.76 -9.53
CA VAL A 229 12.72 5.66 -10.47
C VAL A 229 11.49 4.75 -10.38
N VAL A 230 10.71 4.73 -11.47
CA VAL A 230 9.56 3.85 -11.57
C VAL A 230 9.87 2.83 -12.67
N VAL A 231 9.94 1.57 -12.26
CA VAL A 231 10.08 0.45 -13.15
C VAL A 231 8.86 -0.46 -13.04
N SER A 232 8.58 -1.10 -14.20
CA SER A 232 7.52 -2.08 -14.28
C SER A 232 8.15 -3.48 -14.37
N ALA A 233 7.70 -4.32 -13.44
CA ALA A 233 8.15 -5.70 -13.34
C ALA A 233 7.63 -6.49 -14.56
N PRO A 234 8.34 -7.58 -14.90
CA PRO A 234 8.02 -8.31 -16.11
C PRO A 234 6.64 -8.95 -16.06
N GLY A 235 6.20 -9.28 -14.83
CA GLY A 235 4.89 -9.86 -14.62
C GLY A 235 3.71 -8.90 -14.82
N GLY A 236 4.00 -7.59 -14.78
CA GLY A 236 2.98 -6.59 -14.92
C GLY A 236 2.80 -5.66 -13.72
N GLU A 237 3.77 -5.68 -12.81
CA GLU A 237 3.65 -4.97 -11.55
C GLU A 237 4.36 -3.63 -11.71
N VAL A 238 4.06 -2.66 -10.83
CA VAL A 238 4.62 -1.33 -10.95
C VAL A 238 4.95 -0.83 -9.53
N PHE A 239 6.13 -0.23 -9.38
CA PHE A 239 6.56 0.28 -8.09
C PHE A 239 7.62 1.37 -8.29
N THR A 240 7.73 2.24 -7.27
CA THR A 240 8.63 3.37 -7.32
C THR A 240 9.72 3.29 -6.25
N LEU A 241 10.92 3.64 -6.69
CA LEU A 241 12.14 3.62 -5.90
C LEU A 241 12.68 5.04 -5.76
N LEU A 242 12.88 5.43 -4.50
CA LEU A 242 13.43 6.72 -4.14
C LEU A 242 14.75 6.50 -3.42
N LEU A 243 15.80 7.11 -3.97
CA LEU A 243 17.13 7.02 -3.40
C LEU A 243 17.23 7.95 -2.18
N THR A 244 17.71 7.36 -1.07
CA THR A 244 17.91 8.06 0.17
C THR A 244 19.05 7.37 0.94
N ASP A 245 19.66 8.15 1.82
CA ASP A 245 20.77 7.79 2.68
C ASP A 245 21.06 9.04 3.57
N GLY A 1 -24.46 -9.66 22.18
CA GLY A 1 -23.53 -8.98 23.12
C GLY A 1 -22.56 -8.01 22.42
N SER A 2 -21.67 -8.64 21.62
CA SER A 2 -20.71 -7.92 20.79
C SER A 2 -20.00 -6.80 21.58
N HIS A 3 -19.69 -7.14 22.85
CA HIS A 3 -19.00 -6.25 23.75
C HIS A 3 -17.49 -6.25 23.40
N MET A 4 -17.19 -5.46 22.36
CA MET A 4 -15.83 -5.24 21.92
C MET A 4 -15.07 -4.44 23.00
N SER A 5 -13.80 -4.16 22.67
CA SER A 5 -12.95 -3.36 23.52
C SER A 5 -13.64 -2.00 23.83
N HIS A 6 -13.13 -1.39 24.91
CA HIS A 6 -13.67 -0.17 25.45
C HIS A 6 -12.57 0.89 25.66
N ASP A 7 -11.63 0.91 24.72
CA ASP A 7 -10.53 1.86 24.74
C ASP A 7 -10.23 2.33 23.33
N ALA A 8 -10.11 3.66 23.18
CA ALA A 8 -9.80 4.29 21.90
C ALA A 8 -8.35 4.77 21.90
N VAL A 9 -7.57 4.22 20.95
CA VAL A 9 -6.17 4.55 20.82
C VAL A 9 -5.99 5.43 19.57
N ARG A 10 -5.03 6.37 19.67
CA ARG A 10 -4.75 7.32 18.61
C ARG A 10 -3.26 7.24 18.24
N PRO A 11 -2.94 6.47 17.19
CA PRO A 11 -1.56 6.33 16.75
C PRO A 11 -1.09 7.61 16.05
N ALA A 12 0.22 7.59 15.74
CA ALA A 12 0.90 8.73 15.13
C ALA A 12 0.79 8.64 13.60
N PRO A 13 0.03 9.55 13.00
CA PRO A 13 -0.19 9.50 11.56
C PRO A 13 1.07 9.99 10.81
N GLY A 14 1.23 9.44 9.60
CA GLY A 14 2.37 9.74 8.76
C GLY A 14 3.15 8.52 8.32
N GLU A 15 3.22 7.53 9.23
CA GLU A 15 3.91 6.30 8.94
C GLU A 15 3.12 5.47 7.92
N PRO A 16 3.83 4.66 7.14
CA PRO A 16 3.18 3.77 6.18
C PRO A 16 2.38 2.69 6.91
N THR A 17 1.20 2.38 6.34
CA THR A 17 0.29 1.43 6.96
C THR A 17 0.78 -0.01 6.79
N TRP A 18 0.76 -0.46 5.53
CA TRP A 18 1.18 -1.79 5.12
C TRP A 18 1.13 -1.82 3.60
N VAL A 19 1.85 -2.79 3.03
CA VAL A 19 1.88 -3.02 1.59
C VAL A 19 2.15 -4.52 1.38
N ASP A 20 1.22 -5.20 0.70
CA ASP A 20 1.35 -6.61 0.36
C ASP A 20 1.37 -6.77 -1.15
N LEU A 21 2.22 -7.67 -1.62
CA LEU A 21 2.31 -8.00 -3.03
C LEU A 21 2.13 -9.51 -3.21
N LEU A 22 1.01 -9.85 -3.87
CA LEU A 22 0.67 -11.21 -4.24
C LEU A 22 1.43 -11.59 -5.51
N THR A 23 1.76 -12.89 -5.60
CA THR A 23 2.45 -13.42 -6.75
C THR A 23 1.99 -14.85 -7.01
N PRO A 24 2.04 -15.27 -8.29
CA PRO A 24 1.65 -16.63 -8.62
C PRO A 24 2.60 -17.66 -8.02
N ASP A 25 3.88 -17.27 -7.95
CA ASP A 25 4.93 -18.15 -7.49
C ASP A 25 5.78 -17.42 -6.45
N ARG A 26 5.39 -17.60 -5.18
CA ARG A 26 6.06 -16.92 -4.08
C ARG A 26 7.56 -17.21 -4.12
N GLY A 27 7.89 -18.51 -4.21
CA GLY A 27 9.29 -18.89 -4.26
C GLY A 27 10.09 -18.06 -5.27
N ALA A 28 9.46 -17.82 -6.42
CA ALA A 28 10.10 -17.08 -7.49
C ALA A 28 10.10 -15.59 -7.21
N ALA A 29 9.03 -15.11 -6.59
CA ALA A 29 8.94 -13.72 -6.22
C ALA A 29 10.17 -13.32 -5.39
N LEU A 30 10.53 -14.21 -4.46
CA LEU A 30 11.64 -13.92 -3.58
C LEU A 30 12.96 -13.84 -4.34
N GLN A 31 13.00 -14.43 -5.53
CA GLN A 31 14.19 -14.42 -6.37
C GLN A 31 14.32 -13.11 -7.16
N PHE A 32 13.17 -12.64 -7.69
CA PHE A 32 13.16 -11.41 -8.45
C PHE A 32 13.05 -10.19 -7.52
N TYR A 33 11.94 -10.12 -6.77
CA TYR A 33 11.67 -8.97 -5.94
C TYR A 33 12.83 -8.71 -4.98
N SER A 34 13.24 -9.77 -4.27
CA SER A 34 14.28 -9.60 -3.29
C SER A 34 15.62 -9.21 -3.93
N ALA A 35 15.80 -9.53 -5.21
CA ALA A 35 16.98 -9.17 -5.96
C ALA A 35 17.04 -7.68 -6.31
N LEU A 36 15.91 -6.99 -6.15
CA LEU A 36 15.83 -5.58 -6.47
C LEU A 36 16.43 -4.74 -5.33
N PHE A 37 15.93 -5.06 -4.12
CA PHE A 37 16.33 -4.37 -2.92
C PHE A 37 17.52 -5.03 -2.21
N GLY A 38 17.59 -6.35 -2.31
CA GLY A 38 18.61 -7.16 -1.69
C GLY A 38 18.25 -7.56 -0.26
N TRP A 39 16.99 -8.00 -0.10
CA TRP A 39 16.48 -8.41 1.18
C TRP A 39 16.68 -9.91 1.40
N GLU A 40 16.43 -10.32 2.66
CA GLU A 40 16.54 -11.71 3.05
C GLU A 40 15.16 -12.31 3.30
N PHE A 41 15.16 -13.66 3.23
CA PHE A 41 13.96 -14.44 3.45
C PHE A 41 13.90 -14.89 4.92
N SER A 42 12.70 -15.33 5.31
CA SER A 42 12.47 -15.85 6.64
C SER A 42 11.74 -17.19 6.55
N THR A 43 11.95 -18.00 7.60
CA THR A 43 11.38 -19.32 7.70
C THR A 43 10.17 -19.29 8.64
N THR A 44 9.16 -20.09 8.29
CA THR A 44 7.95 -20.19 9.09
C THR A 44 7.91 -21.56 9.78
N SER A 45 7.01 -21.69 10.76
CA SER A 45 6.79 -22.95 11.43
C SER A 45 6.03 -23.91 10.50
N ASP A 46 6.23 -25.21 10.76
CA ASP A 46 5.58 -26.26 9.99
C ASP A 46 4.28 -26.66 10.69
N GLY A 47 3.36 -27.19 9.87
CA GLY A 47 2.06 -27.62 10.35
C GLY A 47 0.96 -26.57 10.23
N THR A 48 1.38 -25.30 10.27
CA THR A 48 0.51 -24.17 10.12
C THR A 48 0.77 -23.50 8.76
N SER A 49 -0.12 -22.55 8.44
CA SER A 49 -0.09 -21.82 7.19
C SER A 49 1.31 -21.20 6.99
N PRO A 50 2.03 -21.63 5.95
CA PRO A 50 3.40 -21.17 5.78
C PRO A 50 3.46 -19.80 5.08
N TYR A 51 3.81 -18.78 5.87
CA TYR A 51 3.85 -17.40 5.44
C TYR A 51 5.28 -16.85 5.58
N THR A 52 5.91 -16.59 4.43
CA THR A 52 7.26 -16.06 4.39
C THR A 52 7.23 -14.52 4.51
N MET A 53 7.77 -14.05 5.64
CA MET A 53 7.83 -12.64 5.96
C MET A 53 9.25 -12.12 5.66
N CYS A 54 9.33 -11.15 4.72
CA CYS A 54 10.60 -10.58 4.30
C CYS A 54 11.06 -9.54 5.35
N ARG A 55 12.11 -9.93 6.07
CA ARG A 55 12.65 -9.13 7.15
C ARG A 55 14.19 -9.16 7.07
N LEU A 56 14.78 -8.04 7.52
CA LEU A 56 16.22 -7.84 7.47
C LEU A 56 16.60 -6.88 8.59
N ARG A 57 17.83 -7.04 9.10
CA ARG A 57 18.34 -6.14 10.12
C ARG A 57 17.38 -6.04 11.33
N GLY A 58 16.62 -7.13 11.56
CA GLY A 58 15.66 -7.14 12.64
C GLY A 58 14.60 -6.04 12.55
N ARG A 59 14.30 -5.60 11.33
CA ARG A 59 13.40 -4.52 11.09
C ARG A 59 12.41 -4.91 9.98
N GLU A 60 11.12 -4.75 10.30
CA GLU A 60 10.06 -5.10 9.37
C GLU A 60 10.02 -4.10 8.21
N VAL A 61 9.94 -4.66 6.99
CA VAL A 61 9.89 -3.88 5.78
C VAL A 61 8.66 -4.17 4.95
N CYS A 62 8.35 -5.47 4.74
CA CYS A 62 7.25 -5.85 3.89
C CYS A 62 6.94 -7.33 4.12
N SER A 63 6.04 -7.86 3.29
CA SER A 63 5.68 -9.26 3.30
C SER A 63 5.16 -9.64 1.91
N ILE A 64 5.25 -10.95 1.64
CA ILE A 64 4.82 -11.53 0.38
C ILE A 64 3.67 -12.50 0.64
N GLY A 65 2.76 -12.56 -0.34
CA GLY A 65 1.63 -13.45 -0.27
C GLY A 65 1.38 -14.15 -1.60
N ASP A 66 0.47 -15.11 -1.56
CA ASP A 66 0.08 -15.91 -2.69
C ASP A 66 -1.44 -15.93 -2.78
N LEU A 67 -1.93 -16.71 -3.76
CA LEU A 67 -3.33 -16.85 -4.03
C LEU A 67 -3.86 -18.26 -3.83
N GLY A 68 -2.99 -19.27 -3.93
CA GLY A 68 -3.42 -20.66 -3.82
C GLY A 68 -4.53 -20.93 -4.85
N GLU A 69 -5.76 -21.08 -4.31
CA GLU A 69 -6.92 -21.45 -5.08
C GLU A 69 -7.94 -20.31 -5.18
N ASN A 70 -7.45 -19.07 -5.00
CA ASN A 70 -8.29 -17.89 -4.97
C ASN A 70 -8.18 -17.14 -6.31
N PRO A 71 -9.18 -17.32 -7.18
CA PRO A 71 -9.13 -16.68 -8.50
C PRO A 71 -9.40 -15.18 -8.46
N GLY A 72 -10.12 -14.75 -7.42
CA GLY A 72 -10.47 -13.36 -7.21
C GLY A 72 -9.79 -12.78 -5.98
N PRO A 73 -8.49 -12.46 -6.09
CA PRO A 73 -7.77 -11.91 -4.96
C PRO A 73 -8.18 -10.44 -4.72
N ALA A 74 -7.66 -9.93 -3.59
CA ALA A 74 -7.96 -8.60 -3.12
C ALA A 74 -6.89 -7.57 -3.50
N LEU A 75 -5.64 -8.05 -3.54
CA LEU A 75 -4.48 -7.20 -3.78
C LEU A 75 -4.43 -6.77 -5.26
N GLY A 76 -4.29 -7.78 -6.13
CA GLY A 76 -4.20 -7.54 -7.55
C GLY A 76 -2.98 -6.74 -8.01
N GLY A 77 -1.91 -6.81 -7.20
CA GLY A 77 -0.69 -6.10 -7.46
C GLY A 77 -0.36 -5.15 -6.30
N TRP A 78 0.75 -4.41 -6.49
CA TRP A 78 1.11 -3.38 -5.55
C TRP A 78 -0.09 -2.44 -5.36
N SER A 79 -0.11 -1.79 -4.19
CA SER A 79 -1.08 -0.79 -3.86
C SER A 79 -0.67 -0.08 -2.59
N SER A 80 -1.18 1.14 -2.43
CA SER A 80 -1.02 1.89 -1.20
C SER A 80 -2.24 1.69 -0.30
N TYR A 81 -1.94 1.45 0.99
CA TYR A 81 -2.95 1.33 2.01
C TYR A 81 -2.98 2.61 2.88
N LEU A 82 -4.18 3.12 3.03
CA LEU A 82 -4.45 4.30 3.83
C LEU A 82 -5.25 3.87 5.07
N SER A 83 -4.86 4.45 6.21
CA SER A 83 -5.45 4.16 7.51
C SER A 83 -6.66 5.08 7.77
N VAL A 84 -7.83 4.45 7.83
CA VAL A 84 -9.08 5.15 8.01
C VAL A 84 -9.51 5.10 9.48
N ASP A 85 -10.52 5.93 9.79
CA ASP A 85 -11.08 5.98 11.13
C ASP A 85 -11.56 4.60 11.57
N ASP A 86 -12.15 3.89 10.59
CA ASP A 86 -12.68 2.57 10.79
C ASP A 86 -13.00 1.97 9.44
N ALA A 87 -12.90 0.64 9.34
CA ALA A 87 -13.29 -0.05 8.13
C ALA A 87 -14.66 0.45 7.66
N ASP A 88 -15.58 0.51 8.63
CA ASP A 88 -16.93 0.88 8.32
C ASP A 88 -17.06 2.36 8.02
N ALA A 89 -16.26 3.17 8.72
CA ALA A 89 -16.28 4.61 8.54
C ALA A 89 -16.06 4.94 7.06
N ALA A 90 -14.94 4.41 6.53
CA ALA A 90 -14.57 4.71 5.15
C ALA A 90 -15.66 4.18 4.23
N ALA A 91 -15.96 2.89 4.37
CA ALA A 91 -16.96 2.26 3.53
C ALA A 91 -18.28 3.03 3.52
N ALA A 92 -18.63 3.61 4.67
CA ALA A 92 -19.87 4.34 4.84
C ALA A 92 -19.87 5.66 4.08
N ALA A 93 -18.68 6.25 3.97
CA ALA A 93 -18.52 7.51 3.26
C ALA A 93 -18.36 7.28 1.76
N VAL A 94 -17.88 6.10 1.37
CA VAL A 94 -17.76 5.78 -0.03
C VAL A 94 -19.02 6.20 -0.79
N PRO A 95 -20.19 5.68 -0.42
CA PRO A 95 -21.41 6.02 -1.15
C PRO A 95 -21.79 7.49 -1.04
N GLU A 96 -21.41 8.13 0.08
CA GLU A 96 -21.72 9.53 0.30
C GLU A 96 -21.08 10.43 -0.77
N LEU A 97 -19.94 9.97 -1.29
CA LEU A 97 -19.22 10.73 -2.30
C LEU A 97 -19.66 10.35 -3.72
N GLY A 98 -20.23 9.14 -3.81
CA GLY A 98 -20.71 8.60 -5.06
C GLY A 98 -19.86 7.45 -5.60
N GLY A 99 -19.19 6.74 -4.69
CA GLY A 99 -18.43 5.57 -5.05
C GLY A 99 -19.19 4.29 -4.72
N ALA A 100 -18.44 3.18 -4.80
CA ALA A 100 -18.99 1.86 -4.60
C ALA A 100 -17.96 1.04 -3.82
N VAL A 101 -18.46 0.28 -2.83
CA VAL A 101 -17.64 -0.62 -2.05
C VAL A 101 -17.61 -1.98 -2.75
N LEU A 102 -16.40 -2.49 -2.95
CA LEU A 102 -16.22 -3.75 -3.64
C LEU A 102 -16.02 -4.91 -2.65
N LEU A 103 -15.09 -4.68 -1.72
CA LEU A 103 -14.79 -5.64 -0.68
C LEU A 103 -15.08 -5.03 0.68
N GLY A 104 -15.16 -5.92 1.69
CA GLY A 104 -15.40 -5.51 3.05
C GLY A 104 -16.85 -5.02 3.25
N PRO A 105 -17.15 -4.70 4.52
CA PRO A 105 -16.28 -4.88 5.66
C PRO A 105 -16.07 -6.38 5.95
N ILE A 106 -14.80 -6.73 6.25
CA ILE A 106 -14.43 -8.09 6.58
C ILE A 106 -13.52 -8.07 7.82
N ASP A 107 -13.59 -9.19 8.56
CA ASP A 107 -12.82 -9.37 9.79
C ASP A 107 -11.75 -10.44 9.55
N ILE A 108 -10.54 -9.96 9.25
CA ILE A 108 -9.43 -10.85 8.98
C ILE A 108 -8.89 -11.35 10.32
N LEU A 109 -9.31 -12.56 10.68
CA LEU A 109 -8.85 -13.24 11.88
C LEU A 109 -9.03 -12.38 13.14
N ALA A 110 -10.06 -11.51 13.08
CA ALA A 110 -10.35 -10.58 14.15
C ALA A 110 -9.11 -9.76 14.56
N GLN A 111 -8.21 -9.57 13.58
CA GLN A 111 -6.98 -8.84 13.83
C GLN A 111 -7.01 -7.49 13.10
N GLY A 112 -7.58 -7.47 11.90
CA GLY A 112 -7.68 -6.28 11.10
C GLY A 112 -8.85 -6.38 10.14
N ARG A 113 -8.98 -5.33 9.33
CA ARG A 113 -10.05 -5.18 8.36
C ARG A 113 -9.45 -4.51 7.12
N MET A 114 -9.68 -5.16 5.97
CA MET A 114 -9.19 -4.69 4.68
C MET A 114 -10.38 -4.65 3.72
N LEU A 115 -10.58 -3.49 3.09
CA LEU A 115 -11.67 -3.34 2.14
C LEU A 115 -11.20 -2.42 1.00
N LEU A 116 -11.85 -2.59 -0.16
CA LEU A 116 -11.58 -1.77 -1.32
C LEU A 116 -12.84 -1.02 -1.76
N ALA A 117 -12.61 0.15 -2.36
CA ALA A 117 -13.64 1.05 -2.83
C ALA A 117 -13.18 1.74 -4.12
N GLY A 118 -14.12 2.53 -4.66
CA GLY A 118 -13.89 3.26 -5.89
C GLY A 118 -14.99 2.96 -6.91
N ASP A 119 -14.57 2.73 -8.15
CA ASP A 119 -15.46 2.49 -9.26
C ASP A 119 -15.53 1.01 -9.57
N PRO A 120 -16.64 0.58 -10.18
CA PRO A 120 -16.85 -0.82 -10.51
C PRO A 120 -15.91 -1.34 -11.61
N SER A 121 -15.16 -0.42 -12.22
CA SER A 121 -14.11 -0.78 -13.16
C SER A 121 -13.09 -1.75 -12.55
N GLY A 122 -12.99 -1.74 -11.21
CA GLY A 122 -12.08 -2.61 -10.51
C GLY A 122 -10.99 -1.89 -9.73
N HIS A 123 -11.29 -0.63 -9.35
CA HIS A 123 -10.35 0.15 -8.58
C HIS A 123 -10.22 -0.43 -7.16
N ARG A 124 -8.97 -0.76 -6.81
CA ARG A 124 -8.67 -1.35 -5.53
C ARG A 124 -7.81 -0.35 -4.72
N VAL A 125 -8.46 0.25 -3.71
CA VAL A 125 -7.83 1.24 -2.85
C VAL A 125 -7.63 0.61 -1.47
N GLY A 126 -6.36 0.38 -1.11
CA GLY A 126 -6.07 -0.26 0.16
C GLY A 126 -6.56 0.59 1.33
N LEU A 127 -7.41 -0.02 2.16
CA LEU A 127 -7.99 0.64 3.32
C LEU A 127 -7.85 -0.32 4.51
N TRP A 128 -7.12 0.16 5.53
CA TRP A 128 -6.90 -0.56 6.77
C TRP A 128 -7.47 0.26 7.93
N GLN A 129 -7.97 -0.48 8.93
CA GLN A 129 -8.62 0.07 10.11
C GLN A 129 -7.59 0.18 11.26
N ALA A 130 -7.05 1.38 11.44
CA ALA A 130 -6.04 1.61 12.45
C ALA A 130 -6.70 1.79 13.83
N LYS A 131 -6.48 0.77 14.68
CA LYS A 131 -7.05 0.72 16.02
C LYS A 131 -6.00 0.70 17.13
N GLU A 132 -4.89 -0.02 16.85
CA GLU A 132 -3.78 -0.20 17.76
C GLU A 132 -2.59 0.66 17.31
N HIS A 133 -2.29 0.57 16.00
CA HIS A 133 -1.14 1.26 15.45
C HIS A 133 -1.37 1.46 13.95
N THR A 134 -0.56 2.38 13.40
CA THR A 134 -0.55 2.73 11.99
C THR A 134 0.65 2.11 11.25
N GLY A 135 1.06 0.91 11.73
CA GLY A 135 2.11 0.17 11.08
C GLY A 135 3.45 0.92 11.05
N SER A 136 3.68 1.71 12.12
CA SER A 136 4.89 2.52 12.20
C SER A 136 6.10 1.68 11.80
N GLY A 137 6.70 2.09 10.68
CA GLY A 137 7.84 1.39 10.16
C GLY A 137 9.09 1.70 10.95
N PRO A 138 10.13 0.90 10.70
CA PRO A 138 11.42 1.13 11.30
C PRO A 138 12.12 2.32 10.62
N ASP A 139 13.26 2.68 11.26
CA ASP A 139 14.04 3.84 10.89
C ASP A 139 15.40 3.43 10.32
N ASP A 140 15.36 2.35 9.50
CA ASP A 140 16.55 1.89 8.83
C ASP A 140 16.94 2.72 7.60
N GLY A 141 15.97 3.54 7.12
CA GLY A 141 16.20 4.33 5.94
C GLY A 141 16.10 3.48 4.66
N ILE A 142 17.27 3.15 4.11
CA ILE A 142 17.32 2.41 2.85
C ILE A 142 16.79 0.99 3.06
N GLY A 143 15.82 0.66 2.20
CA GLY A 143 15.15 -0.61 2.25
C GLY A 143 13.75 -0.53 2.85
N ALA A 144 13.51 0.50 3.66
CA ALA A 144 12.23 0.67 4.28
C ALA A 144 11.28 1.42 3.35
N TYR A 145 9.99 1.33 3.72
CA TYR A 145 8.95 2.09 3.07
C TYR A 145 9.33 3.58 3.07
N THR A 146 8.83 4.28 2.03
CA THR A 146 9.09 5.70 1.90
C THR A 146 7.84 6.53 2.16
N ARG A 147 6.82 6.27 1.33
CA ARG A 147 5.56 6.99 1.38
C ARG A 147 4.60 6.31 0.40
N SER A 148 3.41 6.89 0.32
CA SER A 148 2.31 6.40 -0.47
C SER A 148 1.87 7.47 -1.47
N GLU A 149 1.81 7.03 -2.74
CA GLU A 149 1.43 7.87 -3.86
C GLU A 149 0.69 7.02 -4.87
N LEU A 150 -0.36 7.62 -5.45
CA LEU A 150 -1.16 6.99 -6.48
C LEU A 150 -1.20 7.92 -7.69
N LEU A 151 -1.13 7.28 -8.86
CA LEU A 151 -1.16 7.95 -10.14
C LEU A 151 -2.52 7.68 -10.80
N THR A 152 -3.42 8.66 -10.69
CA THR A 152 -4.75 8.55 -11.25
C THR A 152 -4.96 9.61 -12.32
N GLY A 153 -5.75 9.26 -13.33
CA GLY A 153 -6.04 10.15 -14.43
C GLY A 153 -7.16 11.15 -14.17
N ALA A 154 -7.19 11.70 -12.94
CA ALA A 154 -8.27 12.57 -12.50
C ALA A 154 -8.07 12.91 -11.02
N SER A 155 -7.09 13.79 -10.77
CA SER A 155 -6.79 14.19 -9.40
C SER A 155 -8.05 14.75 -8.73
N ALA A 156 -8.79 15.55 -9.49
CA ALA A 156 -10.00 16.18 -8.99
C ALA A 156 -10.95 15.15 -8.34
N THR A 157 -11.03 13.97 -8.99
CA THR A 157 -11.88 12.90 -8.51
C THR A 157 -11.29 12.26 -7.25
N ASP A 158 -10.04 11.80 -7.38
CA ASP A 158 -9.43 11.09 -6.28
C ASP A 158 -9.37 11.95 -5.03
N GLY A 159 -9.01 13.22 -5.23
CA GLY A 159 -8.93 14.14 -4.12
C GLY A 159 -10.24 14.15 -3.31
N ALA A 160 -11.36 14.13 -4.06
CA ALA A 160 -12.67 14.11 -3.46
C ALA A 160 -12.92 12.82 -2.67
N PHE A 161 -12.37 11.72 -3.17
CA PHE A 161 -12.46 10.44 -2.49
C PHE A 161 -11.72 10.49 -1.15
N TYR A 162 -10.51 11.05 -1.18
CA TYR A 162 -9.68 11.11 0.01
C TYR A 162 -10.28 12.08 1.03
N ARG A 163 -10.66 13.27 0.55
CA ARG A 163 -11.22 14.24 1.47
C ARG A 163 -12.53 13.78 2.11
N GLY A 164 -13.17 12.79 1.47
CA GLY A 164 -14.40 12.21 1.96
C GLY A 164 -14.19 11.10 2.97
N LEU A 165 -13.25 10.18 2.67
CA LEU A 165 -13.07 9.04 3.53
C LEU A 165 -12.15 9.35 4.71
N PHE A 166 -11.33 10.38 4.53
CA PHE A 166 -10.34 10.82 5.49
C PHE A 166 -10.57 12.27 5.94
N GLY A 167 -10.64 13.16 4.93
CA GLY A 167 -10.89 14.54 5.21
C GLY A 167 -12.15 14.75 6.05
N ALA A 168 -12.24 15.98 6.58
CA ALA A 168 -13.29 16.38 7.51
C ALA A 168 -14.68 16.13 6.92
N ASP A 169 -14.76 16.25 5.59
CA ASP A 169 -15.98 15.99 4.84
C ASP A 169 -16.69 14.74 5.35
N PHE A 170 -15.90 13.75 5.77
CA PHE A 170 -16.48 12.50 6.26
C PHE A 170 -17.63 12.77 7.22
N ALA A 171 -17.34 13.63 8.23
CA ALA A 171 -18.31 13.97 9.24
C ALA A 171 -18.95 15.36 9.04
N THR A 172 -18.49 16.05 7.99
CA THR A 172 -18.98 17.37 7.65
C THR A 172 -19.04 18.27 8.90
N GLU A 173 -17.92 18.27 9.63
CA GLU A 173 -17.81 19.02 10.87
C GLU A 173 -16.34 19.42 11.07
N SER A 174 -16.12 20.24 12.10
CA SER A 174 -14.80 20.70 12.49
C SER A 174 -14.78 20.89 14.01
N GLY A 175 -13.61 20.57 14.59
CA GLY A 175 -13.39 20.73 16.01
C GLY A 175 -11.96 21.18 16.28
N THR A 176 -11.16 20.22 16.79
CA THR A 176 -9.81 20.48 17.23
C THR A 176 -8.86 19.36 16.80
N ASP A 177 -8.86 19.13 15.48
CA ASP A 177 -7.99 18.12 14.89
C ASP A 177 -7.04 18.79 13.90
N GLY A 178 -5.94 18.05 13.60
CA GLY A 178 -4.95 18.48 12.66
C GLY A 178 -4.88 17.62 11.41
N GLY A 179 -6.01 17.02 11.02
CA GLY A 179 -6.07 16.20 9.81
C GLY A 179 -5.53 14.79 10.07
N GLY A 180 -4.23 14.77 10.37
CA GLY A 180 -3.56 13.53 10.73
C GLY A 180 -3.16 12.70 9.51
N ARG A 181 -4.16 11.97 9.00
CA ARG A 181 -3.96 11.19 7.79
C ARG A 181 -3.50 12.11 6.64
N ARG A 182 -2.66 11.52 5.78
CA ARG A 182 -2.14 12.20 4.61
C ARG A 182 -2.22 11.24 3.42
N ALA A 183 -1.94 11.78 2.23
CA ALA A 183 -1.90 11.03 0.99
C ALA A 183 -1.37 11.96 -0.10
N ALA A 184 -1.18 11.37 -1.29
CA ALA A 184 -0.71 12.11 -2.46
C ALA A 184 -1.22 11.42 -3.73
N ILE A 185 -1.77 12.27 -4.61
CA ILE A 185 -2.34 11.84 -5.88
C ILE A 185 -1.85 12.80 -6.97
N ARG A 186 -1.06 12.25 -7.90
CA ARG A 186 -0.60 13.01 -9.04
C ARG A 186 -1.45 12.67 -10.27
N GLN A 187 -1.66 13.71 -11.08
CA GLN A 187 -2.37 13.64 -12.35
C GLN A 187 -1.34 13.48 -13.48
N VAL A 188 -1.41 12.33 -14.15
CA VAL A 188 -0.58 11.96 -15.27
C VAL A 188 -1.33 10.87 -16.06
N GLY A 189 -0.71 10.47 -17.18
CA GLY A 189 -1.22 9.37 -18.00
C GLY A 189 -0.40 9.19 -19.28
N PRO A 190 -0.31 10.25 -20.09
CA PRO A 190 0.42 10.12 -21.34
C PRO A 190 1.94 10.06 -21.12
N ALA A 191 2.40 10.89 -20.17
CA ALA A 191 3.81 11.02 -19.88
C ALA A 191 4.22 10.40 -18.54
N ALA A 192 3.40 9.44 -18.07
CA ALA A 192 3.72 8.72 -16.85
C ALA A 192 2.68 7.61 -16.65
N PRO A 193 3.07 6.58 -15.91
CA PRO A 193 2.19 5.44 -15.65
C PRO A 193 1.02 5.84 -14.76
N SER A 194 0.17 4.83 -14.53
CA SER A 194 -1.02 4.98 -13.71
C SER A 194 -1.20 3.71 -12.86
N GLY A 195 -1.76 3.93 -11.66
CA GLY A 195 -2.01 2.86 -10.73
C GLY A 195 -1.48 3.20 -9.33
N TRP A 196 -1.75 2.25 -8.42
CA TRP A 196 -1.41 2.36 -7.03
C TRP A 196 -0.07 1.67 -6.75
N TYR A 197 0.94 2.48 -6.39
CA TYR A 197 2.24 1.90 -6.11
C TYR A 197 3.05 2.89 -5.26
N PRO A 198 3.24 2.56 -3.99
CA PRO A 198 4.03 3.42 -3.12
C PRO A 198 5.50 3.42 -3.56
N CYS A 199 6.22 4.40 -2.99
CA CYS A 199 7.63 4.55 -3.22
C CYS A 199 8.43 3.82 -2.12
N PHE A 200 9.68 3.50 -2.48
CA PHE A 200 10.58 2.75 -1.64
C PHE A 200 11.99 3.33 -1.76
N ARG A 201 12.75 3.23 -0.67
CA ARG A 201 14.09 3.78 -0.60
C ARG A 201 15.13 2.71 -0.93
N ALA A 202 16.06 3.05 -1.82
CA ALA A 202 17.15 2.14 -2.13
C ALA A 202 18.37 2.93 -2.60
N GLN A 203 19.49 2.18 -2.70
CA GLN A 203 20.74 2.70 -3.18
C GLN A 203 20.72 2.78 -4.72
N GLU A 204 21.62 3.60 -5.27
CA GLU A 204 21.75 3.71 -6.70
C GLU A 204 21.95 2.35 -7.36
N SER A 205 22.70 1.46 -6.67
CA SER A 205 23.01 0.15 -7.20
C SER A 205 21.77 -0.72 -7.40
N ALA A 206 20.68 -0.37 -6.71
CA ALA A 206 19.44 -1.12 -6.82
C ALA A 206 18.76 -0.89 -8.17
N VAL A 207 18.93 0.32 -8.71
CA VAL A 207 18.35 0.66 -10.01
C VAL A 207 18.73 -0.43 -11.04
N PRO A 208 20.03 -0.61 -11.31
CA PRO A 208 20.40 -1.61 -12.29
C PRO A 208 20.10 -3.04 -11.83
N ALA A 209 20.02 -3.25 -10.51
CA ALA A 209 19.69 -4.54 -9.97
C ALA A 209 18.39 -5.09 -10.60
N ALA A 210 17.48 -4.17 -10.95
CA ALA A 210 16.24 -4.59 -11.58
C ALA A 210 16.44 -4.83 -13.08
N VAL A 211 17.22 -3.94 -13.71
CA VAL A 211 17.49 -4.02 -15.13
C VAL A 211 18.06 -5.39 -15.50
N MET A 212 19.09 -5.82 -14.75
CA MET A 212 19.75 -7.07 -15.04
C MET A 212 18.77 -8.25 -15.11
N LEU A 213 17.69 -8.16 -14.34
CA LEU A 213 16.69 -9.20 -14.28
C LEU A 213 15.73 -9.19 -15.49
N GLY A 214 15.65 -8.02 -16.13
CA GLY A 214 14.81 -7.82 -17.29
C GLY A 214 13.56 -6.99 -17.01
N ALA A 215 13.66 -6.09 -16.02
CA ALA A 215 12.54 -5.24 -15.66
C ALA A 215 12.17 -4.35 -16.86
N SER A 216 10.91 -3.90 -16.83
CA SER A 216 10.38 -3.07 -17.91
C SER A 216 10.44 -1.60 -17.52
N VAL A 217 10.97 -0.79 -18.43
CA VAL A 217 11.09 0.65 -18.26
C VAL A 217 9.82 1.35 -18.76
N LEU A 218 9.26 2.20 -17.87
CA LEU A 218 8.11 3.01 -18.22
C LEU A 218 8.42 4.50 -18.07
N LEU A 219 8.94 4.86 -16.88
CA LEU A 219 9.13 6.26 -16.54
C LEU A 219 10.11 6.33 -15.37
N ARG A 220 11.19 7.11 -15.56
CA ARG A 220 12.20 7.24 -14.53
C ARG A 220 12.71 8.69 -14.41
N TYR A 221 11.75 9.61 -14.21
CA TYR A 221 12.04 11.02 -14.13
C TYR A 221 10.73 11.74 -13.81
N ASP A 222 10.84 13.08 -13.68
CA ASP A 222 9.70 13.96 -13.49
C ASP A 222 9.02 13.74 -12.14
N CYS A 223 9.84 13.83 -11.08
CA CYS A 223 9.39 13.59 -9.73
C CYS A 223 9.79 14.76 -8.83
N PRO A 224 9.01 14.98 -7.77
CA PRO A 224 9.23 16.12 -6.89
C PRO A 224 10.56 16.06 -6.13
N ASP A 225 11.02 14.82 -5.92
CA ASP A 225 12.26 14.52 -5.25
C ASP A 225 13.47 14.45 -6.19
N GLY A 226 13.22 14.54 -7.50
CA GLY A 226 14.24 14.49 -8.51
C GLY A 226 14.35 13.11 -9.16
N PRO A 227 15.39 12.35 -8.82
CA PRO A 227 15.67 11.08 -9.48
C PRO A 227 14.63 10.02 -9.07
N ALA A 228 13.97 9.45 -10.09
CA ALA A 228 12.92 8.47 -9.87
C ALA A 228 13.08 7.33 -10.87
N VAL A 229 12.65 6.14 -10.44
CA VAL A 229 12.74 4.97 -11.31
C VAL A 229 11.49 4.12 -11.10
N VAL A 230 10.65 4.04 -12.14
CA VAL A 230 9.47 3.19 -12.12
C VAL A 230 9.70 2.08 -13.15
N VAL A 231 9.75 0.86 -12.62
CA VAL A 231 9.82 -0.34 -13.43
C VAL A 231 8.57 -1.20 -13.21
N SER A 232 8.22 -1.91 -14.29
CA SER A 232 7.13 -2.86 -14.26
C SER A 232 7.71 -4.28 -14.24
N ALA A 233 7.27 -5.03 -13.23
CA ALA A 233 7.69 -6.40 -13.03
C ALA A 233 7.08 -7.28 -14.14
N PRO A 234 7.73 -8.40 -14.42
CA PRO A 234 7.32 -9.24 -15.54
C PRO A 234 5.93 -9.82 -15.37
N GLY A 235 5.54 -10.02 -14.09
CA GLY A 235 4.23 -10.53 -13.77
C GLY A 235 3.07 -9.55 -13.99
N GLY A 236 3.41 -8.26 -14.10
CA GLY A 236 2.39 -7.24 -14.31
C GLY A 236 2.24 -6.24 -13.17
N GLU A 237 3.25 -6.20 -12.29
CA GLU A 237 3.24 -5.35 -11.12
C GLU A 237 4.00 -4.07 -11.45
N VAL A 238 3.80 -3.01 -10.65
CA VAL A 238 4.40 -1.72 -10.89
C VAL A 238 4.81 -1.12 -9.54
N PHE A 239 6.02 -0.54 -9.50
CA PHE A 239 6.51 0.06 -8.27
C PHE A 239 7.58 1.10 -8.59
N THR A 240 7.75 2.03 -7.64
CA THR A 240 8.66 3.14 -7.81
C THR A 240 9.82 3.10 -6.79
N LEU A 241 11.00 3.39 -7.32
CA LEU A 241 12.25 3.38 -6.59
C LEU A 241 12.83 4.80 -6.55
N LEU A 242 13.14 5.22 -5.32
CA LEU A 242 13.75 6.51 -5.07
C LEU A 242 15.09 6.29 -4.35
N LEU A 243 16.11 6.97 -4.87
CA LEU A 243 17.45 6.92 -4.32
C LEU A 243 17.60 8.01 -3.26
N THR A 244 17.96 7.57 -2.05
CA THR A 244 18.22 8.45 -0.94
C THR A 244 19.22 7.75 0.00
N ASP A 245 19.81 8.56 0.87
CA ASP A 245 20.82 8.20 1.85
C ASP A 245 21.10 9.49 2.70
N GLY A 1 -23.10 -10.51 31.85
CA GLY A 1 -22.10 -10.26 30.78
C GLY A 1 -20.72 -10.37 31.44
N SER A 2 -19.68 -10.16 30.65
CA SER A 2 -18.31 -10.25 31.10
C SER A 2 -17.66 -8.86 31.03
N HIS A 3 -16.38 -8.81 31.42
CA HIS A 3 -15.59 -7.60 31.36
C HIS A 3 -14.25 -7.92 30.71
N MET A 4 -13.98 -7.23 29.60
CA MET A 4 -12.75 -7.35 28.85
C MET A 4 -11.89 -6.10 29.06
N SER A 5 -10.70 -6.12 28.45
CA SER A 5 -9.79 -4.99 28.53
C SER A 5 -10.50 -3.71 28.05
N HIS A 6 -10.01 -2.59 28.58
CA HIS A 6 -10.60 -1.28 28.30
C HIS A 6 -9.53 -0.21 28.12
N ASP A 7 -8.57 -0.52 27.23
CA ASP A 7 -7.47 0.36 26.92
C ASP A 7 -7.40 0.54 25.40
N ALA A 8 -7.34 1.81 24.97
CA ALA A 8 -7.21 2.15 23.56
C ALA A 8 -5.77 2.60 23.28
N VAL A 9 -5.27 2.17 22.11
CA VAL A 9 -3.92 2.49 21.70
C VAL A 9 -3.98 3.52 20.57
N ARG A 10 -3.07 4.51 20.64
CA ARG A 10 -3.01 5.58 19.66
C ARG A 10 -1.57 5.65 19.10
N PRO A 11 -1.37 5.05 17.92
CA PRO A 11 -0.06 5.08 17.28
C PRO A 11 0.24 6.47 16.73
N ALA A 12 1.49 6.61 16.24
CA ALA A 12 1.95 7.87 15.69
C ALA A 12 1.32 8.12 14.31
N PRO A 13 0.49 9.15 14.21
CA PRO A 13 -0.13 9.46 12.93
C PRO A 13 0.93 9.98 11.94
N GLY A 14 0.68 9.68 10.65
CA GLY A 14 1.53 10.11 9.58
C GLY A 14 2.22 8.98 8.83
N GLU A 15 2.51 7.90 9.59
CA GLU A 15 3.20 6.76 9.03
C GLU A 15 2.24 5.93 8.16
N PRO A 16 2.82 5.23 7.19
CA PRO A 16 2.04 4.35 6.32
C PRO A 16 1.54 3.11 7.11
N THR A 17 0.43 2.55 6.58
CA THR A 17 -0.24 1.45 7.24
C THR A 17 0.45 0.11 6.95
N TRP A 18 0.32 -0.37 5.70
CA TRP A 18 0.87 -1.63 5.28
C TRP A 18 0.64 -1.74 3.77
N VAL A 19 1.49 -2.55 3.12
CA VAL A 19 1.36 -2.84 1.70
C VAL A 19 1.78 -4.30 1.46
N ASP A 20 0.88 -5.04 0.79
CA ASP A 20 1.12 -6.41 0.42
C ASP A 20 1.14 -6.54 -1.10
N LEU A 21 1.99 -7.46 -1.57
CA LEU A 21 2.14 -7.75 -2.99
C LEU A 21 2.06 -9.26 -3.17
N LEU A 22 0.93 -9.69 -3.75
CA LEU A 22 0.69 -11.07 -4.15
C LEU A 22 1.43 -11.36 -5.46
N THR A 23 1.77 -12.64 -5.63
CA THR A 23 2.37 -13.09 -6.86
C THR A 23 1.84 -14.49 -7.19
N PRO A 24 1.92 -14.86 -8.47
CA PRO A 24 1.49 -16.20 -8.86
C PRO A 24 2.41 -17.28 -8.28
N ASP A 25 3.69 -16.92 -8.16
CA ASP A 25 4.71 -17.84 -7.72
C ASP A 25 5.53 -17.20 -6.61
N ARG A 26 5.16 -17.48 -5.36
CA ARG A 26 5.81 -16.89 -4.20
C ARG A 26 7.32 -17.14 -4.27
N GLY A 27 7.67 -18.43 -4.42
CA GLY A 27 9.07 -18.79 -4.47
C GLY A 27 9.87 -17.89 -5.42
N ALA A 28 9.24 -17.57 -6.55
CA ALA A 28 9.89 -16.77 -7.57
C ALA A 28 9.86 -15.28 -7.19
N ALA A 29 8.78 -14.86 -6.56
CA ALA A 29 8.69 -13.48 -6.10
C ALA A 29 9.90 -13.13 -5.26
N LEU A 30 10.26 -14.05 -4.36
CA LEU A 30 11.34 -13.79 -3.45
C LEU A 30 12.68 -13.64 -4.20
N GLN A 31 12.75 -14.18 -5.41
CA GLN A 31 13.93 -14.10 -6.23
C GLN A 31 14.06 -12.75 -6.94
N PHE A 32 12.90 -12.26 -7.45
CA PHE A 32 12.87 -10.99 -8.15
C PHE A 32 12.74 -9.83 -7.15
N TYR A 33 11.61 -9.81 -6.42
CA TYR A 33 11.33 -8.71 -5.53
C TYR A 33 12.49 -8.47 -4.56
N SER A 34 12.95 -9.56 -3.93
CA SER A 34 13.99 -9.41 -2.94
C SER A 34 15.32 -9.00 -3.57
N ALA A 35 15.50 -9.24 -4.87
CA ALA A 35 16.67 -8.82 -5.59
C ALA A 35 16.69 -7.31 -5.91
N LEU A 36 15.53 -6.66 -5.76
CA LEU A 36 15.43 -5.24 -6.04
C LEU A 36 15.99 -4.44 -4.85
N PHE A 37 15.52 -4.85 -3.66
CA PHE A 37 15.89 -4.19 -2.43
C PHE A 37 17.09 -4.84 -1.72
N GLY A 38 17.21 -6.16 -1.89
CA GLY A 38 18.26 -6.94 -1.29
C GLY A 38 17.92 -7.41 0.13
N TRP A 39 16.71 -7.94 0.26
CA TRP A 39 16.21 -8.44 1.52
C TRP A 39 16.45 -9.95 1.64
N GLU A 40 16.15 -10.48 2.83
CA GLU A 40 16.30 -11.89 3.14
C GLU A 40 14.93 -12.51 3.43
N PHE A 41 14.92 -13.85 3.29
CA PHE A 41 13.72 -14.64 3.46
C PHE A 41 13.66 -15.19 4.90
N SER A 42 12.42 -15.20 5.45
CA SER A 42 12.21 -15.69 6.80
C SER A 42 10.77 -16.18 6.93
N THR A 43 10.63 -17.51 7.05
CA THR A 43 9.32 -18.14 7.13
C THR A 43 9.24 -18.91 8.45
N THR A 44 8.49 -18.35 9.41
CA THR A 44 8.34 -18.95 10.71
C THR A 44 6.93 -18.70 11.23
N SER A 45 6.17 -19.80 11.35
CA SER A 45 4.78 -19.74 11.75
C SER A 45 4.54 -20.71 12.91
N ASP A 46 4.17 -20.14 14.07
CA ASP A 46 3.92 -20.90 15.28
C ASP A 46 2.48 -21.39 15.30
N GLY A 47 2.32 -22.69 14.95
CA GLY A 47 1.01 -23.30 14.93
C GLY A 47 0.08 -22.77 13.84
N THR A 48 0.65 -21.98 12.93
CA THR A 48 -0.07 -21.36 11.85
C THR A 48 0.52 -21.85 10.51
N SER A 49 -0.24 -21.53 9.45
CA SER A 49 0.13 -21.86 8.09
C SER A 49 1.47 -21.18 7.73
N PRO A 50 2.15 -21.75 6.72
CA PRO A 50 3.47 -21.26 6.33
C PRO A 50 3.38 -19.92 5.58
N TYR A 51 3.90 -18.88 6.25
CA TYR A 51 3.87 -17.52 5.75
C TYR A 51 5.30 -16.95 5.77
N THR A 52 5.81 -16.66 4.57
CA THR A 52 7.14 -16.10 4.40
C THR A 52 7.08 -14.57 4.56
N MET A 53 7.73 -14.10 5.62
CA MET A 53 7.81 -12.70 5.95
C MET A 53 9.21 -12.19 5.59
N CYS A 54 9.25 -11.20 4.68
CA CYS A 54 10.52 -10.64 4.24
C CYS A 54 11.00 -9.64 5.30
N ARG A 55 12.02 -10.05 6.05
CA ARG A 55 12.55 -9.25 7.13
C ARG A 55 14.08 -9.21 7.00
N LEU A 56 14.66 -8.07 7.43
CA LEU A 56 16.08 -7.87 7.36
C LEU A 56 16.53 -7.21 8.67
N ARG A 57 17.75 -7.54 9.11
CA ARG A 57 18.31 -6.95 10.31
C ARG A 57 17.32 -7.02 11.50
N GLY A 58 16.50 -8.09 11.52
CA GLY A 58 15.53 -8.24 12.57
C GLY A 58 14.50 -7.11 12.67
N ARG A 59 14.20 -6.51 11.51
CA ARG A 59 13.29 -5.38 11.43
C ARG A 59 12.25 -5.65 10.34
N GLU A 60 10.98 -5.55 10.77
CA GLU A 60 9.86 -5.69 9.87
C GLU A 60 9.88 -4.60 8.79
N VAL A 61 9.68 -5.05 7.55
CA VAL A 61 9.60 -4.17 6.40
C VAL A 61 8.34 -4.37 5.58
N CYS A 62 7.95 -5.64 5.38
CA CYS A 62 6.84 -6.00 4.52
C CYS A 62 6.58 -7.49 4.70
N SER A 63 5.65 -7.99 3.86
CA SER A 63 5.32 -9.39 3.82
C SER A 63 4.84 -9.74 2.41
N ILE A 64 4.96 -11.03 2.08
CA ILE A 64 4.51 -11.56 0.80
C ILE A 64 3.33 -12.50 1.05
N GLY A 65 2.40 -12.51 0.08
CA GLY A 65 1.28 -13.40 0.12
C GLY A 65 1.14 -14.19 -1.18
N ASP A 66 0.40 -15.30 -1.06
CA ASP A 66 0.29 -16.29 -2.10
C ASP A 66 -1.20 -16.57 -2.36
N LEU A 67 -1.44 -17.27 -3.49
CA LEU A 67 -2.78 -17.54 -3.93
C LEU A 67 -3.03 -19.02 -4.24
N GLY A 68 -2.01 -19.72 -4.77
CA GLY A 68 -2.14 -21.12 -5.13
C GLY A 68 -3.16 -21.31 -6.26
N GLU A 69 -4.41 -21.59 -5.84
CA GLU A 69 -5.51 -21.89 -6.72
C GLU A 69 -6.49 -20.73 -6.87
N ASN A 70 -6.09 -19.56 -6.36
CA ASN A 70 -6.94 -18.38 -6.36
C ASN A 70 -6.53 -17.43 -7.50
N PRO A 71 -7.26 -17.46 -8.62
CA PRO A 71 -6.88 -16.62 -9.76
C PRO A 71 -7.18 -15.13 -9.52
N GLY A 72 -8.16 -14.88 -8.66
CA GLY A 72 -8.60 -13.54 -8.31
C GLY A 72 -8.38 -13.24 -6.83
N PRO A 73 -7.13 -12.88 -6.48
CA PRO A 73 -6.82 -12.52 -5.11
C PRO A 73 -7.43 -11.15 -4.77
N ALA A 74 -7.11 -10.70 -3.54
CA ALA A 74 -7.63 -9.45 -3.01
C ALA A 74 -6.71 -8.25 -3.29
N LEU A 75 -5.40 -8.55 -3.43
CA LEU A 75 -4.40 -7.53 -3.59
C LEU A 75 -4.44 -6.97 -5.02
N GLY A 76 -4.29 -7.91 -5.99
CA GLY A 76 -4.30 -7.57 -7.39
C GLY A 76 -3.10 -6.74 -7.87
N GLY A 77 -2.02 -6.78 -7.09
CA GLY A 77 -0.83 -6.01 -7.37
C GLY A 77 -0.54 -5.03 -6.24
N TRP A 78 0.54 -4.26 -6.44
CA TRP A 78 0.84 -3.18 -5.51
C TRP A 78 -0.40 -2.27 -5.43
N SER A 79 -0.49 -1.60 -4.27
CA SER A 79 -1.51 -0.63 -3.97
C SER A 79 -1.15 0.05 -2.66
N SER A 80 -1.66 1.28 -2.52
CA SER A 80 -1.54 2.05 -1.30
C SER A 80 -2.78 1.76 -0.42
N TYR A 81 -2.50 1.54 0.87
CA TYR A 81 -3.52 1.33 1.87
C TYR A 81 -3.62 2.57 2.77
N LEU A 82 -4.83 3.11 2.81
CA LEU A 82 -5.14 4.30 3.59
C LEU A 82 -5.98 3.86 4.80
N SER A 83 -5.73 4.52 5.94
CA SER A 83 -6.38 4.18 7.19
C SER A 83 -7.64 5.04 7.37
N VAL A 84 -8.78 4.35 7.48
CA VAL A 84 -10.06 5.01 7.59
C VAL A 84 -10.60 4.89 9.02
N ASP A 85 -11.63 5.72 9.28
CA ASP A 85 -12.25 5.77 10.59
C ASP A 85 -12.67 4.38 11.05
N ASP A 86 -13.17 3.61 10.07
CA ASP A 86 -13.58 2.24 10.29
C ASP A 86 -13.75 1.59 8.93
N ALA A 87 -13.48 0.29 8.86
CA ALA A 87 -13.71 -0.48 7.65
C ALA A 87 -15.09 -0.14 7.07
N ASP A 88 -16.07 -0.17 7.98
CA ASP A 88 -17.45 0.03 7.59
C ASP A 88 -17.74 1.48 7.29
N ALA A 89 -17.07 2.38 8.02
CA ALA A 89 -17.24 3.81 7.79
C ALA A 89 -16.95 4.13 6.32
N ALA A 90 -15.76 3.72 5.87
CA ALA A 90 -15.36 4.04 4.52
C ALA A 90 -16.33 3.36 3.54
N ALA A 91 -16.48 2.05 3.70
CA ALA A 91 -17.35 1.31 2.81
C ALA A 91 -18.75 1.94 2.70
N ALA A 92 -19.22 2.51 3.81
CA ALA A 92 -20.53 3.11 3.88
C ALA A 92 -20.62 4.43 3.09
N ALA A 93 -19.50 5.16 3.06
CA ALA A 93 -19.43 6.41 2.35
C ALA A 93 -19.13 6.19 0.86
N VAL A 94 -18.52 5.05 0.53
CA VAL A 94 -18.27 4.72 -0.86
C VAL A 94 -19.51 4.98 -1.73
N PRO A 95 -20.64 4.35 -1.41
CA PRO A 95 -21.83 4.52 -2.23
C PRO A 95 -22.37 5.95 -2.19
N GLU A 96 -22.09 6.67 -1.09
CA GLU A 96 -22.56 8.03 -0.93
C GLU A 96 -21.91 8.98 -1.96
N LEU A 97 -20.68 8.64 -2.34
CA LEU A 97 -19.95 9.44 -3.30
C LEU A 97 -20.25 9.02 -4.74
N GLY A 98 -20.75 7.79 -4.88
CA GLY A 98 -21.09 7.22 -6.15
C GLY A 98 -20.15 6.12 -6.63
N GLY A 99 -19.46 5.48 -5.67
CA GLY A 99 -18.62 4.35 -5.97
C GLY A 99 -19.34 3.04 -5.68
N ALA A 100 -18.53 1.97 -5.70
CA ALA A 100 -19.03 0.61 -5.53
C ALA A 100 -17.99 -0.14 -4.69
N VAL A 101 -18.50 -0.81 -3.64
CA VAL A 101 -17.67 -1.66 -2.80
C VAL A 101 -17.54 -3.01 -3.48
N LEU A 102 -16.29 -3.45 -3.64
CA LEU A 102 -16.00 -4.71 -4.30
C LEU A 102 -15.72 -5.82 -3.28
N LEU A 103 -14.86 -5.48 -2.31
CA LEU A 103 -14.54 -6.37 -1.22
C LEU A 103 -14.92 -5.73 0.10
N GLY A 104 -14.97 -6.59 1.13
CA GLY A 104 -15.30 -6.18 2.47
C GLY A 104 -16.78 -5.80 2.62
N PRO A 105 -17.16 -5.55 3.87
CA PRO A 105 -16.35 -5.73 5.06
C PRO A 105 -16.06 -7.22 5.30
N ILE A 106 -14.78 -7.51 5.61
CA ILE A 106 -14.33 -8.85 5.91
C ILE A 106 -13.47 -8.83 7.18
N ASP A 107 -13.42 -10.00 7.83
CA ASP A 107 -12.66 -10.18 9.06
C ASP A 107 -11.49 -11.12 8.76
N ILE A 108 -10.34 -10.53 8.45
CA ILE A 108 -9.15 -11.32 8.15
C ILE A 108 -8.65 -11.90 9.47
N LEU A 109 -8.98 -13.16 9.72
CA LEU A 109 -8.52 -13.91 10.87
C LEU A 109 -8.80 -13.16 12.18
N ALA A 110 -9.89 -12.37 12.16
CA ALA A 110 -10.28 -11.54 13.28
C ALA A 110 -9.10 -10.69 13.80
N GLN A 111 -8.18 -10.36 12.89
CA GLN A 111 -7.03 -9.58 13.21
C GLN A 111 -7.12 -8.19 12.58
N GLY A 112 -7.62 -8.14 11.35
CA GLY A 112 -7.73 -6.90 10.62
C GLY A 112 -8.88 -6.96 9.62
N ARG A 113 -9.00 -5.86 8.87
CA ARG A 113 -10.04 -5.67 7.88
C ARG A 113 -9.42 -4.92 6.70
N MET A 114 -9.60 -5.51 5.50
CA MET A 114 -9.17 -4.97 4.23
C MET A 114 -10.39 -4.97 3.32
N LEU A 115 -10.56 -3.89 2.57
CA LEU A 115 -11.64 -3.81 1.59
C LEU A 115 -11.17 -2.90 0.46
N LEU A 116 -11.79 -3.10 -0.72
CA LEU A 116 -11.51 -2.31 -1.89
C LEU A 116 -12.80 -1.68 -2.41
N ALA A 117 -12.65 -0.50 -3.02
CA ALA A 117 -13.73 0.28 -3.58
C ALA A 117 -13.27 0.95 -4.87
N GLY A 118 -14.22 1.67 -5.47
CA GLY A 118 -14.00 2.39 -6.71
C GLY A 118 -15.03 1.99 -7.76
N ASP A 119 -14.55 1.84 -9.00
CA ASP A 119 -15.37 1.52 -10.14
C ASP A 119 -15.22 0.04 -10.51
N PRO A 120 -16.26 -0.50 -11.16
CA PRO A 120 -16.25 -1.92 -11.53
C PRO A 120 -15.23 -2.27 -12.62
N SER A 121 -14.57 -1.25 -13.17
CA SER A 121 -13.45 -1.45 -14.07
C SER A 121 -12.34 -2.33 -13.46
N GLY A 122 -12.29 -2.34 -12.12
CA GLY A 122 -11.31 -3.12 -11.41
C GLY A 122 -10.35 -2.30 -10.56
N HIS A 123 -10.83 -1.11 -10.16
CA HIS A 123 -10.03 -0.22 -9.35
C HIS A 123 -10.01 -0.75 -7.91
N ARG A 124 -8.78 -0.94 -7.40
CA ARG A 124 -8.59 -1.49 -6.07
C ARG A 124 -7.89 -0.45 -5.18
N VAL A 125 -8.69 0.13 -4.27
CA VAL A 125 -8.20 1.15 -3.36
C VAL A 125 -7.99 0.51 -1.99
N GLY A 126 -6.72 0.43 -1.57
CA GLY A 126 -6.38 -0.19 -0.31
C GLY A 126 -6.96 0.58 0.87
N LEU A 127 -7.79 -0.10 1.65
CA LEU A 127 -8.46 0.47 2.81
C LEU A 127 -8.29 -0.50 3.98
N TRP A 128 -7.65 0.01 5.03
CA TRP A 128 -7.42 -0.72 6.26
C TRP A 128 -8.02 0.06 7.44
N GLN A 129 -8.40 -0.70 8.47
CA GLN A 129 -9.03 -0.18 9.66
C GLN A 129 -8.07 -0.25 10.85
N ALA A 130 -7.66 0.93 11.33
CA ALA A 130 -6.73 1.05 12.43
C ALA A 130 -7.43 1.23 13.78
N LYS A 131 -7.16 0.25 14.66
CA LYS A 131 -7.76 0.15 15.98
C LYS A 131 -6.74 0.00 17.11
N GLU A 132 -5.64 -0.72 16.83
CA GLU A 132 -4.57 -0.96 17.76
C GLU A 132 -3.33 -0.16 17.36
N HIS A 133 -2.88 -0.40 16.12
CA HIS A 133 -1.71 0.27 15.58
C HIS A 133 -1.94 0.55 14.09
N THR A 134 -1.12 1.48 13.58
CA THR A 134 -1.17 1.92 12.20
C THR A 134 0.13 1.62 11.43
N GLY A 135 0.89 0.62 11.95
CA GLY A 135 2.14 0.25 11.34
C GLY A 135 3.32 1.13 11.78
N SER A 136 3.23 1.63 13.02
CA SER A 136 4.26 2.44 13.64
C SER A 136 5.45 1.55 14.05
N GLY A 137 6.45 1.56 13.17
CA GLY A 137 7.64 0.77 13.38
C GLY A 137 8.87 1.65 13.60
N PRO A 138 10.00 0.99 13.87
CA PRO A 138 11.26 1.72 14.02
C PRO A 138 11.66 2.35 12.67
N ASP A 139 12.25 3.54 12.77
CA ASP A 139 12.68 4.28 11.59
C ASP A 139 13.93 3.60 11.01
N ASP A 140 13.68 2.74 10.01
CA ASP A 140 14.73 1.97 9.37
C ASP A 140 15.26 2.68 8.13
N GLY A 141 14.41 3.58 7.58
CA GLY A 141 14.77 4.32 6.40
C GLY A 141 14.74 3.39 5.18
N ILE A 142 15.94 3.11 4.66
CA ILE A 142 16.06 2.26 3.49
C ILE A 142 15.47 0.87 3.80
N GLY A 143 14.61 0.42 2.87
CA GLY A 143 13.98 -0.86 3.02
C GLY A 143 12.60 -0.82 3.66
N ALA A 144 12.34 0.26 4.39
CA ALA A 144 11.07 0.42 5.06
C ALA A 144 10.13 1.26 4.19
N TYR A 145 8.84 1.11 4.51
CA TYR A 145 7.81 1.87 3.83
C TYR A 145 8.21 3.36 3.87
N THR A 146 7.80 4.07 2.80
CA THR A 146 8.12 5.48 2.68
C THR A 146 6.86 6.36 2.74
N ARG A 147 5.97 6.14 1.76
CA ARG A 147 4.76 6.93 1.66
C ARG A 147 3.87 6.30 0.59
N SER A 148 2.68 6.89 0.47
CA SER A 148 1.65 6.40 -0.43
C SER A 148 1.33 7.48 -1.48
N GLU A 149 1.29 7.04 -2.74
CA GLU A 149 1.06 7.91 -3.88
C GLU A 149 0.33 7.09 -4.95
N LEU A 150 -0.73 7.70 -5.49
CA LEU A 150 -1.53 7.09 -6.53
C LEU A 150 -1.60 8.03 -7.73
N LEU A 151 -1.41 7.43 -8.90
CA LEU A 151 -1.41 8.15 -10.15
C LEU A 151 -2.72 7.84 -10.87
N THR A 152 -3.64 8.81 -10.85
CA THR A 152 -4.94 8.66 -11.46
C THR A 152 -5.15 9.75 -12.50
N GLY A 153 -5.89 9.39 -13.56
CA GLY A 153 -6.16 10.31 -14.64
C GLY A 153 -7.37 11.23 -14.40
N ALA A 154 -7.49 11.70 -13.14
CA ALA A 154 -8.65 12.49 -12.71
C ALA A 154 -8.53 12.78 -11.21
N SER A 155 -7.57 13.65 -10.87
CA SER A 155 -7.34 14.01 -9.47
C SER A 155 -8.63 14.56 -8.86
N ALA A 156 -9.34 15.36 -9.66
CA ALA A 156 -10.60 15.97 -9.23
C ALA A 156 -11.57 14.93 -8.67
N THR A 157 -11.59 13.74 -9.30
CA THR A 157 -12.44 12.66 -8.89
C THR A 157 -11.89 11.96 -7.65
N ASP A 158 -10.65 11.50 -7.75
CA ASP A 158 -10.09 10.72 -6.66
C ASP A 158 -10.03 11.53 -5.37
N GLY A 159 -9.72 12.82 -5.49
CA GLY A 159 -9.71 13.68 -4.33
C GLY A 159 -11.02 13.61 -3.56
N ALA A 160 -12.12 13.63 -4.33
CA ALA A 160 -13.46 13.57 -3.76
C ALA A 160 -13.71 12.21 -3.10
N PHE A 161 -13.13 11.16 -3.70
CA PHE A 161 -13.23 9.83 -3.15
C PHE A 161 -12.56 9.75 -1.78
N TYR A 162 -11.37 10.38 -1.69
CA TYR A 162 -10.61 10.31 -0.45
C TYR A 162 -11.40 11.05 0.64
N ARG A 163 -11.68 12.33 0.37
CA ARG A 163 -12.38 13.11 1.37
C ARG A 163 -13.66 12.41 1.84
N GLY A 164 -14.51 11.98 0.91
CA GLY A 164 -15.75 11.37 1.31
C GLY A 164 -15.58 10.25 2.34
N LEU A 165 -14.49 9.50 2.20
CA LEU A 165 -14.23 8.38 3.08
C LEU A 165 -13.47 8.78 4.36
N PHE A 166 -12.85 9.95 4.30
CA PHE A 166 -12.05 10.52 5.36
C PHE A 166 -12.77 11.70 6.01
N GLY A 167 -12.59 12.90 5.40
CA GLY A 167 -13.20 14.11 5.91
C GLY A 167 -14.28 14.67 4.98
N ALA A 168 -15.47 14.87 5.55
CA ALA A 168 -16.62 15.34 4.80
C ALA A 168 -16.46 16.83 4.45
N ASP A 169 -15.89 17.58 5.39
CA ASP A 169 -15.71 19.01 5.26
C ASP A 169 -14.38 19.38 4.59
N PHE A 170 -13.87 18.45 3.76
CA PHE A 170 -12.58 18.65 3.13
C PHE A 170 -12.50 19.98 2.39
N ALA A 171 -13.62 20.34 1.73
CA ALA A 171 -13.72 21.61 1.04
C ALA A 171 -13.18 22.79 1.85
N THR A 172 -13.33 22.74 3.17
CA THR A 172 -12.90 23.79 4.05
C THR A 172 -11.63 23.42 4.85
N GLU A 173 -10.74 22.68 4.18
CA GLU A 173 -9.54 22.17 4.79
C GLU A 173 -8.40 22.19 3.76
N SER A 174 -7.18 22.26 4.28
CA SER A 174 -5.98 22.21 3.44
C SER A 174 -4.76 22.36 4.36
N GLY A 175 -3.78 21.48 4.12
CA GLY A 175 -2.51 21.53 4.84
C GLY A 175 -2.63 20.99 6.27
N THR A 176 -2.21 19.73 6.44
CA THR A 176 -2.29 19.06 7.73
C THR A 176 -0.89 18.82 8.33
N ASP A 177 0.03 19.76 8.05
CA ASP A 177 1.35 19.77 8.67
C ASP A 177 2.02 18.40 8.52
N GLY A 178 1.76 17.78 7.35
CA GLY A 178 2.33 16.49 7.02
C GLY A 178 2.19 15.43 8.12
N GLY A 179 1.09 15.54 8.89
CA GLY A 179 0.89 14.71 10.05
C GLY A 179 -0.52 14.11 10.15
N GLY A 180 -1.48 14.89 9.65
CA GLY A 180 -2.86 14.45 9.58
C GLY A 180 -3.03 13.37 8.50
N ARG A 181 -4.12 13.50 7.74
CA ARG A 181 -4.45 12.50 6.73
C ARG A 181 -3.22 12.30 5.83
N ARG A 182 -3.06 11.04 5.40
CA ARG A 182 -1.94 10.64 4.56
C ARG A 182 -2.50 10.11 3.24
N ALA A 183 -2.16 10.79 2.13
CA ALA A 183 -2.57 10.39 0.81
C ALA A 183 -2.03 11.44 -0.17
N ALA A 184 -2.00 11.04 -1.45
CA ALA A 184 -1.54 11.90 -2.52
C ALA A 184 -1.97 11.27 -3.84
N ILE A 185 -2.55 12.10 -4.70
CA ILE A 185 -3.07 11.73 -6.00
C ILE A 185 -2.61 12.76 -7.02
N ARG A 186 -1.76 12.31 -7.95
CA ARG A 186 -1.29 13.17 -9.02
C ARG A 186 -2.00 12.77 -10.33
N GLN A 187 -2.28 13.81 -11.13
CA GLN A 187 -2.87 13.71 -12.46
C GLN A 187 -1.75 13.54 -13.50
N VAL A 188 -1.77 12.38 -14.15
CA VAL A 188 -0.86 12.00 -15.20
C VAL A 188 -1.55 10.94 -16.06
N GLY A 189 -0.84 10.54 -17.14
CA GLY A 189 -1.28 9.46 -18.01
C GLY A 189 -0.41 9.34 -19.24
N PRO A 190 -0.30 10.44 -20.02
CA PRO A 190 0.49 10.38 -21.24
C PRO A 190 2.00 10.34 -20.95
N ALA A 191 2.40 11.15 -19.96
CA ALA A 191 3.80 11.31 -19.62
C ALA A 191 4.17 10.66 -18.28
N ALA A 192 3.34 9.69 -17.85
CA ALA A 192 3.59 8.96 -16.63
C ALA A 192 2.53 7.86 -16.49
N PRO A 193 2.91 6.80 -15.76
CA PRO A 193 2.02 5.66 -15.55
C PRO A 193 0.83 6.05 -14.67
N SER A 194 -0.05 5.04 -14.52
CA SER A 194 -1.25 5.16 -13.73
C SER A 194 -1.47 3.88 -12.92
N GLY A 195 -1.97 4.08 -11.70
CA GLY A 195 -2.25 3.00 -10.78
C GLY A 195 -1.79 3.34 -9.37
N TRP A 196 -2.09 2.40 -8.47
CA TRP A 196 -1.81 2.52 -7.06
C TRP A 196 -0.47 1.86 -6.75
N TYR A 197 0.52 2.66 -6.34
CA TYR A 197 1.81 2.08 -6.03
C TYR A 197 2.60 3.05 -5.15
N PRO A 198 2.72 2.70 -3.86
CA PRO A 198 3.46 3.55 -2.94
C PRO A 198 4.94 3.59 -3.32
N CYS A 199 5.62 4.55 -2.69
CA CYS A 199 7.04 4.74 -2.85
C CYS A 199 7.79 3.98 -1.75
N PHE A 200 9.07 3.71 -2.05
CA PHE A 200 9.95 2.97 -1.17
C PHE A 200 11.34 3.59 -1.21
N ARG A 201 12.04 3.48 -0.08
CA ARG A 201 13.37 4.02 0.12
C ARG A 201 14.42 2.95 -0.18
N ALA A 202 15.38 3.31 -1.04
CA ALA A 202 16.49 2.43 -1.35
C ALA A 202 17.69 3.26 -1.81
N GLN A 203 18.78 2.51 -2.08
CA GLN A 203 20.03 3.07 -2.52
C GLN A 203 20.07 3.12 -4.04
N GLU A 204 20.94 3.98 -4.58
CA GLU A 204 21.10 4.08 -6.02
C GLU A 204 21.37 2.73 -6.66
N SER A 205 22.15 1.88 -5.96
CA SER A 205 22.52 0.58 -6.48
C SER A 205 21.31 -0.35 -6.70
N ALA A 206 20.19 -0.03 -6.05
CA ALA A 206 18.98 -0.82 -6.21
C ALA A 206 18.35 -0.61 -7.60
N VAL A 207 18.51 0.60 -8.15
CA VAL A 207 17.98 0.92 -9.46
C VAL A 207 18.42 -0.16 -10.47
N PRO A 208 19.73 -0.31 -10.69
CA PRO A 208 20.18 -1.30 -11.66
C PRO A 208 19.89 -2.72 -11.20
N ALA A 209 19.81 -2.95 -9.90
CA ALA A 209 19.47 -4.25 -9.36
C ALA A 209 18.22 -4.82 -10.02
N ALA A 210 17.27 -3.92 -10.35
CA ALA A 210 16.06 -4.36 -11.01
C ALA A 210 16.27 -4.52 -12.52
N VAL A 211 17.00 -3.57 -13.10
CA VAL A 211 17.27 -3.58 -14.53
C VAL A 211 17.88 -4.92 -14.96
N MET A 212 18.91 -5.36 -14.23
CA MET A 212 19.60 -6.58 -14.58
C MET A 212 18.66 -7.78 -14.70
N LEU A 213 17.58 -7.77 -13.92
CA LEU A 213 16.60 -8.84 -13.93
C LEU A 213 15.68 -8.80 -15.14
N GLY A 214 15.58 -7.61 -15.75
CA GLY A 214 14.77 -7.38 -16.91
C GLY A 214 13.54 -6.51 -16.64
N ALA A 215 13.65 -5.64 -15.63
CA ALA A 215 12.55 -4.75 -15.30
C ALA A 215 12.27 -3.81 -16.48
N SER A 216 11.00 -3.40 -16.58
CA SER A 216 10.56 -2.53 -17.64
C SER A 216 10.55 -1.08 -17.15
N VAL A 217 11.15 -0.19 -17.94
CA VAL A 217 11.17 1.22 -17.63
C VAL A 217 9.94 1.91 -18.25
N LEU A 218 9.29 2.74 -17.41
CA LEU A 218 8.18 3.54 -17.86
C LEU A 218 8.50 5.02 -17.64
N LEU A 219 8.78 5.36 -16.36
CA LEU A 219 8.91 6.76 -15.96
C LEU A 219 9.90 6.84 -14.81
N ARG A 220 10.96 7.62 -15.01
CA ARG A 220 11.99 7.80 -13.99
C ARG A 220 12.40 9.27 -13.83
N TYR A 221 11.37 10.11 -13.62
CA TYR A 221 11.57 11.53 -13.41
C TYR A 221 10.22 12.15 -13.02
N ASP A 222 10.23 13.48 -12.82
CA ASP A 222 9.02 14.26 -12.59
C ASP A 222 8.38 13.90 -11.24
N CYS A 223 9.18 14.16 -10.18
CA CYS A 223 8.76 13.86 -8.83
C CYS A 223 9.01 15.07 -7.92
N PRO A 224 8.24 15.14 -6.82
CA PRO A 224 8.35 16.27 -5.90
C PRO A 224 9.70 16.34 -5.19
N ASP A 225 10.32 15.16 -5.04
CA ASP A 225 11.60 14.99 -4.41
C ASP A 225 12.78 15.05 -5.40
N GLY A 226 12.45 15.07 -6.70
CA GLY A 226 13.44 15.11 -7.75
C GLY A 226 13.57 13.76 -8.46
N PRO A 227 14.62 13.00 -8.11
CA PRO A 227 14.89 11.73 -8.80
C PRO A 227 13.79 10.71 -8.49
N ALA A 228 13.32 10.05 -9.55
CA ALA A 228 12.26 9.06 -9.45
C ALA A 228 12.61 7.87 -10.33
N VAL A 229 12.18 6.69 -9.90
CA VAL A 229 12.39 5.47 -10.68
C VAL A 229 11.17 4.57 -10.54
N VAL A 230 10.40 4.47 -11.63
CA VAL A 230 9.23 3.61 -11.65
C VAL A 230 9.46 2.55 -12.73
N VAL A 231 9.60 1.31 -12.25
CA VAL A 231 9.75 0.14 -13.09
C VAL A 231 8.52 -0.77 -12.94
N SER A 232 8.21 -1.43 -14.07
CA SER A 232 7.14 -2.39 -14.16
C SER A 232 7.74 -3.80 -14.18
N ALA A 233 7.30 -4.59 -13.20
CA ALA A 233 7.73 -5.95 -13.04
C ALA A 233 7.16 -6.81 -14.19
N PRO A 234 7.84 -7.90 -14.50
CA PRO A 234 7.46 -8.70 -15.65
C PRO A 234 6.06 -9.31 -15.51
N GLY A 235 5.67 -9.57 -14.26
CA GLY A 235 4.37 -10.11 -13.96
C GLY A 235 3.21 -9.13 -14.13
N GLY A 236 3.52 -7.82 -14.16
CA GLY A 236 2.50 -6.81 -14.33
C GLY A 236 2.32 -5.88 -13.13
N GLU A 237 3.28 -5.91 -12.21
CA GLU A 237 3.24 -5.12 -10.99
C GLU A 237 4.00 -3.81 -11.24
N VAL A 238 3.64 -2.75 -10.49
CA VAL A 238 4.25 -1.44 -10.67
C VAL A 238 4.58 -0.88 -9.30
N PHE A 239 5.77 -0.28 -9.18
CA PHE A 239 6.21 0.28 -7.92
C PHE A 239 7.24 1.37 -8.18
N THR A 240 7.32 2.31 -7.22
CA THR A 240 8.22 3.45 -7.32
C THR A 240 9.36 3.39 -6.29
N LEU A 241 10.53 3.75 -6.78
CA LEU A 241 11.77 3.74 -6.02
C LEU A 241 12.31 5.17 -5.92
N LEU A 242 12.57 5.57 -4.67
CA LEU A 242 13.13 6.86 -4.35
C LEU A 242 14.44 6.63 -3.60
N LEU A 243 15.51 7.22 -4.15
CA LEU A 243 16.84 7.13 -3.59
C LEU A 243 16.96 8.16 -2.46
N THR A 244 17.19 7.65 -1.25
CA THR A 244 17.36 8.46 -0.06
C THR A 244 18.24 7.68 0.93
N ASP A 245 18.70 8.42 1.93
CA ASP A 245 19.60 7.99 2.97
C ASP A 245 19.81 9.24 3.90
N GLY A 1 -22.33 -9.76 30.36
CA GLY A 1 -21.34 -8.69 30.62
C GLY A 1 -19.97 -9.37 30.48
N SER A 2 -18.90 -8.58 30.52
CA SER A 2 -17.54 -9.05 30.50
C SER A 2 -16.64 -7.83 30.73
N HIS A 3 -15.40 -8.07 31.14
CA HIS A 3 -14.42 -7.03 31.38
C HIS A 3 -13.08 -7.47 30.78
N MET A 4 -12.81 -6.94 29.58
CA MET A 4 -11.60 -7.21 28.84
C MET A 4 -10.63 -6.01 28.96
N SER A 5 -9.45 -6.20 28.37
CA SER A 5 -8.45 -5.14 28.34
C SER A 5 -9.07 -3.87 27.72
N HIS A 6 -8.53 -2.73 28.19
CA HIS A 6 -9.00 -1.42 27.80
C HIS A 6 -7.82 -0.43 27.72
N ASP A 7 -7.01 -0.59 26.67
CA ASP A 7 -5.85 0.25 26.44
C ASP A 7 -5.86 0.73 25.00
N ALA A 8 -5.70 2.04 24.81
CA ALA A 8 -5.66 2.64 23.48
C ALA A 8 -4.21 3.02 23.13
N VAL A 9 -3.78 2.58 21.95
CA VAL A 9 -2.43 2.85 21.47
C VAL A 9 -2.50 3.92 20.38
N ARG A 10 -1.47 4.78 20.35
CA ARG A 10 -1.36 5.85 19.39
C ARG A 10 -0.03 5.71 18.63
N PRO A 11 -0.08 5.12 17.43
CA PRO A 11 1.13 4.97 16.63
C PRO A 11 1.55 6.32 16.03
N ALA A 12 2.72 6.29 15.37
CA ALA A 12 3.33 7.49 14.82
C ALA A 12 2.53 7.96 13.59
N PRO A 13 1.89 9.12 13.69
CA PRO A 13 1.06 9.58 12.58
C PRO A 13 1.95 10.01 11.41
N GLY A 14 1.52 9.60 10.21
CA GLY A 14 2.23 9.93 9.00
C GLY A 14 2.83 8.74 8.28
N GLU A 15 3.23 7.72 9.05
CA GLU A 15 3.83 6.54 8.47
C GLU A 15 2.77 5.75 7.67
N PRO A 16 3.25 5.00 6.68
CA PRO A 16 2.35 4.14 5.91
C PRO A 16 1.78 3.03 6.81
N THR A 17 0.68 2.45 6.29
CA THR A 17 -0.05 1.42 6.99
C THR A 17 0.54 0.02 6.75
N TRP A 18 0.39 -0.46 5.51
CA TRP A 18 0.88 -1.77 5.12
C TRP A 18 0.70 -1.89 3.62
N VAL A 19 1.58 -2.69 2.98
CA VAL A 19 1.46 -2.97 1.57
C VAL A 19 2.19 -4.28 1.27
N ASP A 20 1.40 -5.26 0.79
CA ASP A 20 1.86 -6.58 0.46
C ASP A 20 1.66 -6.81 -1.05
N LEU A 21 2.63 -7.52 -1.64
CA LEU A 21 2.58 -7.86 -3.05
C LEU A 21 2.50 -9.38 -3.19
N LEU A 22 1.38 -9.82 -3.77
CA LEU A 22 1.11 -11.21 -4.07
C LEU A 22 1.86 -11.58 -5.36
N THR A 23 2.27 -12.86 -5.41
CA THR A 23 2.98 -13.36 -6.56
C THR A 23 2.53 -14.80 -6.84
N PRO A 24 2.62 -15.22 -8.11
CA PRO A 24 2.23 -16.57 -8.47
C PRO A 24 3.16 -17.62 -7.86
N ASP A 25 4.44 -17.25 -7.73
CA ASP A 25 5.46 -18.15 -7.24
C ASP A 25 6.27 -17.47 -6.16
N ARG A 26 5.86 -17.67 -4.91
CA ARG A 26 6.51 -17.05 -3.76
C ARG A 26 8.02 -17.28 -3.83
N GLY A 27 8.40 -18.54 -4.14
CA GLY A 27 9.81 -18.85 -4.21
C GLY A 27 10.59 -18.03 -5.23
N ALA A 28 9.93 -17.72 -6.35
CA ALA A 28 10.55 -16.98 -7.43
C ALA A 28 10.54 -15.48 -7.12
N ALA A 29 9.44 -15.02 -6.55
CA ALA A 29 9.32 -13.61 -6.21
C ALA A 29 10.48 -13.19 -5.31
N LEU A 30 10.79 -14.05 -4.34
CA LEU A 30 11.85 -13.78 -3.42
C LEU A 30 13.21 -13.65 -4.12
N GLN A 31 13.31 -14.21 -5.33
CA GLN A 31 14.54 -14.12 -6.09
C GLN A 31 14.64 -12.77 -6.84
N PHE A 32 13.50 -12.31 -7.37
CA PHE A 32 13.46 -11.05 -8.09
C PHE A 32 13.29 -9.89 -7.11
N TYR A 33 12.13 -9.85 -6.44
CA TYR A 33 11.82 -8.73 -5.57
C TYR A 33 12.95 -8.47 -4.57
N SER A 34 13.39 -9.56 -3.90
CA SER A 34 14.40 -9.39 -2.90
C SER A 34 15.74 -8.94 -3.48
N ALA A 35 15.97 -9.22 -4.76
CA ALA A 35 17.17 -8.80 -5.45
C ALA A 35 17.17 -7.30 -5.81
N LEU A 36 15.99 -6.66 -5.71
CA LEU A 36 15.87 -5.26 -6.04
C LEU A 36 16.40 -4.41 -4.88
N PHE A 37 15.94 -4.81 -3.67
CA PHE A 37 16.28 -4.12 -2.45
C PHE A 37 17.47 -4.73 -1.71
N GLY A 38 17.58 -6.06 -1.82
CA GLY A 38 18.63 -6.83 -1.16
C GLY A 38 18.24 -7.26 0.25
N TRP A 39 17.03 -7.81 0.36
CA TRP A 39 16.50 -8.27 1.62
C TRP A 39 16.74 -9.78 1.80
N GLU A 40 16.43 -10.24 3.02
CA GLU A 40 16.58 -11.62 3.41
C GLU A 40 15.21 -12.26 3.64
N PHE A 41 15.19 -13.59 3.51
CA PHE A 41 13.99 -14.37 3.73
C PHE A 41 13.95 -14.84 5.19
N SER A 42 12.74 -15.20 5.63
CA SER A 42 12.54 -15.72 6.97
C SER A 42 11.30 -16.61 6.98
N THR A 43 11.30 -17.53 7.95
CA THR A 43 10.22 -18.48 8.11
C THR A 43 9.23 -17.96 9.17
N THR A 44 7.95 -18.29 8.93
CA THR A 44 6.90 -17.96 9.87
C THR A 44 6.57 -19.16 10.77
N SER A 45 5.81 -18.84 11.82
CA SER A 45 5.29 -19.84 12.72
C SER A 45 4.53 -20.92 11.93
N ASP A 46 4.47 -22.10 12.56
CA ASP A 46 3.73 -23.22 12.01
C ASP A 46 2.26 -23.14 12.44
N GLY A 47 1.41 -23.88 11.72
CA GLY A 47 0.01 -23.98 12.02
C GLY A 47 -0.87 -23.21 11.03
N THR A 48 -0.29 -22.17 10.45
CA THR A 48 -0.94 -21.34 9.47
C THR A 48 -0.27 -21.52 8.10
N SER A 49 -0.96 -20.95 7.10
CA SER A 49 -0.51 -20.96 5.73
C SER A 49 0.90 -20.35 5.63
N PRO A 50 1.61 -20.69 4.54
CA PRO A 50 2.98 -20.20 4.36
C PRO A 50 3.00 -18.70 4.01
N TYR A 51 3.60 -17.93 4.92
CA TYR A 51 3.71 -16.49 4.81
C TYR A 51 5.16 -16.07 5.06
N THR A 52 5.83 -15.61 3.98
CA THR A 52 7.21 -15.18 4.11
C THR A 52 7.24 -13.71 4.57
N MET A 53 7.74 -13.53 5.80
CA MET A 53 7.89 -12.22 6.40
C MET A 53 9.33 -11.73 6.15
N CYS A 54 9.41 -10.62 5.40
CA CYS A 54 10.69 -10.00 5.09
C CYS A 54 11.17 -9.19 6.30
N ARG A 55 12.23 -9.72 6.91
CA ARG A 55 12.85 -9.16 8.10
C ARG A 55 14.37 -9.17 7.89
N LEU A 56 15.00 -8.09 8.36
CA LEU A 56 16.44 -7.95 8.24
C LEU A 56 16.90 -7.00 9.34
N ARG A 57 18.12 -7.24 9.85
CA ARG A 57 18.69 -6.36 10.87
C ARG A 57 17.76 -6.24 12.10
N GLY A 58 16.94 -7.27 12.33
CA GLY A 58 15.97 -7.23 13.42
C GLY A 58 14.83 -6.23 13.25
N ARG A 59 14.51 -5.92 11.99
CA ARG A 59 13.56 -4.88 11.66
C ARG A 59 12.72 -5.35 10.47
N GLU A 60 11.41 -5.36 10.69
CA GLU A 60 10.45 -5.71 9.66
C GLU A 60 10.41 -4.65 8.54
N VAL A 61 10.20 -5.18 7.33
CA VAL A 61 10.12 -4.35 6.14
C VAL A 61 8.81 -4.54 5.38
N CYS A 62 8.48 -5.81 5.07
CA CYS A 62 7.31 -6.10 4.27
C CYS A 62 6.95 -7.58 4.42
N SER A 63 5.91 -7.98 3.68
CA SER A 63 5.47 -9.36 3.62
C SER A 63 5.19 -9.75 2.15
N ILE A 64 5.34 -11.05 1.91
CA ILE A 64 5.00 -11.64 0.63
C ILE A 64 3.92 -12.71 0.83
N GLY A 65 3.01 -12.76 -0.14
CA GLY A 65 1.93 -13.70 -0.15
C GLY A 65 1.72 -14.29 -1.55
N ASP A 66 0.97 -15.39 -1.58
CA ASP A 66 0.62 -16.10 -2.79
C ASP A 66 -0.90 -16.15 -2.90
N LEU A 67 -1.35 -16.91 -3.91
CA LEU A 67 -2.73 -17.12 -4.21
C LEU A 67 -3.20 -18.57 -4.06
N GLY A 68 -2.29 -19.53 -4.19
CA GLY A 68 -2.63 -20.94 -4.14
C GLY A 68 -3.68 -21.25 -5.21
N GLU A 69 -4.92 -21.42 -4.73
CA GLU A 69 -6.05 -21.82 -5.53
C GLU A 69 -7.14 -20.75 -5.60
N ASN A 70 -6.75 -19.51 -5.31
CA ASN A 70 -7.67 -18.37 -5.26
C ASN A 70 -7.56 -17.55 -6.56
N PRO A 71 -8.51 -17.73 -7.48
CA PRO A 71 -8.45 -17.02 -8.75
C PRO A 71 -8.81 -15.54 -8.63
N GLY A 72 -9.58 -15.21 -7.59
CA GLY A 72 -10.02 -13.86 -7.31
C GLY A 72 -9.37 -13.30 -6.03
N PRO A 73 -8.10 -12.90 -6.12
CA PRO A 73 -7.43 -12.36 -4.96
C PRO A 73 -7.95 -10.95 -4.64
N ALA A 74 -7.36 -10.41 -3.55
CA ALA A 74 -7.73 -9.11 -3.04
C ALA A 74 -6.73 -8.00 -3.45
N LEU A 75 -5.46 -8.40 -3.56
CA LEU A 75 -4.36 -7.49 -3.81
C LEU A 75 -4.30 -7.14 -5.32
N GLY A 76 -4.06 -8.19 -6.13
CA GLY A 76 -3.96 -8.02 -7.56
C GLY A 76 -2.79 -7.15 -8.03
N GLY A 77 -1.74 -7.09 -7.20
CA GLY A 77 -0.56 -6.31 -7.48
C GLY A 77 -0.27 -5.32 -6.35
N TRP A 78 0.82 -4.57 -6.54
CA TRP A 78 1.14 -3.49 -5.62
C TRP A 78 -0.11 -2.59 -5.52
N SER A 79 -0.23 -1.97 -4.33
CA SER A 79 -1.29 -1.02 -4.08
C SER A 79 -0.96 -0.28 -2.79
N SER A 80 -1.45 0.97 -2.74
CA SER A 80 -1.31 1.82 -1.57
C SER A 80 -2.55 1.66 -0.68
N TYR A 81 -2.30 1.43 0.61
CA TYR A 81 -3.32 1.35 1.62
C TYR A 81 -3.32 2.62 2.48
N LEU A 82 -4.52 3.17 2.61
CA LEU A 82 -4.75 4.37 3.39
C LEU A 82 -5.63 4.00 4.59
N SER A 83 -5.41 4.75 5.69
CA SER A 83 -6.12 4.55 6.94
C SER A 83 -7.32 5.51 7.02
N VAL A 84 -8.48 4.90 7.22
CA VAL A 84 -9.75 5.59 7.27
C VAL A 84 -10.30 5.61 8.69
N ASP A 85 -11.30 6.49 8.90
CA ASP A 85 -11.89 6.66 10.21
C ASP A 85 -12.36 5.33 10.76
N ASP A 86 -12.94 4.52 9.86
CA ASP A 86 -13.48 3.22 10.20
C ASP A 86 -13.76 2.47 8.90
N ALA A 87 -13.69 1.15 8.96
CA ALA A 87 -14.02 0.33 7.81
C ALA A 87 -15.37 0.77 7.23
N ASP A 88 -16.32 0.95 8.15
CA ASP A 88 -17.65 1.31 7.74
C ASP A 88 -17.71 2.73 7.23
N ALA A 89 -16.96 3.63 7.87
CA ALA A 89 -16.91 5.03 7.47
C ALA A 89 -16.58 5.12 5.98
N ALA A 90 -15.48 4.47 5.60
CA ALA A 90 -15.01 4.56 4.23
C ALA A 90 -16.12 4.05 3.29
N ALA A 91 -16.51 2.80 3.52
CA ALA A 91 -17.52 2.17 2.70
C ALA A 91 -18.81 3.00 2.60
N ALA A 92 -19.11 3.77 3.64
CA ALA A 92 -20.29 4.59 3.70
C ALA A 92 -20.13 5.90 2.90
N ALA A 93 -18.89 6.37 2.81
CA ALA A 93 -18.59 7.57 2.07
C ALA A 93 -18.49 7.27 0.57
N VAL A 94 -18.02 6.07 0.24
CA VAL A 94 -17.96 5.65 -1.15
C VAL A 94 -19.23 6.06 -1.90
N PRO A 95 -20.40 5.58 -1.48
CA PRO A 95 -21.63 5.91 -2.20
C PRO A 95 -21.99 7.40 -2.12
N GLU A 96 -21.63 8.04 -0.99
CA GLU A 96 -21.90 9.45 -0.81
C GLU A 96 -21.33 10.30 -1.94
N LEU A 97 -20.24 9.82 -2.54
CA LEU A 97 -19.57 10.53 -3.61
C LEU A 97 -20.02 10.05 -5.00
N GLY A 98 -20.51 8.81 -5.02
CA GLY A 98 -20.98 8.18 -6.23
C GLY A 98 -20.10 7.04 -6.72
N GLY A 99 -19.38 6.40 -5.78
CA GLY A 99 -18.59 5.23 -6.10
C GLY A 99 -19.34 3.95 -5.74
N ALA A 100 -18.57 2.85 -5.76
CA ALA A 100 -19.10 1.52 -5.53
C ALA A 100 -18.08 0.73 -4.71
N VAL A 101 -18.59 -0.08 -3.78
CA VAL A 101 -17.76 -0.96 -2.97
C VAL A 101 -17.67 -2.32 -3.65
N LEU A 102 -16.47 -2.90 -3.62
CA LEU A 102 -16.21 -4.18 -4.23
C LEU A 102 -15.97 -5.28 -3.19
N LEU A 103 -15.24 -4.92 -2.14
CA LEU A 103 -14.94 -5.84 -1.06
C LEU A 103 -15.31 -5.18 0.27
N GLY A 104 -15.39 -6.03 1.31
CA GLY A 104 -15.71 -5.58 2.64
C GLY A 104 -17.17 -5.12 2.78
N PRO A 105 -17.53 -4.78 4.03
CA PRO A 105 -16.70 -4.90 5.22
C PRO A 105 -16.47 -6.38 5.57
N ILE A 106 -15.22 -6.69 5.93
CA ILE A 106 -14.82 -8.04 6.31
C ILE A 106 -13.96 -7.97 7.57
N ASP A 107 -13.97 -9.08 8.33
CA ASP A 107 -13.22 -9.21 9.55
C ASP A 107 -12.10 -10.25 9.36
N ILE A 108 -10.91 -9.71 9.08
CA ILE A 108 -9.74 -10.55 8.86
C ILE A 108 -9.23 -10.99 10.24
N LEU A 109 -9.63 -12.20 10.63
CA LEU A 109 -9.16 -12.82 11.86
C LEU A 109 -9.40 -11.93 13.09
N ALA A 110 -10.45 -11.09 12.97
CA ALA A 110 -10.80 -10.10 13.99
C ALA A 110 -9.61 -9.21 14.36
N GLN A 111 -8.64 -9.12 13.45
CA GLN A 111 -7.42 -8.36 13.69
C GLN A 111 -7.44 -7.05 12.89
N GLY A 112 -7.97 -7.12 11.67
CA GLY A 112 -8.10 -5.94 10.84
C GLY A 112 -9.27 -6.10 9.88
N ARG A 113 -9.41 -5.06 9.04
CA ARG A 113 -10.48 -4.93 8.07
C ARG A 113 -9.85 -4.28 6.82
N MET A 114 -10.01 -4.98 5.69
CA MET A 114 -9.51 -4.56 4.40
C MET A 114 -10.67 -4.58 3.41
N LEU A 115 -10.90 -3.46 2.74
CA LEU A 115 -11.94 -3.37 1.75
C LEU A 115 -11.46 -2.52 0.58
N LEU A 116 -12.07 -2.76 -0.59
CA LEU A 116 -11.77 -2.00 -1.79
C LEU A 116 -13.05 -1.32 -2.31
N ALA A 117 -12.84 -0.20 -3.00
CA ALA A 117 -13.89 0.62 -3.55
C ALA A 117 -13.36 1.36 -4.79
N GLY A 118 -14.29 2.10 -5.41
CA GLY A 118 -14.01 2.85 -6.61
C GLY A 118 -15.02 2.50 -7.71
N ASP A 119 -14.48 2.28 -8.92
CA ASP A 119 -15.30 2.00 -10.08
C ASP A 119 -15.31 0.50 -10.37
N PRO A 120 -16.37 0.03 -11.02
CA PRO A 120 -16.52 -1.38 -11.33
C PRO A 120 -15.51 -1.91 -12.36
N SER A 121 -14.74 -0.97 -12.95
CA SER A 121 -13.64 -1.32 -13.82
C SER A 121 -12.63 -2.25 -13.15
N GLY A 122 -12.63 -2.25 -11.80
CA GLY A 122 -11.76 -3.10 -11.03
C GLY A 122 -10.73 -2.34 -10.21
N HIS A 123 -11.07 -1.08 -9.87
CA HIS A 123 -10.19 -0.24 -9.09
C HIS A 123 -10.14 -0.77 -7.65
N ARG A 124 -8.91 -1.07 -7.21
CA ARG A 124 -8.69 -1.60 -5.88
C ARG A 124 -7.93 -0.55 -5.05
N VAL A 125 -8.71 0.15 -4.19
CA VAL A 125 -8.14 1.18 -3.35
C VAL A 125 -7.96 0.60 -1.95
N GLY A 126 -6.69 0.42 -1.55
CA GLY A 126 -6.38 -0.20 -0.28
C GLY A 126 -6.90 0.65 0.89
N LEU A 127 -7.78 0.05 1.68
CA LEU A 127 -8.40 0.71 2.82
C LEU A 127 -8.26 -0.21 4.03
N TRP A 128 -7.56 0.30 5.04
CA TRP A 128 -7.36 -0.38 6.30
C TRP A 128 -7.91 0.48 7.45
N GLN A 129 -8.40 -0.24 8.47
CA GLN A 129 -9.02 0.37 9.63
C GLN A 129 -8.08 0.27 10.85
N ALA A 130 -7.35 1.36 11.08
CA ALA A 130 -6.42 1.42 12.20
C ALA A 130 -7.17 1.72 13.52
N LYS A 131 -7.11 0.72 14.41
CA LYS A 131 -7.74 0.78 15.71
C LYS A 131 -6.77 0.54 16.87
N GLU A 132 -5.82 -0.39 16.65
CA GLU A 132 -4.84 -0.78 17.63
C GLU A 132 -3.43 -0.26 17.26
N HIS A 133 -3.11 -0.36 15.96
CA HIS A 133 -1.83 0.07 15.45
C HIS A 133 -1.99 0.25 13.93
N THR A 134 -1.14 1.14 13.38
CA THR A 134 -1.14 1.43 11.97
C THR A 134 0.04 0.78 11.21
N GLY A 135 0.59 -0.29 11.82
CA GLY A 135 1.73 -0.95 11.20
C GLY A 135 2.96 -0.05 11.12
N SER A 136 3.05 0.86 12.11
CA SER A 136 4.16 1.77 12.25
C SER A 136 5.44 0.96 12.54
N GLY A 137 6.18 0.72 11.46
CA GLY A 137 7.40 -0.03 11.53
C GLY A 137 8.59 0.87 11.88
N PRO A 138 9.72 0.23 12.14
CA PRO A 138 10.93 1.00 12.45
C PRO A 138 11.42 1.74 11.21
N ASP A 139 11.78 3.01 11.43
CA ASP A 139 12.26 3.85 10.33
C ASP A 139 13.76 3.64 10.17
N ASP A 140 14.08 2.67 9.30
CA ASP A 140 15.46 2.28 9.03
C ASP A 140 16.03 3.03 7.83
N GLY A 141 15.39 4.16 7.49
CA GLY A 141 15.80 4.91 6.32
C GLY A 141 15.68 4.04 5.07
N ILE A 142 16.83 3.73 4.47
CA ILE A 142 16.85 2.94 3.26
C ILE A 142 16.32 1.53 3.54
N GLY A 143 15.54 1.03 2.57
CA GLY A 143 14.96 -0.29 2.70
C GLY A 143 13.55 -0.27 3.27
N ALA A 144 13.23 0.81 3.98
CA ALA A 144 11.91 0.96 4.55
C ALA A 144 10.98 1.67 3.56
N TYR A 145 9.69 1.49 3.82
CA TYR A 145 8.66 2.15 3.04
C TYR A 145 8.93 3.67 3.04
N THR A 146 8.42 4.33 1.99
CA THR A 146 8.62 5.76 1.87
C THR A 146 7.31 6.54 2.03
N ARG A 147 6.35 6.26 1.15
CA ARG A 147 5.09 6.96 1.12
C ARG A 147 4.18 6.26 0.12
N SER A 148 2.95 6.77 0.04
CA SER A 148 1.91 6.21 -0.80
C SER A 148 1.45 7.26 -1.83
N GLU A 149 1.51 6.83 -3.10
CA GLU A 149 1.14 7.66 -4.23
C GLU A 149 0.45 6.78 -5.27
N LEU A 150 -0.61 7.34 -5.85
CA LEU A 150 -1.38 6.72 -6.91
C LEU A 150 -1.39 7.63 -8.13
N LEU A 151 -1.28 6.99 -9.29
CA LEU A 151 -1.26 7.67 -10.57
C LEU A 151 -2.57 7.30 -11.29
N THR A 152 -3.52 8.24 -11.28
CA THR A 152 -4.80 8.03 -11.91
C THR A 152 -5.02 9.09 -12.97
N GLY A 153 -5.68 8.69 -14.07
CA GLY A 153 -5.96 9.58 -15.17
C GLY A 153 -7.19 10.46 -14.99
N ALA A 154 -7.33 11.02 -13.77
CA ALA A 154 -8.52 11.78 -13.40
C ALA A 154 -8.44 12.16 -11.92
N SER A 155 -7.52 13.09 -11.62
CA SER A 155 -7.35 13.57 -10.25
C SER A 155 -8.67 14.15 -9.72
N ALA A 156 -9.41 14.83 -10.59
CA ALA A 156 -10.66 15.46 -10.21
C ALA A 156 -11.66 14.43 -9.64
N THR A 157 -11.58 13.19 -10.17
CA THR A 157 -12.46 12.12 -9.76
C THR A 157 -11.91 11.44 -8.50
N ASP A 158 -10.68 10.93 -8.61
CA ASP A 158 -10.10 10.19 -7.51
C ASP A 158 -9.96 11.07 -6.28
N GLY A 159 -9.61 12.34 -6.52
CA GLY A 159 -9.50 13.29 -5.45
C GLY A 159 -10.74 13.29 -4.56
N ALA A 160 -11.92 13.19 -5.19
CA ALA A 160 -13.16 13.14 -4.44
C ALA A 160 -13.16 11.97 -3.46
N PHE A 161 -12.71 10.80 -3.95
CA PHE A 161 -12.63 9.61 -3.12
C PHE A 161 -11.85 9.92 -1.85
N TYR A 162 -10.72 10.62 -2.03
CA TYR A 162 -9.86 10.91 -0.88
C TYR A 162 -10.49 11.97 0.03
N ARG A 163 -10.82 13.12 -0.53
CA ARG A 163 -11.37 14.20 0.25
C ARG A 163 -12.75 13.88 0.85
N GLY A 164 -13.35 12.78 0.38
CA GLY A 164 -14.63 12.33 0.86
C GLY A 164 -14.53 11.23 1.93
N LEU A 165 -13.77 10.16 1.60
CA LEU A 165 -13.66 9.06 2.53
C LEU A 165 -12.77 9.44 3.73
N PHE A 166 -11.83 10.35 3.47
CA PHE A 166 -10.87 10.82 4.45
C PHE A 166 -11.13 12.29 4.81
N GLY A 167 -11.04 13.14 3.79
CA GLY A 167 -11.28 14.55 4.00
C GLY A 167 -12.56 14.78 4.80
N ALA A 168 -12.48 15.84 5.65
CA ALA A 168 -13.62 16.23 6.47
C ALA A 168 -14.52 17.22 5.72
N ASP A 169 -13.99 17.77 4.63
CA ASP A 169 -14.68 18.71 3.77
C ASP A 169 -16.10 18.26 3.45
N PHE A 170 -16.28 16.93 3.28
CA PHE A 170 -17.61 16.39 3.03
C PHE A 170 -18.67 16.99 3.98
N ALA A 171 -18.32 17.08 5.27
CA ALA A 171 -19.21 17.56 6.30
C ALA A 171 -18.91 18.99 6.76
N THR A 172 -17.79 19.54 6.27
CA THR A 172 -17.38 20.91 6.53
C THR A 172 -17.52 21.27 8.01
N GLU A 173 -16.94 20.38 8.85
CA GLU A 173 -16.93 20.55 10.28
C GLU A 173 -15.69 19.84 10.85
N SER A 174 -15.34 20.23 12.08
CA SER A 174 -14.23 19.65 12.81
C SER A 174 -14.30 20.16 14.25
N GLY A 175 -13.37 19.66 15.08
CA GLY A 175 -13.26 20.15 16.44
C GLY A 175 -11.83 20.06 16.96
N THR A 176 -11.46 18.82 17.36
CA THR A 176 -10.19 18.56 17.99
C THR A 176 -9.53 17.30 17.41
N ASP A 177 -9.42 17.29 16.07
CA ASP A 177 -8.89 16.15 15.36
C ASP A 177 -7.64 16.55 14.58
N GLY A 178 -6.58 15.73 14.76
CA GLY A 178 -5.29 16.00 14.15
C GLY A 178 -4.46 14.74 13.91
N GLY A 179 -5.16 13.66 13.55
CA GLY A 179 -4.51 12.38 13.36
C GLY A 179 -3.47 12.38 12.22
N GLY A 180 -3.83 13.08 11.14
CA GLY A 180 -2.94 13.21 10.01
C GLY A 180 -3.25 12.15 8.94
N ARG A 181 -3.71 12.64 7.79
CA ARG A 181 -4.03 11.81 6.64
C ARG A 181 -2.76 11.66 5.77
N ARG A 182 -2.74 10.58 4.98
CA ARG A 182 -1.64 10.29 4.08
C ARG A 182 -2.22 9.74 2.77
N ALA A 183 -1.98 10.46 1.67
CA ALA A 183 -2.37 10.02 0.34
C ALA A 183 -1.91 11.08 -0.67
N ALA A 184 -1.97 10.70 -1.95
CA ALA A 184 -1.64 11.59 -3.05
C ALA A 184 -2.05 10.90 -4.35
N ILE A 185 -2.67 11.70 -5.24
CA ILE A 185 -3.13 11.26 -6.54
C ILE A 185 -2.69 12.28 -7.59
N ARG A 186 -1.76 11.85 -8.45
CA ARG A 186 -1.31 12.69 -9.54
C ARG A 186 -2.00 12.25 -10.84
N GLN A 187 -2.28 13.28 -11.66
CA GLN A 187 -2.84 13.15 -13.00
C GLN A 187 -1.69 12.98 -14.01
N VAL A 188 -1.69 11.82 -14.67
CA VAL A 188 -0.76 11.44 -15.71
C VAL A 188 -1.44 10.35 -16.55
N GLY A 189 -0.71 9.94 -17.61
CA GLY A 189 -1.13 8.84 -18.46
C GLY A 189 -0.23 8.71 -19.68
N PRO A 190 -0.13 9.79 -20.48
CA PRO A 190 0.68 9.73 -21.69
C PRO A 190 2.18 9.72 -21.38
N ALA A 191 2.57 10.56 -20.40
CA ALA A 191 3.96 10.74 -20.04
C ALA A 191 4.29 10.13 -18.67
N ALA A 192 3.49 9.14 -18.26
CA ALA A 192 3.74 8.44 -17.01
C ALA A 192 2.70 7.32 -16.87
N PRO A 193 3.08 6.29 -16.11
CA PRO A 193 2.21 5.14 -15.91
C PRO A 193 0.99 5.51 -15.06
N SER A 194 0.17 4.47 -14.83
CA SER A 194 -1.06 4.60 -14.07
C SER A 194 -1.26 3.33 -13.24
N GLY A 195 -1.72 3.55 -12.00
CA GLY A 195 -1.99 2.49 -11.07
C GLY A 195 -1.51 2.88 -9.67
N TRP A 196 -1.78 1.95 -8.74
CA TRP A 196 -1.49 2.09 -7.33
C TRP A 196 -0.15 1.44 -7.00
N TYR A 197 0.84 2.27 -6.61
CA TYR A 197 2.14 1.72 -6.29
C TYR A 197 2.90 2.72 -5.43
N PRO A 198 3.04 2.40 -4.13
CA PRO A 198 3.78 3.29 -3.25
C PRO A 198 5.26 3.33 -3.64
N CYS A 199 5.93 4.31 -3.01
CA CYS A 199 7.35 4.53 -3.19
C CYS A 199 8.14 3.86 -2.06
N PHE A 200 9.40 3.57 -2.36
CA PHE A 200 10.30 2.88 -1.47
C PHE A 200 11.68 3.52 -1.57
N ARG A 201 12.41 3.47 -0.45
CA ARG A 201 13.75 4.05 -0.37
C ARG A 201 14.81 2.98 -0.65
N ALA A 202 15.72 3.31 -1.57
CA ALA A 202 16.83 2.43 -1.86
C ALA A 202 18.01 3.24 -2.38
N GLN A 203 19.19 2.61 -2.28
CA GLN A 203 20.43 3.21 -2.76
C GLN A 203 20.41 3.26 -4.29
N GLU A 204 21.25 4.13 -4.86
CA GLU A 204 21.38 4.22 -6.30
C GLU A 204 21.68 2.85 -6.91
N SER A 205 22.48 2.04 -6.22
CA SER A 205 22.88 0.74 -6.71
C SER A 205 21.70 -0.23 -6.90
N ALA A 206 20.59 0.07 -6.23
CA ALA A 206 19.39 -0.75 -6.34
C ALA A 206 18.73 -0.60 -7.71
N VAL A 207 18.83 0.61 -8.27
CA VAL A 207 18.27 0.87 -9.59
C VAL A 207 18.71 -0.20 -10.59
N PRO A 208 20.02 -0.32 -10.83
CA PRO A 208 20.47 -1.32 -11.78
C PRO A 208 20.23 -2.74 -11.29
N ALA A 209 20.15 -2.93 -9.98
CA ALA A 209 19.88 -4.23 -9.41
C ALA A 209 18.64 -4.87 -10.05
N ALA A 210 17.66 -4.02 -10.43
CA ALA A 210 16.47 -4.54 -11.08
C ALA A 210 16.71 -4.76 -12.57
N VAL A 211 17.44 -3.83 -13.18
CA VAL A 211 17.74 -3.88 -14.60
C VAL A 211 18.40 -5.22 -14.96
N MET A 212 19.44 -5.57 -14.20
CA MET A 212 20.18 -6.80 -14.48
C MET A 212 19.29 -8.04 -14.57
N LEU A 213 18.18 -8.02 -13.82
CA LEU A 213 17.25 -9.12 -13.78
C LEU A 213 16.34 -9.18 -15.02
N GLY A 214 16.21 -8.03 -15.68
CA GLY A 214 15.40 -7.88 -16.86
C GLY A 214 14.14 -7.04 -16.65
N ALA A 215 14.21 -6.10 -15.70
CA ALA A 215 13.09 -5.22 -15.46
C ALA A 215 12.90 -4.26 -16.64
N SER A 216 11.66 -3.77 -16.77
CA SER A 216 11.31 -2.86 -17.84
C SER A 216 11.14 -1.45 -17.29
N VAL A 217 11.80 -0.48 -17.92
CA VAL A 217 11.72 0.91 -17.53
C VAL A 217 10.58 1.59 -18.32
N LEU A 218 9.77 2.35 -17.57
CA LEU A 218 8.69 3.10 -18.18
C LEU A 218 8.88 4.61 -17.95
N LEU A 219 9.05 4.96 -16.66
CA LEU A 219 9.09 6.36 -16.26
C LEU A 219 10.12 6.49 -15.14
N ARG A 220 11.13 7.34 -15.39
CA ARG A 220 12.19 7.56 -14.43
C ARG A 220 12.54 9.04 -14.26
N TYR A 221 11.49 9.87 -14.14
CA TYR A 221 11.65 11.30 -13.96
C TYR A 221 10.28 11.89 -13.64
N ASP A 222 10.27 13.22 -13.45
CA ASP A 222 9.05 13.99 -13.26
C ASP A 222 8.39 13.63 -11.92
N CYS A 223 9.16 13.96 -10.85
CA CYS A 223 8.75 13.65 -9.50
C CYS A 223 9.00 14.87 -8.60
N PRO A 224 8.24 14.97 -7.51
CA PRO A 224 8.34 16.12 -6.63
C PRO A 224 9.68 16.18 -5.88
N ASP A 225 10.28 15.00 -5.69
CA ASP A 225 11.55 14.81 -5.04
C ASP A 225 12.74 14.86 -6.01
N GLY A 226 12.45 14.88 -7.31
CA GLY A 226 13.46 14.92 -8.35
C GLY A 226 13.66 13.56 -9.02
N PRO A 227 14.72 12.85 -8.66
CA PRO A 227 15.05 11.59 -9.30
C PRO A 227 14.01 10.51 -8.96
N ALA A 228 13.51 9.83 -10.00
CA ALA A 228 12.50 8.81 -9.85
C ALA A 228 12.85 7.63 -10.75
N VAL A 229 12.44 6.43 -10.32
CA VAL A 229 12.66 5.23 -11.11
C VAL A 229 11.46 4.30 -10.94
N VAL A 230 10.69 4.16 -12.02
CA VAL A 230 9.53 3.28 -12.04
C VAL A 230 9.77 2.20 -13.08
N VAL A 231 9.92 0.98 -12.57
CA VAL A 231 10.08 -0.21 -13.38
C VAL A 231 8.85 -1.11 -13.21
N SER A 232 8.54 -1.78 -14.34
CA SER A 232 7.47 -2.74 -14.44
C SER A 232 8.09 -4.15 -14.48
N ALA A 233 7.71 -4.92 -13.47
CA ALA A 233 8.17 -6.29 -13.33
C ALA A 233 7.55 -7.14 -14.45
N PRO A 234 8.22 -8.24 -14.78
CA PRO A 234 7.78 -9.05 -15.92
C PRO A 234 6.39 -9.65 -15.72
N GLY A 235 6.05 -9.91 -14.44
CA GLY A 235 4.76 -10.45 -14.09
C GLY A 235 3.60 -9.46 -14.14
N GLY A 236 3.93 -8.15 -14.13
CA GLY A 236 2.92 -7.12 -14.17
C GLY A 236 2.84 -6.24 -12.93
N GLU A 237 3.87 -6.32 -12.08
CA GLU A 237 3.90 -5.61 -10.81
C GLU A 237 4.66 -4.30 -11.03
N VAL A 238 4.00 -3.17 -10.73
CA VAL A 238 4.57 -1.85 -10.94
C VAL A 238 4.90 -1.24 -9.58
N PHE A 239 6.09 -0.61 -9.49
CA PHE A 239 6.54 -0.03 -8.23
C PHE A 239 7.55 1.08 -8.52
N THR A 240 7.63 2.02 -7.57
CA THR A 240 8.49 3.18 -7.70
C THR A 240 9.62 3.17 -6.68
N LEU A 241 10.81 3.54 -7.17
CA LEU A 241 12.04 3.57 -6.42
C LEU A 241 12.55 5.01 -6.34
N LEU A 242 12.80 5.44 -5.09
CA LEU A 242 13.33 6.75 -4.82
C LEU A 242 14.64 6.62 -4.04
N LEU A 243 15.67 7.28 -4.55
CA LEU A 243 16.99 7.28 -3.97
C LEU A 243 17.05 8.38 -2.90
N THR A 244 17.41 7.96 -1.68
CA THR A 244 17.57 8.84 -0.54
C THR A 244 18.62 8.22 0.38
N ASP A 245 19.08 9.04 1.32
CA ASP A 245 20.10 8.75 2.30
C ASP A 245 20.22 10.03 3.20
N GLY A 1 -24.30 23.53 23.70
CA GLY A 1 -22.87 23.19 23.75
C GLY A 1 -22.77 21.69 23.42
N SER A 2 -21.62 21.11 23.70
CA SER A 2 -21.34 19.72 23.38
C SER A 2 -20.17 19.27 24.26
N HIS A 3 -20.02 17.94 24.36
CA HIS A 3 -18.94 17.34 25.12
C HIS A 3 -18.12 16.45 24.18
N MET A 4 -16.80 16.70 24.19
CA MET A 4 -15.84 15.99 23.40
C MET A 4 -15.02 15.03 24.27
N SER A 5 -14.12 14.30 23.61
CA SER A 5 -13.27 13.35 24.30
C SER A 5 -12.22 14.09 25.14
N HIS A 6 -11.59 13.32 26.05
CA HIS A 6 -10.59 13.85 26.95
C HIS A 6 -9.27 13.09 26.87
N ASP A 7 -8.93 12.66 25.64
CA ASP A 7 -7.74 11.88 25.37
C ASP A 7 -7.22 12.27 23.99
N ALA A 8 -5.91 12.52 23.90
CA ALA A 8 -5.25 12.86 22.66
C ALA A 8 -4.46 11.65 22.14
N VAL A 9 -4.82 11.21 20.92
CA VAL A 9 -4.20 10.07 20.29
C VAL A 9 -3.30 10.59 19.16
N ARG A 10 -2.23 9.82 18.88
CA ARG A 10 -1.28 10.16 17.84
C ARG A 10 -1.15 8.98 16.87
N PRO A 11 -1.90 9.04 15.76
CA PRO A 11 -1.81 7.97 14.77
C PRO A 11 -0.47 8.06 14.03
N ALA A 12 -0.22 7.00 13.24
CA ALA A 12 1.05 6.78 12.56
C ALA A 12 1.34 7.94 11.61
N PRO A 13 2.33 8.78 11.94
CA PRO A 13 2.54 10.00 11.17
C PRO A 13 3.18 9.70 9.81
N GLY A 14 2.33 9.80 8.77
CA GLY A 14 2.77 9.53 7.42
C GLY A 14 3.33 8.12 7.19
N GLU A 15 2.97 7.22 8.11
CA GLU A 15 3.46 5.86 8.09
C GLU A 15 2.41 4.99 7.39
N PRO A 16 2.83 4.27 6.34
CA PRO A 16 1.92 3.39 5.63
C PRO A 16 1.55 2.18 6.51
N THR A 17 0.44 1.53 6.10
CA THR A 17 -0.06 0.41 6.86
C THR A 17 0.76 -0.86 6.56
N TRP A 18 0.59 -1.35 5.32
CA TRP A 18 1.21 -2.56 4.83
C TRP A 18 1.17 -2.55 3.31
N VAL A 19 1.97 -3.44 2.72
CA VAL A 19 2.08 -3.57 1.28
C VAL A 19 2.47 -5.02 0.97
N ASP A 20 1.59 -5.71 0.22
CA ASP A 20 1.81 -7.08 -0.21
C ASP A 20 1.83 -7.14 -1.74
N LEU A 21 2.69 -8.03 -2.26
CA LEU A 21 2.82 -8.24 -3.69
C LEU A 21 2.68 -9.74 -4.00
N LEU A 22 1.54 -10.06 -4.62
CA LEU A 22 1.25 -11.41 -5.09
C LEU A 22 2.07 -11.69 -6.35
N THR A 23 2.42 -12.98 -6.53
CA THR A 23 3.14 -13.40 -7.71
C THR A 23 2.71 -14.81 -8.09
N PRO A 24 2.84 -15.15 -9.38
CA PRO A 24 2.50 -16.50 -9.82
C PRO A 24 3.45 -17.53 -9.23
N ASP A 25 4.74 -17.15 -9.22
CA ASP A 25 5.81 -18.04 -8.79
C ASP A 25 6.71 -17.30 -7.80
N ARG A 26 6.36 -17.41 -6.51
CA ARG A 26 7.14 -16.74 -5.48
C ARG A 26 8.61 -17.10 -5.63
N GLY A 27 8.90 -18.37 -5.95
CA GLY A 27 10.28 -18.80 -6.10
C GLY A 27 11.10 -17.85 -6.96
N ALA A 28 10.55 -17.52 -8.13
CA ALA A 28 11.22 -16.66 -9.07
C ALA A 28 11.10 -15.19 -8.68
N ALA A 29 9.92 -14.80 -8.20
CA ALA A 29 9.74 -13.41 -7.80
C ALA A 29 10.79 -13.00 -6.77
N LEU A 30 11.10 -13.91 -5.85
CA LEU A 30 12.08 -13.62 -4.82
C LEU A 30 13.47 -13.38 -5.41
N GLN A 31 13.73 -13.94 -6.60
CA GLN A 31 14.99 -13.77 -7.27
C GLN A 31 15.10 -12.39 -7.94
N PHE A 32 13.98 -11.95 -8.52
CA PHE A 32 13.92 -10.66 -9.19
C PHE A 32 13.71 -9.53 -8.18
N TYR A 33 12.58 -9.59 -7.47
CA TYR A 33 12.22 -8.51 -6.56
C TYR A 33 13.32 -8.28 -5.53
N SER A 34 13.76 -9.38 -4.90
CA SER A 34 14.76 -9.22 -3.87
C SER A 34 16.12 -8.75 -4.41
N ALA A 35 16.34 -8.92 -5.72
CA ALA A 35 17.54 -8.45 -6.37
C ALA A 35 17.56 -6.93 -6.56
N LEU A 36 16.40 -6.28 -6.37
CA LEU A 36 16.29 -4.85 -6.55
C LEU A 36 16.75 -4.13 -5.27
N PHE A 37 16.21 -4.62 -4.15
CA PHE A 37 16.49 -4.07 -2.84
C PHE A 37 17.68 -4.74 -2.13
N GLY A 38 17.82 -6.04 -2.37
CA GLY A 38 18.87 -6.85 -1.78
C GLY A 38 18.47 -7.42 -0.42
N TRP A 39 17.26 -7.98 -0.38
CA TRP A 39 16.72 -8.56 0.82
C TRP A 39 16.99 -10.08 0.85
N GLU A 40 16.65 -10.67 2.00
CA GLU A 40 16.78 -12.10 2.21
C GLU A 40 15.41 -12.74 2.40
N PHE A 41 15.41 -14.07 2.21
CA PHE A 41 14.24 -14.90 2.31
C PHE A 41 14.21 -15.60 3.68
N SER A 42 12.99 -15.73 4.25
CA SER A 42 12.83 -16.35 5.55
C SER A 42 11.42 -16.92 5.68
N THR A 43 11.32 -18.24 5.53
CA THR A 43 10.04 -18.92 5.58
C THR A 43 10.02 -19.85 6.80
N THR A 44 9.29 -19.41 7.83
CA THR A 44 9.18 -20.14 9.08
C THR A 44 7.75 -19.99 9.61
N SER A 45 7.04 -21.13 9.61
CA SER A 45 5.67 -21.19 10.06
C SER A 45 5.54 -22.28 11.13
N ASP A 46 4.99 -21.88 12.28
CA ASP A 46 4.79 -22.77 13.41
C ASP A 46 3.36 -23.30 13.37
N GLY A 47 3.24 -24.56 12.90
CA GLY A 47 1.96 -25.21 12.81
C GLY A 47 1.01 -24.59 11.77
N THR A 48 1.56 -23.70 10.95
CA THR A 48 0.81 -23.00 9.94
C THR A 48 1.37 -23.35 8.56
N SER A 49 0.62 -22.88 7.54
CA SER A 49 1.00 -23.07 6.16
C SER A 49 2.32 -22.34 5.86
N PRO A 50 3.00 -22.79 4.79
CA PRO A 50 4.29 -22.20 4.44
C PRO A 50 4.12 -20.79 3.86
N TYR A 51 4.65 -19.81 4.61
CA TYR A 51 4.57 -18.40 4.26
C TYR A 51 5.97 -17.78 4.32
N THR A 52 6.43 -17.28 3.16
CA THR A 52 7.73 -16.67 3.04
C THR A 52 7.67 -15.19 3.46
N MET A 53 8.35 -14.91 4.56
CA MET A 53 8.43 -13.57 5.13
C MET A 53 9.77 -12.95 4.74
N CYS A 54 9.69 -11.69 4.25
CA CYS A 54 10.89 -10.99 3.83
C CYS A 54 11.23 -9.92 4.88
N ARG A 55 12.26 -10.24 5.67
CA ARG A 55 12.68 -9.43 6.79
C ARG A 55 14.21 -9.34 6.76
N LEU A 56 14.72 -8.26 7.36
CA LEU A 56 16.15 -8.02 7.40
C LEU A 56 16.44 -7.18 8.63
N ARG A 57 17.64 -7.40 9.21
CA ARG A 57 18.09 -6.64 10.36
C ARG A 57 17.03 -6.60 11.47
N GLY A 58 16.23 -7.69 11.57
CA GLY A 58 15.18 -7.74 12.55
C GLY A 58 14.13 -6.63 12.43
N ARG A 59 13.86 -6.23 11.18
CA ARG A 59 12.95 -5.15 10.86
C ARG A 59 12.00 -5.60 9.75
N GLU A 60 10.71 -5.47 10.04
CA GLU A 60 9.68 -5.83 9.09
C GLU A 60 9.76 -4.95 7.83
N VAL A 61 9.66 -5.62 6.67
CA VAL A 61 9.68 -4.96 5.39
C VAL A 61 8.40 -5.29 4.63
N CYS A 62 8.32 -6.53 4.12
CA CYS A 62 7.21 -6.91 3.28
C CYS A 62 6.99 -8.42 3.38
N SER A 63 6.01 -8.88 2.61
CA SER A 63 5.71 -10.29 2.49
C SER A 63 5.37 -10.57 1.01
N ILE A 64 5.62 -11.83 0.63
CA ILE A 64 5.33 -12.31 -0.71
C ILE A 64 4.44 -13.54 -0.58
N GLY A 65 3.64 -13.78 -1.62
CA GLY A 65 2.76 -14.91 -1.67
C GLY A 65 2.41 -15.26 -3.11
N ASP A 66 1.51 -16.24 -3.22
CA ASP A 66 1.04 -16.78 -4.49
C ASP A 66 -0.49 -16.83 -4.46
N LEU A 67 -1.04 -17.34 -5.56
CA LEU A 67 -2.45 -17.47 -5.77
C LEU A 67 -2.94 -18.90 -5.89
N GLY A 68 -2.06 -19.82 -6.28
CA GLY A 68 -2.43 -21.21 -6.49
C GLY A 68 -3.53 -21.31 -7.55
N GLU A 69 -4.77 -21.49 -7.06
CA GLU A 69 -5.94 -21.70 -7.87
C GLU A 69 -6.99 -20.59 -7.73
N ASN A 70 -6.52 -19.42 -7.26
CA ASN A 70 -7.37 -18.28 -7.02
C ASN A 70 -7.24 -17.27 -8.19
N PRO A 71 -8.22 -17.27 -9.10
CA PRO A 71 -8.16 -16.38 -10.24
C PRO A 71 -8.45 -14.91 -9.90
N GLY A 72 -9.21 -14.72 -8.81
CA GLY A 72 -9.56 -13.40 -8.32
C GLY A 72 -8.92 -13.12 -6.96
N PRO A 73 -7.62 -12.79 -6.97
CA PRO A 73 -6.94 -12.45 -5.73
C PRO A 73 -7.44 -11.09 -5.22
N ALA A 74 -6.83 -10.70 -4.09
CA ALA A 74 -7.16 -9.47 -3.40
C ALA A 74 -6.14 -8.34 -3.65
N LEU A 75 -4.89 -8.75 -3.94
CA LEU A 75 -3.81 -7.81 -4.13
C LEU A 75 -3.88 -7.23 -5.56
N GLY A 76 -3.74 -8.13 -6.54
CA GLY A 76 -3.77 -7.74 -7.93
C GLY A 76 -2.66 -6.78 -8.34
N GLY A 77 -1.53 -6.89 -7.64
CA GLY A 77 -0.37 -6.06 -7.88
C GLY A 77 -0.04 -5.22 -6.64
N TRP A 78 1.06 -4.45 -6.79
CA TRP A 78 1.39 -3.46 -5.79
C TRP A 78 0.14 -2.59 -5.57
N SER A 79 0.05 -2.08 -4.32
CA SER A 79 -1.00 -1.15 -3.94
C SER A 79 -0.66 -0.59 -2.56
N SER A 80 -1.28 0.57 -2.28
CA SER A 80 -1.13 1.24 -1.00
C SER A 80 -2.36 0.93 -0.12
N TYR A 81 -2.08 0.45 1.08
CA TYR A 81 -3.10 0.15 2.07
C TYR A 81 -3.23 1.33 3.04
N LEU A 82 -4.36 2.03 2.91
CA LEU A 82 -4.70 3.13 3.78
C LEU A 82 -5.46 2.57 4.99
N SER A 83 -5.28 3.26 6.14
CA SER A 83 -5.93 2.88 7.38
C SER A 83 -7.26 3.64 7.52
N VAL A 84 -8.32 2.84 7.74
CA VAL A 84 -9.66 3.37 7.90
C VAL A 84 -10.10 3.23 9.35
N ASP A 85 -11.13 4.03 9.69
CA ASP A 85 -11.70 4.01 11.03
C ASP A 85 -12.10 2.59 11.43
N ASP A 86 -12.65 1.88 10.44
CA ASP A 86 -13.13 0.52 10.63
C ASP A 86 -13.37 -0.10 9.26
N ALA A 87 -13.16 -1.40 9.17
CA ALA A 87 -13.42 -2.13 7.93
C ALA A 87 -14.80 -1.74 7.38
N ASP A 88 -15.78 -1.80 8.29
CA ASP A 88 -17.14 -1.54 7.92
C ASP A 88 -17.39 -0.06 7.69
N ALA A 89 -16.69 0.78 8.47
CA ALA A 89 -16.80 2.22 8.32
C ALA A 89 -16.59 2.59 6.84
N ALA A 90 -15.42 2.20 6.35
CA ALA A 90 -15.05 2.59 5.00
C ALA A 90 -16.08 2.03 4.02
N ALA A 91 -16.28 0.71 4.10
CA ALA A 91 -17.20 0.04 3.21
C ALA A 91 -18.59 0.70 3.19
N ALA A 92 -19.01 1.20 4.35
CA ALA A 92 -20.30 1.81 4.53
C ALA A 92 -20.40 3.18 3.86
N ALA A 93 -19.26 3.87 3.82
CA ALA A 93 -19.19 5.17 3.21
C ALA A 93 -18.94 5.07 1.71
N VAL A 94 -18.35 3.96 1.26
CA VAL A 94 -18.15 3.74 -0.16
C VAL A 94 -19.42 4.11 -0.94
N PRO A 95 -20.56 3.49 -0.64
CA PRO A 95 -21.77 3.77 -1.38
C PRO A 95 -22.28 5.20 -1.20
N GLU A 96 -21.97 5.79 -0.04
CA GLU A 96 -22.40 7.15 0.26
C GLU A 96 -21.79 8.16 -0.71
N LEU A 97 -20.59 7.84 -1.21
CA LEU A 97 -19.89 8.71 -2.12
C LEU A 97 -20.24 8.41 -3.58
N GLY A 98 -20.71 7.18 -3.78
CA GLY A 98 -21.10 6.69 -5.08
C GLY A 98 -20.13 5.66 -5.69
N GLY A 99 -19.43 4.94 -4.80
CA GLY A 99 -18.57 3.86 -5.23
C GLY A 99 -19.24 2.51 -5.02
N ALA A 100 -18.41 1.46 -5.18
CA ALA A 100 -18.87 0.09 -5.10
C ALA A 100 -17.81 -0.72 -4.34
N VAL A 101 -18.30 -1.55 -3.40
CA VAL A 101 -17.44 -2.46 -2.67
C VAL A 101 -17.27 -3.74 -3.49
N LEU A 102 -16.03 -4.22 -3.53
CA LEU A 102 -15.70 -5.42 -4.27
C LEU A 102 -15.39 -6.61 -3.35
N LEU A 103 -14.61 -6.33 -2.30
CA LEU A 103 -14.28 -7.32 -1.29
C LEU A 103 -14.73 -6.81 0.08
N GLY A 104 -14.75 -7.77 1.02
CA GLY A 104 -15.11 -7.49 2.39
C GLY A 104 -16.60 -7.18 2.56
N PRO A 105 -17.00 -7.03 3.82
CA PRO A 105 -16.18 -7.24 5.00
C PRO A 105 -15.83 -8.74 5.15
N ILE A 106 -14.53 -8.98 5.43
CA ILE A 106 -14.02 -10.33 5.65
C ILE A 106 -13.18 -10.34 6.92
N ASP A 107 -13.09 -11.54 7.52
CA ASP A 107 -12.38 -11.72 8.78
C ASP A 107 -11.17 -12.63 8.52
N ILE A 108 -10.00 -11.99 8.36
CA ILE A 108 -8.78 -12.71 8.06
C ILE A 108 -8.24 -13.26 9.38
N LEU A 109 -8.46 -14.56 9.59
CA LEU A 109 -7.93 -15.28 10.74
C LEU A 109 -8.32 -14.60 12.06
N ALA A 110 -9.46 -13.88 12.02
CA ALA A 110 -9.95 -13.12 13.15
C ALA A 110 -8.85 -12.20 13.75
N GLN A 111 -7.93 -11.77 12.87
CA GLN A 111 -6.83 -10.93 13.28
C GLN A 111 -6.97 -9.52 12.69
N GLY A 112 -7.47 -9.46 11.47
CA GLY A 112 -7.65 -8.20 10.77
C GLY A 112 -8.74 -8.34 9.71
N ARG A 113 -8.91 -7.24 8.98
CA ARG A 113 -9.91 -7.10 7.95
C ARG A 113 -9.29 -6.26 6.81
N MET A 114 -9.43 -6.81 5.60
CA MET A 114 -8.97 -6.19 4.36
C MET A 114 -10.16 -6.18 3.41
N LEU A 115 -10.35 -5.06 2.72
CA LEU A 115 -11.39 -4.97 1.72
C LEU A 115 -10.93 -3.99 0.65
N LEU A 116 -11.53 -4.13 -0.54
CA LEU A 116 -11.26 -3.25 -1.67
C LEU A 116 -12.57 -2.59 -2.12
N ALA A 117 -12.42 -1.38 -2.66
CA ALA A 117 -13.51 -0.56 -3.14
C ALA A 117 -13.04 0.20 -4.40
N GLY A 118 -14.00 0.94 -4.96
CA GLY A 118 -13.76 1.72 -6.16
C GLY A 118 -14.82 1.43 -7.21
N ASP A 119 -14.35 1.31 -8.47
CA ASP A 119 -15.19 1.07 -9.62
C ASP A 119 -15.05 -0.38 -10.07
N PRO A 120 -16.08 -0.87 -10.77
CA PRO A 120 -16.10 -2.26 -11.21
C PRO A 120 -15.08 -2.57 -12.33
N SER A 121 -14.41 -1.53 -12.81
CA SER A 121 -13.30 -1.68 -13.74
C SER A 121 -12.18 -2.57 -13.17
N GLY A 122 -12.17 -2.74 -11.84
CA GLY A 122 -11.21 -3.59 -11.19
C GLY A 122 -10.24 -2.86 -10.28
N HIS A 123 -10.66 -1.67 -9.84
CA HIS A 123 -9.81 -0.83 -8.99
C HIS A 123 -9.77 -1.44 -7.58
N ARG A 124 -8.54 -1.68 -7.11
CA ARG A 124 -8.32 -2.32 -5.83
C ARG A 124 -7.58 -1.34 -4.89
N VAL A 125 -8.36 -0.76 -3.97
CA VAL A 125 -7.86 0.22 -3.03
C VAL A 125 -7.66 -0.48 -1.67
N GLY A 126 -6.38 -0.62 -1.27
CA GLY A 126 -6.06 -1.31 -0.05
C GLY A 126 -6.64 -0.57 1.16
N LEU A 127 -7.45 -1.29 1.94
CA LEU A 127 -8.11 -0.75 3.12
C LEU A 127 -7.89 -1.74 4.27
N TRP A 128 -7.19 -1.26 5.30
CA TRP A 128 -6.92 -2.01 6.52
C TRP A 128 -7.54 -1.29 7.71
N GLN A 129 -7.96 -2.11 8.68
CA GLN A 129 -8.62 -1.66 9.90
C GLN A 129 -7.62 -1.59 11.05
N ALA A 130 -7.12 -0.38 11.31
CA ALA A 130 -6.11 -0.19 12.34
C ALA A 130 -6.79 -0.08 13.72
N LYS A 131 -6.50 -1.10 14.54
CA LYS A 131 -7.07 -1.21 15.88
C LYS A 131 -6.01 -1.27 16.99
N GLU A 132 -4.91 -1.99 16.70
CA GLU A 132 -3.81 -2.23 17.61
C GLU A 132 -2.55 -1.44 17.22
N HIS A 133 -2.22 -1.52 15.92
CA HIS A 133 -1.08 -0.80 15.37
C HIS A 133 -1.53 -0.18 14.04
N THR A 134 -0.98 1.00 13.76
CA THR A 134 -1.23 1.75 12.55
C THR A 134 0.00 1.80 11.62
N GLY A 135 0.85 0.76 11.75
CA GLY A 135 2.03 0.65 10.93
C GLY A 135 3.17 1.57 11.36
N SER A 136 3.23 1.82 12.69
CA SER A 136 4.21 2.68 13.31
C SER A 136 5.35 1.82 13.89
N GLY A 137 6.46 1.82 13.16
CA GLY A 137 7.60 1.01 13.53
C GLY A 137 8.87 1.86 13.69
N PRO A 138 9.99 1.17 13.94
CA PRO A 138 11.28 1.85 13.98
C PRO A 138 11.64 2.38 12.58
N ASP A 139 12.69 3.21 12.58
CA ASP A 139 13.18 3.84 11.37
C ASP A 139 14.39 3.05 10.84
N ASP A 140 14.10 2.19 9.86
CA ASP A 140 15.12 1.32 9.29
C ASP A 140 15.87 2.00 8.15
N GLY A 141 15.25 3.05 7.62
CA GLY A 141 15.82 3.79 6.53
C GLY A 141 15.72 2.97 5.23
N ILE A 142 16.88 2.74 4.62
CA ILE A 142 16.96 2.02 3.37
C ILE A 142 16.35 0.62 3.55
N GLY A 143 15.48 0.26 2.59
CA GLY A 143 14.82 -1.02 2.62
C GLY A 143 13.42 -1.00 3.23
N ALA A 144 13.15 0.04 4.03
CA ALA A 144 11.85 0.19 4.64
C ALA A 144 10.91 0.97 3.71
N TYR A 145 9.62 0.88 4.04
CA TYR A 145 8.62 1.68 3.37
C TYR A 145 8.98 3.16 3.47
N THR A 146 8.50 3.92 2.46
CA THR A 146 8.75 5.35 2.40
C THR A 146 7.48 6.17 2.67
N ARG A 147 6.46 5.93 1.83
CA ARG A 147 5.20 6.63 1.92
C ARG A 147 4.23 5.96 0.95
N SER A 148 3.01 6.49 0.95
CA SER A 148 1.90 6.00 0.16
C SER A 148 1.40 7.12 -0.77
N GLU A 149 1.41 6.82 -2.07
CA GLU A 149 0.98 7.72 -3.13
C GLU A 149 0.34 6.87 -4.23
N LEU A 150 -0.72 7.44 -4.81
CA LEU A 150 -1.45 6.84 -5.92
C LEU A 150 -1.51 7.84 -7.07
N LEU A 151 -1.36 7.29 -8.29
CA LEU A 151 -1.41 8.06 -9.50
C LEU A 151 -2.70 7.70 -10.24
N THR A 152 -3.67 8.64 -10.17
CA THR A 152 -4.96 8.43 -10.79
C THR A 152 -5.24 9.55 -11.78
N GLY A 153 -5.95 9.19 -12.86
CA GLY A 153 -6.27 10.15 -13.90
C GLY A 153 -7.52 10.99 -13.62
N ALA A 154 -7.71 11.34 -12.33
CA ALA A 154 -8.92 12.02 -11.88
C ALA A 154 -8.81 12.34 -10.39
N SER A 155 -7.86 13.23 -10.05
CA SER A 155 -7.65 13.59 -8.65
C SER A 155 -8.97 14.03 -8.01
N ALA A 156 -9.75 14.82 -8.75
CA ALA A 156 -11.01 15.34 -8.25
C ALA A 156 -11.92 14.23 -7.70
N THR A 157 -11.90 13.08 -8.42
CA THR A 157 -12.70 11.94 -8.04
C THR A 157 -12.08 11.21 -6.85
N ASP A 158 -10.82 10.82 -6.99
CA ASP A 158 -10.21 10.03 -5.95
C ASP A 158 -10.17 10.80 -4.63
N GLY A 159 -9.86 12.09 -4.71
CA GLY A 159 -9.89 12.93 -3.54
C GLY A 159 -11.20 12.80 -2.78
N ALA A 160 -12.31 12.77 -3.53
CA ALA A 160 -13.63 12.63 -2.95
C ALA A 160 -13.80 11.29 -2.25
N PHE A 161 -13.18 10.26 -2.83
CA PHE A 161 -13.21 8.92 -2.25
C PHE A 161 -12.47 8.91 -0.91
N TYR A 162 -11.29 9.51 -0.91
CA TYR A 162 -10.46 9.52 0.29
C TYR A 162 -11.11 10.38 1.37
N ARG A 163 -11.52 11.59 0.98
CA ARG A 163 -12.11 12.49 1.94
C ARG A 163 -13.40 11.93 2.55
N GLY A 164 -14.02 10.98 1.85
CA GLY A 164 -15.23 10.35 2.28
C GLY A 164 -15.01 9.15 3.20
N LEU A 165 -14.01 8.33 2.87
CA LEU A 165 -13.79 7.13 3.67
C LEU A 165 -12.88 7.39 4.88
N PHE A 166 -12.05 8.42 4.73
CA PHE A 166 -11.05 8.80 5.70
C PHE A 166 -11.29 10.22 6.25
N GLY A 167 -11.44 11.16 5.31
CA GLY A 167 -11.73 12.52 5.68
C GLY A 167 -12.97 12.62 6.55
N ALA A 168 -13.11 13.81 7.17
CA ALA A 168 -14.15 14.07 8.15
C ALA A 168 -15.53 13.78 7.59
N ASP A 169 -15.68 14.04 6.27
CA ASP A 169 -16.91 13.75 5.55
C ASP A 169 -17.50 12.39 5.95
N PHE A 170 -16.63 11.44 6.26
CA PHE A 170 -17.07 10.12 6.64
C PHE A 170 -18.23 10.19 7.64
N ALA A 171 -18.00 10.99 8.71
CA ALA A 171 -18.96 11.15 9.77
C ALA A 171 -19.65 12.53 9.77
N THR A 172 -19.25 13.37 8.82
CA THR A 172 -19.82 14.67 8.62
C THR A 172 -19.95 15.41 9.97
N GLU A 173 -18.85 15.38 10.73
CA GLU A 173 -18.81 15.96 12.06
C GLU A 173 -17.34 16.22 12.43
N SER A 174 -17.17 16.92 13.56
CA SER A 174 -15.87 17.25 14.12
C SER A 174 -15.94 17.12 15.65
N GLY A 175 -14.81 16.72 16.23
CA GLY A 175 -14.68 16.59 17.67
C GLY A 175 -13.25 16.81 18.13
N THR A 176 -12.50 15.69 18.23
CA THR A 176 -11.15 15.70 18.75
C THR A 176 -10.21 14.87 17.86
N ASP A 177 -10.11 15.31 16.60
CA ASP A 177 -9.34 14.61 15.60
C ASP A 177 -8.86 15.62 14.56
N GLY A 178 -7.55 15.52 14.24
CA GLY A 178 -6.93 16.35 13.23
C GLY A 178 -6.58 15.58 11.96
N GLY A 179 -7.49 14.68 11.57
CA GLY A 179 -7.32 13.91 10.34
C GLY A 179 -6.58 12.60 10.60
N GLY A 180 -5.29 12.77 10.93
CA GLY A 180 -4.43 11.66 11.28
C GLY A 180 -3.92 10.89 10.06
N ARG A 181 -4.87 10.15 9.48
CA ARG A 181 -4.64 9.40 8.26
C ARG A 181 -3.98 10.31 7.22
N ARG A 182 -3.08 9.71 6.44
CA ARG A 182 -2.38 10.39 5.38
C ARG A 182 -2.59 9.62 4.07
N ALA A 183 -2.38 10.35 2.96
CA ALA A 183 -2.53 9.84 1.61
C ALA A 183 -2.01 10.91 0.66
N ALA A 184 -1.97 10.55 -0.64
CA ALA A 184 -1.60 11.49 -1.69
C ALA A 184 -2.07 10.90 -3.03
N ILE A 185 -2.70 11.75 -3.84
CA ILE A 185 -3.22 11.39 -5.15
C ILE A 185 -2.81 12.49 -6.13
N ARG A 186 -1.94 12.12 -7.07
CA ARG A 186 -1.54 13.04 -8.12
C ARG A 186 -2.24 12.65 -9.43
N GLN A 187 -2.57 13.71 -10.20
CA GLN A 187 -3.18 13.62 -11.52
C GLN A 187 -2.05 13.57 -12.57
N VAL A 188 -2.03 12.47 -13.31
CA VAL A 188 -1.11 12.20 -14.39
C VAL A 188 -1.76 11.16 -15.31
N GLY A 189 -1.05 10.86 -16.41
CA GLY A 189 -1.46 9.81 -17.34
C GLY A 189 -0.57 9.80 -18.59
N PRO A 190 -0.51 10.93 -19.29
CA PRO A 190 0.27 10.97 -20.52
C PRO A 190 1.78 10.98 -20.24
N ALA A 191 2.15 11.76 -19.21
CA ALA A 191 3.53 11.96 -18.85
C ALA A 191 3.93 11.26 -17.54
N ALA A 192 3.15 10.23 -17.17
CA ALA A 192 3.45 9.44 -15.99
C ALA A 192 2.43 8.30 -15.91
N PRO A 193 2.85 7.21 -15.26
CA PRO A 193 2.02 6.02 -15.11
C PRO A 193 0.83 6.30 -14.18
N SER A 194 -0.01 5.26 -14.09
CA SER A 194 -1.20 5.28 -13.27
C SER A 194 -1.34 3.94 -12.53
N GLY A 195 -1.76 4.06 -11.27
CA GLY A 195 -1.97 2.92 -10.41
C GLY A 195 -1.50 3.20 -8.98
N TRP A 196 -1.76 2.20 -8.13
CA TRP A 196 -1.46 2.25 -6.72
C TRP A 196 -0.09 1.61 -6.47
N TYR A 197 0.88 2.43 -6.01
CA TYR A 197 2.20 1.89 -5.74
C TYR A 197 2.92 2.86 -4.79
N PRO A 198 3.08 2.42 -3.53
CA PRO A 198 3.79 3.24 -2.58
C PRO A 198 5.28 3.32 -2.96
N CYS A 199 5.94 4.27 -2.28
CA CYS A 199 7.36 4.48 -2.42
C CYS A 199 8.14 3.61 -1.40
N PHE A 200 9.41 3.40 -1.74
CA PHE A 200 10.30 2.55 -0.98
C PHE A 200 11.70 3.19 -0.98
N ARG A 201 12.43 2.97 0.12
CA ARG A 201 13.73 3.57 0.32
C ARG A 201 14.84 2.64 -0.21
N ALA A 202 15.82 3.22 -0.91
CA ALA A 202 16.93 2.42 -1.41
C ALA A 202 18.10 3.35 -1.76
N GLN A 203 19.21 2.69 -2.13
CA GLN A 203 20.44 3.35 -2.51
C GLN A 203 20.50 3.53 -4.03
N GLU A 204 21.39 4.43 -4.47
CA GLU A 204 21.59 4.65 -5.89
C GLU A 204 21.88 3.34 -6.62
N SER A 205 22.63 2.44 -5.98
CA SER A 205 23.02 1.19 -6.60
C SER A 205 21.83 0.28 -6.92
N ALA A 206 20.69 0.54 -6.28
CA ALA A 206 19.49 -0.23 -6.51
C ALA A 206 18.90 0.06 -7.90
N VAL A 207 19.04 1.31 -8.35
CA VAL A 207 18.55 1.71 -9.66
C VAL A 207 19.02 0.72 -10.72
N PRO A 208 20.34 0.60 -10.92
CA PRO A 208 20.81 -0.32 -11.94
C PRO A 208 20.53 -1.78 -11.61
N ALA A 209 20.42 -2.09 -10.32
CA ALA A 209 20.11 -3.44 -9.89
C ALA A 209 18.87 -3.96 -10.61
N ALA A 210 17.92 -3.06 -10.91
CA ALA A 210 16.73 -3.45 -11.62
C ALA A 210 16.97 -3.54 -13.13
N VAL A 211 17.73 -2.58 -13.63
CA VAL A 211 18.04 -2.51 -15.05
C VAL A 211 18.68 -3.81 -15.52
N MET A 212 19.70 -4.26 -14.80
CA MET A 212 20.42 -5.46 -15.17
C MET A 212 19.51 -6.68 -15.36
N LEU A 213 18.41 -6.71 -14.61
CA LEU A 213 17.45 -7.79 -14.69
C LEU A 213 16.52 -7.68 -15.90
N GLY A 214 16.39 -6.46 -16.41
CA GLY A 214 15.57 -6.16 -17.55
C GLY A 214 14.28 -5.41 -17.21
N ALA A 215 14.32 -4.64 -16.12
CA ALA A 215 13.17 -3.87 -15.71
C ALA A 215 12.79 -2.87 -16.80
N SER A 216 11.49 -2.54 -16.84
CA SER A 216 10.98 -1.61 -17.82
C SER A 216 10.87 -0.20 -17.22
N VAL A 217 11.48 0.76 -17.91
CA VAL A 217 11.46 2.16 -17.52
C VAL A 217 10.21 2.83 -18.11
N LEU A 218 9.50 3.55 -17.23
CA LEU A 218 8.36 4.34 -17.64
C LEU A 218 8.62 5.80 -17.28
N LEU A 219 8.81 6.05 -15.98
CA LEU A 219 8.86 7.40 -15.44
C LEU A 219 9.86 7.44 -14.29
N ARG A 220 10.88 8.30 -14.43
CA ARG A 220 11.91 8.43 -13.42
C ARG A 220 12.22 9.90 -13.10
N TYR A 221 11.15 10.64 -12.76
CA TYR A 221 11.26 12.04 -12.41
C TYR A 221 9.87 12.51 -11.96
N ASP A 222 9.78 13.81 -11.64
CA ASP A 222 8.53 14.46 -11.28
C ASP A 222 8.01 13.99 -9.92
N CYS A 223 8.88 14.17 -8.89
CA CYS A 223 8.57 13.76 -7.55
C CYS A 223 8.78 14.92 -6.58
N PRO A 224 8.07 14.87 -5.44
CA PRO A 224 8.15 15.95 -4.47
C PRO A 224 9.52 16.08 -3.80
N ASP A 225 10.22 14.95 -3.75
CA ASP A 225 11.56 14.84 -3.20
C ASP A 225 12.66 15.03 -4.24
N GLY A 226 12.27 15.10 -5.52
CA GLY A 226 13.20 15.27 -6.63
C GLY A 226 13.36 13.99 -7.44
N PRO A 227 14.43 13.25 -7.18
CA PRO A 227 14.72 12.05 -7.98
C PRO A 227 13.65 10.98 -7.74
N ALA A 228 13.19 10.39 -8.86
CA ALA A 228 12.17 9.36 -8.82
C ALA A 228 12.57 8.24 -9.79
N VAL A 229 12.13 7.01 -9.46
CA VAL A 229 12.42 5.87 -10.31
C VAL A 229 11.22 4.93 -10.24
N VAL A 230 10.45 4.87 -11.33
CA VAL A 230 9.30 3.98 -11.40
C VAL A 230 9.55 3.00 -12.56
N VAL A 231 9.76 1.74 -12.17
CA VAL A 231 9.93 0.66 -13.11
C VAL A 231 8.74 -0.31 -13.01
N SER A 232 8.46 -0.90 -14.18
CA SER A 232 7.42 -1.89 -14.34
C SER A 232 8.07 -3.28 -14.48
N ALA A 233 7.72 -4.14 -13.53
CA ALA A 233 8.20 -5.50 -13.49
C ALA A 233 7.66 -6.27 -14.71
N PRO A 234 8.37 -7.35 -15.09
CA PRO A 234 8.00 -8.07 -16.31
C PRO A 234 6.63 -8.72 -16.22
N GLY A 235 6.24 -9.10 -14.99
CA GLY A 235 4.95 -9.71 -14.75
C GLY A 235 3.76 -8.76 -14.85
N GLY A 236 4.03 -7.44 -14.74
CA GLY A 236 2.99 -6.46 -14.80
C GLY A 236 2.80 -5.65 -13.51
N GLU A 237 3.83 -5.67 -12.65
CA GLU A 237 3.78 -4.99 -11.38
C GLU A 237 4.43 -3.61 -11.54
N VAL A 238 4.06 -2.65 -10.68
CA VAL A 238 4.56 -1.30 -10.79
C VAL A 238 4.87 -0.78 -9.38
N PHE A 239 6.07 -0.21 -9.21
CA PHE A 239 6.50 0.27 -7.92
C PHE A 239 7.49 1.44 -8.09
N THR A 240 7.60 2.24 -7.03
CA THR A 240 8.41 3.43 -7.04
C THR A 240 9.56 3.36 -6.05
N LEU A 241 10.71 3.84 -6.53
CA LEU A 241 11.97 3.80 -5.83
C LEU A 241 12.48 5.22 -5.61
N LEU A 242 12.99 5.43 -4.38
CA LEU A 242 13.53 6.72 -3.98
C LEU A 242 14.90 6.51 -3.35
N LEU A 243 15.88 7.26 -3.84
CA LEU A 243 17.25 7.22 -3.37
C LEU A 243 17.40 8.17 -2.18
N THR A 244 17.82 7.59 -1.05
CA THR A 244 18.01 8.33 0.17
C THR A 244 18.85 7.47 1.12
N ASP A 245 19.42 8.15 2.11
CA ASP A 245 20.29 7.60 3.12
C ASP A 245 20.40 8.65 4.27
N GLY A 1 -22.72 -11.01 28.05
CA GLY A 1 -21.27 -11.19 28.32
C GLY A 1 -20.47 -10.78 27.07
N SER A 2 -19.53 -9.84 27.30
CA SER A 2 -18.67 -9.33 26.28
C SER A 2 -17.30 -9.08 26.89
N HIS A 3 -16.31 -8.89 26.01
CA HIS A 3 -14.94 -8.62 26.42
C HIS A 3 -14.64 -7.12 26.21
N MET A 4 -14.42 -6.43 27.34
CA MET A 4 -14.11 -5.01 27.32
C MET A 4 -12.61 -4.82 27.57
N SER A 5 -12.02 -3.90 26.78
CA SER A 5 -10.61 -3.59 26.91
C SER A 5 -10.42 -2.41 27.87
N HIS A 6 -9.23 -2.37 28.48
CA HIS A 6 -8.88 -1.36 29.47
C HIS A 6 -7.49 -0.76 29.23
N ASP A 7 -7.17 -0.54 27.95
CA ASP A 7 -5.87 -0.04 27.56
C ASP A 7 -6.04 0.80 26.30
N ALA A 8 -5.51 2.03 26.33
CA ALA A 8 -5.56 2.93 25.20
C ALA A 8 -4.17 2.99 24.52
N VAL A 9 -4.15 2.61 23.24
CA VAL A 9 -2.91 2.56 22.47
C VAL A 9 -2.95 3.72 21.47
N ARG A 10 -1.83 4.48 21.44
CA ARG A 10 -1.71 5.64 20.57
C ARG A 10 -0.41 5.49 19.77
N PRO A 11 -0.55 5.01 18.52
CA PRO A 11 0.61 4.83 17.65
C PRO A 11 1.11 6.19 17.15
N ALA A 12 2.25 6.12 16.44
CA ALA A 12 2.89 7.30 15.89
C ALA A 12 2.40 7.53 14.45
N PRO A 13 1.67 8.63 14.24
CA PRO A 13 1.19 8.94 12.90
C PRO A 13 2.37 9.38 12.01
N GLY A 14 2.08 9.33 10.69
CA GLY A 14 3.05 9.67 9.66
C GLY A 14 3.46 8.48 8.79
N GLU A 15 3.48 7.29 9.42
CA GLU A 15 3.96 6.11 8.73
C GLU A 15 2.79 5.48 7.98
N PRO A 16 3.06 4.83 6.85
CA PRO A 16 2.00 4.18 6.10
C PRO A 16 1.46 2.96 6.87
N THR A 17 0.26 2.53 6.46
CA THR A 17 -0.44 1.45 7.12
C THR A 17 0.27 0.11 6.91
N TRP A 18 0.20 -0.37 5.67
CA TRP A 18 0.73 -1.65 5.23
C TRP A 18 0.71 -1.68 3.71
N VAL A 19 1.46 -2.63 3.16
CA VAL A 19 1.56 -2.85 1.73
C VAL A 19 1.78 -4.34 1.52
N ASP A 20 0.85 -4.99 0.80
CA ASP A 20 0.94 -6.39 0.44
C ASP A 20 0.98 -6.52 -1.08
N LEU A 21 1.80 -7.47 -1.54
CA LEU A 21 1.94 -7.77 -2.95
C LEU A 21 1.78 -9.26 -3.17
N LEU A 22 0.69 -9.61 -3.87
CA LEU A 22 0.41 -10.97 -4.28
C LEU A 22 1.25 -11.34 -5.50
N THR A 23 1.51 -12.65 -5.60
CA THR A 23 2.28 -13.20 -6.69
C THR A 23 1.76 -14.59 -7.03
N PRO A 24 1.96 -15.00 -8.28
CA PRO A 24 1.57 -16.34 -8.68
C PRO A 24 2.44 -17.40 -8.01
N ASP A 25 3.75 -17.07 -7.95
CA ASP A 25 4.76 -17.99 -7.45
C ASP A 25 5.63 -17.24 -6.45
N ARG A 26 5.29 -17.38 -5.16
CA ARG A 26 6.00 -16.70 -4.10
C ARG A 26 7.50 -17.02 -4.20
N GLY A 27 7.79 -18.31 -4.42
CA GLY A 27 9.18 -18.71 -4.53
C GLY A 27 9.98 -17.88 -5.52
N ALA A 28 9.36 -17.61 -6.67
CA ALA A 28 10.03 -16.88 -7.73
C ALA A 28 10.02 -15.38 -7.44
N ALA A 29 8.90 -14.89 -6.93
CA ALA A 29 8.80 -13.48 -6.61
C ALA A 29 9.90 -13.07 -5.65
N LEU A 30 10.19 -13.93 -4.68
CA LEU A 30 11.22 -13.63 -3.71
C LEU A 30 12.59 -13.48 -4.36
N GLN A 31 12.77 -14.12 -5.52
CA GLN A 31 14.03 -14.04 -6.25
C GLN A 31 14.18 -12.69 -6.97
N PHE A 32 13.06 -12.23 -7.56
CA PHE A 32 13.04 -10.98 -8.28
C PHE A 32 12.90 -9.79 -7.32
N TYR A 33 11.77 -9.76 -6.60
CA TYR A 33 11.47 -8.62 -5.75
C TYR A 33 12.61 -8.37 -4.76
N SER A 34 13.05 -9.45 -4.11
CA SER A 34 14.09 -9.29 -3.12
C SER A 34 15.43 -8.88 -3.73
N ALA A 35 15.62 -9.17 -5.01
CA ALA A 35 16.83 -8.77 -5.72
C ALA A 35 16.87 -7.27 -6.01
N LEU A 36 15.74 -6.58 -5.85
CA LEU A 36 15.67 -5.16 -6.12
C LEU A 36 16.20 -4.37 -4.92
N PHE A 37 15.68 -4.76 -3.74
CA PHE A 37 16.02 -4.12 -2.49
C PHE A 37 17.21 -4.78 -1.78
N GLY A 38 17.33 -6.09 -1.97
CA GLY A 38 18.37 -6.89 -1.37
C GLY A 38 18.01 -7.37 0.05
N TRP A 39 16.77 -7.87 0.16
CA TRP A 39 16.25 -8.34 1.42
C TRP A 39 16.51 -9.86 1.58
N GLU A 40 16.23 -10.34 2.80
CA GLU A 40 16.37 -11.74 3.14
C GLU A 40 14.99 -12.38 3.36
N PHE A 41 15.00 -13.72 3.31
CA PHE A 41 13.82 -14.53 3.47
C PHE A 41 13.76 -15.12 4.89
N SER A 42 12.55 -15.06 5.47
CA SER A 42 12.34 -15.55 6.82
C SER A 42 10.90 -16.05 6.96
N THR A 43 10.76 -17.39 7.02
CA THR A 43 9.46 -18.02 7.12
C THR A 43 9.40 -18.86 8.40
N THR A 44 8.69 -18.31 9.40
CA THR A 44 8.57 -18.96 10.69
C THR A 44 7.15 -18.72 11.21
N SER A 45 6.36 -19.81 11.18
CA SER A 45 4.97 -19.77 11.56
C SER A 45 4.70 -20.84 12.62
N ASP A 46 4.19 -20.40 13.77
CA ASP A 46 3.94 -21.28 14.90
C ASP A 46 2.49 -21.81 14.83
N GLY A 47 2.40 -23.06 14.37
CA GLY A 47 1.11 -23.70 14.20
C GLY A 47 0.25 -23.11 13.09
N THR A 48 0.87 -22.26 12.26
CA THR A 48 0.19 -21.60 11.17
C THR A 48 0.87 -21.98 9.85
N SER A 49 0.12 -21.69 8.78
CA SER A 49 0.57 -21.97 7.42
C SER A 49 1.89 -21.24 7.14
N PRO A 50 2.62 -21.76 6.15
CA PRO A 50 3.95 -21.23 5.83
C PRO A 50 3.87 -19.88 5.10
N TYR A 51 4.26 -18.82 5.83
CA TYR A 51 4.21 -17.46 5.34
C TYR A 51 5.61 -16.84 5.40
N THR A 52 6.16 -16.55 4.20
CA THR A 52 7.46 -15.91 4.10
C THR A 52 7.33 -14.41 4.34
N MET A 53 8.02 -13.95 5.39
CA MET A 53 8.04 -12.56 5.77
C MET A 53 9.42 -11.97 5.46
N CYS A 54 9.43 -10.65 5.22
CA CYS A 54 10.66 -9.92 4.96
C CYS A 54 11.00 -9.05 6.17
N ARG A 55 12.04 -9.50 6.88
CA ARG A 55 12.53 -8.86 8.08
C ARG A 55 14.07 -8.82 7.99
N LEU A 56 14.64 -7.78 8.60
CA LEU A 56 16.08 -7.58 8.60
C LEU A 56 16.42 -6.75 9.83
N ARG A 57 17.61 -7.01 10.40
CA ARG A 57 18.07 -6.26 11.56
C ARG A 57 17.01 -6.21 12.67
N GLY A 58 16.21 -7.29 12.77
CA GLY A 58 15.17 -7.35 13.77
C GLY A 58 14.07 -6.30 13.61
N ARG A 59 13.86 -5.85 12.37
CA ARG A 59 12.96 -4.76 12.07
C ARG A 59 12.09 -5.15 10.87
N GLU A 60 10.78 -5.10 11.10
CA GLU A 60 9.78 -5.42 10.10
C GLU A 60 9.78 -4.41 8.94
N VAL A 61 9.76 -4.98 7.71
CA VAL A 61 9.74 -4.18 6.51
C VAL A 61 8.46 -4.40 5.73
N CYS A 62 8.20 -5.67 5.35
CA CYS A 62 7.04 -5.96 4.53
C CYS A 62 6.79 -7.46 4.55
N SER A 63 5.75 -7.85 3.79
CA SER A 63 5.37 -9.23 3.63
C SER A 63 4.96 -9.48 2.17
N ILE A 64 5.00 -10.77 1.80
CA ILE A 64 4.60 -11.22 0.49
C ILE A 64 3.39 -12.13 0.63
N GLY A 65 2.55 -12.10 -0.42
CA GLY A 65 1.39 -12.96 -0.49
C GLY A 65 1.38 -13.76 -1.78
N ASP A 66 0.57 -14.81 -1.76
CA ASP A 66 0.42 -15.72 -2.88
C ASP A 66 -1.04 -16.14 -2.96
N LEU A 67 -1.34 -16.81 -4.09
CA LEU A 67 -2.68 -17.21 -4.43
C LEU A 67 -2.81 -18.71 -4.67
N GLY A 68 -1.77 -19.32 -5.25
CA GLY A 68 -1.78 -20.73 -5.58
C GLY A 68 -2.82 -21.05 -6.67
N GLU A 69 -4.04 -21.32 -6.19
CA GLU A 69 -5.15 -21.75 -7.00
C GLU A 69 -6.25 -20.69 -7.13
N ASN A 70 -5.95 -19.47 -6.64
CA ASN A 70 -6.90 -18.38 -6.61
C ASN A 70 -6.61 -17.39 -7.76
N PRO A 71 -7.36 -17.49 -8.86
CA PRO A 71 -7.08 -16.62 -10.00
C PRO A 71 -7.47 -15.15 -9.76
N GLY A 72 -8.44 -14.96 -8.85
CA GLY A 72 -8.94 -13.66 -8.49
C GLY A 72 -8.63 -13.30 -7.04
N PRO A 73 -7.40 -12.85 -6.79
CA PRO A 73 -7.02 -12.44 -5.44
C PRO A 73 -7.68 -11.10 -5.08
N ALA A 74 -7.32 -10.62 -3.88
CA ALA A 74 -7.86 -9.38 -3.34
C ALA A 74 -6.94 -8.18 -3.59
N LEU A 75 -5.63 -8.46 -3.72
CA LEU A 75 -4.64 -7.41 -3.86
C LEU A 75 -4.65 -6.86 -5.30
N GLY A 76 -4.36 -7.77 -6.25
CA GLY A 76 -4.32 -7.42 -7.65
C GLY A 76 -3.13 -6.53 -8.05
N GLY A 77 -2.05 -6.62 -7.25
CA GLY A 77 -0.87 -5.82 -7.45
C GLY A 77 -0.59 -4.93 -6.24
N TRP A 78 0.52 -4.19 -6.35
CA TRP A 78 0.83 -3.18 -5.37
C TRP A 78 -0.39 -2.25 -5.20
N SER A 79 -0.43 -1.61 -4.03
CA SER A 79 -1.43 -0.61 -3.72
C SER A 79 -1.09 0.00 -2.36
N SER A 80 -1.65 1.18 -2.14
CA SER A 80 -1.53 1.92 -0.91
C SER A 80 -2.76 1.68 -0.03
N TYR A 81 -2.50 1.33 1.23
CA TYR A 81 -3.54 1.10 2.22
C TYR A 81 -3.69 2.34 3.12
N LEU A 82 -4.79 3.03 2.90
CA LEU A 82 -5.13 4.23 3.64
C LEU A 82 -5.92 3.80 4.89
N SER A 83 -5.64 4.47 6.01
CA SER A 83 -6.25 4.15 7.29
C SER A 83 -7.52 5.01 7.48
N VAL A 84 -8.66 4.30 7.55
CA VAL A 84 -9.95 4.93 7.66
C VAL A 84 -10.50 4.80 9.08
N ASP A 85 -11.53 5.62 9.36
CA ASP A 85 -12.15 5.65 10.66
C ASP A 85 -12.55 4.25 11.10
N ASP A 86 -13.09 3.49 10.12
CA ASP A 86 -13.55 2.14 10.37
C ASP A 86 -13.83 1.48 9.03
N ALA A 87 -13.72 0.15 9.00
CA ALA A 87 -14.06 -0.62 7.82
C ALA A 87 -15.44 -0.18 7.29
N ASP A 88 -16.38 -0.06 8.24
CA ASP A 88 -17.73 0.29 7.88
C ASP A 88 -17.86 1.77 7.53
N ALA A 89 -17.10 2.62 8.23
CA ALA A 89 -17.15 4.05 7.99
C ALA A 89 -16.91 4.31 6.50
N ALA A 90 -15.75 3.80 6.04
CA ALA A 90 -15.36 4.06 4.66
C ALA A 90 -16.42 3.49 3.73
N ALA A 91 -16.72 2.21 3.91
CA ALA A 91 -17.67 1.53 3.07
C ALA A 91 -19.01 2.29 2.98
N ALA A 92 -19.40 2.93 4.09
CA ALA A 92 -20.64 3.64 4.20
C ALA A 92 -20.64 4.96 3.42
N ALA A 93 -19.45 5.56 3.35
CA ALA A 93 -19.28 6.80 2.62
C ALA A 93 -19.06 6.55 1.13
N VAL A 94 -18.53 5.37 0.78
CA VAL A 94 -18.37 5.02 -0.62
C VAL A 94 -19.63 5.38 -1.42
N PRO A 95 -20.79 4.85 -1.06
CA PRO A 95 -22.00 5.14 -1.82
C PRO A 95 -22.45 6.60 -1.74
N GLU A 96 -22.09 7.26 -0.64
CA GLU A 96 -22.45 8.66 -0.45
C GLU A 96 -21.81 9.55 -1.53
N LEU A 97 -20.63 9.13 -2.01
CA LEU A 97 -19.90 9.88 -3.01
C LEU A 97 -20.27 9.44 -4.42
N GLY A 98 -20.80 8.21 -4.52
CA GLY A 98 -21.22 7.63 -5.76
C GLY A 98 -20.29 6.53 -6.28
N GLY A 99 -19.58 5.89 -5.35
CA GLY A 99 -18.74 4.76 -5.69
C GLY A 99 -19.49 3.44 -5.47
N ALA A 100 -18.70 2.36 -5.55
CA ALA A 100 -19.21 1.01 -5.44
C ALA A 100 -18.19 0.19 -4.64
N VAL A 101 -18.70 -0.48 -3.59
CA VAL A 101 -17.90 -1.41 -2.82
C VAL A 101 -17.75 -2.69 -3.62
N LEU A 102 -16.52 -3.21 -3.67
CA LEU A 102 -16.23 -4.42 -4.39
C LEU A 102 -15.98 -5.59 -3.43
N LEU A 103 -15.11 -5.34 -2.44
CA LEU A 103 -14.81 -6.32 -1.41
C LEU A 103 -15.18 -5.76 -0.04
N GLY A 104 -15.27 -6.69 0.92
CA GLY A 104 -15.60 -6.34 2.28
C GLY A 104 -17.09 -6.07 2.48
N PRO A 105 -17.47 -5.89 3.75
CA PRO A 105 -16.61 -6.05 4.92
C PRO A 105 -16.23 -7.53 5.11
N ILE A 106 -14.95 -7.74 5.45
CA ILE A 106 -14.40 -9.05 5.72
C ILE A 106 -13.61 -9.03 7.02
N ASP A 107 -13.61 -10.19 7.69
CA ASP A 107 -12.93 -10.34 8.97
C ASP A 107 -11.81 -11.38 8.79
N ILE A 108 -10.58 -10.87 8.72
CA ILE A 108 -9.41 -11.71 8.52
C ILE A 108 -8.93 -12.15 9.91
N LEU A 109 -9.33 -13.37 10.29
CA LEU A 109 -8.91 -14.00 11.53
C LEU A 109 -9.17 -13.12 12.75
N ALA A 110 -10.23 -12.29 12.62
CA ALA A 110 -10.61 -11.33 13.65
C ALA A 110 -9.42 -10.47 14.10
N GLN A 111 -8.46 -10.29 13.18
CA GLN A 111 -7.27 -9.51 13.48
C GLN A 111 -7.32 -8.17 12.76
N GLY A 112 -7.78 -8.17 11.52
CA GLY A 112 -7.88 -6.98 10.71
C GLY A 112 -9.00 -7.14 9.69
N ARG A 113 -9.50 -5.99 9.24
CA ARG A 113 -10.55 -5.90 8.24
C ARG A 113 -10.07 -4.90 7.18
N MET A 114 -10.16 -5.32 5.92
CA MET A 114 -9.79 -4.47 4.79
C MET A 114 -10.83 -4.67 3.70
N LEU A 115 -11.05 -3.61 2.91
CA LEU A 115 -12.02 -3.65 1.84
C LEU A 115 -11.53 -2.75 0.70
N LEU A 116 -12.13 -2.97 -0.48
CA LEU A 116 -11.79 -2.27 -1.69
C LEU A 116 -13.04 -1.61 -2.27
N ALA A 117 -12.83 -0.46 -2.92
CA ALA A 117 -13.89 0.32 -3.53
C ALA A 117 -13.40 0.90 -4.86
N GLY A 118 -14.33 1.61 -5.51
CA GLY A 118 -14.07 2.26 -6.78
C GLY A 118 -15.07 1.80 -7.84
N ASP A 119 -14.54 1.55 -9.05
CA ASP A 119 -15.34 1.17 -10.19
C ASP A 119 -15.26 -0.34 -10.41
N PRO A 120 -16.29 -0.89 -11.07
CA PRO A 120 -16.37 -2.33 -11.30
C PRO A 120 -15.31 -2.85 -12.28
N SER A 121 -14.56 -1.92 -12.89
CA SER A 121 -13.40 -2.24 -13.70
C SER A 121 -12.40 -3.15 -12.96
N GLY A 122 -12.43 -3.05 -11.61
CA GLY A 122 -11.55 -3.83 -10.78
C GLY A 122 -10.56 -2.99 -9.99
N HIS A 123 -10.99 -1.76 -9.67
CA HIS A 123 -10.15 -0.85 -8.92
C HIS A 123 -10.05 -1.33 -7.48
N ARG A 124 -8.81 -1.55 -7.01
CA ARG A 124 -8.59 -2.03 -5.67
C ARG A 124 -7.89 -0.94 -4.86
N VAL A 125 -8.67 -0.32 -3.96
CA VAL A 125 -8.18 0.73 -3.08
C VAL A 125 -7.95 0.10 -1.70
N GLY A 126 -6.69 0.09 -1.25
CA GLY A 126 -6.36 -0.47 0.04
C GLY A 126 -6.94 0.40 1.16
N LEU A 127 -7.76 -0.23 2.00
CA LEU A 127 -8.42 0.43 3.11
C LEU A 127 -8.31 -0.46 4.34
N TRP A 128 -7.61 0.03 5.36
CA TRP A 128 -7.41 -0.66 6.62
C TRP A 128 -8.09 0.11 7.76
N GLN A 129 -8.51 -0.66 8.76
CA GLN A 129 -9.25 -0.17 9.92
C GLN A 129 -8.32 -0.09 11.13
N ALA A 130 -7.83 1.11 11.43
CA ALA A 130 -6.91 1.31 12.54
C ALA A 130 -7.70 1.34 13.87
N LYS A 131 -7.48 0.28 14.67
CA LYS A 131 -8.15 0.11 15.94
C LYS A 131 -7.18 0.04 17.14
N GLU A 132 -6.03 -0.61 16.90
CA GLU A 132 -4.99 -0.81 17.89
C GLU A 132 -3.75 0.02 17.58
N HIS A 133 -3.32 -0.05 16.31
CA HIS A 133 -2.13 0.65 15.86
C HIS A 133 -2.33 1.01 14.38
N THR A 134 -1.52 1.97 13.92
CA THR A 134 -1.57 2.46 12.55
C THR A 134 -0.43 1.88 11.70
N GLY A 135 -0.06 0.62 12.01
CA GLY A 135 0.98 -0.05 11.26
C GLY A 135 2.31 0.70 11.30
N SER A 136 2.55 1.42 12.42
CA SER A 136 3.74 2.23 12.60
C SER A 136 4.97 1.29 12.64
N GLY A 137 5.55 1.10 11.45
CA GLY A 137 6.68 0.21 11.31
C GLY A 137 7.98 0.91 11.70
N PRO A 138 9.02 0.11 11.93
CA PRO A 138 10.31 0.67 12.31
C PRO A 138 10.88 1.51 11.16
N ASP A 139 11.51 2.62 11.58
CA ASP A 139 12.15 3.53 10.64
C ASP A 139 13.60 3.10 10.46
N ASP A 140 13.81 2.24 9.46
CA ASP A 140 15.12 1.69 9.19
C ASP A 140 15.82 2.46 8.06
N GLY A 141 15.38 3.71 7.87
CA GLY A 141 15.88 4.50 6.77
C GLY A 141 15.69 3.75 5.45
N ILE A 142 16.83 3.50 4.78
CA ILE A 142 16.78 2.85 3.48
C ILE A 142 16.16 1.45 3.61
N GLY A 143 15.31 1.11 2.64
CA GLY A 143 14.63 -0.15 2.62
C GLY A 143 13.22 -0.09 3.19
N ALA A 144 12.97 0.91 4.03
CA ALA A 144 11.66 1.08 4.61
C ALA A 144 10.74 1.79 3.60
N TYR A 145 9.44 1.70 3.91
CA TYR A 145 8.43 2.39 3.12
C TYR A 145 8.75 3.89 3.10
N THR A 146 8.25 4.56 2.05
CA THR A 146 8.46 5.98 1.91
C THR A 146 7.18 6.80 2.13
N ARG A 147 6.16 6.48 1.32
CA ARG A 147 4.90 7.18 1.34
C ARG A 147 3.93 6.40 0.46
N SER A 148 2.66 6.84 0.51
CA SER A 148 1.57 6.27 -0.26
C SER A 148 0.95 7.33 -1.18
N GLU A 149 0.89 6.97 -2.47
CA GLU A 149 0.32 7.80 -3.49
C GLU A 149 -0.20 6.89 -4.60
N LEU A 150 -1.19 7.48 -5.32
CA LEU A 150 -1.86 6.85 -6.44
C LEU A 150 -1.81 7.79 -7.64
N LEU A 151 -1.62 7.18 -8.80
CA LEU A 151 -1.55 7.89 -10.07
C LEU A 151 -2.85 7.61 -10.83
N THR A 152 -3.75 8.59 -10.81
CA THR A 152 -5.04 8.48 -11.47
C THR A 152 -5.19 9.60 -12.48
N GLY A 153 -5.87 9.31 -13.60
CA GLY A 153 -6.09 10.28 -14.63
C GLY A 153 -7.28 11.22 -14.39
N ALA A 154 -7.39 11.69 -13.12
CA ALA A 154 -8.52 12.49 -12.68
C ALA A 154 -8.41 12.77 -11.19
N SER A 155 -7.36 13.53 -10.81
CA SER A 155 -7.14 13.88 -9.42
C SER A 155 -8.40 14.51 -8.82
N ALA A 156 -9.04 15.39 -9.60
CA ALA A 156 -10.22 16.10 -9.15
C ALA A 156 -11.31 15.16 -8.62
N THR A 157 -11.39 13.97 -9.27
CA THR A 157 -12.35 12.96 -8.88
C THR A 157 -11.84 12.16 -7.67
N ASP A 158 -10.65 11.60 -7.83
CA ASP A 158 -10.13 10.72 -6.78
C ASP A 158 -10.01 11.47 -5.45
N GLY A 159 -9.58 12.72 -5.51
CA GLY A 159 -9.49 13.52 -4.31
C GLY A 159 -10.80 13.55 -3.53
N ALA A 160 -11.91 13.62 -4.29
CA ALA A 160 -13.24 13.64 -3.71
C ALA A 160 -13.57 12.30 -3.02
N PHE A 161 -13.02 11.22 -3.59
CA PHE A 161 -13.19 9.90 -3.00
C PHE A 161 -12.50 9.82 -1.63
N TYR A 162 -11.33 10.45 -1.52
CA TYR A 162 -10.59 10.43 -0.27
C TYR A 162 -11.38 11.17 0.80
N ARG A 163 -11.71 12.43 0.52
CA ARG A 163 -12.38 13.24 1.52
C ARG A 163 -13.59 12.50 2.10
N GLY A 164 -14.45 11.98 1.22
CA GLY A 164 -15.65 11.34 1.73
C GLY A 164 -15.36 10.23 2.73
N LEU A 165 -14.27 9.48 2.47
CA LEU A 165 -13.91 8.37 3.30
C LEU A 165 -13.06 8.78 4.53
N PHE A 166 -12.61 10.04 4.51
CA PHE A 166 -11.77 10.63 5.54
C PHE A 166 -12.49 11.82 6.18
N GLY A 167 -12.30 13.01 5.57
CA GLY A 167 -12.89 14.23 6.06
C GLY A 167 -13.95 14.81 5.13
N ALA A 168 -15.15 15.04 5.68
CA ALA A 168 -16.26 15.58 4.92
C ALA A 168 -16.05 17.07 4.60
N ASP A 169 -15.41 17.77 5.54
CA ASP A 169 -15.20 19.20 5.43
C ASP A 169 -13.87 19.53 4.75
N PHE A 170 -13.36 18.57 3.97
CA PHE A 170 -12.06 18.72 3.34
C PHE A 170 -12.05 20.01 2.50
N ALA A 171 -13.04 20.07 1.59
CA ALA A 171 -13.16 21.19 0.68
C ALA A 171 -13.22 22.55 1.39
N THR A 172 -13.86 22.55 2.57
CA THR A 172 -14.05 23.73 3.36
C THR A 172 -12.94 23.92 4.40
N GLU A 173 -11.70 23.69 3.94
CA GLU A 173 -10.51 23.76 4.76
C GLU A 173 -9.31 24.03 3.86
N SER A 174 -8.21 24.42 4.52
CA SER A 174 -6.94 24.61 3.84
C SER A 174 -5.86 24.80 4.92
N GLY A 175 -4.76 24.05 4.75
CA GLY A 175 -3.62 24.17 5.63
C GLY A 175 -3.96 24.00 7.12
N THR A 176 -4.91 23.09 7.39
CA THR A 176 -5.43 22.89 8.71
C THR A 176 -5.34 21.42 9.16
N ASP A 177 -4.18 20.83 8.88
CA ASP A 177 -3.95 19.43 9.17
C ASP A 177 -2.96 19.32 10.35
N GLY A 178 -3.52 18.85 11.48
CA GLY A 178 -2.76 18.70 12.70
C GLY A 178 -2.31 17.26 12.99
N GLY A 179 -3.10 16.30 12.46
CA GLY A 179 -2.72 14.91 12.48
C GLY A 179 -1.61 14.63 11.46
N GLY A 180 -1.66 13.40 10.92
CA GLY A 180 -0.62 12.89 10.03
C GLY A 180 -1.19 11.98 8.95
N ARG A 181 -2.31 12.45 8.37
CA ARG A 181 -2.94 11.74 7.26
C ARG A 181 -1.90 11.49 6.16
N ARG A 182 -2.05 10.31 5.50
CA ARG A 182 -1.12 9.90 4.48
C ARG A 182 -1.90 9.48 3.21
N ALA A 183 -1.80 10.33 2.18
CA ALA A 183 -2.42 10.07 0.91
C ALA A 183 -1.96 11.16 -0.06
N ALA A 184 -1.91 10.78 -1.34
CA ALA A 184 -1.57 11.70 -2.41
C ALA A 184 -2.05 11.09 -3.72
N ILE A 185 -2.61 11.93 -4.59
CA ILE A 185 -3.11 11.52 -5.88
C ILE A 185 -2.63 12.54 -6.92
N ARG A 186 -1.74 12.08 -7.80
CA ARG A 186 -1.26 12.91 -8.88
C ARG A 186 -2.00 12.54 -10.19
N GLN A 187 -2.22 13.59 -10.99
CA GLN A 187 -2.81 13.51 -12.32
C GLN A 187 -1.67 13.28 -13.34
N VAL A 188 -1.77 12.13 -14.02
CA VAL A 188 -0.88 11.72 -15.08
C VAL A 188 -1.65 10.71 -15.95
N GLY A 189 -0.97 10.28 -17.04
CA GLY A 189 -1.48 9.25 -17.91
C GLY A 189 -0.67 9.13 -19.19
N PRO A 190 -0.58 10.25 -19.95
CA PRO A 190 0.16 10.20 -21.20
C PRO A 190 1.67 10.12 -20.99
N ALA A 191 2.15 10.89 -19.99
CA ALA A 191 3.56 11.01 -19.71
C ALA A 191 3.96 10.34 -18.39
N ALA A 192 3.12 9.38 -17.94
CA ALA A 192 3.40 8.64 -16.74
C ALA A 192 2.34 7.54 -16.59
N PRO A 193 2.71 6.47 -15.87
CA PRO A 193 1.81 5.36 -15.65
C PRO A 193 0.65 5.76 -14.72
N SER A 194 -0.23 4.77 -14.51
CA SER A 194 -1.41 4.94 -13.69
C SER A 194 -1.63 3.66 -12.88
N GLY A 195 -2.05 3.87 -11.62
CA GLY A 195 -2.31 2.79 -10.70
C GLY A 195 -1.85 3.14 -9.29
N TRP A 196 -2.18 2.21 -8.38
CA TRP A 196 -1.88 2.33 -6.97
C TRP A 196 -0.54 1.64 -6.69
N TYR A 197 0.44 2.44 -6.22
CA TYR A 197 1.73 1.87 -5.93
C TYR A 197 2.54 2.87 -5.09
N PRO A 198 2.73 2.55 -3.80
CA PRO A 198 3.47 3.45 -2.94
C PRO A 198 4.94 3.55 -3.37
N CYS A 199 5.62 4.48 -2.67
CA CYS A 199 7.02 4.74 -2.85
C CYS A 199 7.83 3.98 -1.78
N PHE A 200 9.10 3.75 -2.11
CA PHE A 200 10.01 2.97 -1.30
C PHE A 200 11.41 3.60 -1.40
N ARG A 201 12.17 3.48 -0.32
CA ARG A 201 13.50 4.06 -0.23
C ARG A 201 14.57 3.01 -0.55
N ALA A 202 15.52 3.38 -1.41
CA ALA A 202 16.62 2.49 -1.71
C ALA A 202 17.82 3.31 -2.20
N GLN A 203 19.00 2.66 -2.08
CA GLN A 203 20.24 3.26 -2.54
C GLN A 203 20.24 3.36 -4.07
N GLU A 204 21.08 4.25 -4.60
CA GLU A 204 21.22 4.38 -6.04
C GLU A 204 21.49 3.03 -6.71
N SER A 205 22.30 2.19 -6.04
CA SER A 205 22.66 0.89 -6.58
C SER A 205 21.46 -0.04 -6.81
N ALA A 206 20.33 0.27 -6.16
CA ALA A 206 19.12 -0.52 -6.33
C ALA A 206 18.48 -0.29 -7.71
N VAL A 207 18.62 0.94 -8.22
CA VAL A 207 18.09 1.26 -9.54
C VAL A 207 18.51 0.20 -10.55
N PRO A 208 19.82 0.03 -10.78
CA PRO A 208 20.24 -0.97 -11.75
C PRO A 208 19.94 -2.40 -11.31
N ALA A 209 19.87 -2.63 -10.00
CA ALA A 209 19.54 -3.94 -9.48
C ALA A 209 18.28 -4.50 -10.16
N ALA A 210 17.34 -3.60 -10.49
CA ALA A 210 16.12 -4.02 -11.15
C ALA A 210 16.34 -4.19 -12.66
N VAL A 211 17.09 -3.26 -13.24
CA VAL A 211 17.37 -3.28 -14.67
C VAL A 211 17.99 -4.61 -15.08
N MET A 212 19.03 -5.04 -14.34
CA MET A 212 19.73 -6.26 -14.67
C MET A 212 18.79 -7.48 -14.78
N LEU A 213 17.69 -7.44 -14.02
CA LEU A 213 16.72 -8.52 -14.01
C LEU A 213 15.80 -8.50 -15.23
N GLY A 214 15.70 -7.32 -15.87
CA GLY A 214 14.87 -7.11 -17.02
C GLY A 214 13.60 -6.33 -16.74
N ALA A 215 13.65 -5.47 -15.71
CA ALA A 215 12.51 -4.67 -15.35
C ALA A 215 12.12 -3.78 -16.56
N SER A 216 10.83 -3.41 -16.58
CA SER A 216 10.31 -2.59 -17.64
C SER A 216 10.29 -1.12 -17.23
N VAL A 217 10.84 -0.28 -18.10
CA VAL A 217 10.91 1.16 -17.89
C VAL A 217 9.60 1.82 -18.39
N LEU A 218 9.00 2.62 -17.50
CA LEU A 218 7.83 3.38 -17.85
C LEU A 218 8.07 4.89 -17.67
N LEU A 219 8.57 5.25 -16.47
CA LEU A 219 8.72 6.66 -16.11
C LEU A 219 9.66 6.74 -14.92
N ARG A 220 10.71 7.55 -15.07
CA ARG A 220 11.70 7.71 -14.01
C ARG A 220 12.15 9.17 -13.87
N TYR A 221 11.15 10.05 -13.68
CA TYR A 221 11.38 11.47 -13.57
C TYR A 221 10.03 12.15 -13.28
N ASP A 222 10.10 13.49 -13.13
CA ASP A 222 8.91 14.32 -12.97
C ASP A 222 8.21 14.06 -11.64
N CYS A 223 9.00 14.15 -10.55
CA CYS A 223 8.51 13.89 -9.23
C CYS A 223 8.83 15.06 -8.29
N PRO A 224 8.02 15.22 -7.25
CA PRO A 224 8.17 16.36 -6.35
C PRO A 224 9.47 16.33 -5.55
N ASP A 225 9.98 15.11 -5.34
CA ASP A 225 11.22 14.85 -4.64
C ASP A 225 12.44 14.86 -5.55
N GLY A 226 12.21 14.96 -6.86
CA GLY A 226 13.27 14.98 -7.85
C GLY A 226 13.45 13.60 -8.52
N PRO A 227 14.52 12.88 -8.17
CA PRO A 227 14.84 11.64 -8.84
C PRO A 227 13.84 10.53 -8.48
N ALA A 228 13.24 9.94 -9.52
CA ALA A 228 12.23 8.92 -9.35
C ALA A 228 12.48 7.80 -10.35
N VAL A 229 12.08 6.58 -9.96
CA VAL A 229 12.24 5.42 -10.82
C VAL A 229 11.03 4.52 -10.66
N VAL A 230 10.23 4.41 -11.73
CA VAL A 230 9.09 3.51 -11.74
C VAL A 230 9.39 2.41 -12.77
N VAL A 231 9.44 1.18 -12.27
CA VAL A 231 9.60 0.00 -13.11
C VAL A 231 8.37 -0.90 -12.96
N SER A 232 8.10 -1.60 -14.07
CA SER A 232 7.04 -2.58 -14.14
C SER A 232 7.68 -3.98 -14.12
N ALA A 233 7.27 -4.73 -13.10
CA ALA A 233 7.73 -6.09 -12.90
C ALA A 233 7.16 -7.00 -14.00
N PRO A 234 7.85 -8.10 -14.26
CA PRO A 234 7.48 -8.96 -15.38
C PRO A 234 6.10 -9.59 -15.25
N GLY A 235 5.68 -9.82 -13.99
CA GLY A 235 4.37 -10.37 -13.72
C GLY A 235 3.21 -9.41 -13.89
N GLY A 236 3.52 -8.10 -13.94
CA GLY A 236 2.50 -7.08 -14.06
C GLY A 236 2.37 -6.13 -12.88
N GLU A 237 3.34 -6.17 -11.96
CA GLU A 237 3.30 -5.30 -10.80
C GLU A 237 4.01 -3.98 -11.13
N VAL A 238 3.68 -2.93 -10.37
CA VAL A 238 4.22 -1.60 -10.60
C VAL A 238 4.55 -0.97 -9.24
N PHE A 239 5.73 -0.35 -9.14
CA PHE A 239 6.17 0.27 -7.91
C PHE A 239 7.19 1.36 -8.21
N THR A 240 7.31 2.29 -7.26
CA THR A 240 8.17 3.44 -7.41
C THR A 240 9.32 3.44 -6.39
N LEU A 241 10.50 3.76 -6.92
CA LEU A 241 11.74 3.80 -6.17
C LEU A 241 12.23 5.24 -6.07
N LEU A 242 12.53 5.63 -4.83
CA LEU A 242 13.05 6.94 -4.51
C LEU A 242 14.34 6.77 -3.71
N LEU A 243 15.41 7.40 -4.23
CA LEU A 243 16.71 7.37 -3.58
C LEU A 243 16.72 8.40 -2.45
N THR A 244 17.16 7.93 -1.27
CA THR A 244 17.31 8.76 -0.09
C THR A 244 18.40 8.14 0.79
N ASP A 245 18.99 8.99 1.62
CA ASP A 245 20.04 8.68 2.57
C ASP A 245 20.15 9.92 3.51
N GLY A 1 -24.08 -5.16 27.72
CA GLY A 1 -22.76 -4.80 28.28
C GLY A 1 -21.78 -5.95 27.95
N SER A 2 -20.49 -5.68 28.11
CA SER A 2 -19.46 -6.66 27.86
C SER A 2 -18.15 -6.09 28.43
N HIS A 3 -17.14 -6.96 28.48
CA HIS A 3 -15.81 -6.60 28.95
C HIS A 3 -14.83 -6.74 27.78
N MET A 4 -14.44 -5.58 27.23
CA MET A 4 -13.46 -5.50 26.15
C MET A 4 -12.10 -5.09 26.74
N SER A 5 -11.10 -5.00 25.83
CA SER A 5 -9.79 -4.56 26.22
C SER A 5 -9.87 -3.22 26.96
N HIS A 6 -8.84 -2.98 27.78
CA HIS A 6 -8.74 -1.78 28.58
C HIS A 6 -7.37 -1.10 28.40
N ASP A 7 -6.95 -0.99 27.13
CA ASP A 7 -5.69 -0.37 26.80
C ASP A 7 -5.87 0.43 25.51
N ALA A 8 -5.37 1.67 25.54
CA ALA A 8 -5.44 2.57 24.40
C ALA A 8 -4.03 2.73 23.79
N VAL A 9 -3.91 2.35 22.50
CA VAL A 9 -2.65 2.40 21.80
C VAL A 9 -2.68 3.59 20.84
N ARG A 10 -1.57 4.35 20.82
CA ARG A 10 -1.46 5.53 19.99
C ARG A 10 -0.17 5.42 19.14
N PRO A 11 -0.32 4.98 17.88
CA PRO A 11 0.82 4.84 17.01
C PRO A 11 1.33 6.22 16.55
N ALA A 12 2.48 6.18 15.87
CA ALA A 12 3.12 7.39 15.37
C ALA A 12 2.48 7.80 14.02
N PRO A 13 1.79 8.94 14.01
CA PRO A 13 1.16 9.38 12.77
C PRO A 13 2.24 9.81 11.78
N GLY A 14 1.93 9.58 10.48
CA GLY A 14 2.82 9.97 9.41
C GLY A 14 3.29 8.82 8.53
N GLU A 15 3.45 7.65 9.15
CA GLU A 15 3.91 6.45 8.47
C GLU A 15 2.73 5.76 7.78
N PRO A 16 3.02 5.04 6.68
CA PRO A 16 1.99 4.31 5.98
C PRO A 16 1.50 3.11 6.80
N THR A 17 0.29 2.64 6.42
CA THR A 17 -0.38 1.57 7.16
C THR A 17 0.30 0.22 6.91
N TRP A 18 0.15 -0.26 5.67
CA TRP A 18 0.74 -1.51 5.25
C TRP A 18 0.47 -1.64 3.75
N VAL A 19 1.28 -2.47 3.08
CA VAL A 19 1.06 -2.79 1.69
C VAL A 19 1.73 -4.14 1.41
N ASP A 20 0.92 -5.08 0.88
CA ASP A 20 1.40 -6.38 0.48
C ASP A 20 1.25 -6.54 -1.03
N LEU A 21 2.20 -7.28 -1.61
CA LEU A 21 2.16 -7.61 -3.02
C LEU A 21 2.07 -9.13 -3.16
N LEU A 22 0.93 -9.55 -3.73
CA LEU A 22 0.67 -10.94 -4.06
C LEU A 22 1.42 -11.31 -5.34
N THR A 23 1.74 -12.62 -5.43
CA THR A 23 2.40 -13.12 -6.60
C THR A 23 1.89 -14.54 -6.88
N PRO A 24 2.03 -14.97 -8.14
CA PRO A 24 1.61 -16.32 -8.49
C PRO A 24 2.51 -17.37 -7.82
N ASP A 25 3.80 -17.03 -7.75
CA ASP A 25 4.81 -17.91 -7.22
C ASP A 25 5.63 -17.18 -6.17
N ARG A 26 5.25 -17.34 -4.90
CA ARG A 26 5.95 -16.68 -3.81
C ARG A 26 7.45 -17.00 -3.89
N GLY A 27 7.74 -18.28 -4.13
CA GLY A 27 9.13 -18.70 -4.19
C GLY A 27 9.97 -17.87 -5.17
N ALA A 28 9.35 -17.54 -6.31
CA ALA A 28 10.06 -16.81 -7.35
C ALA A 28 10.08 -15.32 -7.04
N ALA A 29 8.96 -14.82 -6.50
CA ALA A 29 8.89 -13.41 -6.16
C ALA A 29 9.99 -13.02 -5.18
N LEU A 30 10.26 -13.91 -4.23
CA LEU A 30 11.30 -13.64 -3.25
C LEU A 30 12.68 -13.53 -3.91
N GLN A 31 12.82 -14.10 -5.11
CA GLN A 31 14.07 -14.03 -5.84
C GLN A 31 14.20 -12.70 -6.60
N PHE A 32 13.07 -12.24 -7.17
CA PHE A 32 13.06 -10.98 -7.89
C PHE A 32 12.89 -9.80 -6.93
N TYR A 33 11.73 -9.73 -6.28
CA TYR A 33 11.42 -8.59 -5.43
C TYR A 33 12.53 -8.35 -4.41
N SER A 34 12.92 -9.43 -3.71
CA SER A 34 13.92 -9.27 -2.69
C SER A 34 15.27 -8.85 -3.24
N ALA A 35 15.52 -9.12 -4.52
CA ALA A 35 16.74 -8.73 -5.19
C ALA A 35 16.76 -7.25 -5.57
N LEU A 36 15.59 -6.61 -5.55
CA LEU A 36 15.51 -5.21 -5.91
C LEU A 36 16.09 -4.33 -4.79
N PHE A 37 15.86 -4.80 -3.55
CA PHE A 37 16.28 -4.11 -2.36
C PHE A 37 17.45 -4.79 -1.62
N GLY A 38 17.46 -6.13 -1.68
CA GLY A 38 18.45 -6.95 -1.03
C GLY A 38 18.04 -7.37 0.39
N TRP A 39 16.81 -7.88 0.48
CA TRP A 39 16.24 -8.30 1.74
C TRP A 39 16.42 -9.81 1.95
N GLU A 40 16.09 -10.25 3.18
CA GLU A 40 16.17 -11.64 3.58
C GLU A 40 14.77 -12.21 3.84
N PHE A 41 14.72 -13.55 3.72
CA PHE A 41 13.52 -14.30 3.96
C PHE A 41 13.47 -14.78 5.41
N SER A 42 12.25 -15.13 5.85
CA SER A 42 12.03 -15.66 7.18
C SER A 42 10.87 -16.66 7.12
N THR A 43 10.90 -17.58 8.08
CA THR A 43 9.91 -18.62 8.22
C THR A 43 9.02 -18.33 9.43
N THR A 44 7.73 -18.67 9.30
CA THR A 44 6.78 -18.51 10.37
C THR A 44 6.52 -19.86 11.05
N SER A 45 5.94 -19.78 12.26
CA SER A 45 5.50 -20.96 12.97
C SER A 45 4.62 -21.85 12.07
N ASP A 46 4.60 -23.13 12.47
CA ASP A 46 3.79 -24.14 11.80
C ASP A 46 2.38 -24.16 12.40
N GLY A 47 1.49 -24.81 11.65
CA GLY A 47 0.11 -24.97 12.01
C GLY A 47 -0.85 -24.13 11.17
N THR A 48 -0.32 -23.03 10.64
CA THR A 48 -1.05 -22.11 9.80
C THR A 48 -0.55 -22.20 8.36
N SER A 49 -1.34 -21.54 7.49
CA SER A 49 -1.01 -21.43 6.09
C SER A 49 0.43 -20.91 5.92
N PRO A 50 1.01 -21.23 4.76
CA PRO A 50 2.38 -20.79 4.48
C PRO A 50 2.40 -19.26 4.32
N TYR A 51 3.26 -18.62 5.15
CA TYR A 51 3.48 -17.20 5.12
C TYR A 51 5.00 -16.97 5.21
N THR A 52 5.47 -16.02 4.37
CA THR A 52 6.87 -15.62 4.37
C THR A 52 6.98 -14.13 4.72
N MET A 53 7.65 -13.87 5.85
CA MET A 53 7.79 -12.52 6.36
C MET A 53 9.20 -12.00 6.01
N CYS A 54 9.25 -11.05 5.07
CA CYS A 54 10.51 -10.52 4.54
C CYS A 54 11.03 -9.45 5.51
N ARG A 55 12.09 -9.81 6.24
CA ARG A 55 12.65 -8.96 7.27
C ARG A 55 14.18 -9.01 7.17
N LEU A 56 14.81 -8.01 7.81
CA LEU A 56 16.25 -7.88 7.79
C LEU A 56 16.68 -7.12 9.04
N ARG A 57 17.85 -7.48 9.56
CA ARG A 57 18.44 -6.79 10.70
C ARG A 57 17.44 -6.68 11.87
N GLY A 58 16.55 -7.69 11.97
CA GLY A 58 15.55 -7.67 13.02
C GLY A 58 14.62 -6.45 12.97
N ARG A 59 14.35 -5.98 11.75
CA ARG A 59 13.54 -4.81 11.52
C ARG A 59 12.49 -5.13 10.46
N GLU A 60 11.23 -4.89 10.84
CA GLU A 60 10.11 -5.08 9.94
C GLU A 60 10.11 -4.03 8.82
N VAL A 61 9.91 -4.53 7.59
CA VAL A 61 9.86 -3.71 6.40
C VAL A 61 8.58 -3.94 5.59
N CYS A 62 8.24 -5.22 5.34
CA CYS A 62 7.11 -5.54 4.48
C CYS A 62 6.84 -7.04 4.58
N SER A 63 5.76 -7.47 3.91
CA SER A 63 5.43 -8.87 3.83
C SER A 63 5.09 -9.23 2.36
N ILE A 64 4.98 -10.54 2.14
CA ILE A 64 4.61 -11.11 0.86
C ILE A 64 3.40 -12.02 1.04
N GLY A 65 2.59 -12.08 -0.02
CA GLY A 65 1.40 -12.88 -0.04
C GLY A 65 1.34 -13.73 -1.30
N ASP A 66 0.67 -14.88 -1.19
CA ASP A 66 0.52 -15.82 -2.27
C ASP A 66 -0.95 -16.22 -2.38
N LEU A 67 -1.21 -16.94 -3.49
CA LEU A 67 -2.55 -17.34 -3.86
C LEU A 67 -2.66 -18.85 -4.09
N GLY A 68 -1.62 -19.46 -4.66
CA GLY A 68 -1.60 -20.87 -4.96
C GLY A 68 -2.63 -21.24 -6.04
N GLU A 69 -3.86 -21.49 -5.57
CA GLU A 69 -4.95 -21.93 -6.40
C GLU A 69 -6.06 -20.89 -6.53
N ASN A 70 -5.76 -19.66 -6.07
CA ASN A 70 -6.73 -18.57 -6.07
C ASN A 70 -6.43 -17.61 -7.24
N PRO A 71 -7.18 -17.73 -8.34
CA PRO A 71 -6.91 -16.90 -9.50
C PRO A 71 -7.31 -15.43 -9.30
N GLY A 72 -8.26 -15.22 -8.37
CA GLY A 72 -8.77 -13.90 -8.05
C GLY A 72 -8.43 -13.50 -6.61
N PRO A 73 -7.20 -13.04 -6.39
CA PRO A 73 -6.80 -12.61 -5.06
C PRO A 73 -7.45 -11.26 -4.73
N ALA A 74 -7.07 -10.77 -3.53
CA ALA A 74 -7.62 -9.53 -3.01
C ALA A 74 -6.76 -8.31 -3.37
N LEU A 75 -5.44 -8.56 -3.46
CA LEU A 75 -4.46 -7.50 -3.69
C LEU A 75 -4.53 -7.01 -5.14
N GLY A 76 -4.30 -7.98 -6.06
CA GLY A 76 -4.29 -7.68 -7.48
C GLY A 76 -3.14 -6.80 -7.97
N GLY A 77 -2.07 -6.74 -7.15
CA GLY A 77 -0.92 -5.92 -7.45
C GLY A 77 -0.63 -4.97 -6.28
N TRP A 78 0.47 -4.21 -6.44
CA TRP A 78 0.78 -3.17 -5.49
C TRP A 78 -0.45 -2.24 -5.37
N SER A 79 -0.52 -1.58 -4.20
CA SER A 79 -1.56 -0.62 -3.94
C SER A 79 -1.30 0.05 -2.60
N SER A 80 -1.82 1.27 -2.47
CA SER A 80 -1.68 2.03 -1.25
C SER A 80 -2.94 1.84 -0.38
N TYR A 81 -2.68 1.50 0.89
CA TYR A 81 -3.72 1.28 1.87
C TYR A 81 -3.82 2.51 2.79
N LEU A 82 -4.98 3.16 2.71
CA LEU A 82 -5.27 4.34 3.49
C LEU A 82 -6.07 3.91 4.73
N SER A 83 -5.75 4.56 5.86
CA SER A 83 -6.38 4.27 7.13
C SER A 83 -7.66 5.14 7.27
N VAL A 84 -8.78 4.41 7.42
CA VAL A 84 -10.08 5.02 7.56
C VAL A 84 -10.61 4.88 8.99
N ASP A 85 -11.63 5.69 9.29
CA ASP A 85 -12.25 5.69 10.60
C ASP A 85 -12.61 4.28 11.05
N ASP A 86 -13.15 3.52 10.09
CA ASP A 86 -13.60 2.17 10.33
C ASP A 86 -13.82 1.49 9.00
N ALA A 87 -13.61 0.17 8.96
CA ALA A 87 -13.90 -0.61 7.77
C ALA A 87 -15.29 -0.26 7.24
N ASP A 88 -16.24 -0.23 8.18
CA ASP A 88 -17.62 0.01 7.82
C ASP A 88 -17.85 1.47 7.45
N ALA A 89 -17.16 2.38 8.16
CA ALA A 89 -17.28 3.80 7.89
C ALA A 89 -17.01 4.07 6.41
N ALA A 90 -15.83 3.60 5.96
CA ALA A 90 -15.43 3.88 4.59
C ALA A 90 -16.46 3.24 3.64
N ALA A 91 -16.66 1.94 3.82
CA ALA A 91 -17.58 1.21 2.96
C ALA A 91 -18.95 1.89 2.88
N ALA A 92 -19.39 2.50 3.99
CA ALA A 92 -20.68 3.13 4.08
C ALA A 92 -20.73 4.45 3.29
N ALA A 93 -19.59 5.13 3.22
CA ALA A 93 -19.49 6.37 2.48
C ALA A 93 -19.25 6.11 1.00
N VAL A 94 -18.66 4.97 0.66
CA VAL A 94 -18.47 4.62 -0.73
C VAL A 94 -19.74 4.90 -1.56
N PRO A 95 -20.88 4.31 -1.20
CA PRO A 95 -22.09 4.52 -1.98
C PRO A 95 -22.61 5.96 -1.92
N GLU A 96 -22.30 6.66 -0.82
CA GLU A 96 -22.72 8.04 -0.66
C GLU A 96 -22.12 8.94 -1.75
N LEU A 97 -20.91 8.57 -2.20
CA LEU A 97 -20.20 9.34 -3.21
C LEU A 97 -20.53 8.87 -4.62
N GLY A 98 -20.99 7.62 -4.70
CA GLY A 98 -21.36 6.99 -5.95
C GLY A 98 -20.39 5.91 -6.42
N GLY A 99 -19.66 5.33 -5.45
CA GLY A 99 -18.79 4.21 -5.75
C GLY A 99 -19.50 2.88 -5.49
N ALA A 100 -18.67 1.82 -5.54
CA ALA A 100 -19.13 0.46 -5.39
C ALA A 100 -18.11 -0.30 -4.55
N VAL A 101 -18.61 -0.97 -3.50
CA VAL A 101 -17.78 -1.82 -2.67
C VAL A 101 -17.64 -3.17 -3.38
N LEU A 102 -16.38 -3.62 -3.50
CA LEU A 102 -16.08 -4.86 -4.17
C LEU A 102 -15.76 -5.97 -3.16
N LEU A 103 -14.97 -5.60 -2.15
CA LEU A 103 -14.60 -6.50 -1.07
C LEU A 103 -15.01 -5.88 0.26
N GLY A 104 -15.04 -6.76 1.28
CA GLY A 104 -15.37 -6.36 2.62
C GLY A 104 -16.85 -6.01 2.78
N PRO A 105 -17.23 -5.74 4.03
CA PRO A 105 -16.39 -5.85 5.22
C PRO A 105 -16.06 -7.32 5.50
N ILE A 106 -14.76 -7.58 5.73
CA ILE A 106 -14.27 -8.90 6.05
C ILE A 106 -13.39 -8.84 7.31
N ASP A 107 -13.34 -9.97 8.02
CA ASP A 107 -12.58 -10.10 9.26
C ASP A 107 -11.43 -11.08 9.03
N ILE A 108 -10.29 -10.50 8.67
CA ILE A 108 -9.07 -11.29 8.42
C ILE A 108 -8.56 -11.77 9.77
N LEU A 109 -8.80 -13.06 10.04
CA LEU A 109 -8.29 -13.74 11.23
C LEU A 109 -8.67 -12.98 12.51
N ALA A 110 -9.81 -12.28 12.44
CA ALA A 110 -10.28 -11.44 13.53
C ALA A 110 -9.20 -10.49 14.06
N GLN A 111 -8.27 -10.13 13.17
CA GLN A 111 -7.16 -9.27 13.53
C GLN A 111 -7.32 -7.89 12.89
N GLY A 112 -7.80 -7.87 11.64
CA GLY A 112 -7.98 -6.65 10.91
C GLY A 112 -9.06 -6.83 9.85
N ARG A 113 -9.25 -5.74 9.09
CA ARG A 113 -10.26 -5.64 8.05
C ARG A 113 -9.65 -4.88 6.87
N MET A 114 -9.71 -5.52 5.71
CA MET A 114 -9.25 -4.97 4.45
C MET A 114 -10.44 -5.04 3.48
N LEU A 115 -10.68 -3.93 2.78
CA LEU A 115 -11.73 -3.90 1.78
C LEU A 115 -11.29 -3.00 0.64
N LEU A 116 -11.88 -3.23 -0.53
CA LEU A 116 -11.61 -2.43 -1.71
C LEU A 116 -12.92 -1.83 -2.24
N ALA A 117 -12.78 -0.66 -2.85
CA ALA A 117 -13.86 0.12 -3.43
C ALA A 117 -13.38 0.75 -4.74
N GLY A 118 -14.33 1.43 -5.39
CA GLY A 118 -14.09 2.08 -6.65
C GLY A 118 -15.15 1.70 -7.68
N ASP A 119 -14.71 1.58 -8.93
CA ASP A 119 -15.56 1.25 -10.05
C ASP A 119 -15.35 -0.20 -10.47
N PRO A 120 -16.36 -0.78 -11.11
CA PRO A 120 -16.29 -2.17 -11.54
C PRO A 120 -15.28 -2.43 -12.66
N SER A 121 -14.69 -1.34 -13.18
CA SER A 121 -13.61 -1.43 -14.13
C SER A 121 -12.43 -2.24 -13.61
N GLY A 122 -12.35 -2.36 -12.28
CA GLY A 122 -11.29 -3.11 -11.65
C GLY A 122 -10.37 -2.27 -10.78
N HIS A 123 -10.91 -1.14 -10.29
CA HIS A 123 -10.13 -0.24 -9.47
C HIS A 123 -10.22 -0.71 -8.01
N ARG A 124 -9.04 -0.96 -7.43
CA ARG A 124 -8.95 -1.42 -6.07
C ARG A 124 -8.23 -0.36 -5.23
N VAL A 125 -8.92 0.09 -4.18
CA VAL A 125 -8.39 1.11 -3.28
C VAL A 125 -8.17 0.47 -1.90
N GLY A 126 -6.89 0.37 -1.50
CA GLY A 126 -6.57 -0.25 -0.24
C GLY A 126 -7.14 0.53 0.94
N LEU A 127 -7.92 -0.16 1.76
CA LEU A 127 -8.57 0.43 2.92
C LEU A 127 -8.37 -0.51 4.12
N TRP A 128 -7.72 0.03 5.15
CA TRP A 128 -7.46 -0.67 6.39
C TRP A 128 -8.04 0.12 7.57
N GLN A 129 -8.42 -0.65 8.59
CA GLN A 129 -9.06 -0.12 9.79
C GLN A 129 -8.04 -0.02 10.94
N ALA A 130 -7.44 1.16 11.07
CA ALA A 130 -6.45 1.40 12.11
C ALA A 130 -7.16 1.57 13.48
N LYS A 131 -6.90 0.58 14.35
CA LYS A 131 -7.46 0.56 15.69
C LYS A 131 -6.40 0.49 16.81
N GLU A 132 -5.31 -0.26 16.53
CA GLU A 132 -4.21 -0.43 17.44
C GLU A 132 -2.97 0.33 16.96
N HIS A 133 -2.61 0.05 15.69
CA HIS A 133 -1.46 0.67 15.07
C HIS A 133 -1.83 1.04 13.62
N THR A 134 -1.15 2.09 13.13
CA THR A 134 -1.30 2.61 11.80
C THR A 134 -0.08 2.29 10.91
N GLY A 135 0.59 1.18 11.24
CA GLY A 135 1.76 0.75 10.51
C GLY A 135 3.08 1.31 11.02
N SER A 136 3.09 1.61 12.34
CA SER A 136 4.27 2.17 12.99
C SER A 136 5.36 1.10 13.07
N GLY A 137 6.43 1.29 12.32
CA GLY A 137 7.53 0.35 12.30
C GLY A 137 8.82 0.98 12.82
N PRO A 138 9.86 0.15 12.93
CA PRO A 138 11.15 0.64 13.37
C PRO A 138 11.81 1.49 12.27
N ASP A 139 12.78 2.29 12.73
CA ASP A 139 13.50 3.22 11.87
C ASP A 139 14.77 2.54 11.33
N ASP A 140 14.55 1.72 10.29
CA ASP A 140 15.63 1.03 9.61
C ASP A 140 16.33 1.91 8.58
N GLY A 141 15.58 2.90 8.07
CA GLY A 141 16.11 3.82 7.09
C GLY A 141 15.83 3.28 5.68
N ILE A 142 16.92 3.02 4.95
CA ILE A 142 16.80 2.55 3.58
C ILE A 142 16.20 1.14 3.56
N GLY A 143 15.26 0.96 2.61
CA GLY A 143 14.55 -0.29 2.48
C GLY A 143 13.14 -0.24 3.07
N ALA A 144 12.98 0.61 4.09
CA ALA A 144 11.70 0.69 4.77
C ALA A 144 10.70 1.44 3.88
N TYR A 145 9.42 1.26 4.22
CA TYR A 145 8.36 1.97 3.53
C TYR A 145 8.66 3.46 3.54
N THR A 146 8.09 4.15 2.52
CA THR A 146 8.32 5.56 2.37
C THR A 146 7.04 6.38 2.51
N ARG A 147 6.07 6.09 1.63
CA ARG A 147 4.81 6.79 1.61
C ARG A 147 3.93 6.17 0.53
N SER A 148 2.70 6.69 0.46
CA SER A 148 1.68 6.18 -0.41
C SER A 148 1.26 7.28 -1.41
N GLU A 149 1.21 6.86 -2.69
CA GLU A 149 0.88 7.74 -3.79
C GLU A 149 0.19 6.90 -4.86
N LEU A 150 -0.82 7.51 -5.49
CA LEU A 150 -1.59 6.92 -6.56
C LEU A 150 -1.59 7.89 -7.74
N LEU A 151 -1.47 7.30 -8.93
CA LEU A 151 -1.45 8.03 -10.18
C LEU A 151 -2.77 7.74 -10.90
N THR A 152 -3.67 8.73 -10.87
CA THR A 152 -4.98 8.59 -11.48
C THR A 152 -5.19 9.68 -12.51
N GLY A 153 -5.93 9.33 -13.58
CA GLY A 153 -6.19 10.26 -14.65
C GLY A 153 -7.39 11.19 -14.39
N ALA A 154 -7.50 11.65 -13.13
CA ALA A 154 -8.65 12.45 -12.70
C ALA A 154 -8.56 12.70 -11.19
N SER A 155 -7.62 13.60 -10.82
CA SER A 155 -7.46 13.95 -9.42
C SER A 155 -8.79 14.40 -8.82
N ALA A 156 -9.54 15.19 -9.59
CA ALA A 156 -10.82 15.71 -9.13
C ALA A 156 -11.75 14.58 -8.64
N THR A 157 -11.73 13.47 -9.39
CA THR A 157 -12.56 12.33 -9.06
C THR A 157 -12.07 11.65 -7.78
N ASP A 158 -10.78 11.25 -7.81
CA ASP A 158 -10.27 10.47 -6.71
C ASP A 158 -10.27 11.29 -5.43
N GLY A 159 -9.93 12.56 -5.53
CA GLY A 159 -9.99 13.44 -4.38
C GLY A 159 -11.34 13.39 -3.69
N ALA A 160 -12.40 13.40 -4.52
CA ALA A 160 -13.76 13.35 -4.03
C ALA A 160 -14.08 12.01 -3.35
N PHE A 161 -13.40 10.96 -3.79
CA PHE A 161 -13.53 9.65 -3.18
C PHE A 161 -12.87 9.62 -1.79
N TYR A 162 -11.71 10.30 -1.70
CA TYR A 162 -10.99 10.34 -0.44
C TYR A 162 -11.82 11.07 0.60
N ARG A 163 -12.24 12.29 0.26
CA ARG A 163 -12.94 13.10 1.25
C ARG A 163 -14.08 12.30 1.88
N GLY A 164 -14.99 11.77 1.05
CA GLY A 164 -16.12 11.07 1.61
C GLY A 164 -15.73 9.98 2.63
N LEU A 165 -14.63 9.29 2.32
CA LEU A 165 -14.17 8.21 3.16
C LEU A 165 -13.33 8.66 4.36
N PHE A 166 -13.00 9.96 4.36
CA PHE A 166 -12.17 10.59 5.36
C PHE A 166 -12.88 11.81 5.95
N GLY A 167 -12.72 12.97 5.29
CA GLY A 167 -13.32 14.20 5.76
C GLY A 167 -14.41 14.72 4.83
N ALA A 168 -15.61 14.93 5.41
CA ALA A 168 -16.76 15.36 4.63
C ALA A 168 -16.62 16.83 4.21
N ASP A 169 -16.05 17.62 5.13
CA ASP A 169 -15.89 19.05 4.95
C ASP A 169 -14.54 19.39 4.29
N PHE A 170 -13.99 18.43 3.54
CA PHE A 170 -12.72 18.62 2.88
C PHE A 170 -12.69 19.94 2.10
N ALA A 171 -13.79 20.17 1.36
CA ALA A 171 -13.92 21.37 0.53
C ALA A 171 -13.67 22.66 1.30
N THR A 172 -14.06 22.67 2.59
CA THR A 172 -13.92 23.84 3.42
C THR A 172 -12.76 23.73 4.42
N GLU A 173 -11.65 23.15 3.93
CA GLU A 173 -10.47 22.90 4.73
C GLU A 173 -9.23 23.13 3.87
N SER A 174 -8.09 23.23 4.57
CA SER A 174 -6.80 23.33 3.91
C SER A 174 -5.70 23.27 4.98
N GLY A 175 -4.68 22.45 4.69
CA GLY A 175 -3.50 22.38 5.54
C GLY A 175 -3.80 22.06 7.00
N THR A 176 -4.50 20.92 7.19
CA THR A 176 -5.01 20.55 8.50
C THR A 176 -4.99 19.02 8.65
N ASP A 177 -3.78 18.48 8.77
CA ASP A 177 -3.61 17.04 8.92
C ASP A 177 -4.50 16.54 10.04
N GLY A 178 -5.46 15.67 9.69
CA GLY A 178 -6.40 15.12 10.64
C GLY A 178 -5.81 13.89 11.33
N GLY A 179 -4.80 14.17 12.15
CA GLY A 179 -4.09 13.11 12.85
C GLY A 179 -2.93 12.59 12.00
N GLY A 180 -3.15 11.39 11.42
CA GLY A 180 -2.14 10.70 10.66
C GLY A 180 -2.62 10.16 9.31
N ARG A 181 -3.60 10.86 8.71
CA ARG A 181 -4.16 10.45 7.44
C ARG A 181 -3.19 10.83 6.31
N ARG A 182 -2.70 9.80 5.61
CA ARG A 182 -1.72 9.99 4.54
C ARG A 182 -2.32 9.48 3.22
N ALA A 183 -2.13 10.28 2.16
CA ALA A 183 -2.63 9.98 0.85
C ALA A 183 -2.11 11.06 -0.10
N ALA A 184 -2.13 10.72 -1.40
CA ALA A 184 -1.73 11.64 -2.45
C ALA A 184 -2.17 11.04 -3.78
N ILE A 185 -2.75 11.90 -4.62
CA ILE A 185 -3.24 11.55 -5.95
C ILE A 185 -2.73 12.60 -6.93
N ARG A 186 -1.87 12.14 -7.86
CA ARG A 186 -1.38 13.00 -8.91
C ARG A 186 -2.11 12.67 -10.23
N GLN A 187 -2.33 13.74 -11.01
CA GLN A 187 -2.94 13.71 -12.33
C GLN A 187 -1.83 13.61 -13.39
N VAL A 188 -1.83 12.47 -14.08
CA VAL A 188 -0.91 12.16 -15.15
C VAL A 188 -1.56 11.10 -16.04
N GLY A 189 -0.85 10.76 -17.12
CA GLY A 189 -1.25 9.68 -18.02
C GLY A 189 -0.31 9.55 -19.21
N PRO A 190 -0.14 10.62 -19.99
CA PRO A 190 0.71 10.53 -21.16
C PRO A 190 2.19 10.48 -20.80
N ALA A 191 2.56 11.27 -19.77
CA ALA A 191 3.93 11.39 -19.33
C ALA A 191 4.20 10.72 -17.98
N ALA A 192 3.33 9.75 -17.63
CA ALA A 192 3.53 8.98 -16.41
C ALA A 192 2.48 7.87 -16.37
N PRO A 193 2.83 6.78 -15.69
CA PRO A 193 1.94 5.63 -15.56
C PRO A 193 0.73 5.98 -14.70
N SER A 194 -0.14 4.95 -14.56
CA SER A 194 -1.37 5.06 -13.79
C SER A 194 -1.53 3.77 -12.98
N GLY A 195 -2.02 3.97 -11.74
CA GLY A 195 -2.27 2.88 -10.83
C GLY A 195 -1.80 3.24 -9.42
N TRP A 196 -2.09 2.28 -8.52
CA TRP A 196 -1.81 2.39 -7.10
C TRP A 196 -0.48 1.72 -6.79
N TYR A 197 0.50 2.53 -6.33
CA TYR A 197 1.79 1.95 -6.01
C TYR A 197 2.55 2.92 -5.11
N PRO A 198 2.72 2.54 -3.83
CA PRO A 198 3.45 3.40 -2.92
C PRO A 198 4.93 3.49 -3.33
N CYS A 199 5.58 4.46 -2.66
CA CYS A 199 7.00 4.68 -2.81
C CYS A 199 7.79 3.84 -1.79
N PHE A 200 9.05 3.60 -2.17
CA PHE A 200 9.97 2.78 -1.40
C PHE A 200 11.33 3.48 -1.37
N ARG A 201 12.06 3.20 -0.28
CA ARG A 201 13.37 3.77 -0.02
C ARG A 201 14.48 2.83 -0.50
N ALA A 202 15.39 3.35 -1.33
CA ALA A 202 16.53 2.59 -1.77
C ALA A 202 17.57 3.54 -2.35
N GLN A 203 18.78 3.00 -2.54
CA GLN A 203 19.86 3.77 -3.13
C GLN A 203 19.87 3.63 -4.64
N GLU A 204 20.63 4.52 -5.28
CA GLU A 204 20.77 4.48 -6.73
C GLU A 204 21.27 3.12 -7.21
N SER A 205 22.02 2.43 -6.34
CA SER A 205 22.55 1.11 -6.63
C SER A 205 21.46 0.03 -6.73
N ALA A 206 20.34 0.26 -6.04
CA ALA A 206 19.21 -0.65 -6.07
C ALA A 206 18.39 -0.49 -7.35
N VAL A 207 18.38 0.73 -7.91
CA VAL A 207 17.68 0.97 -9.15
C VAL A 207 18.01 -0.13 -10.18
N PRO A 208 19.28 -0.29 -10.53
CA PRO A 208 19.64 -1.29 -11.52
C PRO A 208 19.48 -2.73 -11.03
N ALA A 209 19.42 -2.92 -9.72
CA ALA A 209 19.19 -4.23 -9.16
C ALA A 209 17.98 -4.90 -9.80
N ALA A 210 16.98 -4.10 -10.19
CA ALA A 210 15.82 -4.65 -10.86
C ALA A 210 16.07 -4.84 -12.35
N VAL A 211 16.74 -3.86 -12.95
CA VAL A 211 17.04 -3.88 -14.37
C VAL A 211 17.78 -5.18 -14.75
N MET A 212 18.82 -5.50 -13.98
CA MET A 212 19.62 -6.67 -14.27
C MET A 212 18.79 -7.96 -14.36
N LEU A 213 17.67 -7.99 -13.63
CA LEU A 213 16.80 -9.14 -13.60
C LEU A 213 15.84 -9.19 -14.80
N GLY A 214 15.63 -8.02 -15.42
CA GLY A 214 14.77 -7.85 -16.55
C GLY A 214 13.57 -6.94 -16.31
N ALA A 215 13.70 -6.01 -15.36
CA ALA A 215 12.65 -5.05 -15.11
C ALA A 215 12.47 -4.15 -16.34
N SER A 216 11.29 -3.52 -16.37
CA SER A 216 10.91 -2.63 -17.45
C SER A 216 10.82 -1.19 -16.95
N VAL A 217 11.42 -0.27 -17.70
CA VAL A 217 11.39 1.14 -17.38
C VAL A 217 10.19 1.79 -18.06
N LEU A 218 9.48 2.63 -17.26
CA LEU A 218 8.37 3.40 -17.78
C LEU A 218 8.66 4.88 -17.56
N LEU A 219 8.82 5.26 -16.28
CA LEU A 219 8.89 6.65 -15.90
C LEU A 219 9.88 6.78 -14.74
N ARG A 220 10.92 7.61 -14.97
CA ARG A 220 11.95 7.82 -13.97
C ARG A 220 12.28 9.31 -13.79
N TYR A 221 11.22 10.10 -13.57
CA TYR A 221 11.35 11.52 -13.36
C TYR A 221 9.99 12.06 -12.91
N ASP A 222 9.93 13.38 -12.69
CA ASP A 222 8.70 14.10 -12.41
C ASP A 222 8.11 13.70 -11.04
N CYS A 223 8.89 14.02 -9.99
CA CYS A 223 8.50 13.70 -8.63
C CYS A 223 8.69 14.93 -7.74
N PRO A 224 7.92 15.00 -6.66
CA PRO A 224 7.96 16.15 -5.77
C PRO A 224 9.31 16.31 -5.05
N ASP A 225 9.99 15.17 -4.89
CA ASP A 225 11.29 15.06 -4.26
C ASP A 225 12.45 15.15 -5.24
N GLY A 226 12.14 15.14 -6.54
CA GLY A 226 13.13 15.18 -7.60
C GLY A 226 13.29 13.83 -8.30
N PRO A 227 14.32 13.07 -7.93
CA PRO A 227 14.63 11.83 -8.63
C PRO A 227 13.54 10.77 -8.36
N ALA A 228 13.09 10.16 -9.47
CA ALA A 228 12.04 9.15 -9.42
C ALA A 228 12.46 7.96 -10.27
N VAL A 229 12.03 6.77 -9.85
CA VAL A 229 12.30 5.56 -10.62
C VAL A 229 11.10 4.62 -10.49
N VAL A 230 10.34 4.47 -11.58
CA VAL A 230 9.20 3.59 -11.61
C VAL A 230 9.49 2.50 -12.65
N VAL A 231 9.65 1.28 -12.14
CA VAL A 231 9.83 0.10 -12.95
C VAL A 231 8.64 -0.84 -12.81
N SER A 232 8.38 -1.53 -13.92
CA SER A 232 7.34 -2.53 -14.03
C SER A 232 7.98 -3.92 -14.01
N ALA A 233 7.53 -4.70 -13.02
CA ALA A 233 8.00 -6.05 -12.81
C ALA A 233 7.50 -6.95 -13.95
N PRO A 234 8.23 -8.04 -14.22
CA PRO A 234 7.90 -8.88 -15.35
C PRO A 234 6.52 -9.52 -15.24
N GLY A 235 6.09 -9.74 -13.98
CA GLY A 235 4.79 -10.30 -13.72
C GLY A 235 3.60 -9.36 -13.94
N GLY A 236 3.89 -8.04 -14.01
CA GLY A 236 2.85 -7.07 -14.22
C GLY A 236 2.61 -6.13 -13.05
N GLU A 237 3.59 -6.06 -12.13
CA GLU A 237 3.49 -5.25 -10.95
C GLU A 237 4.20 -3.91 -11.20
N VAL A 238 3.84 -2.87 -10.43
CA VAL A 238 4.39 -1.55 -10.63
C VAL A 238 4.67 -0.93 -9.26
N PHE A 239 5.84 -0.30 -9.11
CA PHE A 239 6.24 0.29 -7.86
C PHE A 239 7.24 1.42 -8.12
N THR A 240 7.29 2.36 -7.16
CA THR A 240 8.11 3.53 -7.27
C THR A 240 9.26 3.53 -6.25
N LEU A 241 10.43 3.97 -6.74
CA LEU A 241 11.67 3.99 -6.01
C LEU A 241 12.15 5.44 -5.86
N LEU A 242 12.62 5.72 -4.65
CA LEU A 242 13.11 7.04 -4.27
C LEU A 242 14.46 6.88 -3.55
N LEU A 243 15.39 7.76 -3.93
CA LEU A 243 16.73 7.78 -3.36
C LEU A 243 16.75 8.75 -2.17
N THR A 244 17.26 8.25 -1.03
CA THR A 244 17.35 9.02 0.19
C THR A 244 18.29 8.31 1.17
N ASP A 245 18.88 9.09 2.06
CA ASP A 245 19.87 8.67 3.02
C ASP A 245 20.05 9.84 4.04
N GLY A 1 -25.39 10.93 37.94
CA GLY A 1 -24.79 10.96 36.59
C GLY A 1 -23.99 9.67 36.41
N SER A 2 -23.70 9.35 35.13
CA SER A 2 -23.01 8.14 34.76
C SER A 2 -22.28 8.39 33.44
N HIS A 3 -21.09 7.80 33.32
CA HIS A 3 -20.30 7.89 32.11
C HIS A 3 -19.20 6.82 32.19
N MET A 4 -19.27 5.88 31.24
CA MET A 4 -18.27 4.83 31.12
C MET A 4 -17.14 5.29 30.21
N SER A 5 -16.05 4.50 30.22
CA SER A 5 -14.90 4.80 29.39
C SER A 5 -15.34 4.76 27.91
N HIS A 6 -14.81 5.73 27.14
CA HIS A 6 -15.15 5.84 25.73
C HIS A 6 -13.94 6.41 24.98
N ASP A 7 -12.92 5.54 24.80
CA ASP A 7 -11.71 5.93 24.11
C ASP A 7 -11.22 4.74 23.28
N ALA A 8 -10.88 5.03 22.02
CA ALA A 8 -10.35 4.04 21.11
C ALA A 8 -8.84 4.23 20.92
N VAL A 9 -8.18 3.12 20.57
CA VAL A 9 -6.75 3.15 20.33
C VAL A 9 -6.49 4.07 19.12
N ARG A 10 -5.60 5.06 19.34
CA ARG A 10 -5.23 6.01 18.31
C ARG A 10 -3.70 6.05 18.22
N PRO A 11 -3.14 5.31 17.27
CA PRO A 11 -1.69 5.28 17.07
C PRO A 11 -1.23 6.60 16.44
N ALA A 12 0.11 6.72 16.35
CA ALA A 12 0.75 7.92 15.86
C ALA A 12 0.64 7.96 14.32
N PRO A 13 -0.11 8.92 13.79
CA PRO A 13 -0.25 9.01 12.35
C PRO A 13 1.06 9.47 11.72
N GLY A 14 1.22 9.12 10.44
CA GLY A 14 2.36 9.53 9.65
C GLY A 14 3.17 8.37 9.10
N GLU A 15 3.07 7.23 9.78
CA GLU A 15 3.78 6.03 9.39
C GLU A 15 2.91 5.22 8.42
N PRO A 16 3.57 4.50 7.51
CA PRO A 16 2.85 3.62 6.60
C PRO A 16 2.18 2.48 7.40
N THR A 17 1.18 1.86 6.74
CA THR A 17 0.43 0.78 7.33
C THR A 17 1.04 -0.59 6.99
N TRP A 18 0.86 -1.00 5.72
CA TRP A 18 1.35 -2.27 5.22
C TRP A 18 1.27 -2.22 3.70
N VAL A 19 2.08 -3.09 3.09
CA VAL A 19 2.16 -3.27 1.66
C VAL A 19 2.52 -4.73 1.39
N ASP A 20 1.65 -5.43 0.67
CA ASP A 20 1.86 -6.80 0.25
C ASP A 20 1.82 -6.86 -1.27
N LEU A 21 2.55 -7.86 -1.80
CA LEU A 21 2.62 -8.06 -3.24
C LEU A 21 2.50 -9.56 -3.53
N LEU A 22 1.41 -9.90 -4.22
CA LEU A 22 1.14 -11.24 -4.69
C LEU A 22 1.97 -11.52 -5.94
N THR A 23 2.35 -12.80 -6.08
CA THR A 23 3.11 -13.25 -7.22
C THR A 23 2.70 -14.66 -7.59
N PRO A 24 2.78 -14.99 -8.89
CA PRO A 24 2.41 -16.33 -9.34
C PRO A 24 3.35 -17.40 -8.78
N ASP A 25 4.62 -17.01 -8.60
CA ASP A 25 5.65 -17.93 -8.15
C ASP A 25 6.45 -17.29 -7.03
N ARG A 26 6.03 -17.52 -5.79
CA ARG A 26 6.69 -16.90 -4.65
C ARG A 26 8.20 -17.13 -4.73
N GLY A 27 8.59 -18.40 -4.91
CA GLY A 27 9.99 -18.72 -4.97
C GLY A 27 10.78 -17.82 -5.91
N ALA A 28 10.15 -17.49 -7.04
CA ALA A 28 10.77 -16.66 -8.05
C ALA A 28 10.71 -15.19 -7.66
N ALA A 29 9.62 -14.79 -7.02
CA ALA A 29 9.48 -13.43 -6.56
C ALA A 29 10.69 -13.04 -5.71
N LEU A 30 11.08 -13.97 -4.84
CA LEU A 30 12.17 -13.70 -3.94
C LEU A 30 13.50 -13.50 -4.69
N GLN A 31 13.57 -14.01 -5.92
CA GLN A 31 14.75 -13.90 -6.75
C GLN A 31 14.81 -12.54 -7.46
N PHE A 32 13.64 -12.09 -7.95
CA PHE A 32 13.56 -10.82 -8.65
C PHE A 32 13.39 -9.66 -7.65
N TYR A 33 12.28 -9.68 -6.91
CA TYR A 33 11.96 -8.59 -6.02
C TYR A 33 13.11 -8.33 -5.05
N SER A 34 13.57 -9.41 -4.41
CA SER A 34 14.62 -9.26 -3.42
C SER A 34 15.93 -8.77 -4.02
N ALA A 35 16.12 -8.98 -5.33
CA ALA A 35 17.29 -8.52 -6.04
C ALA A 35 17.26 -7.02 -6.33
N LEU A 36 16.09 -6.39 -6.15
CA LEU A 36 15.95 -4.98 -6.40
C LEU A 36 16.47 -4.17 -5.20
N PHE A 37 15.98 -4.60 -4.02
CA PHE A 37 16.34 -3.96 -2.77
C PHE A 37 17.56 -4.59 -2.08
N GLY A 38 17.71 -5.89 -2.27
CA GLY A 38 18.78 -6.67 -1.68
C GLY A 38 18.44 -7.18 -0.28
N TRP A 39 17.21 -7.68 -0.16
CA TRP A 39 16.72 -8.24 1.10
C TRP A 39 17.03 -9.74 1.18
N GLU A 40 16.78 -10.28 2.37
CA GLU A 40 16.98 -11.69 2.66
C GLU A 40 15.64 -12.37 2.91
N PHE A 41 15.65 -13.69 2.72
CA PHE A 41 14.50 -14.54 2.93
C PHE A 41 14.49 -15.07 4.37
N SER A 42 13.30 -15.49 4.80
CA SER A 42 13.11 -16.08 6.10
C SER A 42 12.21 -17.32 5.99
N THR A 43 12.38 -18.20 6.97
CA THR A 43 11.63 -19.43 7.02
C THR A 43 10.16 -19.14 7.38
N THR A 44 9.27 -19.97 6.82
CA THR A 44 7.87 -19.91 7.15
C THR A 44 7.59 -20.69 8.45
N SER A 45 6.45 -20.32 9.06
CA SER A 45 5.92 -21.07 10.17
C SER A 45 5.49 -22.46 9.70
N ASP A 46 5.44 -23.39 10.66
CA ASP A 46 4.96 -24.74 10.44
C ASP A 46 3.49 -24.84 10.85
N GLY A 47 2.79 -25.79 10.18
CA GLY A 47 1.40 -26.02 10.44
C GLY A 47 0.44 -25.23 9.54
N THR A 48 0.93 -24.07 9.07
CA THR A 48 0.20 -23.20 8.19
C THR A 48 0.85 -23.19 6.80
N SER A 49 0.11 -22.56 5.87
CA SER A 49 0.55 -22.41 4.50
C SER A 49 1.92 -21.71 4.46
N PRO A 50 2.64 -21.91 3.35
CA PRO A 50 3.97 -21.34 3.21
C PRO A 50 3.91 -19.81 3.02
N TYR A 51 4.45 -19.10 4.02
CA TYR A 51 4.47 -17.65 4.03
C TYR A 51 5.90 -17.16 4.27
N THR A 52 6.42 -16.39 3.31
CA THR A 52 7.75 -15.82 3.42
C THR A 52 7.64 -14.32 3.74
N MET A 53 8.14 -13.99 4.95
CA MET A 53 8.17 -12.62 5.46
C MET A 53 9.60 -12.08 5.32
N CYS A 54 9.72 -10.91 4.69
CA CYS A 54 11.00 -10.27 4.49
C CYS A 54 11.40 -9.51 5.78
N ARG A 55 12.49 -9.98 6.38
CA ARG A 55 13.02 -9.46 7.62
C ARG A 55 14.55 -9.38 7.49
N LEU A 56 15.11 -8.30 8.05
CA LEU A 56 16.54 -8.08 8.03
C LEU A 56 16.86 -7.17 9.21
N ARG A 57 18.09 -7.33 9.75
CA ARG A 57 18.55 -6.50 10.85
C ARG A 57 17.54 -6.49 12.02
N GLY A 58 16.77 -7.58 12.15
CA GLY A 58 15.78 -7.66 13.19
C GLY A 58 14.60 -6.70 13.04
N ARG A 59 14.30 -6.35 11.79
CA ARG A 59 13.29 -5.36 11.46
C ARG A 59 12.55 -5.85 10.21
N GLU A 60 11.21 -5.96 10.35
CA GLU A 60 10.36 -6.33 9.23
C GLU A 60 10.31 -5.22 8.18
N VAL A 61 10.30 -5.66 6.91
CA VAL A 61 10.19 -4.72 5.82
C VAL A 61 8.89 -4.87 5.03
N CYS A 62 8.58 -6.13 4.64
CA CYS A 62 7.40 -6.40 3.87
C CYS A 62 7.10 -7.89 3.92
N SER A 63 6.03 -8.30 3.22
CA SER A 63 5.67 -9.71 3.12
C SER A 63 5.21 -10.04 1.70
N ILE A 64 5.47 -11.30 1.35
CA ILE A 64 5.11 -11.84 0.04
C ILE A 64 3.99 -12.86 0.20
N GLY A 65 3.10 -12.89 -0.80
CA GLY A 65 2.02 -13.84 -0.84
C GLY A 65 1.81 -14.39 -2.24
N ASP A 66 0.98 -15.43 -2.31
CA ASP A 66 0.65 -16.10 -3.56
C ASP A 66 -0.86 -16.00 -3.77
N LEU A 67 -1.33 -16.85 -4.69
CA LEU A 67 -2.72 -16.92 -5.08
C LEU A 67 -3.33 -18.31 -4.96
N GLY A 68 -2.53 -19.38 -5.11
CA GLY A 68 -3.09 -20.72 -4.98
C GLY A 68 -4.24 -20.92 -5.96
N GLU A 69 -3.92 -20.75 -7.26
CA GLU A 69 -4.86 -21.04 -8.33
C GLU A 69 -6.11 -20.15 -8.20
N ASN A 70 -5.87 -18.89 -7.81
CA ASN A 70 -6.95 -17.94 -7.62
C ASN A 70 -6.97 -16.93 -8.79
N PRO A 71 -7.97 -17.05 -9.66
CA PRO A 71 -8.06 -16.16 -10.81
C PRO A 71 -8.45 -14.73 -10.44
N GLY A 72 -9.17 -14.60 -9.33
CA GLY A 72 -9.63 -13.33 -8.81
C GLY A 72 -9.04 -13.03 -7.43
N PRO A 73 -7.76 -12.70 -7.37
CA PRO A 73 -7.14 -12.35 -6.10
C PRO A 73 -7.65 -10.99 -5.63
N ALA A 74 -7.12 -10.59 -4.44
CA ALA A 74 -7.51 -9.36 -3.80
C ALA A 74 -6.50 -8.23 -4.02
N LEU A 75 -5.22 -8.63 -4.19
CA LEU A 75 -4.12 -7.68 -4.31
C LEU A 75 -4.07 -7.15 -5.76
N GLY A 76 -3.79 -8.09 -6.69
CA GLY A 76 -3.64 -7.75 -8.09
C GLY A 76 -2.48 -6.80 -8.41
N GLY A 77 -1.45 -6.84 -7.55
CA GLY A 77 -0.29 -6.00 -7.71
C GLY A 77 -0.06 -5.17 -6.45
N TRP A 78 1.01 -4.35 -6.51
CA TRP A 78 1.28 -3.38 -5.47
C TRP A 78 0.03 -2.51 -5.28
N SER A 79 0.01 -1.85 -4.10
CA SER A 79 -1.07 -0.96 -3.74
C SER A 79 -0.72 -0.31 -2.40
N SER A 80 -1.31 0.86 -2.20
CA SER A 80 -1.20 1.59 -0.95
C SER A 80 -2.43 1.30 -0.07
N TYR A 81 -2.13 0.99 1.19
CA TYR A 81 -3.13 0.70 2.19
C TYR A 81 -3.26 1.91 3.13
N LEU A 82 -4.44 2.51 3.07
CA LEU A 82 -4.79 3.65 3.89
C LEU A 82 -5.54 3.12 5.13
N SER A 83 -5.20 3.72 6.28
CA SER A 83 -5.79 3.34 7.55
C SER A 83 -7.06 4.19 7.78
N VAL A 84 -8.17 3.46 7.92
CA VAL A 84 -9.47 4.07 8.10
C VAL A 84 -9.98 3.83 9.53
N ASP A 85 -10.98 4.65 9.91
CA ASP A 85 -11.54 4.59 11.24
C ASP A 85 -11.97 3.17 11.59
N ASP A 86 -12.53 2.48 10.59
CA ASP A 86 -13.00 1.12 10.75
C ASP A 86 -13.26 0.55 9.36
N ALA A 87 -13.08 -0.76 9.22
CA ALA A 87 -13.43 -1.44 7.99
C ALA A 87 -14.84 -1.05 7.54
N ASP A 88 -15.75 -1.04 8.52
CA ASP A 88 -17.12 -0.75 8.23
C ASP A 88 -17.33 0.73 7.95
N ALA A 89 -16.59 1.58 8.68
CA ALA A 89 -16.68 3.02 8.50
C ALA A 89 -16.42 3.37 7.03
N ALA A 90 -15.27 2.90 6.54
CA ALA A 90 -14.87 3.23 5.18
C ALA A 90 -15.92 2.70 4.20
N ALA A 91 -16.17 1.39 4.30
CA ALA A 91 -17.12 0.74 3.42
C ALA A 91 -18.48 1.46 3.41
N ALA A 92 -18.88 2.01 4.56
CA ALA A 92 -20.14 2.69 4.71
C ALA A 92 -20.16 4.06 4.03
N ALA A 93 -18.98 4.69 3.99
CA ALA A 93 -18.85 5.98 3.36
C ALA A 93 -18.68 5.83 1.84
N VAL A 94 -18.17 4.68 1.41
CA VAL A 94 -18.02 4.42 -0.01
C VAL A 94 -19.30 4.80 -0.77
N PRO A 95 -20.45 4.21 -0.42
CA PRO A 95 -21.67 4.51 -1.15
C PRO A 95 -22.12 5.96 -0.98
N GLU A 96 -21.79 6.56 0.18
CA GLU A 96 -22.17 7.93 0.46
C GLU A 96 -21.60 8.90 -0.59
N LEU A 97 -20.44 8.54 -1.14
CA LEU A 97 -19.77 9.38 -2.12
C LEU A 97 -20.19 9.00 -3.55
N GLY A 98 -20.69 7.78 -3.69
CA GLY A 98 -21.13 7.25 -4.95
C GLY A 98 -20.22 6.17 -5.54
N GLY A 99 -19.51 5.47 -4.65
CA GLY A 99 -18.70 4.35 -5.06
C GLY A 99 -19.37 3.02 -4.74
N ALA A 100 -18.57 1.95 -4.89
CA ALA A 100 -19.02 0.59 -4.69
C ALA A 100 -17.91 -0.18 -3.98
N VAL A 101 -18.33 -0.99 -3.00
CA VAL A 101 -17.41 -1.88 -2.30
C VAL A 101 -17.33 -3.19 -3.08
N LEU A 102 -16.09 -3.69 -3.22
CA LEU A 102 -15.85 -4.93 -3.92
C LEU A 102 -15.57 -6.09 -2.95
N LEU A 103 -14.72 -5.80 -1.96
CA LEU A 103 -14.36 -6.77 -0.95
C LEU A 103 -14.60 -6.17 0.44
N GLY A 104 -14.69 -7.05 1.43
CA GLY A 104 -14.91 -6.67 2.80
C GLY A 104 -16.33 -6.17 3.05
N PRO A 105 -16.60 -5.89 4.33
CA PRO A 105 -15.71 -6.08 5.46
C PRO A 105 -15.47 -7.59 5.71
N ILE A 106 -14.20 -7.91 6.00
CA ILE A 106 -13.78 -9.27 6.31
C ILE A 106 -12.86 -9.26 7.52
N ASP A 107 -12.79 -10.42 8.18
CA ASP A 107 -12.02 -10.58 9.40
C ASP A 107 -10.91 -11.61 9.13
N ILE A 108 -9.75 -11.08 8.73
CA ILE A 108 -8.61 -11.92 8.40
C ILE A 108 -8.02 -12.44 9.73
N LEU A 109 -8.37 -13.67 10.06
CA LEU A 109 -7.85 -14.37 11.23
C LEU A 109 -8.06 -13.54 12.51
N ALA A 110 -9.12 -12.72 12.50
CA ALA A 110 -9.44 -11.82 13.59
C ALA A 110 -8.25 -10.92 13.97
N GLN A 111 -7.34 -10.72 13.01
CA GLN A 111 -6.15 -9.95 13.25
C GLN A 111 -6.22 -8.58 12.55
N GLY A 112 -6.85 -8.57 11.38
CA GLY A 112 -7.00 -7.36 10.60
C GLY A 112 -8.21 -7.49 9.69
N ARG A 113 -8.44 -6.40 8.94
CA ARG A 113 -9.54 -6.29 8.00
C ARG A 113 -9.01 -5.56 6.76
N MET A 114 -9.20 -6.19 5.61
CA MET A 114 -8.78 -5.67 4.32
C MET A 114 -10.00 -5.63 3.41
N LEU A 115 -10.27 -4.45 2.84
CA LEU A 115 -11.38 -4.30 1.92
C LEU A 115 -10.94 -3.38 0.78
N LEU A 116 -11.71 -3.46 -0.31
CA LEU A 116 -11.44 -2.70 -1.52
C LEU A 116 -12.71 -2.00 -1.98
N ALA A 117 -12.56 -0.82 -2.59
CA ALA A 117 -13.67 -0.05 -3.09
C ALA A 117 -13.26 0.71 -4.36
N GLY A 118 -14.25 1.45 -4.88
CA GLY A 118 -14.09 2.22 -6.08
C GLY A 118 -15.19 1.86 -7.09
N ASP A 119 -14.77 1.77 -8.35
CA ASP A 119 -15.64 1.46 -9.46
C ASP A 119 -15.46 0.00 -9.88
N PRO A 120 -16.50 -0.54 -10.54
CA PRO A 120 -16.49 -1.95 -10.92
C PRO A 120 -15.54 -2.27 -12.08
N SER A 121 -14.85 -1.25 -12.62
CA SER A 121 -13.84 -1.49 -13.64
C SER A 121 -12.69 -2.36 -13.14
N GLY A 122 -12.61 -2.53 -11.80
CA GLY A 122 -11.58 -3.33 -11.20
C GLY A 122 -10.57 -2.52 -10.40
N HIS A 123 -11.03 -1.38 -9.88
CA HIS A 123 -10.19 -0.52 -9.08
C HIS A 123 -10.23 -1.00 -7.63
N ARG A 124 -9.02 -1.32 -7.13
CA ARG A 124 -8.85 -1.77 -5.77
C ARG A 124 -8.07 -0.72 -4.99
N VAL A 125 -8.58 -0.39 -3.80
CA VAL A 125 -7.95 0.57 -2.91
C VAL A 125 -7.66 -0.15 -1.59
N GLY A 126 -6.38 -0.17 -1.20
CA GLY A 126 -5.99 -0.84 0.03
C GLY A 126 -6.56 -0.10 1.24
N LEU A 127 -7.31 -0.82 2.05
CA LEU A 127 -7.95 -0.27 3.24
C LEU A 127 -7.73 -1.27 4.38
N TRP A 128 -7.02 -0.79 5.42
CA TRP A 128 -6.73 -1.55 6.62
C TRP A 128 -7.34 -0.85 7.83
N GLN A 129 -7.75 -1.69 8.79
CA GLN A 129 -8.42 -1.24 10.00
C GLN A 129 -7.44 -1.27 11.19
N ALA A 130 -6.82 -0.12 11.45
CA ALA A 130 -5.87 0.00 12.53
C ALA A 130 -6.60 0.09 13.89
N LYS A 131 -6.43 -0.99 14.67
CA LYS A 131 -7.05 -1.09 15.98
C LYS A 131 -6.04 -1.30 17.12
N GLU A 132 -4.98 -2.08 16.82
CA GLU A 132 -3.91 -2.39 17.75
C GLU A 132 -2.67 -1.55 17.43
N HIS A 133 -2.32 -1.51 16.14
CA HIS A 133 -1.16 -0.78 15.69
C HIS A 133 -1.29 -0.53 14.19
N THR A 134 -0.50 0.44 13.72
CA THR A 134 -0.44 0.83 12.32
C THR A 134 0.76 0.23 11.57
N GLY A 135 1.28 -0.89 12.09
CA GLY A 135 2.38 -1.57 11.42
C GLY A 135 3.63 -0.70 11.31
N SER A 136 4.07 -0.20 12.47
CA SER A 136 5.26 0.64 12.54
C SER A 136 6.37 0.06 11.66
N GLY A 137 6.67 0.79 10.59
CA GLY A 137 7.67 0.35 9.65
C GLY A 137 9.04 0.25 10.34
N PRO A 138 9.98 -0.41 9.63
CA PRO A 138 11.30 -0.61 10.17
C PRO A 138 12.08 0.71 10.22
N ASP A 139 13.03 0.75 11.17
CA ASP A 139 13.83 1.94 11.43
C ASP A 139 15.28 1.72 10.96
N ASP A 140 15.39 1.34 9.67
CA ASP A 140 16.66 1.01 9.07
C ASP A 140 17.04 1.98 7.96
N GLY A 141 16.34 3.12 7.94
CA GLY A 141 16.54 4.12 6.91
C GLY A 141 16.21 3.54 5.54
N ILE A 142 17.27 3.26 4.77
CA ILE A 142 17.13 2.72 3.44
C ILE A 142 16.49 1.32 3.54
N GLY A 143 15.66 1.02 2.52
CA GLY A 143 14.97 -0.25 2.46
C GLY A 143 13.54 -0.18 2.99
N ALA A 144 13.28 0.83 3.84
CA ALA A 144 11.96 0.98 4.41
C ALA A 144 11.02 1.68 3.42
N TYR A 145 9.72 1.55 3.72
CA TYR A 145 8.71 2.26 2.97
C TYR A 145 9.01 3.76 3.01
N THR A 146 8.52 4.46 1.98
CA THR A 146 8.70 5.91 1.88
C THR A 146 7.40 6.68 2.10
N ARG A 147 6.38 6.31 1.33
CA ARG A 147 5.09 6.99 1.37
C ARG A 147 4.15 6.31 0.38
N SER A 148 2.92 6.82 0.35
CA SER A 148 1.83 6.28 -0.43
C SER A 148 1.34 7.32 -1.44
N GLU A 149 1.45 6.94 -2.73
CA GLU A 149 1.08 7.78 -3.84
C GLU A 149 0.34 6.91 -4.86
N LEU A 150 -0.83 7.40 -5.28
CA LEU A 150 -1.63 6.76 -6.29
C LEU A 150 -1.74 7.70 -7.50
N LEU A 151 -1.61 7.08 -8.67
CA LEU A 151 -1.68 7.79 -9.94
C LEU A 151 -3.01 7.43 -10.59
N THR A 152 -3.96 8.38 -10.53
CA THR A 152 -5.28 8.18 -11.07
C THR A 152 -5.59 9.27 -12.10
N GLY A 153 -6.35 8.88 -13.12
CA GLY A 153 -6.71 9.81 -14.18
C GLY A 153 -7.93 10.68 -13.86
N ALA A 154 -8.00 11.13 -12.59
CA ALA A 154 -9.16 11.88 -12.10
C ALA A 154 -8.93 12.27 -10.65
N SER A 155 -7.95 13.15 -10.41
CA SER A 155 -7.67 13.61 -9.06
C SER A 155 -8.95 14.17 -8.40
N ALA A 156 -9.73 14.91 -9.19
CA ALA A 156 -10.96 15.51 -8.69
C ALA A 156 -11.90 14.47 -8.08
N THR A 157 -11.92 13.28 -8.68
CA THR A 157 -12.78 12.20 -8.22
C THR A 157 -12.15 11.48 -7.02
N ASP A 158 -10.93 11.00 -7.21
CA ASP A 158 -10.30 10.19 -6.18
C ASP A 158 -10.04 11.02 -4.92
N GLY A 159 -9.69 12.28 -5.11
CA GLY A 159 -9.50 13.17 -3.99
C GLY A 159 -10.72 13.15 -3.07
N ALA A 160 -11.90 13.16 -3.71
CA ALA A 160 -13.16 13.15 -2.99
C ALA A 160 -13.40 11.82 -2.28
N PHE A 161 -12.91 10.74 -2.89
CA PHE A 161 -13.00 9.41 -2.30
C PHE A 161 -12.31 9.39 -0.94
N TYR A 162 -11.12 10.01 -0.87
CA TYR A 162 -10.35 10.01 0.36
C TYR A 162 -11.08 10.83 1.43
N ARG A 163 -11.35 12.09 1.11
CA ARG A 163 -11.96 12.96 2.09
C ARG A 163 -13.24 12.36 2.67
N GLY A 164 -13.95 11.54 1.90
CA GLY A 164 -15.16 10.91 2.38
C GLY A 164 -14.91 9.71 3.30
N LEU A 165 -13.94 8.86 2.92
CA LEU A 165 -13.69 7.69 3.74
C LEU A 165 -12.94 8.05 5.02
N PHE A 166 -12.26 9.19 4.98
CA PHE A 166 -11.46 9.70 6.06
C PHE A 166 -12.20 10.78 6.87
N GLY A 167 -12.48 11.91 6.20
CA GLY A 167 -13.17 13.00 6.84
C GLY A 167 -14.68 12.77 6.93
N ALA A 168 -15.23 13.07 8.12
CA ALA A 168 -16.65 12.87 8.37
C ALA A 168 -17.42 14.13 7.96
N ASP A 169 -16.95 15.27 8.50
CA ASP A 169 -17.60 16.54 8.28
C ASP A 169 -16.82 17.41 7.29
N PHE A 170 -16.03 16.73 6.43
CA PHE A 170 -15.17 17.44 5.51
C PHE A 170 -15.98 18.48 4.73
N ALA A 171 -17.11 18.01 4.18
CA ALA A 171 -18.00 18.86 3.40
C ALA A 171 -18.34 20.18 4.08
N THR A 172 -18.45 20.14 5.42
CA THR A 172 -18.78 21.31 6.21
C THR A 172 -17.55 21.88 6.94
N GLU A 173 -16.42 21.93 6.23
CA GLU A 173 -15.16 22.37 6.77
C GLU A 173 -14.27 22.84 5.61
N SER A 174 -13.12 23.41 6.00
CA SER A 174 -12.11 23.82 5.03
C SER A 174 -10.82 24.13 5.80
N GLY A 175 -9.71 23.61 5.27
CA GLY A 175 -8.40 23.91 5.80
C GLY A 175 -8.28 23.66 7.31
N THR A 176 -8.64 22.44 7.70
CA THR A 176 -8.73 22.06 9.09
C THR A 176 -8.18 20.65 9.32
N ASP A 177 -6.87 20.51 9.11
CA ASP A 177 -6.20 19.22 9.26
C ASP A 177 -4.98 19.40 10.18
N GLY A 178 -4.96 18.55 11.23
CA GLY A 178 -3.91 18.64 12.24
C GLY A 178 -3.49 17.27 12.77
N GLY A 179 -3.59 16.26 11.89
CA GLY A 179 -3.16 14.91 12.20
C GLY A 179 -1.84 14.58 11.51
N GLY A 180 -1.88 13.51 10.70
CA GLY A 180 -0.69 13.04 10.00
C GLY A 180 -0.97 11.90 9.03
N ARG A 181 -2.18 11.95 8.43
CA ARG A 181 -2.56 10.94 7.46
C ARG A 181 -1.64 11.01 6.23
N ARG A 182 -1.41 9.83 5.64
CA ARG A 182 -0.55 9.71 4.48
C ARG A 182 -1.33 9.20 3.26
N ALA A 183 -1.47 10.10 2.27
CA ALA A 183 -2.14 9.77 1.03
C ALA A 183 -1.90 10.93 0.06
N ALA A 184 -2.03 10.61 -1.23
CA ALA A 184 -1.89 11.59 -2.29
C ALA A 184 -2.27 10.91 -3.60
N ILE A 185 -2.93 11.70 -4.47
CA ILE A 185 -3.41 11.26 -5.76
C ILE A 185 -3.05 12.32 -6.80
N ARG A 186 -2.11 11.95 -7.67
CA ARG A 186 -1.71 12.83 -8.76
C ARG A 186 -2.50 12.44 -10.03
N GLN A 187 -2.80 13.49 -10.82
CA GLN A 187 -3.46 13.41 -12.11
C GLN A 187 -2.39 13.32 -13.21
N VAL A 188 -2.36 12.17 -13.88
CA VAL A 188 -1.48 11.88 -14.99
C VAL A 188 -2.14 10.76 -15.81
N GLY A 189 -1.45 10.41 -16.92
CA GLY A 189 -1.86 9.30 -17.76
C GLY A 189 -0.98 9.18 -19.00
N PRO A 190 -0.91 10.25 -19.81
CA PRO A 190 -0.12 10.17 -21.03
C PRO A 190 1.39 10.19 -20.74
N ALA A 191 1.77 11.02 -19.76
CA ALA A 191 3.16 11.23 -19.41
C ALA A 191 3.54 10.59 -18.06
N ALA A 192 2.76 9.59 -17.64
CA ALA A 192 3.06 8.87 -16.42
C ALA A 192 2.07 7.71 -16.29
N PRO A 193 2.50 6.67 -15.54
CA PRO A 193 1.68 5.49 -15.35
C PRO A 193 0.46 5.80 -14.47
N SER A 194 -0.33 4.74 -14.25
CA SER A 194 -1.57 4.81 -13.51
C SER A 194 -1.73 3.53 -12.68
N GLY A 195 -2.12 3.73 -11.42
CA GLY A 195 -2.33 2.63 -10.50
C GLY A 195 -1.82 2.99 -9.11
N TRP A 196 -2.03 2.02 -8.20
CA TRP A 196 -1.69 2.14 -6.80
C TRP A 196 -0.32 1.51 -6.55
N TYR A 197 0.65 2.35 -6.17
CA TYR A 197 1.98 1.82 -5.89
C TYR A 197 2.75 2.81 -5.04
N PRO A 198 2.93 2.49 -3.75
CA PRO A 198 3.68 3.37 -2.88
C PRO A 198 5.15 3.44 -3.32
N CYS A 199 5.83 4.41 -2.70
CA CYS A 199 7.24 4.65 -2.92
C CYS A 199 8.07 3.92 -1.85
N PHE A 200 9.33 3.67 -2.20
CA PHE A 200 10.24 2.90 -1.39
C PHE A 200 11.64 3.52 -1.45
N ARG A 201 12.39 3.36 -0.36
CA ARG A 201 13.72 3.92 -0.24
C ARG A 201 14.78 2.89 -0.68
N ALA A 202 15.75 3.37 -1.47
CA ALA A 202 16.87 2.53 -1.87
C ALA A 202 18.01 3.41 -2.36
N GLN A 203 19.22 2.83 -2.29
CA GLN A 203 20.43 3.48 -2.76
C GLN A 203 20.38 3.62 -4.28
N GLU A 204 21.20 4.53 -4.81
CA GLU A 204 21.29 4.73 -6.24
C GLU A 204 21.56 3.41 -6.96
N SER A 205 22.40 2.56 -6.35
CA SER A 205 22.78 1.29 -6.94
C SER A 205 21.60 0.33 -7.14
N ALA A 206 20.51 0.57 -6.43
CA ALA A 206 19.31 -0.25 -6.56
C ALA A 206 18.60 0.00 -7.89
N VAL A 207 18.68 1.24 -8.38
CA VAL A 207 18.06 1.59 -9.66
C VAL A 207 18.48 0.57 -10.73
N PRO A 208 19.79 0.47 -11.00
CA PRO A 208 20.22 -0.48 -12.03
C PRO A 208 20.03 -1.93 -11.61
N ALA A 209 19.97 -2.19 -10.30
CA ALA A 209 19.71 -3.53 -9.81
C ALA A 209 18.47 -4.13 -10.49
N ALA A 210 17.48 -3.27 -10.79
CA ALA A 210 16.29 -3.74 -11.47
C ALA A 210 16.52 -3.89 -12.96
N VAL A 211 17.23 -2.92 -13.54
CA VAL A 211 17.50 -2.91 -14.96
C VAL A 211 18.16 -4.24 -15.39
N MET A 212 19.21 -4.63 -14.67
CA MET A 212 19.94 -5.83 -15.03
C MET A 212 19.04 -7.06 -15.14
N LEU A 213 17.96 -7.08 -14.35
CA LEU A 213 17.03 -8.19 -14.34
C LEU A 213 16.07 -8.18 -15.55
N GLY A 214 15.91 -6.99 -16.14
CA GLY A 214 15.06 -6.80 -17.28
C GLY A 214 13.76 -6.05 -16.96
N ALA A 215 13.83 -5.18 -15.94
CA ALA A 215 12.68 -4.39 -15.57
C ALA A 215 12.27 -3.49 -16.77
N SER A 216 10.98 -3.12 -16.75
CA SER A 216 10.42 -2.27 -17.80
C SER A 216 10.40 -0.82 -17.34
N VAL A 217 10.91 0.06 -18.21
CA VAL A 217 10.94 1.49 -17.97
C VAL A 217 9.63 2.13 -18.45
N LEU A 218 9.02 2.91 -17.53
CA LEU A 218 7.82 3.65 -17.85
C LEU A 218 8.03 5.16 -17.64
N LEU A 219 8.52 5.50 -16.43
CA LEU A 219 8.61 6.90 -16.03
C LEU A 219 9.59 6.98 -14.86
N ARG A 220 10.62 7.82 -15.00
CA ARG A 220 11.62 7.98 -13.97
C ARG A 220 12.03 9.46 -13.81
N TYR A 221 11.03 10.31 -13.58
CA TYR A 221 11.22 11.73 -13.45
C TYR A 221 9.87 12.35 -13.09
N ASP A 222 9.88 13.69 -12.92
CA ASP A 222 8.68 14.48 -12.70
C ASP A 222 8.03 14.13 -11.36
N CYS A 223 8.85 14.26 -10.30
CA CYS A 223 8.40 13.95 -8.96
C CYS A 223 8.72 15.10 -8.01
N PRO A 224 7.92 15.21 -6.94
CA PRO A 224 8.07 16.33 -6.01
C PRO A 224 9.39 16.32 -5.23
N ASP A 225 9.94 15.10 -5.07
CA ASP A 225 11.19 14.86 -4.41
C ASP A 225 12.40 14.92 -5.35
N GLY A 226 12.14 15.04 -6.65
CA GLY A 226 13.18 15.10 -7.67
C GLY A 226 13.37 13.75 -8.37
N PRO A 227 14.46 13.05 -8.05
CA PRO A 227 14.81 11.83 -8.75
C PRO A 227 13.84 10.69 -8.40
N ALA A 228 13.22 10.12 -9.44
CA ALA A 228 12.24 9.07 -9.28
C ALA A 228 12.48 7.98 -10.32
N VAL A 229 12.13 6.75 -9.95
CA VAL A 229 12.28 5.62 -10.85
C VAL A 229 11.10 4.68 -10.69
N VAL A 230 10.28 4.59 -11.73
CA VAL A 230 9.16 3.67 -11.76
C VAL A 230 9.47 2.60 -12.81
N VAL A 231 9.54 1.36 -12.34
CA VAL A 231 9.71 0.21 -13.19
C VAL A 231 8.51 -0.73 -13.03
N SER A 232 8.23 -1.41 -14.15
CA SER A 232 7.19 -2.42 -14.20
C SER A 232 7.86 -3.80 -14.25
N ALA A 233 7.51 -4.60 -13.24
CA ALA A 233 7.99 -5.95 -13.11
C ALA A 233 7.40 -6.82 -14.24
N PRO A 234 8.10 -7.92 -14.56
CA PRO A 234 7.72 -8.74 -15.69
C PRO A 234 6.36 -9.41 -15.54
N GLY A 235 6.00 -9.71 -14.28
CA GLY A 235 4.73 -10.32 -13.99
C GLY A 235 3.52 -9.39 -14.11
N GLY A 236 3.78 -8.07 -14.13
CA GLY A 236 2.73 -7.09 -14.20
C GLY A 236 2.61 -6.15 -13.01
N GLU A 237 3.61 -6.18 -12.12
CA GLU A 237 3.59 -5.35 -10.94
C GLU A 237 4.24 -3.99 -11.28
N VAL A 238 3.94 -2.97 -10.46
CA VAL A 238 4.43 -1.61 -10.69
C VAL A 238 4.78 -1.00 -9.34
N PHE A 239 5.94 -0.36 -9.25
CA PHE A 239 6.39 0.24 -8.01
C PHE A 239 7.38 1.37 -8.32
N THR A 240 7.49 2.30 -7.34
CA THR A 240 8.34 3.46 -7.49
C THR A 240 9.48 3.46 -6.46
N LEU A 241 10.65 3.83 -6.96
CA LEU A 241 11.88 3.89 -6.21
C LEU A 241 12.35 5.34 -6.07
N LEU A 242 12.74 5.67 -4.84
CA LEU A 242 13.24 6.98 -4.50
C LEU A 242 14.56 6.83 -3.74
N LEU A 243 15.58 7.53 -4.25
CA LEU A 243 16.88 7.55 -3.62
C LEU A 243 16.85 8.51 -2.42
N THR A 244 17.30 7.98 -1.27
CA THR A 244 17.37 8.71 -0.02
C THR A 244 18.40 8.03 0.87
N ASP A 245 19.01 8.82 1.73
CA ASP A 245 20.01 8.40 2.70
C ASP A 245 20.06 9.51 3.81
N GLY A 1 -17.21 -10.91 24.85
CA GLY A 1 -16.40 -9.66 24.80
C GLY A 1 -15.51 -9.62 26.05
N SER A 2 -14.21 -9.44 25.84
CA SER A 2 -13.26 -9.29 26.91
C SER A 2 -12.82 -7.83 27.03
N HIS A 3 -11.88 -7.61 27.96
CA HIS A 3 -11.28 -6.31 28.15
C HIS A 3 -9.93 -6.24 27.45
N MET A 4 -9.59 -5.01 27.04
CA MET A 4 -8.33 -4.71 26.38
C MET A 4 -7.35 -4.07 27.38
N SER A 5 -6.15 -3.76 26.86
CA SER A 5 -5.14 -3.07 27.63
C SER A 5 -5.69 -1.73 28.16
N HIS A 6 -4.92 -1.17 29.09
CA HIS A 6 -5.27 0.05 29.79
C HIS A 6 -4.26 1.19 29.54
N ASP A 7 -3.73 1.22 28.32
CA ASP A 7 -2.72 2.20 27.96
C ASP A 7 -2.94 2.63 26.51
N ALA A 8 -3.06 3.95 26.32
CA ALA A 8 -3.26 4.52 25.00
C ALA A 8 -1.94 5.09 24.47
N VAL A 9 -1.47 4.53 23.34
CA VAL A 9 -0.24 4.94 22.72
C VAL A 9 -0.58 5.77 21.47
N ARG A 10 0.30 6.74 21.17
CA ARG A 10 0.13 7.62 20.03
C ARG A 10 1.39 7.54 19.16
N PRO A 11 1.34 6.72 18.10
CA PRO A 11 2.48 6.60 17.21
C PRO A 11 2.64 7.88 16.38
N ALA A 12 3.75 7.91 15.63
CA ALA A 12 4.05 9.02 14.76
C ALA A 12 2.95 9.16 13.70
N PRO A 13 2.29 10.33 13.68
CA PRO A 13 1.26 10.55 12.67
C PRO A 13 1.92 10.90 11.33
N GLY A 14 1.45 10.19 10.29
CA GLY A 14 1.99 10.37 8.96
C GLY A 14 2.70 9.17 8.34
N GLU A 15 2.62 8.02 9.03
CA GLU A 15 3.31 6.81 8.64
C GLU A 15 2.42 5.98 7.70
N PRO A 16 3.08 5.13 6.91
CA PRO A 16 2.40 4.24 5.97
C PRO A 16 1.70 3.10 6.73
N THR A 17 0.65 2.57 6.06
CA THR A 17 -0.18 1.54 6.65
C THR A 17 0.44 0.14 6.47
N TRP A 18 0.34 -0.38 5.24
CA TRP A 18 0.80 -1.70 4.85
C TRP A 18 0.78 -1.79 3.33
N VAL A 19 1.55 -2.74 2.80
CA VAL A 19 1.64 -2.96 1.37
C VAL A 19 1.93 -4.44 1.11
N ASP A 20 0.95 -5.12 0.50
CA ASP A 20 1.04 -6.54 0.19
C ASP A 20 1.18 -6.74 -1.32
N LEU A 21 1.96 -7.76 -1.68
CA LEU A 21 2.22 -8.08 -3.08
C LEU A 21 2.07 -9.58 -3.29
N LEU A 22 0.98 -9.93 -3.99
CA LEU A 22 0.66 -11.29 -4.39
C LEU A 22 1.52 -11.68 -5.60
N THR A 23 1.86 -12.98 -5.66
CA THR A 23 2.62 -13.50 -6.77
C THR A 23 2.19 -14.95 -7.01
N PRO A 24 2.36 -15.41 -8.26
CA PRO A 24 1.99 -16.78 -8.59
C PRO A 24 2.88 -17.81 -7.87
N ASP A 25 4.16 -17.45 -7.78
CA ASP A 25 5.17 -18.30 -7.20
C ASP A 25 6.04 -17.49 -6.25
N ARG A 26 5.67 -17.48 -4.97
CA ARG A 26 6.47 -16.75 -4.01
C ARG A 26 7.94 -17.16 -4.12
N GLY A 27 8.20 -18.46 -4.32
CA GLY A 27 9.57 -18.93 -4.39
C GLY A 27 10.44 -18.09 -5.32
N ALA A 28 9.90 -17.84 -6.52
CA ALA A 28 10.64 -17.11 -7.54
C ALA A 28 10.55 -15.61 -7.30
N ALA A 29 9.37 -15.13 -6.92
CA ALA A 29 9.23 -13.71 -6.67
C ALA A 29 10.24 -13.22 -5.63
N LEU A 30 10.50 -14.05 -4.62
CA LEU A 30 11.45 -13.69 -3.59
C LEU A 30 12.86 -13.53 -4.15
N GLN A 31 13.14 -14.22 -5.26
CA GLN A 31 14.44 -14.13 -5.88
C GLN A 31 14.63 -12.84 -6.66
N PHE A 32 13.54 -12.41 -7.34
CA PHE A 32 13.55 -11.19 -8.11
C PHE A 32 13.32 -9.97 -7.22
N TYR A 33 12.17 -9.93 -6.56
CA TYR A 33 11.80 -8.77 -5.76
C TYR A 33 12.86 -8.46 -4.71
N SER A 34 13.25 -9.51 -3.96
CA SER A 34 14.20 -9.30 -2.90
C SER A 34 15.59 -8.91 -3.42
N ALA A 35 15.87 -9.20 -4.69
CA ALA A 35 17.10 -8.81 -5.34
C ALA A 35 17.16 -7.32 -5.67
N LEU A 36 16.01 -6.65 -5.62
CA LEU A 36 15.93 -5.24 -5.93
C LEU A 36 16.36 -4.41 -4.72
N PHE A 37 15.75 -4.76 -3.58
CA PHE A 37 15.99 -4.07 -2.33
C PHE A 37 17.12 -4.70 -1.50
N GLY A 38 17.24 -6.03 -1.60
CA GLY A 38 18.24 -6.78 -0.89
C GLY A 38 17.77 -7.22 0.51
N TRP A 39 16.53 -7.73 0.55
CA TRP A 39 15.92 -8.20 1.78
C TRP A 39 16.19 -9.70 1.97
N GLU A 40 15.75 -10.19 3.14
CA GLU A 40 15.90 -11.58 3.52
C GLU A 40 14.53 -12.24 3.71
N PHE A 41 14.57 -13.58 3.64
CA PHE A 41 13.37 -14.38 3.75
C PHE A 41 13.22 -14.94 5.18
N SER A 42 11.96 -14.94 5.66
CA SER A 42 11.67 -15.36 7.01
C SER A 42 10.24 -15.90 7.08
N THR A 43 10.13 -17.23 7.10
CA THR A 43 8.83 -17.89 7.11
C THR A 43 8.67 -18.67 8.41
N THR A 44 7.85 -18.11 9.31
CA THR A 44 7.61 -18.70 10.61
C THR A 44 6.16 -18.48 11.00
N SER A 45 5.42 -19.59 11.06
CA SER A 45 4.00 -19.58 11.39
C SER A 45 3.75 -20.57 12.53
N ASP A 46 3.10 -20.04 13.59
CA ASP A 46 2.82 -20.82 14.78
C ASP A 46 1.38 -21.34 14.71
N GLY A 47 1.28 -22.61 14.29
CA GLY A 47 -0.02 -23.24 14.13
C GLY A 47 -0.87 -22.68 13.00
N THR A 48 -0.24 -21.85 12.15
CA THR A 48 -0.88 -21.24 11.02
C THR A 48 -0.23 -21.77 9.73
N SER A 49 -0.87 -21.41 8.61
CA SER A 49 -0.37 -21.77 7.30
C SER A 49 0.98 -21.08 7.04
N PRO A 50 1.72 -21.62 6.08
CA PRO A 50 3.05 -21.11 5.78
C PRO A 50 2.97 -19.76 5.05
N TYR A 51 3.51 -18.72 5.71
CA TYR A 51 3.51 -17.36 5.22
C TYR A 51 4.94 -16.80 5.30
N THR A 52 5.50 -16.48 4.14
CA THR A 52 6.86 -15.94 4.06
C THR A 52 6.83 -14.42 4.24
N MET A 53 7.37 -13.99 5.38
CA MET A 53 7.43 -12.58 5.74
C MET A 53 8.86 -12.09 5.43
N CYS A 54 8.97 -11.20 4.42
CA CYS A 54 10.25 -10.64 4.02
C CYS A 54 10.63 -9.56 5.05
N ARG A 55 11.60 -9.89 5.90
CA ARG A 55 12.04 -8.99 6.95
C ARG A 55 13.58 -8.97 6.96
N LEU A 56 14.12 -7.99 7.70
CA LEU A 56 15.55 -7.81 7.80
C LEU A 56 15.85 -7.12 9.12
N ARG A 57 16.99 -7.48 9.74
CA ARG A 57 17.44 -6.84 10.95
C ARG A 57 16.32 -6.79 12.03
N GLY A 58 15.43 -7.79 12.00
CA GLY A 58 14.32 -7.81 12.93
C GLY A 58 13.36 -6.62 12.82
N ARG A 59 13.19 -6.13 11.59
CA ARG A 59 12.38 -4.98 11.31
C ARG A 59 11.39 -5.31 10.19
N GLU A 60 10.11 -5.15 10.55
CA GLU A 60 9.03 -5.40 9.62
C GLU A 60 9.07 -4.39 8.47
N VAL A 61 8.99 -4.93 7.23
CA VAL A 61 8.97 -4.13 6.03
C VAL A 61 7.80 -4.50 5.12
N CYS A 62 7.60 -5.81 4.88
CA CYS A 62 6.55 -6.26 3.98
C CYS A 62 6.42 -7.77 4.13
N SER A 63 5.53 -8.35 3.32
CA SER A 63 5.32 -9.77 3.29
C SER A 63 4.90 -10.17 1.86
N ILE A 64 5.10 -11.45 1.56
CA ILE A 64 4.76 -12.01 0.27
C ILE A 64 3.88 -13.23 0.49
N GLY A 65 3.00 -13.47 -0.48
CA GLY A 65 2.15 -14.64 -0.46
C GLY A 65 1.70 -14.97 -1.87
N ASP A 66 0.86 -16.01 -1.93
CA ASP A 66 0.36 -16.57 -3.17
C ASP A 66 -1.15 -16.33 -3.22
N LEU A 67 -1.78 -17.03 -4.17
CA LEU A 67 -3.19 -16.91 -4.44
C LEU A 67 -3.93 -18.23 -4.37
N GLY A 68 -3.23 -19.36 -4.57
CA GLY A 68 -3.89 -20.65 -4.48
C GLY A 68 -5.02 -20.77 -5.51
N GLU A 69 -4.63 -20.54 -6.78
CA GLU A 69 -5.55 -20.72 -7.90
C GLU A 69 -6.77 -19.78 -7.80
N ASN A 70 -6.52 -18.57 -7.25
CA ASN A 70 -7.56 -17.58 -7.05
C ASN A 70 -7.43 -16.50 -8.13
N PRO A 71 -8.30 -16.53 -9.13
CA PRO A 71 -8.23 -15.56 -10.22
C PRO A 71 -8.71 -14.16 -9.83
N GLY A 72 -9.53 -14.11 -8.77
CA GLY A 72 -10.04 -12.86 -8.24
C GLY A 72 -9.51 -12.57 -6.83
N PRO A 73 -8.20 -12.29 -6.73
CA PRO A 73 -7.62 -11.96 -5.45
C PRO A 73 -8.05 -10.55 -5.02
N ALA A 74 -7.53 -10.18 -3.83
CA ALA A 74 -7.82 -8.91 -3.20
C ALA A 74 -6.76 -7.84 -3.50
N LEU A 75 -5.51 -8.32 -3.72
CA LEU A 75 -4.38 -7.43 -3.92
C LEU A 75 -4.35 -6.96 -5.38
N GLY A 76 -4.17 -7.95 -6.29
CA GLY A 76 -4.11 -7.67 -7.71
C GLY A 76 -2.91 -6.82 -8.14
N GLY A 77 -1.82 -6.92 -7.37
CA GLY A 77 -0.62 -6.17 -7.62
C GLY A 77 -0.34 -5.19 -6.47
N TRP A 78 0.76 -4.45 -6.63
CA TRP A 78 1.08 -3.40 -5.68
C TRP A 78 -0.15 -2.49 -5.55
N SER A 79 -0.26 -1.90 -4.34
CA SER A 79 -1.29 -0.93 -4.06
C SER A 79 -0.96 -0.26 -2.72
N SER A 80 -1.51 0.95 -2.57
CA SER A 80 -1.37 1.72 -1.37
C SER A 80 -2.64 1.57 -0.52
N TYR A 81 -2.41 1.31 0.78
CA TYR A 81 -3.48 1.17 1.75
C TYR A 81 -3.58 2.45 2.59
N LEU A 82 -4.66 3.17 2.35
CA LEU A 82 -4.96 4.39 3.08
C LEU A 82 -5.73 4.02 4.37
N SER A 83 -5.50 4.82 5.41
CA SER A 83 -6.10 4.60 6.72
C SER A 83 -7.37 5.45 6.87
N VAL A 84 -8.48 4.75 7.11
CA VAL A 84 -9.78 5.36 7.23
C VAL A 84 -10.23 5.40 8.70
N ASP A 85 -11.24 6.25 8.95
CA ASP A 85 -11.78 6.40 10.28
C ASP A 85 -12.28 5.08 10.83
N ASP A 86 -12.86 4.28 9.91
CA ASP A 86 -13.35 2.96 10.21
C ASP A 86 -13.62 2.25 8.89
N ALA A 87 -13.48 0.93 8.94
CA ALA A 87 -13.75 0.09 7.78
C ALA A 87 -15.12 0.46 7.19
N ASP A 88 -16.09 0.54 8.11
CA ASP A 88 -17.46 0.80 7.75
C ASP A 88 -17.68 2.26 7.39
N ALA A 89 -16.93 3.16 8.05
CA ALA A 89 -16.98 4.58 7.75
C ALA A 89 -16.74 4.79 6.25
N ALA A 90 -15.59 4.29 5.78
CA ALA A 90 -15.21 4.52 4.40
C ALA A 90 -16.29 3.92 3.50
N ALA A 91 -16.56 2.63 3.71
CA ALA A 91 -17.52 1.92 2.90
C ALA A 91 -18.87 2.65 2.83
N ALA A 92 -19.26 3.27 3.94
CA ALA A 92 -20.51 3.97 4.07
C ALA A 92 -20.54 5.27 3.25
N ALA A 93 -19.35 5.89 3.14
CA ALA A 93 -19.23 7.11 2.39
C ALA A 93 -19.01 6.84 0.90
N VAL A 94 -18.49 5.66 0.57
CA VAL A 94 -18.34 5.28 -0.83
C VAL A 94 -19.59 5.64 -1.63
N PRO A 95 -20.76 5.12 -1.25
CA PRO A 95 -21.97 5.40 -2.00
C PRO A 95 -22.41 6.87 -1.96
N GLU A 96 -22.04 7.56 -0.86
CA GLU A 96 -22.40 8.95 -0.70
C GLU A 96 -21.77 9.82 -1.79
N LEU A 97 -20.61 9.39 -2.29
CA LEU A 97 -19.89 10.13 -3.30
C LEU A 97 -20.29 9.67 -4.71
N GLY A 98 -20.81 8.44 -4.77
CA GLY A 98 -21.24 7.83 -6.00
C GLY A 98 -20.32 6.71 -6.50
N GLY A 99 -19.60 6.08 -5.56
CA GLY A 99 -18.77 4.95 -5.88
C GLY A 99 -19.50 3.63 -5.63
N ALA A 100 -18.72 2.55 -5.69
CA ALA A 100 -19.23 1.20 -5.55
C ALA A 100 -18.22 0.40 -4.72
N VAL A 101 -18.72 -0.24 -3.66
CA VAL A 101 -17.90 -1.11 -2.85
C VAL A 101 -17.80 -2.45 -3.56
N LEU A 102 -16.56 -2.94 -3.68
CA LEU A 102 -16.31 -4.19 -4.36
C LEU A 102 -16.14 -5.35 -3.37
N LEU A 103 -15.36 -5.06 -2.31
CA LEU A 103 -15.15 -6.01 -1.24
C LEU A 103 -15.42 -5.33 0.10
N GLY A 104 -15.58 -6.19 1.11
CA GLY A 104 -15.83 -5.74 2.47
C GLY A 104 -17.26 -5.25 2.67
N PRO A 105 -17.57 -4.92 3.94
CA PRO A 105 -16.69 -5.09 5.08
C PRO A 105 -16.45 -6.58 5.38
N ILE A 106 -15.18 -6.91 5.69
CA ILE A 106 -14.78 -8.25 6.05
C ILE A 106 -13.88 -8.19 7.28
N ASP A 107 -13.90 -9.28 8.05
CA ASP A 107 -13.14 -9.40 9.28
C ASP A 107 -12.07 -10.48 9.11
N ILE A 108 -10.86 -10.02 8.81
CA ILE A 108 -9.74 -10.91 8.58
C ILE A 108 -9.23 -11.39 9.94
N LEU A 109 -9.52 -12.65 10.24
CA LEU A 109 -9.06 -13.31 11.45
C LEU A 109 -9.42 -12.51 12.72
N ALA A 110 -10.52 -11.74 12.61
CA ALA A 110 -10.97 -10.86 13.67
C ALA A 110 -9.84 -9.97 14.20
N GLN A 111 -8.88 -9.65 13.32
CA GLN A 111 -7.74 -8.85 13.69
C GLN A 111 -7.80 -7.48 13.02
N GLY A 112 -8.29 -7.45 11.79
CA GLY A 112 -8.40 -6.24 11.01
C GLY A 112 -9.49 -6.39 9.95
N ARG A 113 -9.61 -5.32 9.15
CA ARG A 113 -10.60 -5.22 8.11
C ARG A 113 -9.94 -4.52 6.92
N MET A 114 -10.11 -5.15 5.75
CA MET A 114 -9.60 -4.66 4.48
C MET A 114 -10.77 -4.70 3.48
N LEU A 115 -10.96 -3.59 2.76
CA LEU A 115 -12.01 -3.53 1.77
C LEU A 115 -11.51 -2.67 0.60
N LEU A 116 -12.12 -2.91 -0.58
CA LEU A 116 -11.79 -2.16 -1.77
C LEU A 116 -13.05 -1.48 -2.32
N ALA A 117 -12.82 -0.32 -2.95
CA ALA A 117 -13.85 0.52 -3.53
C ALA A 117 -13.34 1.08 -4.86
N GLY A 118 -14.25 1.81 -5.53
CA GLY A 118 -13.99 2.39 -6.82
C GLY A 118 -15.09 2.04 -7.81
N ASP A 119 -14.66 1.81 -9.07
CA ASP A 119 -15.56 1.50 -10.16
C ASP A 119 -15.45 0.02 -10.50
N PRO A 120 -16.52 -0.52 -11.11
CA PRO A 120 -16.55 -1.93 -11.46
C PRO A 120 -15.56 -2.31 -12.57
N SER A 121 -14.89 -1.30 -13.14
CA SER A 121 -13.85 -1.52 -14.12
C SER A 121 -12.69 -2.37 -13.58
N GLY A 122 -12.60 -2.49 -12.26
CA GLY A 122 -11.57 -3.26 -11.62
C GLY A 122 -10.59 -2.43 -10.80
N HIS A 123 -11.04 -1.24 -10.38
CA HIS A 123 -10.20 -0.36 -9.60
C HIS A 123 -10.28 -0.78 -8.12
N ARG A 124 -9.11 -1.15 -7.58
CA ARG A 124 -8.99 -1.53 -6.19
C ARG A 124 -8.20 -0.44 -5.46
N VAL A 125 -8.76 -0.02 -4.32
CA VAL A 125 -8.16 1.00 -3.47
C VAL A 125 -7.98 0.41 -2.07
N GLY A 126 -6.72 0.27 -1.64
CA GLY A 126 -6.45 -0.33 -0.35
C GLY A 126 -6.99 0.54 0.77
N LEU A 127 -7.84 -0.07 1.61
CA LEU A 127 -8.46 0.61 2.73
C LEU A 127 -8.32 -0.29 3.97
N TRP A 128 -7.58 0.24 4.96
CA TRP A 128 -7.35 -0.41 6.23
C TRP A 128 -7.89 0.48 7.35
N GLN A 129 -8.28 -0.19 8.45
CA GLN A 129 -8.89 0.44 9.60
C GLN A 129 -7.89 0.44 10.78
N ALA A 130 -7.45 1.65 11.15
CA ALA A 130 -6.46 1.81 12.20
C ALA A 130 -7.13 2.08 13.57
N LYS A 131 -6.86 1.13 14.48
CA LYS A 131 -7.44 1.12 15.81
C LYS A 131 -6.40 1.09 16.94
N GLU A 132 -5.34 0.29 16.72
CA GLU A 132 -4.26 0.14 17.67
C GLU A 132 -3.00 0.89 17.23
N HIS A 133 -2.66 0.73 15.94
CA HIS A 133 -1.51 1.36 15.35
C HIS A 133 -1.81 1.58 13.86
N THR A 134 -1.02 2.47 13.25
CA THR A 134 -1.13 2.83 11.85
C THR A 134 -0.03 2.20 10.98
N GLY A 135 0.47 1.04 11.44
CA GLY A 135 1.54 0.35 10.73
C GLY A 135 2.89 1.04 10.86
N SER A 136 3.06 1.76 11.99
CA SER A 136 4.27 2.50 12.26
C SER A 136 5.36 1.50 12.71
N GLY A 137 6.14 1.06 11.72
CA GLY A 137 7.23 0.14 11.97
C GLY A 137 8.39 0.84 12.68
N PRO A 138 9.33 0.00 13.15
CA PRO A 138 10.51 0.49 13.84
C PRO A 138 11.45 1.22 12.86
N ASP A 139 12.54 1.75 13.45
CA ASP A 139 13.52 2.53 12.71
C ASP A 139 14.32 1.60 11.78
N ASP A 140 13.85 1.54 10.54
CA ASP A 140 14.43 0.70 9.50
C ASP A 140 15.10 1.54 8.42
N GLY A 141 14.57 2.76 8.24
CA GLY A 141 15.11 3.64 7.23
C GLY A 141 15.05 2.97 5.86
N ILE A 142 16.18 3.02 5.14
CA ILE A 142 16.25 2.43 3.82
C ILE A 142 15.74 0.98 3.86
N GLY A 143 14.80 0.71 2.95
CA GLY A 143 14.16 -0.57 2.85
C GLY A 143 12.69 -0.54 3.26
N ALA A 144 12.36 0.39 4.15
CA ALA A 144 11.01 0.45 4.66
C ALA A 144 10.15 1.32 3.74
N TYR A 145 8.83 1.16 3.93
CA TYR A 145 7.85 1.96 3.24
C TYR A 145 8.18 3.44 3.46
N THR A 146 7.97 4.24 2.40
CA THR A 146 8.20 5.67 2.47
C THR A 146 6.87 6.44 2.48
N ARG A 147 6.18 6.38 1.34
CA ARG A 147 4.95 7.14 1.15
C ARG A 147 4.07 6.40 0.14
N SER A 148 2.82 6.87 0.05
CA SER A 148 1.81 6.28 -0.80
C SER A 148 1.26 7.32 -1.78
N GLU A 149 1.34 6.95 -3.07
CA GLU A 149 0.89 7.77 -4.17
C GLU A 149 0.27 6.87 -5.24
N LEU A 150 -0.79 7.38 -5.84
CA LEU A 150 -1.49 6.73 -6.93
C LEU A 150 -1.50 7.64 -8.15
N LEU A 151 -1.33 7.01 -9.30
CA LEU A 151 -1.30 7.68 -10.59
C LEU A 151 -2.60 7.36 -11.32
N THR A 152 -3.51 8.34 -11.33
CA THR A 152 -4.82 8.19 -11.93
C THR A 152 -5.01 9.23 -13.02
N GLY A 153 -5.75 8.83 -14.06
CA GLY A 153 -6.02 9.71 -15.18
C GLY A 153 -7.20 10.66 -14.99
N ALA A 154 -7.33 11.19 -13.76
CA ALA A 154 -8.48 12.01 -13.37
C ALA A 154 -8.38 12.36 -11.88
N SER A 155 -7.41 13.23 -11.56
CA SER A 155 -7.21 13.64 -10.18
C SER A 155 -8.52 14.22 -9.61
N ALA A 156 -9.23 14.98 -10.44
CA ALA A 156 -10.47 15.60 -10.03
C ALA A 156 -11.45 14.57 -9.45
N THR A 157 -11.47 13.38 -10.08
CA THR A 157 -12.34 12.31 -9.65
C THR A 157 -11.82 11.66 -8.37
N ASP A 158 -10.58 11.19 -8.42
CA ASP A 158 -10.04 10.47 -7.28
C ASP A 158 -10.02 11.36 -6.04
N GLY A 159 -9.65 12.62 -6.25
CA GLY A 159 -9.65 13.57 -5.17
C GLY A 159 -10.98 13.60 -4.43
N ALA A 160 -12.08 13.53 -5.20
CA ALA A 160 -13.41 13.51 -4.63
C ALA A 160 -13.64 12.26 -3.77
N PHE A 161 -13.08 11.14 -4.22
CA PHE A 161 -13.16 9.89 -3.49
C PHE A 161 -12.41 10.01 -2.16
N TYR A 162 -11.21 10.58 -2.22
CA TYR A 162 -10.38 10.69 -1.03
C TYR A 162 -10.98 11.71 -0.06
N ARG A 163 -11.33 12.88 -0.59
CA ARG A 163 -11.89 13.91 0.27
C ARG A 163 -13.23 13.49 0.90
N GLY A 164 -13.85 12.44 0.34
CA GLY A 164 -15.09 11.93 0.84
C GLY A 164 -14.91 10.84 1.89
N LEU A 165 -13.94 9.92 1.67
CA LEU A 165 -13.78 8.83 2.60
C LEU A 165 -12.87 9.20 3.77
N PHE A 166 -12.02 10.20 3.52
CA PHE A 166 -11.01 10.67 4.45
C PHE A 166 -11.15 12.15 4.77
N GLY A 167 -11.35 12.95 3.71
CA GLY A 167 -11.61 14.35 3.88
C GLY A 167 -12.78 14.59 4.83
N ALA A 168 -12.85 15.85 5.31
CA ALA A 168 -13.89 16.28 6.23
C ALA A 168 -15.28 15.96 5.70
N ASP A 169 -15.41 16.01 4.37
CA ASP A 169 -16.64 15.66 3.69
C ASP A 169 -17.28 14.42 4.29
N PHE A 170 -16.45 13.47 4.71
CA PHE A 170 -16.94 12.22 5.24
C PHE A 170 -18.07 12.46 6.25
N ALA A 171 -17.78 13.36 7.20
CA ALA A 171 -18.72 13.69 8.26
C ALA A 171 -19.39 15.06 8.05
N THR A 172 -19.02 15.73 6.98
CA THR A 172 -19.56 17.03 6.62
C THR A 172 -19.56 17.97 7.84
N GLU A 173 -18.41 18.01 8.52
CA GLU A 173 -18.24 18.79 9.71
C GLU A 173 -16.77 19.20 9.85
N SER A 174 -16.53 20.08 10.84
CA SER A 174 -15.21 20.56 11.16
C SER A 174 -15.09 20.73 12.69
N GLY A 175 -13.87 20.52 13.18
CA GLY A 175 -13.57 20.65 14.60
C GLY A 175 -12.09 20.98 14.80
N THR A 176 -11.36 19.97 15.30
CA THR A 176 -9.97 20.12 15.68
C THR A 176 -9.07 19.03 15.08
N ASP A 177 -9.46 18.61 13.87
CA ASP A 177 -8.79 17.58 13.09
C ASP A 177 -9.03 16.20 13.72
N GLY A 178 -9.76 15.36 12.95
CA GLY A 178 -10.07 14.03 13.42
C GLY A 178 -8.94 13.02 13.24
N GLY A 179 -8.16 13.21 12.17
CA GLY A 179 -7.08 12.31 11.87
C GLY A 179 -6.26 12.87 10.70
N GLY A 180 -4.93 12.73 10.81
CA GLY A 180 -4.03 13.22 9.80
C GLY A 180 -3.90 12.26 8.61
N ARG A 181 -4.99 12.18 7.86
CA ARG A 181 -5.07 11.33 6.68
C ARG A 181 -3.93 11.70 5.73
N ARG A 182 -3.38 10.65 5.10
CA ARG A 182 -2.28 10.78 4.17
C ARG A 182 -2.66 10.10 2.85
N ALA A 183 -2.42 10.80 1.74
CA ALA A 183 -2.63 10.27 0.40
C ALA A 183 -2.12 11.30 -0.61
N ALA A 184 -2.08 10.87 -1.88
CA ALA A 184 -1.69 11.73 -2.97
C ALA A 184 -2.07 11.05 -4.29
N ILE A 185 -2.65 11.84 -5.19
CA ILE A 185 -3.07 11.40 -6.51
C ILE A 185 -2.56 12.40 -7.54
N ARG A 186 -1.69 11.92 -8.43
CA ARG A 186 -1.19 12.74 -9.52
C ARG A 186 -1.92 12.36 -10.81
N GLN A 187 -2.11 13.39 -11.65
CA GLN A 187 -2.72 13.31 -12.97
C GLN A 187 -1.60 13.18 -14.02
N VAL A 188 -1.56 12.01 -14.66
CA VAL A 188 -0.62 11.68 -15.71
C VAL A 188 -1.25 10.57 -16.56
N GLY A 189 -0.52 10.20 -17.63
CA GLY A 189 -0.89 9.07 -18.47
C GLY A 189 0.05 8.92 -19.66
N PRO A 190 0.16 9.97 -20.49
CA PRO A 190 1.01 9.87 -21.67
C PRO A 190 2.49 9.88 -21.31
N ALA A 191 2.84 10.72 -20.32
CA ALA A 191 4.21 10.93 -19.90
C ALA A 191 4.51 10.32 -18.53
N ALA A 192 3.68 9.33 -18.13
CA ALA A 192 3.92 8.62 -16.89
C ALA A 192 2.90 7.48 -16.77
N PRO A 193 3.30 6.44 -16.03
CA PRO A 193 2.45 5.28 -15.86
C PRO A 193 1.22 5.62 -15.00
N SER A 194 0.39 4.57 -14.81
CA SER A 194 -0.85 4.66 -14.08
C SER A 194 -0.99 3.41 -13.22
N GLY A 195 -1.63 3.61 -12.04
CA GLY A 195 -1.86 2.54 -11.11
C GLY A 195 -1.42 2.93 -9.69
N TRP A 196 -1.70 1.99 -8.78
CA TRP A 196 -1.46 2.15 -7.36
C TRP A 196 -0.10 1.51 -7.00
N TYR A 197 0.84 2.38 -6.58
CA TYR A 197 2.14 1.86 -6.20
C TYR A 197 2.85 2.89 -5.33
N PRO A 198 2.98 2.57 -4.03
CA PRO A 198 3.67 3.48 -3.14
C PRO A 198 5.17 3.55 -3.51
N CYS A 199 5.79 4.56 -2.90
CA CYS A 199 7.21 4.81 -3.06
C CYS A 199 7.99 4.19 -1.89
N PHE A 200 9.25 3.88 -2.18
CA PHE A 200 10.12 3.21 -1.24
C PHE A 200 11.51 3.87 -1.30
N ARG A 201 12.16 3.90 -0.13
CA ARG A 201 13.46 4.50 0.06
C ARG A 201 14.55 3.43 -0.06
N ALA A 202 15.42 3.61 -1.05
CA ALA A 202 16.53 2.71 -1.25
C ALA A 202 17.79 3.49 -1.63
N GLN A 203 18.88 2.71 -1.76
CA GLN A 203 20.18 3.22 -2.12
C GLN A 203 20.32 3.29 -3.64
N GLU A 204 21.22 4.14 -4.11
CA GLU A 204 21.49 4.27 -5.53
C GLU A 204 21.81 2.91 -6.16
N SER A 205 22.52 2.06 -5.39
CA SER A 205 22.93 0.76 -5.88
C SER A 205 21.75 -0.17 -6.21
N ALA A 206 20.57 0.17 -5.67
CA ALA A 206 19.37 -0.61 -5.93
C ALA A 206 18.85 -0.37 -7.35
N VAL A 207 19.05 0.84 -7.87
CA VAL A 207 18.63 1.16 -9.23
C VAL A 207 19.11 0.07 -10.20
N PRO A 208 20.43 -0.12 -10.31
CA PRO A 208 20.92 -1.12 -11.24
C PRO A 208 20.56 -2.54 -10.83
N ALA A 209 20.39 -2.76 -9.52
CA ALA A 209 20.01 -4.06 -9.02
C ALA A 209 18.78 -4.60 -9.77
N ALA A 210 17.89 -3.69 -10.17
CA ALA A 210 16.70 -4.10 -10.90
C ALA A 210 17.02 -4.31 -12.38
N VAL A 211 17.82 -3.40 -12.93
CA VAL A 211 18.19 -3.44 -14.33
C VAL A 211 18.82 -4.79 -14.68
N MET A 212 19.80 -5.21 -13.86
CA MET A 212 20.50 -6.45 -14.13
C MET A 212 19.57 -7.66 -14.27
N LEU A 213 18.43 -7.60 -13.58
CA LEU A 213 17.45 -8.67 -13.63
C LEU A 213 16.60 -8.65 -14.90
N GLY A 214 16.55 -7.47 -15.53
CA GLY A 214 15.80 -7.26 -16.75
C GLY A 214 14.48 -6.52 -16.54
N ALA A 215 14.46 -5.64 -15.53
CA ALA A 215 13.27 -4.87 -15.24
C ALA A 215 12.90 -4.01 -16.45
N SER A 216 11.61 -3.64 -16.49
CA SER A 216 11.09 -2.86 -17.60
C SER A 216 11.07 -1.37 -17.23
N VAL A 217 11.66 -0.56 -18.11
CA VAL A 217 11.72 0.88 -17.93
C VAL A 217 10.45 1.53 -18.51
N LEU A 218 9.82 2.35 -17.65
CA LEU A 218 8.65 3.11 -18.06
C LEU A 218 8.88 4.61 -17.90
N LEU A 219 9.30 5.00 -16.68
CA LEU A 219 9.41 6.43 -16.34
C LEU A 219 10.31 6.54 -15.13
N ARG A 220 11.39 7.34 -15.27
CA ARG A 220 12.34 7.52 -14.20
C ARG A 220 12.82 8.98 -14.10
N TYR A 221 11.82 9.88 -13.97
CA TYR A 221 12.07 11.31 -13.90
C TYR A 221 10.75 12.00 -13.63
N ASP A 222 10.81 13.35 -13.55
CA ASP A 222 9.63 14.19 -13.43
C ASP A 222 8.88 13.91 -12.13
N CYS A 223 9.63 14.07 -11.02
CA CYS A 223 9.10 13.83 -9.70
C CYS A 223 9.40 15.02 -8.78
N PRO A 224 8.55 15.20 -7.77
CA PRO A 224 8.67 16.35 -6.88
C PRO A 224 9.94 16.34 -6.02
N ASP A 225 10.43 15.12 -5.78
CA ASP A 225 11.64 14.87 -5.03
C ASP A 225 12.90 14.83 -5.89
N GLY A 226 12.73 14.91 -7.23
CA GLY A 226 13.82 14.89 -8.16
C GLY A 226 14.02 13.51 -8.79
N PRO A 227 15.07 12.80 -8.39
CA PRO A 227 15.41 11.53 -9.01
C PRO A 227 14.39 10.44 -8.65
N ALA A 228 13.81 9.83 -9.69
CA ALA A 228 12.79 8.82 -9.52
C ALA A 228 13.05 7.67 -10.50
N VAL A 229 12.66 6.46 -10.09
CA VAL A 229 12.83 5.30 -10.92
C VAL A 229 11.60 4.39 -10.78
N VAL A 230 10.83 4.27 -11.87
CA VAL A 230 9.69 3.39 -11.90
C VAL A 230 10.01 2.27 -12.90
N VAL A 231 10.07 1.06 -12.38
CA VAL A 231 10.23 -0.14 -13.17
C VAL A 231 9.01 -1.04 -13.01
N SER A 232 8.74 -1.77 -14.11
CA SER A 232 7.70 -2.76 -14.13
C SER A 232 8.34 -4.16 -14.05
N ALA A 233 7.87 -4.90 -13.05
CA ALA A 233 8.30 -6.26 -12.81
C ALA A 233 7.80 -7.16 -13.95
N PRO A 234 8.50 -8.27 -14.18
CA PRO A 234 8.17 -9.13 -15.31
C PRO A 234 6.79 -9.76 -15.19
N GLY A 235 6.34 -9.96 -13.93
CA GLY A 235 5.05 -10.53 -13.67
C GLY A 235 3.86 -9.59 -13.95
N GLY A 236 4.16 -8.27 -14.05
CA GLY A 236 3.13 -7.30 -14.31
C GLY A 236 2.87 -6.31 -13.18
N GLU A 237 3.84 -6.23 -12.24
CA GLU A 237 3.73 -5.37 -11.08
C GLU A 237 4.47 -4.06 -11.37
N VAL A 238 4.13 -3.00 -10.64
CA VAL A 238 4.71 -1.68 -10.86
C VAL A 238 5.02 -1.06 -9.50
N PHE A 239 6.20 -0.44 -9.39
CA PHE A 239 6.62 0.18 -8.15
C PHE A 239 7.68 1.25 -8.42
N THR A 240 7.78 2.19 -7.47
CA THR A 240 8.66 3.33 -7.60
C THR A 240 9.77 3.33 -6.54
N LEU A 241 10.98 3.61 -7.03
CA LEU A 241 12.20 3.65 -6.25
C LEU A 241 12.69 5.10 -6.16
N LEU A 242 12.77 5.57 -4.91
CA LEU A 242 13.28 6.89 -4.60
C LEU A 242 14.53 6.73 -3.73
N LEU A 243 15.62 7.34 -4.21
CA LEU A 243 16.90 7.30 -3.50
C LEU A 243 16.88 8.35 -2.39
N THR A 244 17.11 7.89 -1.16
CA THR A 244 17.15 8.73 0.01
C THR A 244 18.05 8.05 1.05
N ASP A 245 18.39 8.85 2.07
CA ASP A 245 19.29 8.51 3.16
C ASP A 245 19.34 9.75 4.09
N GLY A 1 37.26 -3.54 21.25
CA GLY A 1 36.36 -2.36 21.25
C GLY A 1 34.92 -2.91 21.19
N SER A 2 33.95 -2.03 21.42
CA SER A 2 32.55 -2.38 21.39
C SER A 2 31.75 -1.07 21.41
N HIS A 3 30.49 -1.17 20.95
CA HIS A 3 29.62 -0.02 20.87
C HIS A 3 28.18 -0.48 21.12
N MET A 4 27.70 -0.24 22.35
CA MET A 4 26.36 -0.64 22.74
C MET A 4 25.44 0.58 22.71
N SER A 5 24.29 0.42 22.00
CA SER A 5 23.29 1.46 21.92
C SER A 5 22.20 1.23 22.96
N HIS A 6 21.31 2.22 23.07
CA HIS A 6 20.19 2.19 24.02
C HIS A 6 19.33 3.45 23.78
N ASP A 7 18.07 3.22 23.41
CA ASP A 7 17.11 4.28 23.20
C ASP A 7 15.72 3.66 23.11
N ALA A 8 14.72 4.51 23.32
CA ALA A 8 13.33 4.14 23.13
C ALA A 8 12.95 4.12 21.64
N VAL A 9 11.85 3.41 21.37
CA VAL A 9 11.30 3.26 20.04
C VAL A 9 10.01 4.07 19.95
N ARG A 10 10.04 5.15 19.15
CA ARG A 10 8.89 6.03 18.98
C ARG A 10 8.64 6.20 17.48
N PRO A 11 7.70 5.41 16.92
CA PRO A 11 7.42 5.51 15.50
C PRO A 11 6.68 6.82 15.20
N ALA A 12 6.72 7.19 13.91
CA ALA A 12 6.09 8.42 13.45
C ALA A 12 4.69 8.09 12.88
N PRO A 13 3.66 8.75 13.41
CA PRO A 13 2.31 8.51 12.92
C PRO A 13 2.18 9.05 11.50
N GLY A 14 1.19 8.47 10.77
CA GLY A 14 0.91 8.85 9.41
C GLY A 14 1.16 7.79 8.34
N GLU A 15 1.92 6.76 8.74
CA GLU A 15 2.23 5.63 7.88
C GLU A 15 0.94 5.04 7.32
N PRO A 16 1.04 4.41 6.15
CA PRO A 16 -0.12 3.78 5.54
C PRO A 16 -0.53 2.49 6.29
N THR A 17 -1.82 2.16 6.13
CA THR A 17 -2.46 1.10 6.87
C THR A 17 -1.65 -0.20 6.79
N TRP A 18 -1.60 -0.73 5.55
CA TRP A 18 -0.94 -1.98 5.25
C TRP A 18 -1.03 -2.19 3.75
N VAL A 19 0.05 -2.72 3.14
CA VAL A 19 0.06 -3.00 1.72
C VAL A 19 0.89 -4.24 1.44
N ASP A 20 0.24 -5.19 0.75
CA ASP A 20 0.82 -6.46 0.39
C ASP A 20 0.81 -6.65 -1.12
N LEU A 21 1.81 -7.43 -1.57
CA LEU A 21 1.97 -7.76 -2.97
C LEU A 21 1.95 -9.28 -3.11
N LEU A 22 0.89 -9.75 -3.78
CA LEU A 22 0.72 -11.15 -4.14
C LEU A 22 1.66 -11.46 -5.31
N THR A 23 2.11 -12.72 -5.34
CA THR A 23 2.95 -13.19 -6.43
C THR A 23 2.57 -14.61 -6.81
N PRO A 24 2.90 -15.00 -8.04
CA PRO A 24 2.61 -16.37 -8.46
C PRO A 24 3.50 -17.38 -7.74
N ASP A 25 4.75 -16.96 -7.48
CA ASP A 25 5.75 -17.82 -6.89
C ASP A 25 6.44 -17.08 -5.76
N ARG A 26 5.92 -17.26 -4.54
CA ARG A 26 6.45 -16.57 -3.38
C ARG A 26 7.96 -16.80 -3.27
N GLY A 27 8.38 -18.05 -3.49
CA GLY A 27 9.79 -18.37 -3.43
C GLY A 27 10.65 -17.46 -4.31
N ALA A 28 10.14 -17.17 -5.51
CA ALA A 28 10.87 -16.36 -6.47
C ALA A 28 10.73 -14.88 -6.13
N ALA A 29 9.53 -14.49 -5.71
CA ALA A 29 9.28 -13.11 -5.37
C ALA A 29 10.27 -12.64 -4.30
N LEU A 30 10.52 -13.50 -3.33
CA LEU A 30 11.43 -13.17 -2.25
C LEU A 30 12.86 -12.95 -2.75
N GLN A 31 13.17 -13.49 -3.92
CA GLN A 31 14.48 -13.32 -4.52
C GLN A 31 14.62 -11.96 -5.22
N PHE A 32 13.53 -11.56 -5.90
CA PHE A 32 13.50 -10.29 -6.60
C PHE A 32 13.14 -9.15 -5.63
N TYR A 33 11.91 -9.19 -5.12
CA TYR A 33 11.42 -8.11 -4.28
C TYR A 33 12.39 -7.81 -3.14
N SER A 34 12.79 -8.87 -2.43
CA SER A 34 13.65 -8.67 -1.29
C SER A 34 15.02 -8.12 -1.68
N ALA A 35 15.42 -8.32 -2.93
CA ALA A 35 16.68 -7.82 -3.45
C ALA A 35 16.63 -6.33 -3.82
N LEU A 36 15.40 -5.78 -3.92
CA LEU A 36 15.23 -4.39 -4.24
C LEU A 36 15.58 -3.51 -3.04
N PHE A 37 15.18 -4.03 -1.86
CA PHE A 37 15.37 -3.33 -0.61
C PHE A 37 16.51 -3.92 0.24
N GLY A 38 16.69 -5.23 0.15
CA GLY A 38 17.68 -5.98 0.89
C GLY A 38 17.16 -6.47 2.24
N TRP A 39 16.01 -7.13 2.19
CA TRP A 39 15.38 -7.63 3.39
C TRP A 39 15.64 -9.14 3.55
N GLU A 40 15.26 -9.63 4.74
CA GLU A 40 15.41 -11.03 5.10
C GLU A 40 14.03 -11.71 5.14
N PHE A 41 14.08 -13.04 5.08
CA PHE A 41 12.91 -13.90 5.07
C PHE A 41 12.65 -14.45 6.48
N SER A 42 11.36 -14.48 6.85
CA SER A 42 10.98 -14.96 8.17
C SER A 42 9.55 -15.50 8.11
N THR A 43 9.44 -16.84 8.20
CA THR A 43 8.17 -17.52 8.10
C THR A 43 7.93 -18.39 9.35
N THR A 44 7.09 -17.85 10.24
CA THR A 44 6.80 -18.50 11.50
C THR A 44 5.30 -18.34 11.80
N SER A 45 4.58 -19.45 11.60
CA SER A 45 3.13 -19.48 11.76
C SER A 45 2.76 -20.57 12.75
N ASP A 46 2.09 -20.16 13.84
CA ASP A 46 1.72 -21.06 14.92
C ASP A 46 0.33 -21.63 14.65
N GLY A 47 0.32 -22.89 14.19
CA GLY A 47 -0.91 -23.56 13.87
C GLY A 47 -1.65 -23.00 12.66
N THR A 48 -0.97 -22.10 11.93
CA THR A 48 -1.50 -21.46 10.76
C THR A 48 -0.66 -21.84 9.53
N SER A 49 -1.26 -21.58 8.37
CA SER A 49 -0.62 -21.83 7.09
C SER A 49 0.70 -21.05 6.99
N PRO A 50 1.58 -21.53 6.12
CA PRO A 50 2.93 -20.94 5.99
C PRO A 50 2.88 -19.59 5.28
N TYR A 51 3.16 -18.53 6.06
CA TYR A 51 3.12 -17.16 5.59
C TYR A 51 4.47 -16.49 5.86
N THR A 52 5.18 -16.19 4.75
CA THR A 52 6.47 -15.50 4.85
C THR A 52 6.26 -14.00 5.07
N MET A 53 6.74 -13.53 6.22
CA MET A 53 6.65 -12.14 6.60
C MET A 53 8.05 -11.52 6.50
N CYS A 54 8.07 -10.20 6.19
CA CYS A 54 9.31 -9.46 6.10
C CYS A 54 9.52 -8.69 7.41
N ARG A 55 10.52 -9.17 8.16
CA ARG A 55 10.88 -8.65 9.46
C ARG A 55 12.41 -8.54 9.50
N LEU A 56 12.89 -7.47 10.15
CA LEU A 56 14.31 -7.22 10.28
C LEU A 56 14.51 -6.29 11.49
N ARG A 57 15.64 -6.47 12.18
CA ARG A 57 15.95 -5.62 13.33
C ARG A 57 14.80 -5.61 14.36
N GLY A 58 14.06 -6.74 14.42
CA GLY A 58 12.94 -6.84 15.33
C GLY A 58 11.77 -5.90 15.03
N ARG A 59 11.64 -5.53 13.74
CA ARG A 59 10.67 -4.55 13.32
C ARG A 59 10.09 -5.01 11.96
N GLU A 60 8.76 -5.18 11.96
CA GLU A 60 8.04 -5.53 10.74
C GLU A 60 8.11 -4.41 9.70
N VAL A 61 8.13 -4.86 8.44
CA VAL A 61 8.18 -3.96 7.31
C VAL A 61 6.99 -4.15 6.36
N CYS A 62 6.75 -5.41 5.98
CA CYS A 62 5.68 -5.75 5.07
C CYS A 62 5.44 -7.25 5.10
N SER A 63 4.51 -7.69 4.25
CA SER A 63 4.16 -9.09 4.13
C SER A 63 3.92 -9.44 2.66
N ILE A 64 4.13 -10.73 2.39
CA ILE A 64 3.97 -11.28 1.05
C ILE A 64 2.76 -12.19 1.02
N GLY A 65 2.10 -12.21 -0.15
CA GLY A 65 0.98 -13.09 -0.40
C GLY A 65 1.18 -13.90 -1.67
N ASP A 66 0.08 -14.55 -2.07
CA ASP A 66 0.09 -15.56 -3.11
C ASP A 66 -1.36 -15.87 -3.45
N LEU A 67 -1.50 -16.77 -4.44
CA LEU A 67 -2.78 -17.14 -5.01
C LEU A 67 -2.82 -18.59 -5.45
N GLY A 68 -1.71 -19.08 -6.02
CA GLY A 68 -1.64 -20.44 -6.51
C GLY A 68 -2.68 -20.66 -7.63
N GLU A 69 -3.73 -21.39 -7.28
CA GLU A 69 -4.79 -21.76 -8.19
C GLU A 69 -5.99 -20.82 -8.13
N ASN A 70 -5.74 -19.58 -7.67
CA ASN A 70 -6.79 -18.59 -7.50
C ASN A 70 -6.69 -17.53 -8.60
N PRO A 71 -7.49 -17.70 -9.67
CA PRO A 71 -7.41 -16.77 -10.80
C PRO A 71 -7.95 -15.38 -10.49
N GLY A 72 -8.83 -15.31 -9.50
CA GLY A 72 -9.41 -14.07 -9.02
C GLY A 72 -8.93 -13.72 -7.61
N PRO A 73 -7.68 -13.28 -7.49
CA PRO A 73 -7.18 -12.86 -6.19
C PRO A 73 -7.84 -11.52 -5.79
N ALA A 74 -7.39 -11.03 -4.62
CA ALA A 74 -7.91 -9.81 -4.04
C ALA A 74 -6.98 -8.61 -4.21
N LEU A 75 -5.66 -8.89 -4.27
CA LEU A 75 -4.64 -7.86 -4.37
C LEU A 75 -4.53 -7.39 -5.83
N GLY A 76 -4.17 -8.37 -6.70
CA GLY A 76 -4.02 -8.09 -8.12
C GLY A 76 -2.90 -7.09 -8.46
N GLY A 77 -1.91 -7.03 -7.56
CA GLY A 77 -0.80 -6.12 -7.70
C GLY A 77 -0.66 -5.22 -6.49
N TRP A 78 0.42 -4.42 -6.50
CA TRP A 78 0.57 -3.38 -5.52
C TRP A 78 -0.70 -2.51 -5.55
N SER A 79 -1.00 -1.92 -4.38
CA SER A 79 -2.12 -1.01 -4.26
C SER A 79 -2.03 -0.32 -2.89
N SER A 80 -2.70 0.84 -2.80
CA SER A 80 -2.77 1.59 -1.57
C SER A 80 -4.08 1.23 -0.83
N TYR A 81 -3.94 0.97 0.48
CA TYR A 81 -5.06 0.64 1.33
C TYR A 81 -5.36 1.80 2.29
N LEU A 82 -6.47 2.47 1.99
CA LEU A 82 -6.94 3.61 2.76
C LEU A 82 -7.90 3.12 3.84
N SER A 83 -7.83 3.77 5.00
CA SER A 83 -8.64 3.39 6.16
C SER A 83 -9.98 4.14 6.13
N VAL A 84 -11.06 3.36 6.17
CA VAL A 84 -12.40 3.88 6.11
C VAL A 84 -13.05 3.78 7.50
N ASP A 85 -14.12 4.59 7.66
CA ASP A 85 -14.92 4.56 8.89
C ASP A 85 -15.37 3.15 9.23
N ASP A 86 -15.69 2.38 8.18
CA ASP A 86 -16.18 1.03 8.34
C ASP A 86 -16.24 0.36 6.97
N ALA A 87 -16.06 -0.96 6.99
CA ALA A 87 -16.17 -1.74 5.77
C ALA A 87 -17.44 -1.36 5.01
N ASP A 88 -18.53 -1.32 5.77
CA ASP A 88 -19.83 -1.03 5.21
C ASP A 88 -19.99 0.45 4.89
N ALA A 89 -19.38 1.31 5.71
CA ALA A 89 -19.45 2.75 5.50
C ALA A 89 -19.03 3.07 4.07
N ALA A 90 -17.81 2.63 3.73
CA ALA A 90 -17.26 2.94 2.42
C ALA A 90 -18.19 2.38 1.35
N ALA A 91 -18.46 1.08 1.46
CA ALA A 91 -19.29 0.39 0.48
C ALA A 91 -20.64 1.10 0.26
N ALA A 92 -21.17 1.65 1.35
CA ALA A 92 -22.46 2.32 1.35
C ALA A 92 -22.41 3.67 0.63
N ALA A 93 -21.24 4.31 0.71
CA ALA A 93 -21.04 5.59 0.06
C ALA A 93 -20.65 5.40 -1.40
N VAL A 94 -20.06 4.25 -1.74
CA VAL A 94 -19.73 3.96 -3.12
C VAL A 94 -20.89 4.35 -4.05
N PRO A 95 -22.08 3.78 -3.85
CA PRO A 95 -23.20 4.08 -4.74
C PRO A 95 -23.68 5.53 -4.65
N GLU A 96 -23.47 6.16 -3.48
CA GLU A 96 -23.88 7.53 -3.26
C GLU A 96 -23.15 8.49 -4.21
N LEU A 97 -21.92 8.11 -4.59
CA LEU A 97 -21.11 8.92 -5.47
C LEU A 97 -21.31 8.54 -6.94
N GLY A 98 -21.75 7.30 -7.13
CA GLY A 98 -22.00 6.74 -8.44
C GLY A 98 -20.97 5.71 -8.89
N GLY A 99 -20.35 5.04 -7.91
CA GLY A 99 -19.43 3.97 -8.20
C GLY A 99 -20.12 2.61 -8.08
N ALA A 100 -19.28 1.57 -8.12
CA ALA A 100 -19.73 0.19 -8.09
C ALA A 100 -18.78 -0.61 -7.20
N VAL A 101 -19.37 -1.45 -6.34
CA VAL A 101 -18.60 -2.36 -5.50
C VAL A 101 -18.28 -3.61 -6.32
N LEU A 102 -17.02 -4.05 -6.20
CA LEU A 102 -16.56 -5.22 -6.91
C LEU A 102 -16.34 -6.43 -5.99
N LEU A 103 -15.81 -6.14 -4.79
CA LEU A 103 -15.59 -7.16 -3.79
C LEU A 103 -16.22 -6.70 -2.46
N GLY A 104 -16.32 -7.67 -1.54
CA GLY A 104 -16.86 -7.41 -0.24
C GLY A 104 -18.39 -7.31 -0.24
N PRO A 105 -18.96 -7.18 0.95
CA PRO A 105 -18.28 -7.24 2.23
C PRO A 105 -17.76 -8.66 2.50
N ILE A 106 -16.51 -8.74 3.00
CA ILE A 106 -15.88 -10.00 3.35
C ILE A 106 -15.31 -9.90 4.75
N ASP A 107 -15.39 -11.03 5.48
CA ASP A 107 -14.88 -11.13 6.84
C ASP A 107 -13.67 -12.07 6.84
N ILE A 108 -12.48 -11.46 6.92
CA ILE A 108 -11.25 -12.23 6.93
C ILE A 108 -10.94 -12.59 8.39
N LEU A 109 -11.33 -13.82 8.76
CA LEU A 109 -11.05 -14.38 10.07
C LEU A 109 -11.52 -13.46 11.21
N ALA A 110 -12.58 -12.67 10.89
CA ALA A 110 -13.14 -11.70 11.82
C ALA A 110 -12.07 -10.77 12.40
N GLN A 111 -10.99 -10.57 11.63
CA GLN A 111 -9.88 -9.75 12.08
C GLN A 111 -9.83 -8.44 11.32
N GLY A 112 -10.19 -8.49 10.04
CA GLY A 112 -10.21 -7.34 9.16
C GLY A 112 -11.17 -7.61 8.01
N ARG A 113 -11.65 -6.49 7.44
CA ARG A 113 -12.51 -6.49 6.27
C ARG A 113 -11.94 -5.50 5.26
N MET A 114 -11.82 -5.96 4.01
CA MET A 114 -11.37 -5.13 2.91
C MET A 114 -12.27 -5.40 1.71
N LEU A 115 -12.40 -4.39 0.86
CA LEU A 115 -13.25 -4.49 -0.31
C LEU A 115 -12.73 -3.50 -1.35
N LEU A 116 -13.06 -3.78 -2.62
CA LEU A 116 -12.65 -2.93 -3.73
C LEU A 116 -13.89 -2.29 -4.38
N ALA A 117 -13.67 -1.11 -4.95
CA ALA A 117 -14.69 -0.30 -5.58
C ALA A 117 -14.10 0.44 -6.78
N GLY A 118 -15.00 1.15 -7.48
CA GLY A 118 -14.64 1.91 -8.65
C GLY A 118 -15.49 1.48 -9.85
N ASP A 119 -14.81 1.33 -10.99
CA ASP A 119 -15.46 1.00 -12.25
C ASP A 119 -15.34 -0.50 -12.53
N PRO A 120 -16.27 -1.02 -13.33
CA PRO A 120 -16.30 -2.45 -13.64
C PRO A 120 -15.13 -2.91 -14.51
N SER A 121 -14.35 -1.94 -15.01
CA SER A 121 -13.11 -2.24 -15.70
C SER A 121 -12.16 -3.11 -14.85
N GLY A 122 -12.34 -3.07 -13.52
CA GLY A 122 -11.52 -3.85 -12.63
C GLY A 122 -10.66 -3.01 -11.68
N HIS A 123 -11.11 -1.79 -11.42
CA HIS A 123 -10.41 -0.89 -10.53
C HIS A 123 -10.42 -1.46 -9.10
N ARG A 124 -9.20 -1.62 -8.55
CA ARG A 124 -9.06 -2.18 -7.22
C ARG A 124 -8.48 -1.10 -6.30
N VAL A 125 -9.34 -0.69 -5.34
CA VAL A 125 -9.00 0.35 -4.39
C VAL A 125 -8.93 -0.28 -2.99
N GLY A 126 -7.72 -0.35 -2.42
CA GLY A 126 -7.56 -0.96 -1.12
C GLY A 126 -8.31 -0.15 -0.05
N LEU A 127 -9.15 -0.85 0.70
CA LEU A 127 -9.96 -0.26 1.75
C LEU A 127 -9.87 -1.16 2.98
N TRP A 128 -9.52 -0.56 4.12
CA TRP A 128 -9.38 -1.25 5.39
C TRP A 128 -10.25 -0.56 6.43
N GLN A 129 -10.72 -1.35 7.41
CA GLN A 129 -11.64 -0.89 8.45
C GLN A 129 -10.86 -0.66 9.76
N ALA A 130 -10.61 0.61 10.09
CA ALA A 130 -9.85 0.92 11.29
C ALA A 130 -10.77 0.86 12.52
N LYS A 131 -10.51 -0.16 13.35
CA LYS A 131 -11.27 -0.41 14.56
C LYS A 131 -10.44 -0.32 15.84
N GLU A 132 -9.19 -0.82 15.76
CA GLU A 132 -8.26 -0.83 16.86
C GLU A 132 -7.14 0.19 16.70
N HIS A 133 -6.59 0.25 15.47
CA HIS A 133 -5.51 1.17 15.15
C HIS A 133 -5.55 1.47 13.66
N THR A 134 -4.75 2.47 13.28
CA THR A 134 -4.64 2.91 11.91
C THR A 134 -3.35 2.38 11.22
N GLY A 135 -3.01 1.14 11.57
CA GLY A 135 -1.88 0.44 10.96
C GLY A 135 -0.60 1.29 10.98
N SER A 136 -0.09 1.49 12.21
CA SER A 136 1.15 2.24 12.39
C SER A 136 2.31 1.27 12.61
N GLY A 137 3.00 0.93 11.50
CA GLY A 137 4.17 0.09 11.60
C GLY A 137 5.34 0.84 12.24
N PRO A 138 6.36 0.08 12.62
CA PRO A 138 7.54 0.66 13.22
C PRO A 138 8.34 1.49 12.21
N ASP A 139 8.85 2.62 12.71
CA ASP A 139 9.63 3.55 11.91
C ASP A 139 11.10 3.13 11.96
N ASP A 140 11.47 2.29 10.99
CA ASP A 140 12.82 1.79 10.86
C ASP A 140 13.66 2.63 9.90
N GLY A 141 13.23 3.89 9.73
CA GLY A 141 13.88 4.77 8.77
C GLY A 141 13.71 4.21 7.35
N ILE A 142 14.83 3.74 6.80
CA ILE A 142 14.86 3.22 5.45
C ILE A 142 14.26 1.80 5.43
N GLY A 143 13.60 1.47 4.31
CA GLY A 143 12.96 0.19 4.15
C GLY A 143 11.48 0.18 4.52
N ALA A 144 11.13 1.05 5.49
CA ALA A 144 9.75 1.14 5.92
C ALA A 144 8.92 1.82 4.82
N TYR A 145 7.60 1.64 4.94
CA TYR A 145 6.66 2.34 4.10
C TYR A 145 6.94 3.86 4.19
N THR A 146 6.44 4.58 3.17
CA THR A 146 6.60 6.01 3.10
C THR A 146 5.26 6.75 3.15
N ARG A 147 4.40 6.43 2.17
CA ARG A 147 3.10 7.07 2.03
C ARG A 147 2.28 6.25 1.05
N SER A 148 1.00 6.63 0.92
CA SER A 148 0.08 6.01 -0.03
C SER A 148 -0.56 7.06 -0.93
N GLU A 149 -0.44 6.81 -2.24
CA GLU A 149 -0.98 7.64 -3.27
C GLU A 149 -1.28 6.75 -4.48
N LEU A 150 -2.18 7.29 -5.32
CA LEU A 150 -2.63 6.66 -6.55
C LEU A 150 -2.46 7.66 -7.70
N LEU A 151 -2.06 7.11 -8.85
CA LEU A 151 -1.86 7.88 -10.05
C LEU A 151 -3.01 7.54 -11.03
N THR A 152 -3.96 8.46 -11.14
CA THR A 152 -5.11 8.29 -11.99
C THR A 152 -5.22 9.45 -12.97
N GLY A 153 -5.73 9.15 -14.17
CA GLY A 153 -5.86 10.15 -15.21
C GLY A 153 -7.13 10.99 -15.10
N ALA A 154 -7.44 11.43 -13.87
CA ALA A 154 -8.69 12.13 -13.59
C ALA A 154 -8.82 12.40 -12.09
N SER A 155 -7.93 13.25 -11.57
CA SER A 155 -7.96 13.63 -10.17
C SER A 155 -9.32 14.20 -9.78
N ALA A 156 -9.89 15.01 -10.67
CA ALA A 156 -11.18 15.62 -10.41
C ALA A 156 -12.24 14.59 -10.02
N THR A 157 -12.14 13.40 -10.65
CA THR A 157 -13.05 12.31 -10.37
C THR A 157 -12.64 11.57 -9.10
N ASP A 158 -11.38 11.13 -9.06
CA ASP A 158 -10.94 10.32 -7.94
C ASP A 158 -11.10 11.07 -6.62
N GLY A 159 -10.77 12.35 -6.63
CA GLY A 159 -10.93 13.16 -5.44
C GLY A 159 -12.33 13.02 -4.85
N ALA A 160 -13.32 12.99 -5.75
CA ALA A 160 -14.70 12.83 -5.35
C ALA A 160 -14.95 11.49 -4.66
N PHE A 161 -14.28 10.45 -5.17
CA PHE A 161 -14.37 9.12 -4.58
C PHE A 161 -13.84 9.15 -3.14
N TYR A 162 -12.70 9.82 -2.96
CA TYR A 162 -12.08 9.86 -1.65
C TYR A 162 -12.91 10.71 -0.69
N ARG A 163 -13.28 11.91 -1.15
CA ARG A 163 -14.05 12.79 -0.29
C ARG A 163 -15.41 12.21 0.09
N GLY A 164 -15.87 11.23 -0.70
CA GLY A 164 -17.12 10.57 -0.46
C GLY A 164 -17.02 9.39 0.52
N LEU A 165 -15.97 8.56 0.33
CA LEU A 165 -15.87 7.37 1.15
C LEU A 165 -15.16 7.65 2.49
N PHE A 166 -14.37 8.73 2.48
CA PHE A 166 -13.56 9.15 3.61
C PHE A 166 -13.94 10.54 4.10
N GLY A 167 -13.95 11.48 3.14
CA GLY A 167 -14.33 12.83 3.46
C GLY A 167 -15.69 12.91 4.13
N ALA A 168 -15.93 14.11 4.71
CA ALA A 168 -17.13 14.38 5.47
C ALA A 168 -18.41 14.19 4.66
N ASP A 169 -18.27 14.29 3.33
CA ASP A 169 -19.38 14.04 2.42
C ASP A 169 -20.13 12.76 2.79
N PHE A 170 -19.41 11.77 3.33
CA PHE A 170 -20.04 10.52 3.68
C PHE A 170 -21.22 10.74 4.63
N ALA A 171 -21.00 11.66 5.58
CA ALA A 171 -22.00 12.00 6.58
C ALA A 171 -22.91 13.18 6.22
N THR A 172 -22.43 13.98 5.24
CA THR A 172 -23.21 15.06 4.70
C THR A 172 -23.84 15.89 5.83
N GLU A 173 -22.94 16.41 6.68
CA GLU A 173 -23.32 17.21 7.85
C GLU A 173 -22.46 18.46 7.90
N SER A 174 -21.33 18.37 8.61
CA SER A 174 -20.45 19.48 8.86
C SER A 174 -19.18 18.93 9.53
N GLY A 175 -18.14 19.77 9.51
CA GLY A 175 -16.88 19.44 10.15
C GLY A 175 -15.71 20.09 9.43
N THR A 176 -15.11 21.09 10.10
CA THR A 176 -13.97 21.83 9.59
C THR A 176 -12.65 21.22 10.09
N ASP A 177 -12.57 19.89 9.98
CA ASP A 177 -11.40 19.14 10.39
C ASP A 177 -10.82 18.43 9.17
N GLY A 178 -9.48 18.48 9.09
CA GLY A 178 -8.76 17.88 7.98
C GLY A 178 -9.11 16.40 7.80
N GLY A 179 -8.91 15.67 8.92
CA GLY A 179 -9.12 14.25 8.97
C GLY A 179 -7.80 13.51 9.15
N GLY A 180 -7.88 12.39 9.91
CA GLY A 180 -6.73 11.56 10.13
C GLY A 180 -6.33 10.71 8.91
N ARG A 181 -7.35 10.41 8.10
CA ARG A 181 -7.15 9.65 6.88
C ARG A 181 -6.08 10.33 6.02
N ARG A 182 -5.24 9.49 5.40
CA ARG A 182 -4.13 9.95 4.59
C ARG A 182 -4.27 9.33 3.19
N ALA A 183 -4.19 10.19 2.17
CA ALA A 183 -4.26 9.75 0.78
C ALA A 183 -3.92 10.95 -0.11
N ALA A 184 -3.57 10.61 -1.36
CA ALA A 184 -3.32 11.61 -2.39
C ALA A 184 -3.52 10.95 -3.75
N ILE A 185 -4.09 11.73 -4.67
CA ILE A 185 -4.33 11.32 -6.04
C ILE A 185 -3.76 12.39 -6.97
N ARG A 186 -2.67 12.01 -7.65
CA ARG A 186 -2.04 12.90 -8.62
C ARG A 186 -2.55 12.55 -10.03
N GLN A 187 -2.72 13.62 -10.82
CA GLN A 187 -3.12 13.58 -12.21
C GLN A 187 -1.84 13.50 -13.07
N VAL A 188 -1.74 12.39 -13.81
CA VAL A 188 -0.66 12.10 -14.74
C VAL A 188 -1.20 11.09 -15.76
N GLY A 189 -0.33 10.78 -16.75
CA GLY A 189 -0.60 9.74 -17.72
C GLY A 189 0.45 9.71 -18.83
N PRO A 190 0.62 10.85 -19.52
CA PRO A 190 1.59 10.86 -20.62
C PRO A 190 3.04 10.83 -20.13
N ALA A 191 3.29 11.58 -19.03
CA ALA A 191 4.63 11.72 -18.50
C ALA A 191 4.85 10.96 -17.19
N ALA A 192 3.95 9.99 -16.93
CA ALA A 192 4.04 9.20 -15.71
C ALA A 192 3.03 8.03 -15.82
N PRO A 193 3.34 6.93 -15.15
CA PRO A 193 2.46 5.76 -15.13
C PRO A 193 1.16 6.06 -14.38
N SER A 194 0.28 5.04 -14.42
CA SER A 194 -0.99 5.08 -13.74
C SER A 194 -1.19 3.75 -13.00
N GLY A 195 -1.87 3.88 -11.84
CA GLY A 195 -2.17 2.75 -11.00
C GLY A 195 -1.93 3.06 -9.53
N TRP A 196 -2.33 2.09 -8.70
CA TRP A 196 -2.25 2.17 -7.26
C TRP A 196 -0.92 1.58 -6.80
N TYR A 197 -0.07 2.41 -6.21
CA TYR A 197 1.22 1.91 -5.74
C TYR A 197 1.81 2.92 -4.76
N PRO A 198 1.84 2.56 -3.46
CA PRO A 198 2.39 3.47 -2.49
C PRO A 198 3.89 3.63 -2.65
N CYS A 199 4.41 4.60 -1.88
CA CYS A 199 5.80 4.92 -1.83
C CYS A 199 6.48 4.13 -0.70
N PHE A 200 7.77 3.86 -0.93
CA PHE A 200 8.59 3.02 -0.08
C PHE A 200 9.96 3.69 0.08
N ARG A 201 10.52 3.62 1.28
CA ARG A 201 11.80 4.25 1.56
C ARG A 201 12.96 3.32 1.17
N ALA A 202 13.96 3.90 0.50
CA ALA A 202 15.13 3.12 0.09
C ALA A 202 16.24 4.09 -0.29
N GLN A 203 17.48 3.61 -0.08
CA GLN A 203 18.66 4.39 -0.42
C GLN A 203 18.84 4.44 -1.94
N GLU A 204 19.70 5.37 -2.38
CA GLU A 204 20.00 5.49 -3.80
C GLU A 204 20.50 4.17 -4.37
N SER A 205 21.26 3.41 -3.57
CA SER A 205 21.82 2.15 -4.03
C SER A 205 20.76 1.10 -4.35
N ALA A 206 19.54 1.31 -3.85
CA ALA A 206 18.43 0.41 -4.11
C ALA A 206 17.93 0.55 -5.55
N VAL A 207 17.99 1.78 -6.07
CA VAL A 207 17.58 2.03 -7.45
C VAL A 207 18.19 0.98 -8.38
N PRO A 208 19.53 0.91 -8.47
CA PRO A 208 20.14 -0.05 -9.37
C PRO A 208 19.97 -1.49 -8.90
N ALA A 209 19.77 -1.70 -7.61
CA ALA A 209 19.51 -3.02 -7.08
C ALA A 209 18.39 -3.71 -7.86
N ALA A 210 17.44 -2.91 -8.35
CA ALA A 210 16.34 -3.47 -9.12
C ALA A 210 16.77 -3.71 -10.57
N VAL A 211 17.50 -2.73 -11.11
CA VAL A 211 17.97 -2.79 -12.48
C VAL A 211 18.71 -4.09 -12.75
N MET A 212 19.68 -4.40 -11.89
CA MET A 212 20.50 -5.59 -12.08
C MET A 212 19.68 -6.87 -12.25
N LEU A 213 18.51 -6.90 -11.61
CA LEU A 213 17.62 -8.05 -11.66
C LEU A 213 16.75 -8.08 -12.92
N GLY A 214 16.57 -6.89 -13.50
CA GLY A 214 15.78 -6.71 -14.70
C GLY A 214 14.56 -5.81 -14.53
N ALA A 215 14.63 -4.88 -13.58
CA ALA A 215 13.56 -3.93 -13.38
C ALA A 215 13.44 -2.99 -14.60
N SER A 216 12.29 -2.32 -14.63
CA SER A 216 11.94 -1.42 -15.71
C SER A 216 11.67 -0.02 -15.15
N VAL A 217 12.34 0.98 -15.72
CA VAL A 217 12.15 2.36 -15.33
C VAL A 217 11.01 2.97 -16.16
N LEU A 218 10.12 3.68 -15.45
CA LEU A 218 9.02 4.37 -16.11
C LEU A 218 9.09 5.87 -15.83
N LEU A 219 9.17 6.21 -14.51
CA LEU A 219 9.08 7.59 -14.09
C LEU A 219 9.93 7.76 -12.83
N ARG A 220 10.88 8.69 -12.88
CA ARG A 220 11.77 8.92 -11.76
C ARG A 220 11.96 10.42 -11.46
N TYR A 221 10.81 11.10 -11.32
CA TYR A 221 10.79 12.53 -11.05
C TYR A 221 9.33 12.92 -10.79
N ASP A 222 9.13 14.23 -10.57
CA ASP A 222 7.80 14.81 -10.38
C ASP A 222 7.14 14.26 -9.11
N CYS A 223 7.72 14.67 -7.98
CA CYS A 223 7.23 14.27 -6.67
C CYS A 223 7.26 15.45 -5.72
N PRO A 224 6.40 15.39 -4.69
CA PRO A 224 6.28 16.50 -3.75
C PRO A 224 7.53 16.71 -2.89
N ASP A 225 8.26 15.61 -2.69
CA ASP A 225 9.50 15.58 -1.93
C ASP A 225 10.74 15.79 -2.80
N GLY A 226 10.57 15.78 -4.12
CA GLY A 226 11.64 15.97 -5.07
C GLY A 226 12.00 14.67 -5.81
N PRO A 227 13.04 13.98 -5.33
CA PRO A 227 13.51 12.79 -6.03
C PRO A 227 12.46 11.66 -5.93
N ALA A 228 12.21 11.03 -7.09
CA ALA A 228 11.24 9.96 -7.19
C ALA A 228 11.82 8.85 -8.05
N VAL A 229 11.40 7.60 -7.76
CA VAL A 229 11.87 6.46 -8.51
C VAL A 229 10.73 5.44 -8.60
N VAL A 230 10.15 5.31 -9.79
CA VAL A 230 9.08 4.36 -10.01
C VAL A 230 9.59 3.30 -11.00
N VAL A 231 9.77 2.10 -10.46
CA VAL A 231 10.18 0.93 -11.23
C VAL A 231 9.04 -0.09 -11.26
N SER A 232 8.96 -0.73 -12.43
CA SER A 232 8.01 -1.79 -12.68
C SER A 232 8.74 -3.15 -12.64
N ALA A 233 8.06 -4.09 -11.99
CA ALA A 233 8.55 -5.44 -11.81
C ALA A 233 8.24 -6.28 -13.05
N PRO A 234 9.05 -7.33 -13.27
CA PRO A 234 8.92 -8.11 -14.49
C PRO A 234 7.57 -8.82 -14.60
N GLY A 235 7.00 -9.16 -13.43
CA GLY A 235 5.71 -9.80 -13.38
C GLY A 235 4.52 -8.92 -13.74
N GLY A 236 4.72 -7.58 -13.67
CA GLY A 236 3.66 -6.65 -13.95
C GLY A 236 3.27 -5.75 -12.78
N GLU A 237 4.11 -5.72 -11.75
CA GLU A 237 3.84 -4.95 -10.55
C GLU A 237 4.48 -3.57 -10.70
N VAL A 238 4.01 -2.59 -9.91
CA VAL A 238 4.51 -1.24 -9.98
C VAL A 238 4.60 -0.69 -8.56
N PHE A 239 5.71 -0.02 -8.25
CA PHE A 239 5.94 0.53 -6.93
C PHE A 239 6.86 1.73 -7.02
N THR A 240 6.77 2.60 -5.99
CA THR A 240 7.52 3.84 -5.97
C THR A 240 8.48 3.88 -4.78
N LEU A 241 9.68 4.41 -5.06
CA LEU A 241 10.75 4.52 -4.11
C LEU A 241 11.10 6.00 -3.91
N LEU A 242 11.48 6.27 -2.66
CA LEU A 242 11.88 7.60 -2.22
C LEU A 242 13.18 7.47 -1.43
N LEU A 243 14.18 8.21 -1.90
CA LEU A 243 15.51 8.25 -1.30
C LEU A 243 15.50 9.25 -0.14
N THR A 244 15.76 8.74 1.07
CA THR A 244 15.87 9.54 2.27
C THR A 244 16.79 8.79 3.25
N ASP A 245 17.12 9.51 4.32
CA ASP A 245 17.99 9.07 5.39
C ASP A 245 17.91 10.17 6.50
N GLY A 1 -26.30 -3.36 34.46
CA GLY A 1 -25.21 -2.44 34.06
C GLY A 1 -23.93 -3.28 33.91
N SER A 2 -22.92 -2.67 33.28
CA SER A 2 -21.64 -3.31 33.08
C SER A 2 -20.53 -2.29 33.37
N HIS A 3 -19.35 -2.83 33.69
CA HIS A 3 -18.19 -2.03 34.05
C HIS A 3 -16.95 -2.49 33.25
N MET A 4 -17.08 -2.35 31.92
CA MET A 4 -16.00 -2.71 31.03
C MET A 4 -15.17 -1.46 30.68
N SER A 5 -13.91 -1.73 30.28
CA SER A 5 -13.00 -0.70 29.83
C SER A 5 -13.19 -0.46 28.32
N HIS A 6 -12.58 0.65 27.87
CA HIS A 6 -12.65 1.10 26.49
C HIS A 6 -11.74 2.32 26.33
N ASP A 7 -10.66 2.14 25.55
CA ASP A 7 -9.71 3.20 25.27
C ASP A 7 -9.09 2.92 23.90
N ALA A 8 -8.93 3.99 23.11
CA ALA A 8 -8.35 3.89 21.78
C ALA A 8 -6.98 4.58 21.74
N VAL A 9 -6.10 4.05 20.90
CA VAL A 9 -4.75 4.57 20.77
C VAL A 9 -4.66 5.45 19.52
N ARG A 10 -3.77 6.46 19.62
CA ARG A 10 -3.55 7.42 18.55
C ARG A 10 -2.06 7.42 18.19
N PRO A 11 -1.70 6.64 17.16
CA PRO A 11 -0.32 6.60 16.71
C PRO A 11 0.07 7.91 16.00
N ALA A 12 1.38 7.98 15.72
CA ALA A 12 1.93 9.13 15.02
C ALA A 12 1.50 9.08 13.54
N PRO A 13 0.77 10.11 13.09
CA PRO A 13 0.40 10.16 11.70
C PRO A 13 1.62 10.56 10.86
N GLY A 14 1.55 10.19 9.56
CA GLY A 14 2.60 10.50 8.64
C GLY A 14 3.30 9.28 8.03
N GLU A 15 3.39 8.22 8.85
CA GLU A 15 4.04 6.99 8.43
C GLU A 15 3.11 6.17 7.54
N PRO A 16 3.72 5.38 6.65
CA PRO A 16 2.97 4.49 5.78
C PRO A 16 2.33 3.36 6.61
N THR A 17 1.27 2.78 6.00
CA THR A 17 0.45 1.78 6.67
C THR A 17 1.07 0.38 6.49
N TRP A 18 0.94 -0.12 5.25
CA TRP A 18 1.40 -1.43 4.85
C TRP A 18 1.35 -1.50 3.33
N VAL A 19 2.02 -2.51 2.78
CA VAL A 19 2.07 -2.77 1.36
C VAL A 19 2.14 -4.28 1.16
N ASP A 20 1.17 -4.82 0.40
CA ASP A 20 1.09 -6.24 0.10
C ASP A 20 1.20 -6.45 -1.41
N LEU A 21 2.10 -7.35 -1.79
CA LEU A 21 2.32 -7.69 -3.19
C LEU A 21 2.18 -9.21 -3.35
N LEU A 22 1.12 -9.57 -4.07
CA LEU A 22 0.84 -10.95 -4.44
C LEU A 22 1.64 -11.31 -5.69
N THR A 23 1.99 -12.61 -5.77
CA THR A 23 2.72 -13.12 -6.91
C THR A 23 2.24 -14.51 -7.26
N PRO A 24 2.38 -14.89 -8.54
CA PRO A 24 1.96 -16.22 -8.97
C PRO A 24 2.83 -17.32 -8.35
N ASP A 25 4.13 -17.01 -8.22
CA ASP A 25 5.10 -17.95 -7.73
C ASP A 25 5.94 -17.32 -6.64
N ARG A 26 5.51 -17.48 -5.39
CA ARG A 26 6.22 -16.87 -4.27
C ARG A 26 7.70 -17.22 -4.34
N GLY A 27 7.99 -18.50 -4.63
CA GLY A 27 9.36 -18.93 -4.70
C GLY A 27 10.23 -18.10 -5.63
N ALA A 28 9.65 -17.75 -6.80
CA ALA A 28 10.36 -17.00 -7.80
C ALA A 28 10.36 -15.51 -7.46
N ALA A 29 9.22 -15.03 -6.95
CA ALA A 29 9.11 -13.64 -6.59
C ALA A 29 10.21 -13.23 -5.62
N LEU A 30 10.46 -14.08 -4.63
CA LEU A 30 11.47 -13.79 -3.65
C LEU A 30 12.86 -13.66 -4.28
N GLN A 31 13.05 -14.28 -5.46
CA GLN A 31 14.30 -14.19 -6.16
C GLN A 31 14.45 -12.85 -6.92
N PHE A 32 13.32 -12.37 -7.47
CA PHE A 32 13.30 -11.11 -8.19
C PHE A 32 13.16 -9.93 -7.23
N TYR A 33 12.02 -9.86 -6.54
CA TYR A 33 11.74 -8.74 -5.68
C TYR A 33 12.87 -8.50 -4.68
N SER A 34 13.28 -9.59 -4.02
CA SER A 34 14.31 -9.45 -3.01
C SER A 34 15.66 -9.06 -3.61
N ALA A 35 15.87 -9.34 -4.90
CA ALA A 35 17.08 -8.95 -5.59
C ALA A 35 17.15 -7.45 -5.89
N LEU A 36 16.02 -6.76 -5.76
CA LEU A 36 15.97 -5.34 -6.04
C LEU A 36 16.47 -4.55 -4.82
N PHE A 37 15.92 -4.94 -3.66
CA PHE A 37 16.23 -4.30 -2.40
C PHE A 37 17.40 -4.97 -1.65
N GLY A 38 17.51 -6.28 -1.81
CA GLY A 38 18.53 -7.09 -1.17
C GLY A 38 18.13 -7.54 0.23
N TRP A 39 16.88 -8.03 0.33
CA TRP A 39 16.33 -8.50 1.57
C TRP A 39 16.57 -10.01 1.73
N GLU A 40 16.18 -10.52 2.91
CA GLU A 40 16.31 -11.92 3.24
C GLU A 40 14.94 -12.54 3.48
N PHE A 41 14.93 -13.87 3.33
CA PHE A 41 13.74 -14.66 3.54
C PHE A 41 13.69 -15.17 4.98
N SER A 42 12.48 -15.58 5.40
CA SER A 42 12.26 -16.09 6.73
C SER A 42 11.06 -17.03 6.70
N THR A 43 11.07 -17.97 7.64
CA THR A 43 10.05 -18.99 7.76
C THR A 43 9.16 -18.71 8.97
N THR A 44 7.87 -18.99 8.81
CA THR A 44 6.91 -18.81 9.87
C THR A 44 6.71 -20.14 10.61
N SER A 45 6.15 -20.01 11.83
CA SER A 45 5.77 -21.15 12.64
C SER A 45 4.92 -22.13 11.82
N ASP A 46 4.95 -23.38 12.26
CA ASP A 46 4.18 -24.45 11.66
C ASP A 46 2.75 -24.45 12.20
N GLY A 47 1.90 -25.21 11.49
CA GLY A 47 0.51 -25.37 11.84
C GLY A 47 -0.45 -24.59 10.94
N THR A 48 0.07 -23.51 10.35
CA THR A 48 -0.67 -22.66 9.46
C THR A 48 -0.11 -22.80 8.02
N SER A 49 -0.87 -22.20 7.10
CA SER A 49 -0.51 -22.18 5.69
C SER A 49 0.90 -21.59 5.50
N PRO A 50 1.54 -21.98 4.41
CA PRO A 50 2.91 -21.53 4.14
C PRO A 50 2.97 -20.03 3.81
N TYR A 51 3.56 -19.28 4.75
CA TYR A 51 3.75 -17.84 4.62
C TYR A 51 5.25 -17.55 4.72
N THR A 52 5.67 -16.56 3.89
CA THR A 52 7.04 -16.08 3.90
C THR A 52 7.04 -14.56 4.04
N MET A 53 7.62 -14.10 5.15
CA MET A 53 7.76 -12.69 5.44
C MET A 53 9.22 -12.26 5.18
N CYS A 54 9.38 -11.40 4.17
CA CYS A 54 10.68 -10.87 3.79
C CYS A 54 11.07 -9.78 4.81
N ARG A 55 12.07 -10.10 5.61
CA ARG A 55 12.55 -9.26 6.70
C ARG A 55 14.08 -9.41 6.79
N LEU A 56 14.65 -8.54 7.63
CA LEU A 56 16.08 -8.48 7.81
C LEU A 56 16.36 -8.03 9.25
N ARG A 57 17.42 -8.59 9.85
CA ARG A 57 17.83 -8.20 11.19
C ARG A 57 16.65 -8.21 12.17
N GLY A 58 15.73 -9.18 11.97
CA GLY A 58 14.57 -9.30 12.83
C GLY A 58 13.68 -8.05 12.89
N ARG A 59 13.71 -7.27 11.80
CA ARG A 59 12.97 -6.03 11.68
C ARG A 59 11.90 -6.21 10.61
N GLU A 60 10.65 -5.93 11.02
CA GLU A 60 9.51 -5.97 10.13
C GLU A 60 9.73 -5.03 8.93
N VAL A 61 9.45 -5.57 7.74
CA VAL A 61 9.60 -4.85 6.49
C VAL A 61 8.30 -4.99 5.68
N CYS A 62 8.09 -6.19 5.13
CA CYS A 62 6.94 -6.41 4.27
C CYS A 62 6.48 -7.86 4.40
N SER A 63 5.52 -8.21 3.54
CA SER A 63 4.95 -9.54 3.48
C SER A 63 4.58 -9.82 2.02
N ILE A 64 4.76 -11.09 1.65
CA ILE A 64 4.45 -11.59 0.32
C ILE A 64 3.25 -12.54 0.42
N GLY A 65 2.44 -12.54 -0.64
CA GLY A 65 1.29 -13.39 -0.72
C GLY A 65 1.20 -14.06 -2.09
N ASP A 66 0.32 -15.06 -2.15
CA ASP A 66 0.04 -15.81 -3.37
C ASP A 66 -1.48 -15.83 -3.58
N LEU A 67 -1.87 -16.55 -4.63
CA LEU A 67 -3.24 -16.74 -5.01
C LEU A 67 -3.74 -18.18 -4.89
N GLY A 68 -2.84 -19.15 -5.01
CA GLY A 68 -3.22 -20.56 -4.97
C GLY A 68 -4.23 -20.84 -6.10
N GLU A 69 -5.49 -20.99 -5.68
CA GLU A 69 -6.58 -21.35 -6.53
C GLU A 69 -7.65 -20.25 -6.64
N ASN A 70 -7.24 -19.02 -6.31
CA ASN A 70 -8.14 -17.87 -6.31
C ASN A 70 -7.91 -17.03 -7.57
N PRO A 71 -8.81 -17.17 -8.56
CA PRO A 71 -8.64 -16.43 -9.81
C PRO A 71 -8.96 -14.95 -9.69
N GLY A 72 -9.79 -14.61 -8.68
CA GLY A 72 -10.17 -13.25 -8.39
C GLY A 72 -9.55 -12.77 -7.07
N PRO A 73 -8.26 -12.44 -7.10
CA PRO A 73 -7.61 -11.93 -5.90
C PRO A 73 -8.09 -10.51 -5.61
N ALA A 74 -7.60 -9.99 -4.47
CA ALA A 74 -7.97 -8.68 -3.98
C ALA A 74 -6.92 -7.61 -4.30
N LEU A 75 -5.64 -8.02 -4.26
CA LEU A 75 -4.52 -7.12 -4.42
C LEU A 75 -4.35 -6.71 -5.90
N GLY A 76 -4.09 -7.74 -6.74
CA GLY A 76 -3.88 -7.52 -8.14
C GLY A 76 -2.63 -6.70 -8.51
N GLY A 77 -1.64 -6.73 -7.60
CA GLY A 77 -0.40 -6.01 -7.77
C GLY A 77 -0.14 -5.10 -6.58
N TRP A 78 0.92 -4.29 -6.72
CA TRP A 78 1.24 -3.28 -5.74
C TRP A 78 0.00 -2.41 -5.52
N SER A 79 0.03 -1.72 -4.37
CA SER A 79 -1.02 -0.79 -4.01
C SER A 79 -0.63 -0.11 -2.70
N SER A 80 -1.20 1.09 -2.52
CA SER A 80 -1.05 1.88 -1.32
C SER A 80 -2.26 1.64 -0.41
N TYR A 81 -1.96 1.42 0.87
CA TYR A 81 -2.97 1.22 1.89
C TYR A 81 -3.11 2.51 2.74
N LEU A 82 -4.22 3.20 2.49
CA LEU A 82 -4.55 4.40 3.21
C LEU A 82 -5.30 4.02 4.50
N SER A 83 -5.10 4.84 5.54
CA SER A 83 -5.67 4.59 6.84
C SER A 83 -6.99 5.37 6.99
N VAL A 84 -8.06 4.59 7.21
CA VAL A 84 -9.39 5.12 7.33
C VAL A 84 -9.84 5.14 8.80
N ASP A 85 -10.88 5.97 9.05
CA ASP A 85 -11.41 6.12 10.38
C ASP A 85 -11.86 4.78 10.95
N ASP A 86 -12.42 3.96 10.04
CA ASP A 86 -12.88 2.63 10.36
C ASP A 86 -13.13 1.87 9.06
N ALA A 87 -12.94 0.55 9.13
CA ALA A 87 -13.17 -0.30 7.99
C ALA A 87 -14.53 0.03 7.37
N ASP A 88 -15.53 0.09 8.25
CA ASP A 88 -16.88 0.32 7.84
C ASP A 88 -17.12 1.78 7.47
N ALA A 89 -16.44 2.70 8.18
CA ALA A 89 -16.56 4.11 7.88
C ALA A 89 -16.33 4.33 6.39
N ALA A 90 -15.16 3.87 5.93
CA ALA A 90 -14.77 4.12 4.55
C ALA A 90 -15.82 3.49 3.63
N ALA A 91 -16.04 2.19 3.82
CA ALA A 91 -16.98 1.45 2.99
C ALA A 91 -18.35 2.14 2.92
N ALA A 92 -18.76 2.73 4.03
CA ALA A 92 -20.05 3.36 4.17
C ALA A 92 -20.12 4.69 3.40
N ALA A 93 -18.95 5.35 3.31
CA ALA A 93 -18.85 6.60 2.61
C ALA A 93 -18.65 6.37 1.11
N VAL A 94 -18.10 5.21 0.74
CA VAL A 94 -17.93 4.87 -0.66
C VAL A 94 -19.20 5.20 -1.45
N PRO A 95 -20.35 4.62 -1.08
CA PRO A 95 -21.57 4.87 -1.84
C PRO A 95 -22.05 6.32 -1.75
N GLU A 96 -21.71 7.01 -0.65
CA GLU A 96 -22.12 8.38 -0.46
C GLU A 96 -21.53 9.30 -1.53
N LEU A 97 -20.34 8.92 -2.03
CA LEU A 97 -19.66 9.70 -3.03
C LEU A 97 -20.02 9.25 -4.45
N GLY A 98 -20.50 8.01 -4.54
CA GLY A 98 -20.91 7.41 -5.78
C GLY A 98 -19.97 6.33 -6.31
N GLY A 99 -19.24 5.69 -5.37
CA GLY A 99 -18.40 4.57 -5.72
C GLY A 99 -19.09 3.25 -5.45
N ALA A 100 -18.27 2.18 -5.51
CA ALA A 100 -18.75 0.81 -5.34
C ALA A 100 -17.70 0.06 -4.52
N VAL A 101 -18.20 -0.67 -3.50
CA VAL A 101 -17.35 -1.52 -2.69
C VAL A 101 -17.20 -2.87 -3.39
N LEU A 102 -15.96 -3.35 -3.45
CA LEU A 102 -15.66 -4.60 -4.11
C LEU A 102 -15.37 -5.72 -3.11
N LEU A 103 -14.58 -5.36 -2.08
CA LEU A 103 -14.24 -6.26 -1.01
C LEU A 103 -14.65 -5.65 0.33
N GLY A 104 -14.68 -6.54 1.35
CA GLY A 104 -15.02 -6.14 2.70
C GLY A 104 -16.50 -5.79 2.84
N PRO A 105 -16.88 -5.49 4.09
CA PRO A 105 -16.04 -5.57 5.28
C PRO A 105 -15.69 -7.03 5.59
N ILE A 106 -14.39 -7.27 5.83
CA ILE A 106 -13.87 -8.58 6.20
C ILE A 106 -13.00 -8.45 7.43
N ASP A 107 -12.95 -9.55 8.21
CA ASP A 107 -12.22 -9.59 9.46
C ASP A 107 -11.08 -10.63 9.32
N ILE A 108 -9.90 -10.12 8.97
CA ILE A 108 -8.75 -10.98 8.74
C ILE A 108 -8.19 -11.36 10.11
N LEU A 109 -8.50 -12.60 10.51
CA LEU A 109 -8.00 -13.18 11.75
C LEU A 109 -8.33 -12.31 12.97
N ALA A 110 -9.42 -11.52 12.83
CA ALA A 110 -9.83 -10.57 13.84
C ALA A 110 -8.66 -9.67 14.28
N GLN A 111 -7.70 -9.47 13.37
CA GLN A 111 -6.54 -8.66 13.67
C GLN A 111 -6.60 -7.34 12.91
N GLY A 112 -7.01 -7.42 11.63
CA GLY A 112 -7.13 -6.25 10.80
C GLY A 112 -8.25 -6.44 9.79
N ARG A 113 -8.71 -5.30 9.27
CA ARG A 113 -9.70 -5.25 8.20
C ARG A 113 -9.06 -4.57 6.98
N MET A 114 -9.27 -5.21 5.83
CA MET A 114 -8.81 -4.75 4.54
C MET A 114 -9.99 -4.83 3.58
N LEU A 115 -10.21 -3.74 2.84
CA LEU A 115 -11.27 -3.73 1.84
C LEU A 115 -10.81 -2.85 0.67
N LEU A 116 -11.43 -3.08 -0.49
CA LEU A 116 -11.17 -2.32 -1.69
C LEU A 116 -12.47 -1.70 -2.21
N ALA A 117 -12.31 -0.54 -2.85
CA ALA A 117 -13.40 0.23 -3.42
C ALA A 117 -12.92 0.82 -4.76
N GLY A 118 -13.89 1.49 -5.42
CA GLY A 118 -13.65 2.09 -6.71
C GLY A 118 -14.74 1.68 -7.70
N ASP A 119 -14.31 1.50 -8.96
CA ASP A 119 -15.18 1.14 -10.04
C ASP A 119 -15.03 -0.34 -10.38
N PRO A 120 -16.07 -0.92 -10.98
CA PRO A 120 -16.06 -2.33 -11.32
C PRO A 120 -15.08 -2.69 -12.43
N SER A 121 -14.46 -1.64 -13.03
CA SER A 121 -13.40 -1.82 -14.00
C SER A 121 -12.23 -2.64 -13.44
N GLY A 122 -12.14 -2.69 -12.11
CA GLY A 122 -11.10 -3.44 -11.44
C GLY A 122 -10.14 -2.58 -10.64
N HIS A 123 -10.62 -1.39 -10.24
CA HIS A 123 -9.81 -0.46 -9.48
C HIS A 123 -9.84 -0.88 -8.01
N ARG A 124 -8.63 -1.10 -7.46
CA ARG A 124 -8.48 -1.51 -6.09
C ARG A 124 -7.75 -0.39 -5.34
N VAL A 125 -8.33 -0.02 -4.18
CA VAL A 125 -7.79 1.03 -3.34
C VAL A 125 -7.57 0.45 -1.95
N GLY A 126 -6.29 0.35 -1.55
CA GLY A 126 -5.95 -0.23 -0.27
C GLY A 126 -6.52 0.59 0.88
N LEU A 127 -7.33 -0.07 1.70
CA LEU A 127 -7.99 0.56 2.83
C LEU A 127 -7.78 -0.33 4.07
N TRP A 128 -7.05 0.21 5.04
CA TRP A 128 -6.77 -0.44 6.31
C TRP A 128 -7.32 0.42 7.45
N GLN A 129 -7.68 -0.28 8.54
CA GLN A 129 -8.29 0.32 9.71
C GLN A 129 -7.29 0.37 10.88
N ALA A 130 -6.92 1.59 11.26
CA ALA A 130 -5.93 1.80 12.30
C ALA A 130 -6.58 2.03 13.68
N LYS A 131 -6.26 1.11 14.60
CA LYS A 131 -6.80 1.07 15.94
C LYS A 131 -5.74 1.10 17.05
N GLU A 132 -4.65 0.36 16.80
CA GLU A 132 -3.52 0.23 17.70
C GLU A 132 -2.35 1.10 17.26
N HIS A 133 -2.05 1.02 15.95
CA HIS A 133 -0.97 1.80 15.38
C HIS A 133 -1.20 1.96 13.88
N THR A 134 -0.38 2.84 13.29
CA THR A 134 -0.37 3.12 11.87
C THR A 134 0.76 2.38 11.11
N GLY A 135 1.20 1.24 11.69
CA GLY A 135 2.21 0.43 11.06
C GLY A 135 3.58 1.12 11.03
N SER A 136 4.01 1.55 12.23
CA SER A 136 5.30 2.20 12.40
C SER A 136 6.41 1.30 11.83
N GLY A 137 6.91 1.70 10.66
CA GLY A 137 7.93 0.93 9.99
C GLY A 137 9.25 0.98 10.74
N PRO A 138 10.19 0.13 10.28
CA PRO A 138 11.50 0.09 10.93
C PRO A 138 12.26 1.38 10.63
N ASP A 139 12.85 1.95 11.69
CA ASP A 139 13.53 3.24 11.62
C ASP A 139 15.01 3.01 11.23
N ASP A 140 15.16 2.41 10.03
CA ASP A 140 16.45 2.03 9.51
C ASP A 140 16.76 2.71 8.18
N GLY A 141 16.05 3.83 7.94
CA GLY A 141 16.21 4.59 6.71
C GLY A 141 15.83 3.75 5.50
N ILE A 142 16.87 3.26 4.81
CA ILE A 142 16.67 2.43 3.64
C ILE A 142 16.15 1.06 4.05
N GLY A 143 15.33 0.49 3.15
CA GLY A 143 14.77 -0.82 3.38
C GLY A 143 13.30 -0.80 3.80
N ALA A 144 12.89 0.38 4.30
CA ALA A 144 11.51 0.58 4.67
C ALA A 144 10.79 1.37 3.57
N TYR A 145 9.45 1.32 3.67
CA TYR A 145 8.60 2.09 2.78
C TYR A 145 8.94 3.58 2.95
N THR A 146 8.51 4.36 1.94
CA THR A 146 8.76 5.79 1.95
C THR A 146 7.48 6.61 2.13
N ARG A 147 6.55 6.42 1.17
CA ARG A 147 5.30 7.15 1.18
C ARG A 147 4.35 6.45 0.22
N SER A 148 3.12 7.01 0.15
CA SER A 148 2.07 6.48 -0.67
C SER A 148 1.63 7.54 -1.71
N GLU A 149 1.68 7.12 -2.98
CA GLU A 149 1.31 7.94 -4.10
C GLU A 149 0.60 7.05 -5.13
N LEU A 150 -0.44 7.63 -5.72
CA LEU A 150 -1.24 6.99 -6.75
C LEU A 150 -1.27 7.90 -7.98
N LEU A 151 -1.17 7.25 -9.14
CA LEU A 151 -1.19 7.94 -10.42
C LEU A 151 -2.52 7.59 -11.11
N THR A 152 -3.45 8.56 -11.08
CA THR A 152 -4.76 8.38 -11.67
C THR A 152 -4.97 9.41 -12.76
N GLY A 153 -5.70 9.00 -13.81
CA GLY A 153 -5.98 9.88 -14.92
C GLY A 153 -7.17 10.82 -14.72
N ALA A 154 -7.29 11.35 -13.49
CA ALA A 154 -8.45 12.15 -13.09
C ALA A 154 -8.33 12.51 -11.61
N SER A 155 -7.39 13.42 -11.31
CA SER A 155 -7.18 13.86 -9.94
C SER A 155 -8.50 14.34 -9.32
N ALA A 156 -9.27 15.06 -10.13
CA ALA A 156 -10.53 15.64 -9.67
C ALA A 156 -11.46 14.56 -9.09
N THR A 157 -11.44 13.38 -9.74
CA THR A 157 -12.26 12.27 -9.32
C THR A 157 -11.72 11.64 -8.04
N ASP A 158 -10.45 11.23 -8.11
CA ASP A 158 -9.88 10.52 -6.98
C ASP A 158 -9.85 11.40 -5.74
N GLY A 159 -9.54 12.68 -5.94
CA GLY A 159 -9.57 13.62 -4.84
C GLY A 159 -10.89 13.58 -4.09
N ALA A 160 -11.98 13.50 -4.85
CA ALA A 160 -13.31 13.44 -4.28
C ALA A 160 -13.52 12.16 -3.46
N PHE A 161 -12.91 11.07 -3.95
CA PHE A 161 -12.97 9.80 -3.26
C PHE A 161 -12.24 9.89 -1.91
N TYR A 162 -11.04 10.47 -1.95
CA TYR A 162 -10.22 10.55 -0.77
C TYR A 162 -10.84 11.53 0.24
N ARG A 163 -11.25 12.69 -0.26
CA ARG A 163 -11.81 13.69 0.63
C ARG A 163 -13.12 13.24 1.29
N GLY A 164 -13.74 12.20 0.72
CA GLY A 164 -14.96 11.66 1.29
C GLY A 164 -14.71 10.54 2.30
N LEU A 165 -13.79 9.63 1.96
CA LEU A 165 -13.56 8.49 2.83
C LEU A 165 -12.64 8.84 4.00
N PHE A 166 -11.79 9.84 3.75
CA PHE A 166 -10.79 10.30 4.69
C PHE A 166 -11.05 11.75 5.08
N GLY A 167 -11.16 12.60 4.06
CA GLY A 167 -11.46 14.00 4.30
C GLY A 167 -12.65 14.14 5.25
N ALA A 168 -12.53 15.20 6.10
CA ALA A 168 -13.57 15.53 7.06
C ALA A 168 -14.61 16.47 6.44
N ASP A 169 -14.21 17.14 5.35
CA ASP A 169 -15.04 18.08 4.64
C ASP A 169 -16.43 17.51 4.40
N PHE A 170 -16.49 16.21 4.06
CA PHE A 170 -17.77 15.55 3.85
C PHE A 170 -18.84 16.03 4.85
N ALA A 171 -18.50 15.93 6.14
CA ALA A 171 -19.40 16.25 7.22
C ALA A 171 -19.06 17.56 7.93
N THR A 172 -18.05 18.26 7.40
CA THR A 172 -17.59 19.52 7.93
C THR A 172 -17.50 19.47 9.46
N GLU A 173 -16.80 18.42 9.93
CA GLU A 173 -16.61 18.18 11.35
C GLU A 173 -15.17 17.76 11.59
N SER A 174 -14.84 17.56 12.89
CA SER A 174 -13.55 17.04 13.29
C SER A 174 -12.43 18.06 13.02
N GLY A 175 -12.78 19.32 13.29
CA GLY A 175 -11.84 20.41 13.09
C GLY A 175 -10.53 20.15 13.84
N THR A 176 -10.70 19.60 15.06
CA THR A 176 -9.61 19.23 15.93
C THR A 176 -9.50 17.70 16.04
N ASP A 177 -9.22 17.09 14.89
CA ASP A 177 -8.92 15.68 14.82
C ASP A 177 -7.65 15.41 15.66
N GLY A 178 -7.38 14.10 15.78
CA GLY A 178 -6.23 13.60 16.50
C GLY A 178 -5.24 12.79 15.67
N GLY A 179 -5.75 12.13 14.62
CA GLY A 179 -4.92 11.36 13.72
C GLY A 179 -4.28 12.28 12.67
N GLY A 180 -4.26 11.78 11.41
CA GLY A 180 -3.65 12.56 10.34
C GLY A 180 -3.51 11.72 9.07
N ARG A 181 -4.62 11.71 8.31
CA ARG A 181 -4.69 11.04 7.03
C ARG A 181 -3.63 11.63 6.07
N ARG A 182 -3.07 10.75 5.25
CA ARG A 182 -2.07 11.11 4.28
C ARG A 182 -2.33 10.34 2.99
N ALA A 183 -2.06 11.00 1.85
CA ALA A 183 -2.22 10.42 0.53
C ALA A 183 -1.67 11.42 -0.49
N ALA A 184 -1.67 10.99 -1.75
CA ALA A 184 -1.24 11.82 -2.86
C ALA A 184 -1.73 11.17 -4.16
N ILE A 185 -2.31 12.02 -5.03
CA ILE A 185 -2.85 11.62 -6.31
C ILE A 185 -2.37 12.63 -7.36
N ARG A 186 -1.53 12.15 -8.28
CA ARG A 186 -1.06 12.96 -9.39
C ARG A 186 -1.80 12.53 -10.67
N GLN A 187 -2.06 13.56 -11.50
CA GLN A 187 -2.69 13.44 -12.81
C GLN A 187 -1.60 13.29 -13.89
N VAL A 188 -1.58 12.11 -14.52
CA VAL A 188 -0.69 11.78 -15.59
C VAL A 188 -1.32 10.67 -16.42
N GLY A 189 -0.63 10.30 -17.51
CA GLY A 189 -1.02 9.19 -18.35
C GLY A 189 -0.12 9.04 -19.57
N PRO A 190 -0.02 10.09 -20.38
CA PRO A 190 0.81 9.99 -21.59
C PRO A 190 2.29 9.97 -21.26
N ALA A 191 2.67 10.80 -20.28
CA ALA A 191 4.05 10.98 -19.89
C ALA A 191 4.39 10.36 -18.53
N ALA A 192 3.56 9.39 -18.10
CA ALA A 192 3.81 8.67 -16.87
C ALA A 192 2.76 7.56 -16.73
N PRO A 193 3.14 6.50 -16.02
CA PRO A 193 2.26 5.36 -15.81
C PRO A 193 1.08 5.75 -14.90
N SER A 194 0.18 4.76 -14.76
CA SER A 194 -0.99 4.89 -13.90
C SER A 194 -1.12 3.62 -13.04
N GLY A 195 -1.68 3.84 -11.84
CA GLY A 195 -1.93 2.79 -10.89
C GLY A 195 -1.45 3.16 -9.49
N TRP A 196 -1.74 2.24 -8.57
CA TRP A 196 -1.44 2.39 -7.16
C TRP A 196 -0.10 1.70 -6.83
N TYR A 197 0.89 2.52 -6.45
CA TYR A 197 2.18 1.96 -6.13
C TYR A 197 2.97 2.96 -5.28
N PRO A 198 3.13 2.64 -3.99
CA PRO A 198 3.89 3.53 -3.13
C PRO A 198 5.37 3.56 -3.54
N CYS A 199 6.05 4.55 -2.93
CA CYS A 199 7.47 4.74 -3.11
C CYS A 199 8.25 3.99 -2.03
N PHE A 200 9.51 3.70 -2.36
CA PHE A 200 10.40 2.97 -1.50
C PHE A 200 11.80 3.58 -1.58
N ARG A 201 12.54 3.46 -0.47
CA ARG A 201 13.89 3.97 -0.34
C ARG A 201 14.93 2.88 -0.62
N ALA A 202 15.91 3.21 -1.45
CA ALA A 202 17.02 2.32 -1.74
C ALA A 202 18.20 3.12 -2.27
N GLN A 203 19.37 2.44 -2.24
CA GLN A 203 20.59 3.03 -2.75
C GLN A 203 20.51 3.12 -4.28
N GLU A 204 21.37 3.98 -4.85
CA GLU A 204 21.47 4.10 -6.29
C GLU A 204 21.73 2.75 -6.95
N SER A 205 22.52 1.91 -6.28
CA SER A 205 22.87 0.60 -6.82
C SER A 205 21.66 -0.32 -7.01
N ALA A 206 20.54 0.00 -6.36
CA ALA A 206 19.33 -0.78 -6.50
C ALA A 206 18.70 -0.59 -7.89
N VAL A 207 18.88 0.61 -8.46
CA VAL A 207 18.35 0.90 -9.79
C VAL A 207 18.75 -0.20 -10.77
N PRO A 208 20.06 -0.38 -11.00
CA PRO A 208 20.47 -1.41 -11.94
C PRO A 208 20.16 -2.82 -11.45
N ALA A 209 20.08 -3.01 -10.14
CA ALA A 209 19.73 -4.30 -9.57
C ALA A 209 18.49 -4.88 -10.25
N ALA A 210 17.55 -4.00 -10.61
CA ALA A 210 16.34 -4.44 -11.28
C ALA A 210 16.59 -4.69 -12.77
N VAL A 211 17.35 -3.77 -13.37
CA VAL A 211 17.65 -3.84 -14.79
C VAL A 211 18.25 -5.21 -15.14
N MET A 212 19.27 -5.60 -14.38
CA MET A 212 19.98 -6.84 -14.65
C MET A 212 19.06 -8.06 -14.72
N LEU A 213 17.94 -8.00 -13.97
CA LEU A 213 16.97 -9.07 -13.94
C LEU A 213 16.04 -9.07 -15.16
N GLY A 214 15.94 -7.90 -15.79
CA GLY A 214 15.11 -7.70 -16.95
C GLY A 214 13.88 -6.83 -16.70
N ALA A 215 13.97 -5.96 -15.69
CA ALA A 215 12.88 -5.07 -15.39
C ALA A 215 12.61 -4.16 -16.61
N SER A 216 11.33 -3.78 -16.72
CA SER A 216 10.89 -2.92 -17.81
C SER A 216 10.84 -1.46 -17.34
N VAL A 217 11.46 -0.58 -18.13
CA VAL A 217 11.50 0.83 -17.85
C VAL A 217 10.28 1.52 -18.51
N LEU A 218 9.61 2.35 -17.70
CA LEU A 218 8.49 3.13 -18.19
C LEU A 218 8.75 4.63 -18.00
N LEU A 219 9.06 4.99 -16.75
CA LEU A 219 9.16 6.40 -16.37
C LEU A 219 10.17 6.50 -15.23
N ARG A 220 11.22 7.33 -15.46
CA ARG A 220 12.27 7.49 -14.48
C ARG A 220 12.65 8.97 -14.31
N TYR A 221 11.62 9.79 -14.06
CA TYR A 221 11.79 11.22 -13.87
C TYR A 221 10.43 11.80 -13.47
N ASP A 222 10.40 13.13 -13.32
CA ASP A 222 9.18 13.87 -13.01
C ASP A 222 8.67 13.53 -11.60
N CYS A 223 9.53 13.84 -10.60
CA CYS A 223 9.20 13.58 -9.22
C CYS A 223 9.49 14.81 -8.37
N PRO A 224 8.78 14.91 -7.24
CA PRO A 224 8.91 16.08 -6.38
C PRO A 224 10.30 16.23 -5.75
N ASP A 225 10.93 15.07 -5.56
CA ASP A 225 12.26 14.95 -5.01
C ASP A 225 13.37 14.97 -6.06
N GLY A 226 12.98 14.90 -7.33
CA GLY A 226 13.90 14.91 -8.45
C GLY A 226 14.01 13.54 -9.12
N PRO A 227 15.05 12.78 -8.77
CA PRO A 227 15.30 11.51 -9.43
C PRO A 227 14.21 10.49 -9.07
N ALA A 228 13.68 9.83 -10.12
CA ALA A 228 12.63 8.85 -9.97
C ALA A 228 12.96 7.63 -10.83
N VAL A 229 12.53 6.46 -10.37
CA VAL A 229 12.73 5.23 -11.12
C VAL A 229 11.49 4.34 -10.94
N VAL A 230 10.70 4.21 -12.01
CA VAL A 230 9.52 3.37 -12.01
C VAL A 230 9.74 2.27 -13.05
N VAL A 231 9.88 1.05 -12.53
CA VAL A 231 10.01 -0.14 -13.33
C VAL A 231 8.77 -1.03 -13.17
N SER A 232 8.48 -1.74 -14.27
CA SER A 232 7.41 -2.69 -14.37
C SER A 232 8.00 -4.11 -14.32
N ALA A 233 7.54 -4.83 -13.30
CA ALA A 233 7.94 -6.21 -13.07
C ALA A 233 7.38 -7.10 -14.18
N PRO A 234 8.05 -8.23 -14.43
CA PRO A 234 7.67 -9.08 -15.54
C PRO A 234 6.26 -9.64 -15.42
N GLY A 235 5.82 -9.83 -14.15
CA GLY A 235 4.49 -10.32 -13.88
C GLY A 235 3.36 -9.32 -14.11
N GLY A 236 3.72 -8.02 -14.20
CA GLY A 236 2.73 -7.00 -14.42
C GLY A 236 2.53 -6.03 -13.26
N GLU A 237 3.50 -6.02 -12.33
CA GLU A 237 3.45 -5.18 -11.16
C GLU A 237 4.25 -3.90 -11.43
N VAL A 238 3.96 -2.84 -10.68
CA VAL A 238 4.59 -1.55 -10.90
C VAL A 238 4.93 -0.94 -9.55
N PHE A 239 6.15 -0.37 -9.45
CA PHE A 239 6.60 0.22 -8.20
C PHE A 239 7.65 1.28 -8.49
N THR A 240 7.76 2.24 -7.55
CA THR A 240 8.68 3.36 -7.68
C THR A 240 9.81 3.32 -6.64
N LEU A 241 10.99 3.65 -7.12
CA LEU A 241 12.22 3.64 -6.36
C LEU A 241 12.79 5.07 -6.28
N LEU A 242 13.06 5.48 -5.04
CA LEU A 242 13.62 6.78 -4.74
C LEU A 242 14.94 6.60 -3.99
N LEU A 243 15.97 7.26 -4.53
CA LEU A 243 17.32 7.19 -3.99
C LEU A 243 17.44 8.23 -2.88
N THR A 244 17.67 7.74 -1.65
CA THR A 244 17.86 8.55 -0.48
C THR A 244 18.77 7.79 0.48
N ASP A 245 19.27 8.53 1.47
CA ASP A 245 20.20 8.11 2.49
C ASP A 245 20.47 9.38 3.38
N GLY A 1 -20.76 16.37 36.08
CA GLY A 1 -20.65 14.95 35.68
C GLY A 1 -19.29 14.49 36.25
N SER A 2 -19.00 13.20 36.12
CA SER A 2 -17.71 12.71 36.60
C SER A 2 -16.59 13.26 35.71
N HIS A 3 -15.36 12.87 36.08
CA HIS A 3 -14.15 13.34 35.41
C HIS A 3 -13.24 12.16 35.04
N MET A 4 -13.90 11.05 34.64
CA MET A 4 -13.17 9.88 34.23
C MET A 4 -12.34 10.17 32.96
N SER A 5 -11.26 9.38 32.82
CA SER A 5 -10.35 9.51 31.70
C SER A 5 -10.82 8.61 30.55
N HIS A 6 -10.82 9.19 29.33
CA HIS A 6 -11.31 8.50 28.15
C HIS A 6 -10.49 8.91 26.91
N ASP A 7 -9.16 8.79 27.05
CA ASP A 7 -8.25 9.17 25.99
C ASP A 7 -7.62 7.94 25.36
N ALA A 8 -7.66 7.87 24.02
CA ALA A 8 -7.08 6.79 23.25
C ALA A 8 -5.75 7.23 22.61
N VAL A 9 -4.86 6.24 22.48
CA VAL A 9 -3.55 6.46 21.88
C VAL A 9 -3.72 7.09 20.49
N ARG A 10 -2.87 8.08 20.20
CA ARG A 10 -2.88 8.81 18.95
C ARG A 10 -1.47 8.74 18.34
N PRO A 11 -1.24 7.79 17.42
CA PRO A 11 0.06 7.69 16.77
C PRO A 11 0.27 8.86 15.81
N ALA A 12 1.54 8.99 15.37
CA ALA A 12 1.93 10.08 14.50
C ALA A 12 1.49 9.77 13.07
N PRO A 13 0.61 10.60 12.50
CA PRO A 13 0.16 10.36 11.14
C PRO A 13 1.30 10.70 10.17
N GLY A 14 1.15 10.13 8.96
CA GLY A 14 2.10 10.32 7.89
C GLY A 14 2.74 9.03 7.39
N GLU A 15 2.87 8.06 8.32
CA GLU A 15 3.57 6.83 8.02
C GLU A 15 2.63 5.90 7.25
N PRO A 16 3.19 5.10 6.34
CA PRO A 16 2.41 4.16 5.55
C PRO A 16 1.80 3.07 6.45
N THR A 17 0.82 2.36 5.85
CA THR A 17 0.10 1.30 6.55
C THR A 17 0.81 -0.06 6.34
N TRP A 18 0.61 -0.62 5.13
CA TRP A 18 1.11 -1.91 4.74
C TRP A 18 1.08 -1.97 3.22
N VAL A 19 1.88 -2.89 2.67
CA VAL A 19 1.96 -3.08 1.24
C VAL A 19 2.21 -4.57 0.96
N ASP A 20 1.24 -5.22 0.29
CA ASP A 20 1.28 -6.63 -0.04
C ASP A 20 1.38 -6.77 -1.56
N LEU A 21 2.35 -7.59 -2.00
CA LEU A 21 2.53 -7.90 -3.40
C LEU A 21 2.43 -9.41 -3.62
N LEU A 22 1.37 -9.78 -4.36
CA LEU A 22 1.13 -11.15 -4.76
C LEU A 22 1.94 -11.44 -6.03
N THR A 23 2.32 -12.72 -6.15
CA THR A 23 3.07 -13.19 -7.29
C THR A 23 2.59 -14.59 -7.67
N PRO A 24 2.77 -14.94 -8.96
CA PRO A 24 2.38 -16.27 -9.44
C PRO A 24 3.29 -17.38 -8.93
N ASP A 25 4.55 -17.01 -8.68
CA ASP A 25 5.56 -17.94 -8.22
C ASP A 25 6.37 -17.29 -7.11
N ARG A 26 5.94 -17.49 -5.87
CA ARG A 26 6.63 -16.88 -4.74
C ARG A 26 8.12 -17.20 -4.81
N GLY A 27 8.44 -18.47 -5.11
CA GLY A 27 9.82 -18.88 -5.20
C GLY A 27 10.67 -17.98 -6.10
N ALA A 28 10.09 -17.65 -7.26
CA ALA A 28 10.80 -16.85 -8.24
C ALA A 28 10.76 -15.38 -7.86
N ALA A 29 9.62 -14.94 -7.34
CA ALA A 29 9.47 -13.55 -6.95
C ALA A 29 10.55 -13.15 -5.95
N LEU A 30 10.81 -14.03 -4.99
CA LEU A 30 11.81 -13.77 -3.99
C LEU A 30 13.21 -13.63 -4.59
N GLN A 31 13.40 -14.13 -5.81
CA GLN A 31 14.66 -13.99 -6.50
C GLN A 31 14.79 -12.63 -7.20
N PHE A 32 13.66 -12.17 -7.77
CA PHE A 32 13.62 -10.90 -8.46
C PHE A 32 13.45 -9.76 -7.46
N TYR A 33 12.30 -9.75 -6.77
CA TYR A 33 11.99 -8.65 -5.87
C TYR A 33 13.11 -8.44 -4.85
N SER A 34 13.54 -9.55 -4.23
CA SER A 34 14.56 -9.44 -3.22
C SER A 34 15.89 -8.94 -3.77
N ALA A 35 16.12 -9.13 -5.06
CA ALA A 35 17.33 -8.68 -5.73
C ALA A 35 17.34 -7.17 -5.99
N LEU A 36 16.16 -6.54 -5.86
CA LEU A 36 16.05 -5.11 -6.10
C LEU A 36 16.49 -4.34 -4.85
N PHE A 37 15.90 -4.76 -3.72
CA PHE A 37 16.16 -4.15 -2.44
C PHE A 37 17.35 -4.76 -1.70
N GLY A 38 17.55 -6.06 -1.92
CA GLY A 38 18.61 -6.82 -1.28
C GLY A 38 18.22 -7.30 0.11
N TRP A 39 16.95 -7.70 0.23
CA TRP A 39 16.43 -8.24 1.46
C TRP A 39 16.76 -9.73 1.58
N GLU A 40 16.38 -10.28 2.74
CA GLU A 40 16.55 -11.67 3.07
C GLU A 40 15.18 -12.23 3.50
N PHE A 41 14.87 -13.40 2.92
CA PHE A 41 13.67 -14.15 3.20
C PHE A 41 14.07 -15.48 3.87
N SER A 42 13.07 -16.11 4.51
CA SER A 42 13.25 -17.38 5.18
C SER A 42 11.96 -18.19 5.06
N THR A 43 12.12 -19.51 5.16
CA THR A 43 11.01 -20.43 5.14
C THR A 43 10.48 -20.63 6.57
N THR A 44 9.18 -20.97 6.66
CA THR A 44 8.55 -21.28 7.93
C THR A 44 8.67 -22.79 8.21
N SER A 45 8.46 -23.13 9.48
CA SER A 45 8.40 -24.51 9.90
C SER A 45 7.39 -25.30 9.05
N ASP A 46 7.66 -26.61 8.97
CA ASP A 46 6.83 -27.54 8.25
C ASP A 46 5.66 -27.97 9.12
N GLY A 47 4.61 -28.45 8.42
CA GLY A 47 3.40 -28.91 9.05
C GLY A 47 2.30 -27.85 9.15
N THR A 48 2.74 -26.59 9.19
CA THR A 48 1.87 -25.45 9.26
C THR A 48 1.97 -24.63 7.97
N SER A 49 0.97 -23.77 7.79
CA SER A 49 0.83 -22.92 6.63
C SER A 49 2.17 -22.18 6.38
N PRO A 50 2.85 -22.46 5.27
CA PRO A 50 4.16 -21.87 5.05
C PRO A 50 4.01 -20.44 4.48
N TYR A 51 4.45 -19.46 5.29
CA TYR A 51 4.31 -18.06 4.96
C TYR A 51 5.68 -17.38 5.02
N THR A 52 6.18 -17.00 3.83
CA THR A 52 7.49 -16.36 3.74
C THR A 52 7.34 -14.84 3.87
N MET A 53 7.85 -14.32 4.99
CA MET A 53 7.85 -12.91 5.27
C MET A 53 9.28 -12.35 5.16
N CYS A 54 9.35 -11.05 4.82
CA CYS A 54 10.61 -10.34 4.70
C CYS A 54 10.89 -9.58 6.01
N ARG A 55 11.98 -10.01 6.67
CA ARG A 55 12.39 -9.50 7.95
C ARG A 55 13.92 -9.39 7.94
N LEU A 56 14.42 -8.28 8.50
CA LEU A 56 15.84 -8.03 8.56
C LEU A 56 16.12 -7.14 9.76
N ARG A 57 17.29 -7.31 10.37
CA ARG A 57 17.67 -6.50 11.52
C ARG A 57 16.58 -6.53 12.60
N GLY A 58 15.85 -7.67 12.69
CA GLY A 58 14.81 -7.81 13.66
C GLY A 58 13.60 -6.88 13.48
N ARG A 59 13.38 -6.46 12.23
CA ARG A 59 12.36 -5.49 11.89
C ARG A 59 11.69 -5.94 10.58
N GLU A 60 10.35 -5.99 10.64
CA GLU A 60 9.60 -6.36 9.47
C GLU A 60 9.63 -5.25 8.42
N VAL A 61 9.56 -5.69 7.16
CA VAL A 61 9.55 -4.76 6.05
C VAL A 61 8.32 -4.93 5.16
N CYS A 62 8.04 -6.19 4.79
CA CYS A 62 6.93 -6.48 3.90
C CYS A 62 6.60 -7.96 3.99
N SER A 63 5.56 -8.33 3.24
CA SER A 63 5.10 -9.70 3.12
C SER A 63 4.78 -9.99 1.65
N ILE A 64 5.00 -11.26 1.29
CA ILE A 64 4.73 -11.77 -0.04
C ILE A 64 3.58 -12.78 0.07
N GLY A 65 2.76 -12.81 -0.99
CA GLY A 65 1.66 -13.72 -1.08
C GLY A 65 1.57 -14.34 -2.48
N ASP A 66 0.80 -15.43 -2.54
CA ASP A 66 0.53 -16.16 -3.75
C ASP A 66 -0.96 -16.10 -4.06
N LEU A 67 -1.35 -16.93 -5.04
CA LEU A 67 -2.73 -17.07 -5.43
C LEU A 67 -3.21 -18.50 -5.36
N GLY A 68 -2.31 -19.48 -5.47
CA GLY A 68 -2.71 -20.87 -5.53
C GLY A 68 -3.78 -21.07 -6.62
N GLU A 69 -5.03 -21.24 -6.16
CA GLU A 69 -6.14 -21.56 -7.02
C GLU A 69 -7.20 -20.46 -7.09
N ASN A 70 -6.76 -19.22 -6.78
CA ASN A 70 -7.65 -18.08 -6.73
C ASN A 70 -7.47 -17.23 -8.01
N PRO A 71 -8.40 -17.36 -8.96
CA PRO A 71 -8.27 -16.63 -10.21
C PRO A 71 -8.60 -15.14 -10.07
N GLY A 72 -9.41 -14.82 -9.05
CA GLY A 72 -9.82 -13.46 -8.76
C GLY A 72 -9.25 -13.00 -7.42
N PRO A 73 -7.97 -12.62 -7.40
CA PRO A 73 -7.36 -12.13 -6.18
C PRO A 73 -7.89 -10.71 -5.88
N ALA A 74 -7.37 -10.19 -4.74
CA ALA A 74 -7.72 -8.89 -4.24
C ALA A 74 -6.65 -7.82 -4.49
N LEU A 75 -5.37 -8.27 -4.50
CA LEU A 75 -4.25 -7.36 -4.63
C LEU A 75 -4.09 -6.95 -6.10
N GLY A 76 -3.80 -7.99 -6.93
CA GLY A 76 -3.60 -7.76 -8.34
C GLY A 76 -2.38 -6.92 -8.70
N GLY A 77 -1.38 -6.93 -7.79
CA GLY A 77 -0.17 -6.16 -7.95
C GLY A 77 0.04 -5.25 -6.75
N TRP A 78 1.11 -4.44 -6.86
CA TRP A 78 1.36 -3.41 -5.88
C TRP A 78 0.11 -2.53 -5.79
N SER A 79 -0.03 -1.91 -4.59
CA SER A 79 -1.12 -1.03 -4.29
C SER A 79 -0.79 -0.34 -2.96
N SER A 80 -1.40 0.83 -2.78
CA SER A 80 -1.31 1.59 -1.56
C SER A 80 -2.54 1.27 -0.67
N TYR A 81 -2.24 1.09 0.62
CA TYR A 81 -3.26 0.81 1.63
C TYR A 81 -3.42 2.04 2.54
N LEU A 82 -4.57 2.69 2.35
CA LEU A 82 -4.90 3.87 3.12
C LEU A 82 -5.68 3.43 4.37
N SER A 83 -5.31 4.02 5.53
CA SER A 83 -5.93 3.72 6.80
C SER A 83 -7.18 4.60 7.01
N VAL A 84 -8.32 3.91 7.11
CA VAL A 84 -9.60 4.55 7.29
C VAL A 84 -10.11 4.34 8.71
N ASP A 85 -11.16 5.12 9.04
CA ASP A 85 -11.74 5.09 10.36
C ASP A 85 -12.12 3.67 10.74
N ASP A 86 -12.68 2.95 9.75
CA ASP A 86 -13.10 1.58 9.94
C ASP A 86 -13.37 0.97 8.57
N ALA A 87 -13.24 -0.35 8.49
CA ALA A 87 -13.61 -1.07 7.28
C ALA A 87 -14.97 -0.62 6.80
N ASP A 88 -15.90 -0.54 7.77
CA ASP A 88 -17.26 -0.20 7.45
C ASP A 88 -17.42 1.27 7.14
N ALA A 89 -16.64 2.12 7.82
CA ALA A 89 -16.72 3.55 7.62
C ALA A 89 -16.50 3.85 6.13
N ALA A 90 -15.36 3.34 5.64
CA ALA A 90 -15.00 3.62 4.26
C ALA A 90 -16.08 3.05 3.34
N ALA A 91 -16.37 1.77 3.53
CA ALA A 91 -17.35 1.09 2.69
C ALA A 91 -18.68 1.84 2.63
N ALA A 92 -19.05 2.47 3.75
CA ALA A 92 -20.30 3.18 3.89
C ALA A 92 -20.30 4.51 3.14
N ALA A 93 -19.12 5.11 3.02
CA ALA A 93 -18.97 6.35 2.30
C ALA A 93 -18.80 6.10 0.80
N VAL A 94 -18.27 4.93 0.43
CA VAL A 94 -18.16 4.58 -0.97
C VAL A 94 -19.45 4.93 -1.74
N PRO A 95 -20.59 4.39 -1.35
CA PRO A 95 -21.82 4.66 -2.09
C PRO A 95 -22.26 6.13 -2.02
N GLU A 96 -21.90 6.80 -0.92
CA GLU A 96 -22.25 8.20 -0.74
C GLU A 96 -21.66 9.05 -1.87
N LEU A 97 -20.47 8.65 -2.34
CA LEU A 97 -19.76 9.41 -3.34
C LEU A 97 -20.16 8.98 -4.76
N GLY A 98 -20.66 7.75 -4.84
CA GLY A 98 -21.10 7.14 -6.07
C GLY A 98 -20.16 6.07 -6.61
N GLY A 99 -19.42 5.43 -5.68
CA GLY A 99 -18.58 4.32 -6.04
C GLY A 99 -19.30 2.99 -5.83
N ALA A 100 -18.48 1.92 -5.92
CA ALA A 100 -18.97 0.55 -5.81
C ALA A 100 -17.93 -0.25 -5.02
N VAL A 101 -18.42 -0.92 -3.98
CA VAL A 101 -17.60 -1.83 -3.19
C VAL A 101 -17.41 -3.12 -3.99
N LEU A 102 -16.15 -3.52 -4.15
CA LEU A 102 -15.83 -4.72 -4.89
C LEU A 102 -15.58 -5.90 -3.96
N LEU A 103 -14.72 -5.66 -2.96
CA LEU A 103 -14.43 -6.65 -1.95
C LEU A 103 -14.82 -6.12 -0.58
N GLY A 104 -14.89 -7.06 0.39
CA GLY A 104 -15.24 -6.74 1.74
C GLY A 104 -16.74 -6.53 1.93
N PRO A 105 -17.14 -6.36 3.19
CA PRO A 105 -16.30 -6.47 4.37
C PRO A 105 -15.85 -7.93 4.57
N ILE A 106 -14.56 -8.09 4.91
CA ILE A 106 -13.98 -9.39 5.18
C ILE A 106 -13.21 -9.33 6.50
N ASP A 107 -13.23 -10.47 7.21
CA ASP A 107 -12.58 -10.61 8.49
C ASP A 107 -11.42 -11.62 8.35
N ILE A 108 -10.20 -11.08 8.24
CA ILE A 108 -9.03 -11.91 8.07
C ILE A 108 -8.56 -12.30 9.47
N LEU A 109 -8.96 -13.51 9.89
CA LEU A 109 -8.55 -14.11 11.15
C LEU A 109 -8.83 -13.19 12.35
N ALA A 110 -9.86 -12.35 12.19
CA ALA A 110 -10.22 -11.36 13.19
C ALA A 110 -9.04 -10.48 13.61
N GLN A 111 -8.05 -10.36 12.70
CA GLN A 111 -6.86 -9.59 12.97
C GLN A 111 -6.85 -8.28 12.19
N GLY A 112 -7.39 -8.33 10.97
CA GLY A 112 -7.47 -7.16 10.12
C GLY A 112 -8.59 -7.34 9.12
N ARG A 113 -9.08 -6.19 8.63
CA ARG A 113 -10.14 -6.11 7.64
C ARG A 113 -9.67 -5.13 6.56
N MET A 114 -9.77 -5.57 5.31
CA MET A 114 -9.42 -4.75 4.17
C MET A 114 -10.48 -4.96 3.09
N LEU A 115 -10.66 -3.92 2.26
CA LEU A 115 -11.63 -3.96 1.20
C LEU A 115 -11.17 -3.03 0.08
N LEU A 116 -11.79 -3.24 -1.10
CA LEU A 116 -11.47 -2.50 -2.30
C LEU A 116 -12.75 -1.86 -2.84
N ALA A 117 -12.59 -0.71 -3.50
CA ALA A 117 -13.68 0.05 -4.08
C ALA A 117 -13.20 0.70 -5.38
N GLY A 118 -14.16 1.38 -6.03
CA GLY A 118 -13.89 2.05 -7.28
C GLY A 118 -14.88 1.62 -8.36
N ASP A 119 -14.34 1.43 -9.57
CA ASP A 119 -15.11 1.06 -10.74
C ASP A 119 -14.94 -0.43 -11.04
N PRO A 120 -15.93 -1.00 -11.71
CA PRO A 120 -15.91 -2.42 -12.05
C PRO A 120 -14.84 -2.80 -13.08
N SER A 121 -14.16 -1.78 -13.63
CA SER A 121 -13.05 -2.01 -14.52
C SER A 121 -11.93 -2.87 -13.89
N GLY A 122 -11.92 -2.89 -12.55
CA GLY A 122 -10.92 -3.64 -11.83
C GLY A 122 -9.97 -2.76 -11.01
N HIS A 123 -10.51 -1.63 -10.54
CA HIS A 123 -9.73 -0.70 -9.74
C HIS A 123 -9.74 -1.18 -8.28
N ARG A 124 -8.54 -1.43 -7.75
CA ARG A 124 -8.38 -1.88 -6.39
C ARG A 124 -7.70 -0.77 -5.57
N VAL A 125 -8.42 -0.34 -4.53
CA VAL A 125 -7.93 0.66 -3.60
C VAL A 125 -7.70 -0.03 -2.26
N GLY A 126 -6.43 -0.07 -1.83
CA GLY A 126 -6.11 -0.68 -0.55
C GLY A 126 -6.69 0.15 0.59
N LEU A 127 -7.46 -0.51 1.45
CA LEU A 127 -8.09 0.11 2.60
C LEU A 127 -7.89 -0.80 3.81
N TRP A 128 -7.32 -0.22 4.87
CA TRP A 128 -7.06 -0.91 6.13
C TRP A 128 -7.78 -0.18 7.26
N GLN A 129 -8.15 -0.96 8.29
CA GLN A 129 -8.90 -0.50 9.45
C GLN A 129 -7.95 -0.34 10.65
N ALA A 130 -7.58 0.91 10.92
CA ALA A 130 -6.70 1.19 12.05
C ALA A 130 -7.50 1.11 13.38
N LYS A 131 -7.11 0.09 14.17
CA LYS A 131 -7.72 -0.17 15.45
C LYS A 131 -6.73 -0.15 16.63
N GLU A 132 -5.53 -0.71 16.38
CA GLU A 132 -4.46 -0.79 17.36
C GLU A 132 -3.36 0.23 17.08
N HIS A 133 -2.94 0.27 15.79
CA HIS A 133 -1.95 1.19 15.31
C HIS A 133 -2.31 1.55 13.86
N THR A 134 -1.90 2.76 13.47
CA THR A 134 -2.06 3.27 12.12
C THR A 134 -1.05 2.66 11.15
N GLY A 135 0.16 2.42 11.67
CA GLY A 135 1.24 1.90 10.84
C GLY A 135 2.60 1.94 11.53
N SER A 136 2.62 1.36 12.74
CA SER A 136 3.84 1.28 13.54
C SER A 136 4.87 0.38 12.82
N GLY A 137 5.78 1.02 12.09
CA GLY A 137 6.79 0.32 11.35
C GLY A 137 8.18 0.86 11.66
N PRO A 138 9.19 0.07 11.27
CA PRO A 138 10.57 0.48 11.49
C PRO A 138 10.97 1.62 10.57
N ASP A 139 11.63 2.63 11.18
CA ASP A 139 12.06 3.81 10.47
C ASP A 139 13.58 3.75 10.25
N ASP A 140 13.96 2.77 9.42
CA ASP A 140 15.36 2.52 9.10
C ASP A 140 15.79 3.25 7.82
N GLY A 141 14.99 4.26 7.43
CA GLY A 141 15.24 4.98 6.20
C GLY A 141 15.20 4.01 5.01
N ILE A 142 16.38 3.75 4.44
CA ILE A 142 16.46 2.87 3.30
C ILE A 142 15.99 1.47 3.68
N GLY A 143 15.25 0.86 2.74
CA GLY A 143 14.74 -0.47 2.94
C GLY A 143 13.33 -0.51 3.52
N ALA A 144 12.92 0.60 4.14
CA ALA A 144 11.59 0.71 4.70
C ALA A 144 10.68 1.41 3.69
N TYR A 145 9.37 1.25 3.94
CA TYR A 145 8.37 1.93 3.16
C TYR A 145 8.59 3.45 3.26
N THR A 146 8.14 4.17 2.20
CA THR A 146 8.29 5.61 2.16
C THR A 146 6.95 6.33 2.34
N ARG A 147 6.04 6.08 1.38
CA ARG A 147 4.74 6.73 1.35
C ARG A 147 3.92 6.06 0.25
N SER A 148 2.68 6.57 0.12
CA SER A 148 1.70 6.04 -0.79
C SER A 148 1.28 7.10 -1.81
N GLU A 149 1.45 6.77 -3.09
CA GLU A 149 1.10 7.65 -4.19
C GLU A 149 0.42 6.80 -5.27
N LEU A 150 -0.73 7.31 -5.75
CA LEU A 150 -1.47 6.71 -6.84
C LEU A 150 -1.43 7.65 -8.05
N LEU A 151 -1.24 7.04 -9.21
CA LEU A 151 -1.20 7.74 -10.47
C LEU A 151 -2.43 7.34 -11.27
N THR A 152 -3.40 8.26 -11.32
CA THR A 152 -4.62 8.04 -12.06
C THR A 152 -4.78 9.13 -13.12
N GLY A 153 -5.59 8.79 -14.13
CA GLY A 153 -5.94 9.74 -15.16
C GLY A 153 -7.07 10.70 -14.79
N ALA A 154 -7.43 10.74 -13.50
CA ALA A 154 -8.56 11.56 -13.07
C ALA A 154 -8.35 12.05 -11.65
N SER A 155 -7.31 12.87 -11.45
CA SER A 155 -7.00 13.38 -10.13
C SER A 155 -8.27 13.96 -9.46
N ALA A 156 -9.02 14.75 -10.23
CA ALA A 156 -10.21 15.41 -9.71
C ALA A 156 -11.22 14.41 -9.15
N THR A 157 -11.36 13.27 -9.86
CA THR A 157 -12.28 12.23 -9.48
C THR A 157 -11.76 11.43 -8.27
N ASP A 158 -10.54 10.91 -8.40
CA ASP A 158 -9.98 10.10 -7.34
C ASP A 158 -9.89 10.91 -6.05
N GLY A 159 -9.51 12.18 -6.17
CA GLY A 159 -9.45 13.04 -5.01
C GLY A 159 -10.76 13.03 -4.23
N ALA A 160 -11.87 13.10 -4.99
CA ALA A 160 -13.19 13.08 -4.41
C ALA A 160 -13.46 11.78 -3.63
N PHE A 161 -12.93 10.68 -4.17
CA PHE A 161 -13.06 9.40 -3.51
C PHE A 161 -12.38 9.43 -2.14
N TYR A 162 -11.17 10.01 -2.11
CA TYR A 162 -10.40 10.06 -0.88
C TYR A 162 -11.08 10.98 0.14
N ARG A 163 -11.36 12.21 -0.27
CA ARG A 163 -11.95 13.15 0.66
C ARG A 163 -13.28 12.64 1.23
N GLY A 164 -13.93 11.70 0.54
CA GLY A 164 -15.13 11.11 1.06
C GLY A 164 -14.90 10.02 2.11
N LEU A 165 -13.92 9.14 1.81
CA LEU A 165 -13.67 8.03 2.70
C LEU A 165 -12.88 8.45 3.95
N PHE A 166 -12.17 9.57 3.80
CA PHE A 166 -11.32 10.14 4.82
C PHE A 166 -11.92 11.39 5.45
N GLY A 167 -12.23 12.37 4.59
CA GLY A 167 -12.84 13.60 5.05
C GLY A 167 -14.04 13.34 5.96
N ALA A 168 -14.14 14.20 6.99
CA ALA A 168 -15.21 14.11 7.97
C ALA A 168 -16.58 14.34 7.32
N ASP A 169 -16.57 14.99 6.15
CA ASP A 169 -17.74 15.22 5.34
C ASP A 169 -18.67 14.01 5.36
N PHE A 170 -18.10 12.81 5.28
CA PHE A 170 -18.93 11.61 5.26
C PHE A 170 -20.06 11.68 6.28
N ALA A 171 -19.67 11.98 7.54
CA ALA A 171 -20.61 12.04 8.63
C ALA A 171 -20.92 13.46 9.12
N THR A 172 -20.35 14.43 8.41
CA THR A 172 -20.56 15.84 8.64
C THR A 172 -20.51 16.16 10.16
N GLU A 173 -19.44 15.65 10.80
CA GLU A 173 -19.28 15.76 12.23
C GLU A 173 -17.80 15.52 12.57
N SER A 174 -17.47 15.80 13.83
CA SER A 174 -16.14 15.57 14.36
C SER A 174 -16.24 15.00 15.78
N GLY A 175 -15.19 14.25 16.15
CA GLY A 175 -15.10 13.58 17.43
C GLY A 175 -13.65 13.40 17.87
N THR A 176 -12.85 14.45 17.63
CA THR A 176 -11.49 14.54 18.15
C THR A 176 -10.79 13.18 18.00
N ASP A 177 -10.70 12.76 16.71
CA ASP A 177 -10.13 11.48 16.35
C ASP A 177 -8.84 11.71 15.54
N GLY A 178 -7.82 10.92 15.89
CA GLY A 178 -6.53 10.99 15.23
C GLY A 178 -6.23 9.77 14.36
N GLY A 179 -7.20 9.44 13.48
CA GLY A 179 -7.08 8.25 12.68
C GLY A 179 -5.88 8.30 11.74
N GLY A 180 -5.57 9.52 11.27
CA GLY A 180 -4.42 9.77 10.44
C GLY A 180 -4.76 9.67 8.94
N ARG A 181 -4.96 10.85 8.34
CA ARG A 181 -5.34 10.93 6.94
C ARG A 181 -4.07 11.14 6.09
N ARG A 182 -3.76 10.13 5.26
CA ARG A 182 -2.63 10.20 4.38
C ARG A 182 -3.02 9.53 3.05
N ALA A 183 -2.69 10.22 1.94
CA ALA A 183 -2.87 9.72 0.60
C ALA A 183 -2.28 10.78 -0.34
N ALA A 184 -2.12 10.38 -1.61
CA ALA A 184 -1.61 11.27 -2.64
C ALA A 184 -2.01 10.73 -4.00
N ILE A 185 -2.52 11.63 -4.85
CA ILE A 185 -3.06 11.32 -6.16
C ILE A 185 -2.59 12.39 -7.15
N ARG A 186 -1.86 11.94 -8.18
CA ARG A 186 -1.42 12.82 -9.23
C ARG A 186 -2.09 12.40 -10.55
N GLN A 187 -2.34 13.42 -11.39
CA GLN A 187 -2.86 13.29 -12.74
C GLN A 187 -1.68 13.18 -13.72
N VAL A 188 -1.64 12.03 -14.41
CA VAL A 188 -0.66 11.74 -15.44
C VAL A 188 -1.25 10.66 -16.36
N GLY A 189 -0.47 10.36 -17.42
CA GLY A 189 -0.79 9.27 -18.32
C GLY A 189 0.18 9.20 -19.49
N PRO A 190 0.28 10.30 -20.25
CA PRO A 190 1.17 10.28 -21.42
C PRO A 190 2.64 10.28 -21.03
N ALA A 191 2.95 11.08 -20.00
CA ALA A 191 4.30 11.28 -19.53
C ALA A 191 4.59 10.61 -18.18
N ALA A 192 3.76 9.61 -17.84
CA ALA A 192 3.99 8.84 -16.62
C ALA A 192 2.97 7.69 -16.57
N PRO A 193 3.35 6.62 -15.88
CA PRO A 193 2.51 5.45 -15.75
C PRO A 193 1.27 5.76 -14.89
N SER A 194 0.41 4.74 -14.83
CA SER A 194 -0.82 4.78 -14.07
C SER A 194 -0.99 3.49 -13.27
N GLY A 195 -1.55 3.65 -12.07
CA GLY A 195 -1.83 2.57 -11.17
C GLY A 195 -1.43 2.94 -9.74
N TRP A 196 -1.72 1.99 -8.84
CA TRP A 196 -1.49 2.12 -7.42
C TRP A 196 -0.12 1.48 -7.09
N TYR A 197 0.83 2.32 -6.64
CA TYR A 197 2.13 1.77 -6.30
C TYR A 197 2.86 2.77 -5.40
N PRO A 198 2.96 2.42 -4.11
CA PRO A 198 3.67 3.30 -3.19
C PRO A 198 5.16 3.38 -3.56
N CYS A 199 5.79 4.37 -2.92
CA CYS A 199 7.20 4.62 -3.07
C CYS A 199 7.99 3.93 -1.94
N PHE A 200 9.27 3.71 -2.23
CA PHE A 200 10.14 3.00 -1.32
C PHE A 200 11.53 3.65 -1.37
N ARG A 201 12.20 3.66 -0.21
CA ARG A 201 13.53 4.26 -0.08
C ARG A 201 14.59 3.19 -0.38
N ALA A 202 15.44 3.51 -1.36
CA ALA A 202 16.50 2.62 -1.77
C ALA A 202 17.76 3.43 -2.06
N GLN A 203 18.87 2.68 -2.25
CA GLN A 203 20.14 3.26 -2.60
C GLN A 203 20.27 3.37 -4.13
N GLU A 204 21.15 4.26 -4.58
CA GLU A 204 21.42 4.38 -6.00
C GLU A 204 21.80 3.03 -6.63
N SER A 205 22.52 2.20 -5.86
CA SER A 205 22.95 0.90 -6.34
C SER A 205 21.79 -0.06 -6.63
N ALA A 206 20.61 0.22 -6.03
CA ALA A 206 19.44 -0.61 -6.24
C ALA A 206 18.84 -0.38 -7.64
N VAL A 207 18.97 0.85 -8.14
CA VAL A 207 18.47 1.18 -9.46
C VAL A 207 18.92 0.13 -10.48
N PRO A 208 20.24 -0.02 -10.68
CA PRO A 208 20.71 -0.99 -11.66
C PRO A 208 20.43 -2.42 -11.25
N ALA A 209 20.31 -2.67 -9.95
CA ALA A 209 19.97 -3.98 -9.45
C ALA A 209 18.74 -4.55 -10.16
N ALA A 210 17.80 -3.66 -10.50
CA ALA A 210 16.60 -4.08 -11.20
C ALA A 210 16.87 -4.23 -12.71
N VAL A 211 17.62 -3.29 -13.25
CA VAL A 211 17.95 -3.28 -14.67
C VAL A 211 18.57 -4.61 -15.08
N MET A 212 19.58 -5.05 -14.33
CA MET A 212 20.29 -6.26 -14.68
C MET A 212 19.37 -7.48 -14.82
N LEU A 213 18.25 -7.47 -14.08
CA LEU A 213 17.29 -8.54 -14.11
C LEU A 213 16.38 -8.50 -15.35
N GLY A 214 16.28 -7.29 -15.93
CA GLY A 214 15.48 -7.06 -17.11
C GLY A 214 14.23 -6.24 -16.85
N ALA A 215 14.29 -5.37 -15.83
CA ALA A 215 13.16 -4.53 -15.47
C ALA A 215 12.83 -3.60 -16.65
N SER A 216 11.55 -3.18 -16.68
CA SER A 216 11.06 -2.33 -17.73
C SER A 216 11.05 -0.87 -17.27
N VAL A 217 11.64 0.00 -18.09
CA VAL A 217 11.70 1.43 -17.83
C VAL A 217 10.43 2.11 -18.35
N LEU A 218 9.80 2.89 -17.45
CA LEU A 218 8.64 3.67 -17.80
C LEU A 218 8.89 5.16 -17.58
N LEU A 219 9.33 5.49 -16.34
CA LEU A 219 9.47 6.89 -15.94
C LEU A 219 10.38 6.93 -14.72
N ARG A 220 11.44 7.74 -14.80
CA ARG A 220 12.40 7.86 -13.71
C ARG A 220 12.86 9.30 -13.50
N TYR A 221 11.86 10.18 -13.31
CA TYR A 221 12.10 11.60 -13.15
C TYR A 221 10.75 12.28 -12.87
N ASP A 222 10.82 13.61 -12.68
CA ASP A 222 9.64 14.44 -12.52
C ASP A 222 8.88 14.10 -11.23
N CYS A 223 9.62 14.20 -10.11
CA CYS A 223 9.11 13.87 -8.81
C CYS A 223 9.38 15.02 -7.83
N PRO A 224 8.54 15.14 -6.81
CA PRO A 224 8.66 16.24 -5.86
C PRO A 224 9.92 16.19 -5.01
N ASP A 225 10.40 14.95 -4.81
CA ASP A 225 11.59 14.64 -4.07
C ASP A 225 12.87 14.63 -4.92
N GLY A 226 12.71 14.78 -6.24
CA GLY A 226 13.82 14.81 -7.17
C GLY A 226 14.02 13.47 -7.89
N PRO A 227 15.05 12.73 -7.49
CA PRO A 227 15.40 11.49 -8.20
C PRO A 227 14.38 10.38 -7.91
N ALA A 228 13.79 9.86 -9.00
CA ALA A 228 12.75 8.85 -8.92
C ALA A 228 13.02 7.79 -9.98
N VAL A 229 12.64 6.56 -9.67
CA VAL A 229 12.80 5.45 -10.59
C VAL A 229 11.57 4.54 -10.50
N VAL A 230 10.82 4.46 -11.60
CA VAL A 230 9.68 3.58 -11.70
C VAL A 230 10.03 2.53 -12.75
N VAL A 231 10.05 1.27 -12.28
CA VAL A 231 10.24 0.12 -13.15
C VAL A 231 9.02 -0.80 -13.02
N SER A 232 8.75 -1.44 -14.17
CA SER A 232 7.71 -2.45 -14.25
C SER A 232 8.36 -3.83 -14.28
N ALA A 233 7.94 -4.64 -13.30
CA ALA A 233 8.39 -6.00 -13.16
C ALA A 233 7.85 -6.85 -14.32
N PRO A 234 8.53 -7.95 -14.62
CA PRO A 234 8.18 -8.75 -15.78
C PRO A 234 6.81 -9.41 -15.68
N GLY A 235 6.39 -9.70 -14.45
CA GLY A 235 5.10 -10.29 -14.22
C GLY A 235 3.90 -9.36 -14.39
N GLY A 236 4.18 -8.05 -14.42
CA GLY A 236 3.15 -7.06 -14.53
C GLY A 236 3.01 -6.10 -13.34
N GLU A 237 3.94 -6.19 -12.39
CA GLU A 237 3.87 -5.33 -11.22
C GLU A 237 4.58 -4.01 -11.54
N VAL A 238 4.29 -2.96 -10.73
CA VAL A 238 4.84 -1.63 -10.93
C VAL A 238 5.13 -1.03 -9.56
N PHE A 239 6.30 -0.39 -9.43
CA PHE A 239 6.68 0.24 -8.17
C PHE A 239 7.70 1.34 -8.42
N THR A 240 7.79 2.25 -7.43
CA THR A 240 8.64 3.41 -7.51
C THR A 240 9.69 3.43 -6.39
N LEU A 241 10.91 3.76 -6.79
CA LEU A 241 12.05 3.84 -5.91
C LEU A 241 12.55 5.29 -5.83
N LEU A 242 12.94 5.67 -4.61
CA LEU A 242 13.43 6.99 -4.30
C LEU A 242 14.80 6.84 -3.65
N LEU A 243 15.80 7.48 -4.27
CA LEU A 243 17.18 7.42 -3.83
C LEU A 243 17.43 8.58 -2.87
N THR A 244 17.48 8.23 -1.57
CA THR A 244 17.75 9.17 -0.51
C THR A 244 18.47 8.42 0.62
N ASP A 245 18.93 9.22 1.59
CA ASP A 245 19.66 8.81 2.76
C ASP A 245 19.81 10.10 3.66
N GLY A 1 -24.76 1.69 25.38
CA GLY A 1 -23.44 1.67 26.03
C GLY A 1 -22.98 0.20 26.12
N SER A 2 -21.73 0.03 26.59
CA SER A 2 -21.14 -1.29 26.71
C SER A 2 -19.85 -1.13 27.54
N HIS A 3 -19.16 -2.26 27.72
CA HIS A 3 -17.93 -2.33 28.48
C HIS A 3 -16.80 -2.76 27.53
N MET A 4 -15.93 -1.79 27.21
CA MET A 4 -14.79 -2.00 26.34
C MET A 4 -13.52 -2.10 27.21
N SER A 5 -12.38 -2.26 26.51
CA SER A 5 -11.09 -2.30 27.16
C SER A 5 -10.84 -1.01 27.93
N HIS A 6 -9.74 -1.04 28.69
CA HIS A 6 -9.35 0.06 29.55
C HIS A 6 -7.96 0.61 29.23
N ASP A 7 -7.60 0.55 27.94
CA ASP A 7 -6.33 1.03 27.46
C ASP A 7 -6.54 1.74 26.13
N ALA A 8 -5.96 2.95 26.03
CA ALA A 8 -6.02 3.75 24.82
C ALA A 8 -4.66 3.70 24.11
N VAL A 9 -4.68 3.24 22.84
CA VAL A 9 -3.48 3.10 22.06
C VAL A 9 -3.48 4.17 20.97
N ARG A 10 -2.44 5.03 21.00
CA ARG A 10 -2.33 6.12 20.06
C ARG A 10 -0.94 6.05 19.39
N PRO A 11 -0.89 5.48 18.18
CA PRO A 11 0.38 5.37 17.47
C PRO A 11 0.78 6.73 16.90
N ALA A 12 2.00 6.76 16.35
CA ALA A 12 2.59 7.97 15.81
C ALA A 12 2.23 8.10 14.31
N PRO A 13 1.40 9.09 13.97
CA PRO A 13 1.02 9.24 12.58
C PRO A 13 2.20 9.74 11.74
N GLY A 14 2.07 9.47 10.42
CA GLY A 14 3.05 9.87 9.44
C GLY A 14 3.62 8.70 8.63
N GLU A 15 3.62 7.52 9.27
CA GLU A 15 4.18 6.34 8.64
C GLU A 15 3.08 5.61 7.86
N PRO A 16 3.49 4.93 6.78
CA PRO A 16 2.55 4.18 5.95
C PRO A 16 2.08 2.89 6.67
N THR A 17 0.88 2.44 6.28
CA THR A 17 0.23 1.34 6.96
C THR A 17 0.94 0.00 6.68
N TRP A 18 0.79 -0.47 5.43
CA TRP A 18 1.38 -1.71 4.97
C TRP A 18 1.11 -1.81 3.48
N VAL A 19 1.96 -2.59 2.79
CA VAL A 19 1.84 -2.85 1.38
C VAL A 19 2.30 -4.30 1.13
N ASP A 20 1.41 -5.08 0.52
CA ASP A 20 1.69 -6.44 0.14
C ASP A 20 1.56 -6.58 -1.37
N LEU A 21 2.27 -7.59 -1.89
CA LEU A 21 2.30 -7.86 -3.32
C LEU A 21 2.17 -9.37 -3.51
N LEU A 22 1.05 -9.74 -4.15
CA LEU A 22 0.75 -11.11 -4.52
C LEU A 22 1.54 -11.48 -5.78
N THR A 23 1.90 -12.76 -5.84
CA THR A 23 2.59 -13.28 -7.00
C THR A 23 2.13 -14.70 -7.28
N PRO A 24 2.20 -15.11 -8.55
CA PRO A 24 1.80 -16.47 -8.90
C PRO A 24 2.72 -17.50 -8.28
N ASP A 25 4.01 -17.12 -8.15
CA ASP A 25 5.03 -18.01 -7.67
C ASP A 25 5.84 -17.32 -6.57
N ARG A 26 5.44 -17.56 -5.32
CA ARG A 26 6.08 -16.90 -4.19
C ARG A 26 7.59 -17.14 -4.24
N GLY A 27 7.96 -18.42 -4.34
CA GLY A 27 9.37 -18.77 -4.39
C GLY A 27 10.16 -17.89 -5.37
N ALA A 28 9.52 -17.60 -6.51
CA ALA A 28 10.17 -16.83 -7.54
C ALA A 28 10.14 -15.33 -7.20
N ALA A 29 9.05 -14.89 -6.58
CA ALA A 29 8.96 -13.51 -6.16
C ALA A 29 10.18 -13.13 -5.33
N LEU A 30 10.54 -14.04 -4.42
CA LEU A 30 11.62 -13.76 -3.50
C LEU A 30 12.96 -13.61 -4.25
N GLN A 31 13.03 -14.18 -5.45
CA GLN A 31 14.22 -14.12 -6.27
C GLN A 31 14.34 -12.77 -7.01
N PHE A 32 13.19 -12.31 -7.55
CA PHE A 32 13.15 -11.06 -8.27
C PHE A 32 12.99 -9.88 -7.31
N TYR A 33 11.86 -9.84 -6.60
CA TYR A 33 11.56 -8.72 -5.74
C TYR A 33 12.71 -8.45 -4.76
N SER A 34 13.17 -9.53 -4.10
CA SER A 34 14.20 -9.35 -3.11
C SER A 34 15.53 -8.93 -3.73
N ALA A 35 15.72 -9.19 -5.02
CA ALA A 35 16.91 -8.79 -5.75
C ALA A 35 16.93 -7.29 -6.07
N LEU A 36 15.78 -6.63 -5.93
CA LEU A 36 15.66 -5.22 -6.23
C LEU A 36 16.21 -4.39 -5.05
N PHE A 37 15.71 -4.77 -3.85
CA PHE A 37 16.07 -4.09 -2.63
C PHE A 37 17.28 -4.73 -1.91
N GLY A 38 17.38 -6.05 -2.05
CA GLY A 38 18.43 -6.83 -1.43
C GLY A 38 18.08 -7.30 -0.01
N TRP A 39 16.83 -7.78 0.11
CA TRP A 39 16.33 -8.25 1.39
C TRP A 39 16.56 -9.76 1.54
N GLU A 40 16.28 -10.23 2.76
CA GLU A 40 16.40 -11.63 3.13
C GLU A 40 15.03 -12.28 3.34
N PHE A 41 15.06 -13.60 3.31
CA PHE A 41 13.88 -14.43 3.46
C PHE A 41 13.79 -15.01 4.88
N SER A 42 12.56 -15.00 5.42
CA SER A 42 12.33 -15.42 6.79
C SER A 42 10.89 -15.93 6.92
N THR A 43 10.75 -17.26 6.98
CA THR A 43 9.43 -17.89 7.10
C THR A 43 9.35 -18.70 8.40
N THR A 44 8.64 -18.12 9.37
CA THR A 44 8.49 -18.73 10.67
C THR A 44 7.05 -18.51 11.17
N SER A 45 6.25 -19.59 11.07
CA SER A 45 4.85 -19.56 11.43
C SER A 45 4.57 -20.64 12.48
N ASP A 46 4.11 -20.18 13.65
CA ASP A 46 3.87 -21.05 14.79
C ASP A 46 2.42 -21.56 14.75
N GLY A 47 2.28 -22.82 14.31
CA GLY A 47 0.97 -23.43 14.19
C GLY A 47 0.10 -22.83 13.08
N THR A 48 0.71 -21.98 12.25
CA THR A 48 0.04 -21.33 11.17
C THR A 48 0.69 -21.75 9.84
N SER A 49 -0.07 -21.49 8.77
CA SER A 49 0.36 -21.77 7.42
C SER A 49 1.67 -21.06 7.10
N PRO A 50 2.38 -21.57 6.08
CA PRO A 50 3.72 -21.06 5.75
C PRO A 50 3.68 -19.70 5.04
N TYR A 51 4.06 -18.66 5.80
CA TYR A 51 4.04 -17.29 5.36
C TYR A 51 5.45 -16.70 5.46
N THR A 52 6.00 -16.33 4.28
CA THR A 52 7.32 -15.71 4.19
C THR A 52 7.20 -14.20 4.49
N MET A 53 7.83 -13.80 5.60
CA MET A 53 7.86 -12.43 6.04
C MET A 53 9.27 -11.87 5.81
N CYS A 54 9.33 -10.74 5.06
CA CYS A 54 10.60 -10.11 4.81
C CYS A 54 11.05 -9.34 6.07
N ARG A 55 12.14 -9.86 6.65
CA ARG A 55 12.73 -9.36 7.87
C ARG A 55 14.25 -9.28 7.68
N LEU A 56 14.84 -8.22 8.23
CA LEU A 56 16.27 -8.02 8.14
C LEU A 56 16.69 -7.16 9.33
N ARG A 57 17.92 -7.39 9.83
CA ARG A 57 18.45 -6.58 10.92
C ARG A 57 17.48 -6.53 12.12
N GLY A 58 16.70 -7.63 12.28
CA GLY A 58 15.74 -7.70 13.36
C GLY A 58 14.57 -6.71 13.27
N ARG A 59 14.26 -6.29 12.03
CA ARG A 59 13.27 -5.28 11.77
C ARG A 59 12.41 -5.72 10.58
N GLU A 60 11.10 -5.70 10.80
CA GLU A 60 10.14 -6.07 9.77
C GLU A 60 10.10 -5.01 8.68
N VAL A 61 9.97 -5.48 7.43
CA VAL A 61 9.86 -4.59 6.29
C VAL A 61 8.53 -4.77 5.56
N CYS A 62 8.31 -6.00 5.04
CA CYS A 62 7.13 -6.27 4.25
C CYS A 62 6.83 -7.76 4.29
N SER A 63 5.80 -8.16 3.53
CA SER A 63 5.37 -9.54 3.48
C SER A 63 4.91 -9.89 2.06
N ILE A 64 5.08 -11.17 1.71
CA ILE A 64 4.69 -11.68 0.41
C ILE A 64 3.55 -12.67 0.59
N GLY A 65 2.63 -12.66 -0.39
CA GLY A 65 1.51 -13.58 -0.39
C GLY A 65 1.28 -14.14 -1.79
N ASP A 66 0.48 -15.21 -1.81
CA ASP A 66 0.14 -15.93 -3.02
C ASP A 66 -1.39 -15.97 -3.15
N LEU A 67 -1.84 -16.74 -4.15
CA LEU A 67 -3.23 -16.91 -4.46
C LEU A 67 -3.73 -18.34 -4.33
N GLY A 68 -2.84 -19.32 -4.46
CA GLY A 68 -3.22 -20.73 -4.41
C GLY A 68 -4.28 -21.01 -5.48
N GLU A 69 -5.52 -21.14 -5.00
CA GLU A 69 -6.67 -21.50 -5.80
C GLU A 69 -7.71 -20.38 -5.91
N ASN A 70 -7.28 -19.15 -5.61
CA ASN A 70 -8.14 -17.99 -5.59
C ASN A 70 -7.97 -17.18 -6.90
N PRO A 71 -8.93 -17.34 -7.83
CA PRO A 71 -8.81 -16.66 -9.11
C PRO A 71 -9.11 -15.16 -9.02
N GLY A 72 -9.90 -14.79 -8.01
CA GLY A 72 -10.29 -13.42 -7.75
C GLY A 72 -9.68 -12.91 -6.44
N PRO A 73 -8.40 -12.55 -6.47
CA PRO A 73 -7.76 -12.00 -5.29
C PRO A 73 -8.29 -10.58 -5.01
N ALA A 74 -7.72 -10.02 -3.93
CA ALA A 74 -8.07 -8.70 -3.45
C ALA A 74 -7.03 -7.62 -3.79
N LEU A 75 -5.77 -8.06 -3.94
CA LEU A 75 -4.66 -7.16 -4.17
C LEU A 75 -4.59 -6.79 -5.66
N GLY A 76 -4.35 -7.83 -6.49
CA GLY A 76 -4.25 -7.64 -7.91
C GLY A 76 -3.07 -6.78 -8.36
N GLY A 77 -2.01 -6.79 -7.54
CA GLY A 77 -0.82 -6.01 -7.79
C GLY A 77 -0.52 -5.10 -6.60
N TRP A 78 0.57 -4.33 -6.76
CA TRP A 78 0.91 -3.32 -5.78
C TRP A 78 -0.30 -2.40 -5.59
N SER A 79 -0.34 -1.82 -4.39
CA SER A 79 -1.34 -0.84 -4.03
C SER A 79 -0.96 -0.24 -2.68
N SER A 80 -1.45 0.97 -2.46
CA SER A 80 -1.24 1.71 -1.24
C SER A 80 -2.46 1.53 -0.32
N TYR A 81 -2.18 1.15 0.93
CA TYR A 81 -3.21 0.99 1.94
C TYR A 81 -3.30 2.27 2.79
N LEU A 82 -4.40 3.00 2.56
CA LEU A 82 -4.68 4.21 3.30
C LEU A 82 -5.47 3.83 4.56
N SER A 83 -5.17 4.57 5.64
CA SER A 83 -5.78 4.33 6.95
C SER A 83 -7.06 5.18 7.06
N VAL A 84 -8.16 4.47 7.33
CA VAL A 84 -9.47 5.09 7.44
C VAL A 84 -9.93 5.08 8.89
N ASP A 85 -10.93 5.94 9.17
CA ASP A 85 -11.48 6.04 10.51
C ASP A 85 -11.95 4.69 11.02
N ASP A 86 -12.53 3.91 10.09
CA ASP A 86 -13.09 2.61 10.38
C ASP A 86 -13.35 1.92 9.05
N ALA A 87 -13.18 0.59 9.03
CA ALA A 87 -13.51 -0.21 7.86
C ALA A 87 -14.86 0.22 7.30
N ASP A 88 -15.81 0.34 8.22
CA ASP A 88 -17.17 0.64 7.84
C ASP A 88 -17.35 2.11 7.50
N ALA A 89 -16.60 2.98 8.19
CA ALA A 89 -16.63 4.41 7.93
C ALA A 89 -16.41 4.67 6.44
N ALA A 90 -15.28 4.15 5.95
CA ALA A 90 -14.91 4.40 4.57
C ALA A 90 -16.00 3.86 3.66
N ALA A 91 -16.31 2.57 3.85
CA ALA A 91 -17.30 1.91 3.03
C ALA A 91 -18.64 2.68 3.00
N ALA A 92 -18.98 3.29 4.12
CA ALA A 92 -20.22 4.01 4.29
C ALA A 92 -20.23 5.33 3.51
N ALA A 93 -19.03 5.92 3.39
CA ALA A 93 -18.89 7.16 2.67
C ALA A 93 -18.70 6.91 1.17
N VAL A 94 -18.20 5.74 0.81
CA VAL A 94 -18.07 5.38 -0.59
C VAL A 94 -19.33 5.79 -1.38
N PRO A 95 -20.50 5.29 -0.99
CA PRO A 95 -21.71 5.60 -1.73
C PRO A 95 -22.13 7.07 -1.64
N GLU A 96 -21.73 7.74 -0.54
CA GLU A 96 -22.05 9.13 -0.34
C GLU A 96 -21.42 10.01 -1.42
N LEU A 97 -20.26 9.57 -1.93
CA LEU A 97 -19.54 10.32 -2.93
C LEU A 97 -19.95 9.91 -4.35
N GLY A 98 -20.50 8.69 -4.43
CA GLY A 98 -20.95 8.12 -5.68
C GLY A 98 -20.05 7.00 -6.21
N GLY A 99 -19.35 6.32 -5.29
CA GLY A 99 -18.55 5.19 -5.65
C GLY A 99 -19.30 3.88 -5.41
N ALA A 100 -18.54 2.78 -5.53
CA ALA A 100 -19.07 1.44 -5.41
C ALA A 100 -18.05 0.60 -4.64
N VAL A 101 -18.55 -0.10 -3.61
CA VAL A 101 -17.74 -1.03 -2.84
C VAL A 101 -17.62 -2.33 -3.64
N LEU A 102 -16.41 -2.88 -3.65
CA LEU A 102 -16.13 -4.11 -4.36
C LEU A 102 -15.82 -5.27 -3.42
N LEU A 103 -15.04 -4.97 -2.37
CA LEU A 103 -14.72 -5.95 -1.34
C LEU A 103 -15.19 -5.43 0.01
N GLY A 104 -15.16 -6.36 0.98
CA GLY A 104 -15.55 -6.05 2.34
C GLY A 104 -17.06 -5.86 2.48
N PRO A 105 -17.49 -5.70 3.75
CA PRO A 105 -16.67 -5.82 4.94
C PRO A 105 -16.22 -7.28 5.14
N ILE A 106 -14.92 -7.44 5.47
CA ILE A 106 -14.34 -8.73 5.75
C ILE A 106 -13.56 -8.66 7.06
N ASP A 107 -13.56 -9.81 7.77
CA ASP A 107 -12.87 -9.94 9.04
C ASP A 107 -11.76 -10.99 8.89
N ILE A 108 -10.52 -10.50 8.76
CA ILE A 108 -9.37 -11.37 8.60
C ILE A 108 -8.89 -11.74 10.01
N LEU A 109 -9.32 -12.93 10.46
CA LEU A 109 -8.91 -13.51 11.73
C LEU A 109 -9.15 -12.55 12.91
N ALA A 110 -10.18 -11.69 12.74
CA ALA A 110 -10.52 -10.68 13.73
C ALA A 110 -9.30 -9.82 14.11
N GLN A 111 -8.33 -9.73 13.19
CA GLN A 111 -7.11 -8.99 13.43
C GLN A 111 -7.10 -7.70 12.63
N GLY A 112 -7.62 -7.75 11.41
CA GLY A 112 -7.69 -6.60 10.53
C GLY A 112 -8.82 -6.77 9.55
N ARG A 113 -9.28 -5.64 9.03
CA ARG A 113 -10.34 -5.56 8.04
C ARG A 113 -9.85 -4.60 6.95
N MET A 114 -9.92 -5.06 5.70
CA MET A 114 -9.57 -4.26 4.55
C MET A 114 -10.64 -4.44 3.48
N LEU A 115 -10.80 -3.40 2.66
CA LEU A 115 -11.78 -3.44 1.59
C LEU A 115 -11.32 -2.53 0.46
N LEU A 116 -11.87 -2.78 -0.74
CA LEU A 116 -11.59 -1.99 -1.91
C LEU A 116 -12.88 -1.31 -2.40
N ALA A 117 -12.69 -0.16 -3.03
CA ALA A 117 -13.76 0.68 -3.55
C ALA A 117 -13.29 1.32 -4.87
N GLY A 118 -14.23 2.06 -5.47
CA GLY A 118 -13.98 2.75 -6.71
C GLY A 118 -15.04 2.39 -7.76
N ASP A 119 -14.54 2.12 -8.97
CA ASP A 119 -15.38 1.78 -10.12
C ASP A 119 -15.36 0.27 -10.36
N PRO A 120 -16.42 -0.23 -10.98
CA PRO A 120 -16.55 -1.65 -11.25
C PRO A 120 -15.54 -2.19 -12.27
N SER A 121 -14.79 -1.27 -12.89
CA SER A 121 -13.69 -1.63 -13.76
C SER A 121 -12.64 -2.50 -13.05
N GLY A 122 -12.67 -2.48 -11.71
CA GLY A 122 -11.78 -3.32 -10.93
C GLY A 122 -10.74 -2.55 -10.13
N HIS A 123 -11.07 -1.29 -9.81
CA HIS A 123 -10.17 -0.44 -9.06
C HIS A 123 -10.01 -0.95 -7.63
N ARG A 124 -8.75 -1.19 -7.24
CA ARG A 124 -8.46 -1.75 -5.93
C ARG A 124 -7.67 -0.74 -5.10
N VAL A 125 -8.42 -0.04 -4.23
CA VAL A 125 -7.87 1.00 -3.39
C VAL A 125 -7.68 0.44 -1.97
N GLY A 126 -6.41 0.25 -1.58
CA GLY A 126 -6.13 -0.32 -0.28
C GLY A 126 -6.70 0.56 0.84
N LEU A 127 -7.49 -0.07 1.71
CA LEU A 127 -8.12 0.59 2.84
C LEU A 127 -7.97 -0.30 4.06
N TRP A 128 -7.24 0.20 5.07
CA TRP A 128 -7.02 -0.49 6.33
C TRP A 128 -7.55 0.36 7.48
N GLN A 129 -7.96 -0.33 8.54
CA GLN A 129 -8.57 0.28 9.72
C GLN A 129 -7.56 0.35 10.86
N ALA A 130 -7.08 1.56 11.15
CA ALA A 130 -6.10 1.77 12.21
C ALA A 130 -6.79 1.83 13.59
N LYS A 131 -6.50 0.79 14.39
CA LYS A 131 -7.07 0.64 15.72
C LYS A 131 -6.02 0.54 16.83
N GLU A 132 -4.91 -0.17 16.50
CA GLU A 132 -3.81 -0.42 17.39
C GLU A 132 -2.55 0.35 16.98
N HIS A 133 -2.26 0.29 15.67
CA HIS A 133 -1.08 0.95 15.14
C HIS A 133 -1.40 1.38 13.70
N THR A 134 -0.57 2.29 13.18
CA THR A 134 -0.67 2.80 11.84
C THR A 134 0.40 2.26 10.88
N GLY A 135 0.99 1.11 11.26
CA GLY A 135 2.06 0.52 10.49
C GLY A 135 3.40 1.20 10.81
N SER A 136 3.85 0.97 12.06
CA SER A 136 5.16 1.44 12.48
C SER A 136 6.24 0.68 11.69
N GLY A 137 6.70 1.31 10.61
CA GLY A 137 7.72 0.74 9.77
C GLY A 137 9.09 0.78 10.45
N PRO A 138 10.05 0.11 9.82
CA PRO A 138 11.39 0.06 10.37
C PRO A 138 12.13 1.37 10.10
N ASP A 139 12.80 1.88 11.16
CA ASP A 139 13.49 3.15 11.09
C ASP A 139 14.96 2.96 10.71
N ASP A 140 15.12 2.36 9.52
CA ASP A 140 16.42 2.00 8.99
C ASP A 140 16.77 2.83 7.75
N GLY A 141 16.07 3.97 7.61
CA GLY A 141 16.28 4.83 6.47
C GLY A 141 15.94 4.08 5.17
N ILE A 142 17.00 3.79 4.40
CA ILE A 142 16.84 3.10 3.14
C ILE A 142 16.34 1.67 3.39
N GLY A 143 15.49 1.21 2.45
CA GLY A 143 14.93 -0.12 2.56
C GLY A 143 13.51 -0.15 3.10
N ALA A 144 13.13 0.94 3.79
CA ALA A 144 11.80 1.06 4.32
C ALA A 144 10.90 1.80 3.32
N TYR A 145 9.60 1.60 3.53
CA TYR A 145 8.57 2.29 2.78
C TYR A 145 8.83 3.81 2.87
N THR A 146 8.36 4.52 1.83
CA THR A 146 8.57 5.96 1.78
C THR A 146 7.27 6.75 1.91
N ARG A 147 6.34 6.50 0.98
CA ARG A 147 5.08 7.19 0.97
C ARG A 147 4.11 6.36 0.13
N SER A 148 2.84 6.82 0.13
CA SER A 148 1.79 6.24 -0.67
C SER A 148 1.20 7.27 -1.64
N GLU A 149 1.00 6.81 -2.87
CA GLU A 149 0.49 7.63 -3.96
C GLU A 149 -0.09 6.70 -5.03
N LEU A 150 -1.05 7.25 -5.76
CA LEU A 150 -1.73 6.60 -6.87
C LEU A 150 -1.73 7.56 -8.07
N LEU A 151 -1.50 6.95 -9.23
CA LEU A 151 -1.48 7.65 -10.50
C LEU A 151 -2.80 7.37 -11.24
N THR A 152 -3.67 8.38 -11.24
CA THR A 152 -4.98 8.26 -11.85
C THR A 152 -5.18 9.35 -12.88
N GLY A 153 -5.91 9.01 -13.95
CA GLY A 153 -6.17 9.93 -15.03
C GLY A 153 -7.33 10.89 -14.80
N ALA A 154 -7.42 11.41 -13.56
CA ALA A 154 -8.53 12.25 -13.13
C ALA A 154 -8.39 12.60 -11.65
N SER A 155 -7.36 13.42 -11.34
CA SER A 155 -7.12 13.85 -9.98
C SER A 155 -8.40 14.47 -9.38
N ALA A 156 -9.06 15.29 -10.18
CA ALA A 156 -10.28 15.97 -9.74
C ALA A 156 -11.28 14.99 -9.12
N THR A 157 -11.35 13.78 -9.69
CA THR A 157 -12.24 12.75 -9.21
C THR A 157 -11.66 12.05 -7.98
N ASP A 158 -10.45 11.53 -8.11
CA ASP A 158 -9.90 10.75 -7.02
C ASP A 158 -9.76 11.59 -5.75
N GLY A 159 -9.35 12.84 -5.93
CA GLY A 159 -9.26 13.74 -4.81
C GLY A 159 -10.56 13.77 -3.98
N ALA A 160 -11.68 13.73 -4.69
CA ALA A 160 -12.99 13.73 -4.06
C ALA A 160 -13.22 12.46 -3.26
N PHE A 161 -12.71 11.34 -3.79
CA PHE A 161 -12.80 10.07 -3.11
C PHE A 161 -12.04 10.12 -1.78
N TYR A 162 -10.84 10.71 -1.81
CA TYR A 162 -10.02 10.78 -0.62
C TYR A 162 -10.62 11.77 0.39
N ARG A 163 -10.97 12.96 -0.08
CA ARG A 163 -11.52 13.95 0.83
C ARG A 163 -12.84 13.50 1.46
N GLY A 164 -13.48 12.50 0.82
CA GLY A 164 -14.71 11.95 1.30
C GLY A 164 -14.55 10.82 2.32
N LEU A 165 -13.62 9.90 2.03
CA LEU A 165 -13.46 8.76 2.91
C LEU A 165 -12.53 9.07 4.10
N PHE A 166 -11.67 10.06 3.89
CA PHE A 166 -10.68 10.48 4.84
C PHE A 166 -10.87 11.92 5.30
N GLY A 167 -10.96 12.81 4.30
CA GLY A 167 -11.18 14.20 4.58
C GLY A 167 -12.43 14.42 5.44
N ALA A 168 -12.49 15.66 5.97
CA ALA A 168 -13.53 16.06 6.90
C ALA A 168 -14.92 15.81 6.34
N ASP A 169 -15.03 15.93 5.01
CA ASP A 169 -16.25 15.68 4.30
C ASP A 169 -16.96 14.41 4.80
N PHE A 170 -16.16 13.42 5.21
CA PHE A 170 -16.71 12.16 5.68
C PHE A 170 -17.83 12.40 6.68
N ALA A 171 -17.53 13.24 7.69
CA ALA A 171 -18.48 13.55 8.74
C ALA A 171 -19.11 14.93 8.58
N THR A 172 -18.69 15.65 7.55
CA THR A 172 -19.16 16.98 7.25
C THR A 172 -19.12 17.87 8.52
N GLU A 173 -17.99 17.77 9.23
CA GLU A 173 -17.79 18.48 10.47
C GLU A 173 -16.29 18.80 10.61
N SER A 174 -15.99 19.57 11.66
CA SER A 174 -14.63 19.97 12.00
C SER A 174 -14.53 20.08 13.53
N GLY A 175 -13.32 19.79 14.03
CA GLY A 175 -13.05 19.93 15.45
C GLY A 175 -11.61 20.34 15.70
N THR A 176 -10.80 19.33 16.04
CA THR A 176 -9.41 19.52 16.39
C THR A 176 -8.53 18.53 15.64
N ASP A 177 -8.58 18.62 14.32
CA ASP A 177 -7.84 17.75 13.43
C ASP A 177 -7.01 18.62 12.48
N GLY A 178 -5.93 17.99 11.96
CA GLY A 178 -5.02 18.64 11.03
C GLY A 178 -4.88 17.87 9.72
N GLY A 179 -4.36 16.64 9.86
CA GLY A 179 -4.13 15.77 8.72
C GLY A 179 -2.95 14.85 8.98
N GLY A 180 -3.30 13.57 9.25
CA GLY A 180 -2.33 12.54 9.50
C GLY A 180 -2.19 11.49 8.40
N ARG A 181 -3.28 11.24 7.67
CA ARG A 181 -3.30 10.26 6.61
C ARG A 181 -2.22 10.63 5.57
N ARG A 182 -1.71 9.57 4.90
CA ARG A 182 -0.63 9.71 3.95
C ARG A 182 -1.06 9.16 2.58
N ALA A 183 -1.30 10.09 1.64
CA ALA A 183 -1.70 9.73 0.29
C ALA A 183 -1.37 10.91 -0.62
N ALA A 184 -1.37 10.61 -1.91
CA ALA A 184 -1.21 11.62 -2.95
C ALA A 184 -1.81 11.05 -4.23
N ILE A 185 -2.46 11.93 -4.99
CA ILE A 185 -3.06 11.60 -6.27
C ILE A 185 -2.50 12.57 -7.31
N ARG A 186 -1.72 12.01 -8.24
CA ARG A 186 -1.15 12.79 -9.32
C ARG A 186 -1.91 12.46 -10.61
N GLN A 187 -2.03 13.50 -11.47
CA GLN A 187 -2.68 13.45 -12.77
C GLN A 187 -1.60 13.35 -13.87
N VAL A 188 -1.56 12.17 -14.51
CA VAL A 188 -0.66 11.88 -15.61
C VAL A 188 -1.30 10.78 -16.45
N GLY A 189 -0.61 10.45 -17.56
CA GLY A 189 -0.98 9.34 -18.42
C GLY A 189 -0.03 9.20 -19.60
N PRO A 190 0.09 10.27 -20.41
CA PRO A 190 0.94 10.18 -21.59
C PRO A 190 2.43 10.16 -21.23
N ALA A 191 2.78 10.96 -20.21
CA ALA A 191 4.15 11.13 -19.79
C ALA A 191 4.46 10.47 -18.44
N ALA A 192 3.61 9.49 -18.06
CA ALA A 192 3.86 8.73 -16.85
C ALA A 192 2.85 7.59 -16.77
N PRO A 193 3.24 6.50 -16.10
CA PRO A 193 2.36 5.35 -15.93
C PRO A 193 1.18 5.69 -15.01
N SER A 194 0.28 4.68 -14.93
CA SER A 194 -0.90 4.75 -14.09
C SER A 194 -1.03 3.49 -13.25
N GLY A 195 -1.70 3.65 -12.11
CA GLY A 195 -1.95 2.55 -11.20
C GLY A 195 -1.51 2.89 -9.78
N TRP A 196 -1.80 1.93 -8.89
CA TRP A 196 -1.52 2.04 -7.47
C TRP A 196 -0.14 1.46 -7.16
N TYR A 197 0.78 2.34 -6.76
CA TYR A 197 2.10 1.89 -6.41
C TYR A 197 2.79 2.96 -5.57
N PRO A 198 2.97 2.67 -4.28
CA PRO A 198 3.68 3.59 -3.40
C PRO A 198 5.16 3.67 -3.79
N CYS A 199 5.79 4.69 -3.20
CA CYS A 199 7.21 4.91 -3.34
C CYS A 199 7.99 4.23 -2.20
N PHE A 200 9.23 3.89 -2.53
CA PHE A 200 10.13 3.18 -1.63
C PHE A 200 11.53 3.81 -1.72
N ARG A 201 12.30 3.69 -0.65
CA ARG A 201 13.65 4.23 -0.56
C ARG A 201 14.67 3.13 -0.89
N ALA A 202 15.52 3.43 -1.87
CA ALA A 202 16.55 2.50 -2.30
C ALA A 202 17.77 3.31 -2.76
N GLN A 203 18.97 2.73 -2.52
CA GLN A 203 20.20 3.35 -2.96
C GLN A 203 20.24 3.39 -4.48
N GLU A 204 21.10 4.27 -5.02
CA GLU A 204 21.30 4.35 -6.45
C GLU A 204 21.66 2.98 -7.03
N SER A 205 22.42 2.19 -6.27
CA SER A 205 22.86 0.87 -6.72
C SER A 205 21.69 -0.10 -6.94
N ALA A 206 20.54 0.20 -6.33
CA ALA A 206 19.36 -0.63 -6.48
C ALA A 206 18.70 -0.44 -7.85
N VAL A 207 18.82 0.78 -8.39
CA VAL A 207 18.26 1.05 -9.72
C VAL A 207 18.68 -0.04 -10.70
N PRO A 208 19.99 -0.22 -10.93
CA PRO A 208 20.42 -1.23 -11.89
C PRO A 208 20.13 -2.65 -11.40
N ALA A 209 20.02 -2.84 -10.10
CA ALA A 209 19.70 -4.14 -9.54
C ALA A 209 18.45 -4.72 -10.21
N ALA A 210 17.50 -3.84 -10.58
CA ALA A 210 16.31 -4.30 -11.25
C ALA A 210 16.58 -4.52 -12.75
N VAL A 211 17.31 -3.57 -13.33
CA VAL A 211 17.61 -3.62 -14.76
C VAL A 211 18.24 -4.96 -15.13
N MET A 212 19.26 -5.37 -14.37
CA MET A 212 19.97 -6.60 -14.67
C MET A 212 19.04 -7.82 -14.76
N LEU A 213 17.93 -7.78 -14.01
CA LEU A 213 16.97 -8.86 -14.00
C LEU A 213 16.05 -8.86 -15.23
N GLY A 214 15.95 -7.68 -15.85
CA GLY A 214 15.12 -7.48 -17.03
C GLY A 214 13.89 -6.62 -16.77
N ALA A 215 13.97 -5.73 -15.78
CA ALA A 215 12.89 -4.83 -15.49
C ALA A 215 12.60 -3.95 -16.72
N SER A 216 11.34 -3.49 -16.78
CA SER A 216 10.88 -2.64 -17.86
C SER A 216 10.91 -1.17 -17.42
N VAL A 217 11.43 -0.32 -18.31
CA VAL A 217 11.51 1.11 -18.09
C VAL A 217 10.23 1.79 -18.61
N LEU A 218 9.64 2.61 -17.73
CA LEU A 218 8.48 3.39 -18.09
C LEU A 218 8.74 4.90 -17.91
N LEU A 219 9.21 5.26 -16.70
CA LEU A 219 9.37 6.66 -16.34
C LEU A 219 10.30 6.73 -15.14
N ARG A 220 11.37 7.53 -15.26
CA ARG A 220 12.33 7.67 -14.18
C ARG A 220 12.82 9.12 -14.03
N TYR A 221 11.85 10.03 -13.87
CA TYR A 221 12.12 11.45 -13.76
C TYR A 221 10.80 12.16 -13.49
N ASP A 222 10.91 13.49 -13.34
CA ASP A 222 9.76 14.39 -13.22
C ASP A 222 9.01 14.19 -11.90
N CYS A 223 9.79 14.19 -10.80
CA CYS A 223 9.23 13.94 -9.48
C CYS A 223 9.52 15.10 -8.52
N PRO A 224 8.64 15.26 -7.54
CA PRO A 224 8.76 16.38 -6.61
C PRO A 224 10.03 16.34 -5.76
N ASP A 225 10.52 15.11 -5.54
CA ASP A 225 11.71 14.82 -4.79
C ASP A 225 12.98 14.78 -5.66
N GLY A 226 12.80 14.87 -6.98
CA GLY A 226 13.89 14.86 -7.93
C GLY A 226 14.06 13.48 -8.60
N PRO A 227 15.09 12.73 -8.20
CA PRO A 227 15.41 11.48 -8.85
C PRO A 227 14.38 10.39 -8.52
N ALA A 228 13.77 9.85 -9.58
CA ALA A 228 12.73 8.84 -9.45
C ALA A 228 12.99 7.73 -10.46
N VAL A 229 12.58 6.51 -10.10
CA VAL A 229 12.74 5.37 -10.97
C VAL A 229 11.51 4.47 -10.85
N VAL A 230 10.75 4.37 -11.93
CA VAL A 230 9.59 3.49 -11.99
C VAL A 230 9.92 2.39 -13.01
N VAL A 231 9.93 1.15 -12.51
CA VAL A 231 10.09 -0.02 -13.33
C VAL A 231 8.86 -0.92 -13.18
N SER A 232 8.59 -1.62 -14.29
CA SER A 232 7.53 -2.61 -14.36
C SER A 232 8.14 -4.02 -14.36
N ALA A 233 7.71 -4.78 -13.37
CA ALA A 233 8.16 -6.14 -13.17
C ALA A 233 7.62 -7.04 -14.30
N PRO A 234 8.34 -8.13 -14.58
CA PRO A 234 7.98 -8.97 -15.71
C PRO A 234 6.60 -9.61 -15.57
N GLY A 235 6.20 -9.83 -14.29
CA GLY A 235 4.90 -10.39 -14.01
C GLY A 235 3.72 -9.45 -14.23
N GLY A 236 4.00 -8.14 -14.31
CA GLY A 236 2.96 -7.17 -14.52
C GLY A 236 2.75 -6.20 -13.35
N GLU A 237 3.73 -6.13 -12.45
CA GLU A 237 3.67 -5.31 -11.27
C GLU A 237 4.39 -3.99 -11.55
N VAL A 238 4.09 -2.95 -10.77
CA VAL A 238 4.67 -1.64 -10.97
C VAL A 238 5.00 -1.03 -9.61
N PHE A 239 6.17 -0.40 -9.50
CA PHE A 239 6.58 0.23 -8.27
C PHE A 239 7.62 1.32 -8.58
N THR A 240 7.70 2.29 -7.65
CA THR A 240 8.58 3.42 -7.79
C THR A 240 9.64 3.46 -6.69
N LEU A 241 10.86 3.75 -7.11
CA LEU A 241 12.01 3.85 -6.23
C LEU A 241 12.53 5.29 -6.21
N LEU A 242 12.92 5.70 -5.00
CA LEU A 242 13.45 7.02 -4.74
C LEU A 242 14.82 6.87 -4.08
N LEU A 243 15.80 7.52 -4.71
CA LEU A 243 17.20 7.45 -4.29
C LEU A 243 17.48 8.65 -3.38
N THR A 244 17.60 8.36 -2.09
CA THR A 244 17.86 9.34 -1.06
C THR A 244 18.58 8.63 0.11
N ASP A 245 19.07 9.45 1.02
CA ASP A 245 19.81 9.06 2.20
C ASP A 245 19.82 10.32 3.14
N GLY A 1 -11.89 7.62 43.50
CA GLY A 1 -10.93 8.44 42.72
C GLY A 1 -10.08 7.49 41.87
N SER A 2 -9.59 8.02 40.74
CA SER A 2 -8.85 7.23 39.78
C SER A 2 -7.66 8.05 39.26
N HIS A 3 -6.50 7.81 39.89
CA HIS A 3 -5.28 8.53 39.57
C HIS A 3 -4.23 7.61 38.91
N MET A 4 -4.74 6.78 37.98
CA MET A 4 -3.91 5.88 37.22
C MET A 4 -3.49 6.52 35.89
N SER A 5 -2.34 6.04 35.39
CA SER A 5 -1.82 6.46 34.11
C SER A 5 -2.28 5.47 33.01
N HIS A 6 -2.12 5.93 31.75
CA HIS A 6 -2.50 5.14 30.59
C HIS A 6 -2.11 5.94 29.33
N ASP A 7 -1.12 5.43 28.61
CA ASP A 7 -0.63 6.08 27.39
C ASP A 7 -0.04 4.99 26.49
N ALA A 8 -0.44 5.02 25.21
CA ALA A 8 0.07 4.08 24.22
C ALA A 8 1.07 4.77 23.29
N VAL A 9 1.92 3.94 22.67
CA VAL A 9 2.91 4.44 21.74
C VAL A 9 2.19 5.10 20.56
N ARG A 10 2.73 6.26 20.15
CA ARG A 10 2.18 7.03 19.04
C ARG A 10 3.31 7.33 18.05
N PRO A 11 3.38 6.53 16.97
CA PRO A 11 4.40 6.74 15.95
C PRO A 11 4.06 7.97 15.10
N ALA A 12 5.01 8.29 14.22
CA ALA A 12 4.90 9.47 13.36
C ALA A 12 3.76 9.27 12.34
N PRO A 13 2.70 10.07 12.45
CA PRO A 13 1.61 9.93 11.51
C PRO A 13 2.04 10.43 10.13
N GLY A 14 1.36 9.88 9.10
CA GLY A 14 1.61 10.21 7.72
C GLY A 14 2.04 9.02 6.86
N GLU A 15 2.73 8.07 7.51
CA GLU A 15 3.25 6.91 6.83
C GLU A 15 2.09 6.03 6.35
N PRO A 16 2.35 5.27 5.28
CA PRO A 16 1.35 4.38 4.73
C PRO A 16 1.04 3.25 5.74
N THR A 17 -0.06 2.53 5.44
CA THR A 17 -0.57 1.51 6.31
C THR A 17 0.20 0.19 6.16
N TRP A 18 -0.01 -0.44 4.99
CA TRP A 18 0.57 -1.70 4.60
C TRP A 18 0.44 -1.78 3.08
N VAL A 19 1.21 -2.71 2.49
CA VAL A 19 1.22 -3.00 1.07
C VAL A 19 1.59 -4.48 0.92
N ASP A 20 0.76 -5.20 0.16
CA ASP A 20 0.98 -6.61 -0.13
C ASP A 20 1.02 -6.79 -1.65
N LEU A 21 1.96 -7.63 -2.11
CA LEU A 21 2.10 -7.95 -3.51
C LEU A 21 2.06 -9.46 -3.69
N LEU A 22 1.00 -9.90 -4.38
CA LEU A 22 0.78 -11.29 -4.74
C LEU A 22 1.65 -11.64 -5.95
N THR A 23 2.04 -12.92 -6.00
CA THR A 23 2.86 -13.40 -7.09
C THR A 23 2.48 -14.83 -7.44
N PRO A 24 2.62 -15.21 -8.72
CA PRO A 24 2.30 -16.57 -9.12
C PRO A 24 3.22 -17.59 -8.47
N ASP A 25 4.50 -17.19 -8.33
CA ASP A 25 5.52 -18.05 -7.79
C ASP A 25 6.34 -17.30 -6.75
N ARG A 26 5.93 -17.38 -5.49
CA ARG A 26 6.68 -16.73 -4.42
C ARG A 26 8.17 -17.08 -4.53
N GLY A 27 8.46 -18.36 -4.82
CA GLY A 27 9.85 -18.76 -4.93
C GLY A 27 10.70 -17.84 -5.81
N ALA A 28 10.12 -17.48 -6.95
CA ALA A 28 10.80 -16.64 -7.92
C ALA A 28 10.71 -15.17 -7.53
N ALA A 29 9.54 -14.76 -7.04
CA ALA A 29 9.36 -13.37 -6.67
C ALA A 29 10.38 -12.96 -5.62
N LEU A 30 10.66 -13.86 -4.68
CA LEU A 30 11.63 -13.57 -3.64
C LEU A 30 13.02 -13.35 -4.21
N GLN A 31 13.28 -13.90 -5.40
CA GLN A 31 14.56 -13.73 -6.05
C GLN A 31 14.67 -12.35 -6.74
N PHE A 32 13.54 -11.91 -7.34
CA PHE A 32 13.50 -10.63 -8.01
C PHE A 32 13.24 -9.50 -7.01
N TYR A 33 12.06 -9.52 -6.39
CA TYR A 33 11.66 -8.44 -5.51
C TYR A 33 12.71 -8.18 -4.43
N SER A 34 13.16 -9.28 -3.79
CA SER A 34 14.12 -9.12 -2.72
C SER A 34 15.48 -8.62 -3.21
N ALA A 35 15.77 -8.85 -4.49
CA ALA A 35 17.00 -8.38 -5.11
C ALA A 35 16.98 -6.86 -5.38
N LEU A 36 15.80 -6.25 -5.33
CA LEU A 36 15.67 -4.83 -5.57
C LEU A 36 16.12 -4.06 -4.32
N PHE A 37 15.53 -4.48 -3.19
CA PHE A 37 15.79 -3.85 -1.91
C PHE A 37 16.98 -4.45 -1.15
N GLY A 38 17.16 -5.76 -1.32
CA GLY A 38 18.19 -6.53 -0.66
C GLY A 38 17.75 -7.03 0.72
N TRP A 39 16.54 -7.60 0.74
CA TRP A 39 15.98 -8.15 1.95
C TRP A 39 16.34 -9.65 2.08
N GLU A 40 15.89 -10.23 3.21
CA GLU A 40 16.11 -11.62 3.51
C GLU A 40 14.77 -12.33 3.69
N PHE A 41 14.82 -13.66 3.53
CA PHE A 41 13.65 -14.51 3.63
C PHE A 41 13.53 -15.10 5.03
N SER A 42 12.28 -15.15 5.53
CA SER A 42 12.01 -15.68 6.86
C SER A 42 10.58 -16.22 6.91
N THR A 43 10.47 -17.55 6.94
CA THR A 43 9.19 -18.23 6.96
C THR A 43 9.09 -19.12 8.20
N THR A 44 8.35 -18.61 9.19
CA THR A 44 8.15 -19.33 10.45
C THR A 44 6.69 -19.19 10.86
N SER A 45 5.95 -20.31 10.69
CA SER A 45 4.53 -20.36 10.98
C SER A 45 4.26 -21.49 11.98
N ASP A 46 3.72 -21.11 13.14
CA ASP A 46 3.43 -22.04 14.22
C ASP A 46 2.01 -22.58 14.05
N GLY A 47 1.95 -23.84 13.57
CA GLY A 47 0.68 -24.50 13.35
C GLY A 47 -0.17 -23.89 12.24
N THR A 48 0.45 -22.98 11.47
CA THR A 48 -0.20 -22.28 10.39
C THR A 48 0.51 -22.61 9.07
N SER A 49 -0.21 -22.28 7.98
CA SER A 49 0.29 -22.47 6.64
C SER A 49 1.60 -21.69 6.44
N PRO A 50 2.40 -22.16 5.47
CA PRO A 50 3.71 -21.56 5.23
C PRO A 50 3.57 -20.18 4.60
N TYR A 51 4.01 -19.17 5.36
CA TYR A 51 3.91 -17.78 4.97
C TYR A 51 5.30 -17.14 5.11
N THR A 52 5.91 -16.81 3.95
CA THR A 52 7.21 -16.16 3.93
C THR A 52 7.05 -14.66 4.19
N MET A 53 7.63 -14.22 5.30
CA MET A 53 7.61 -12.82 5.68
C MET A 53 9.01 -12.22 5.46
N CYS A 54 9.03 -10.89 5.24
CA CYS A 54 10.27 -10.16 5.04
C CYS A 54 10.54 -9.31 6.30
N ARG A 55 11.54 -9.78 7.05
CA ARG A 55 11.96 -9.19 8.29
C ARG A 55 13.49 -9.10 8.27
N LEU A 56 14.01 -8.04 8.91
CA LEU A 56 15.44 -7.80 8.97
C LEU A 56 15.71 -7.00 10.24
N ARG A 57 16.89 -7.22 10.83
CA ARG A 57 17.27 -6.49 12.04
C ARG A 57 16.16 -6.52 13.11
N GLY A 58 15.39 -7.63 13.13
CA GLY A 58 14.31 -7.76 14.09
C GLY A 58 13.19 -6.72 13.94
N ARG A 59 13.02 -6.23 12.71
CA ARG A 59 12.08 -5.18 12.41
C ARG A 59 11.26 -5.59 11.19
N GLU A 60 9.94 -5.59 11.38
CA GLU A 60 9.02 -5.92 10.31
C GLU A 60 9.09 -4.88 9.18
N VAL A 61 9.04 -5.42 7.94
CA VAL A 61 9.06 -4.61 6.76
C VAL A 61 7.85 -4.86 5.88
N CYS A 62 7.67 -6.13 5.47
CA CYS A 62 6.60 -6.48 4.55
C CYS A 62 6.42 -7.99 4.53
N SER A 63 5.52 -8.45 3.66
CA SER A 63 5.24 -9.85 3.49
C SER A 63 4.79 -10.08 2.05
N ILE A 64 4.96 -11.35 1.63
CA ILE A 64 4.58 -11.80 0.30
C ILE A 64 3.47 -12.83 0.42
N GLY A 65 2.57 -12.82 -0.57
CA GLY A 65 1.50 -13.77 -0.63
C GLY A 65 1.35 -14.37 -2.03
N ASP A 66 0.53 -15.42 -2.06
CA ASP A 66 0.30 -16.22 -3.24
C ASP A 66 -1.20 -16.33 -3.47
N LEU A 67 -1.55 -17.12 -4.49
CA LEU A 67 -2.90 -17.36 -4.90
C LEU A 67 -3.31 -18.82 -4.80
N GLY A 68 -2.35 -19.75 -4.85
CA GLY A 68 -2.63 -21.17 -4.87
C GLY A 68 -3.60 -21.51 -6.00
N GLU A 69 -4.86 -21.71 -5.60
CA GLU A 69 -5.92 -22.14 -6.49
C GLU A 69 -7.02 -21.07 -6.67
N ASN A 70 -6.68 -19.82 -6.34
CA ASN A 70 -7.61 -18.70 -6.40
C ASN A 70 -7.37 -17.89 -7.70
N PRO A 71 -8.23 -18.10 -8.70
CA PRO A 71 -8.05 -17.40 -9.97
C PRO A 71 -8.44 -15.92 -9.90
N GLY A 72 -9.33 -15.60 -8.95
CA GLY A 72 -9.81 -14.25 -8.72
C GLY A 72 -9.32 -13.72 -7.37
N PRO A 73 -8.05 -13.28 -7.31
CA PRO A 73 -7.54 -12.71 -6.08
C PRO A 73 -8.15 -11.32 -5.85
N ALA A 74 -7.69 -10.72 -4.74
CA ALA A 74 -8.18 -9.44 -4.29
C ALA A 74 -7.20 -8.28 -4.58
N LEU A 75 -5.90 -8.63 -4.61
CA LEU A 75 -4.85 -7.64 -4.79
C LEU A 75 -4.70 -7.31 -6.29
N GLY A 76 -4.32 -8.35 -7.07
CA GLY A 76 -4.14 -8.18 -8.49
C GLY A 76 -3.00 -7.24 -8.88
N GLY A 77 -1.99 -7.15 -7.99
CA GLY A 77 -0.84 -6.30 -8.19
C GLY A 77 -0.61 -5.41 -6.98
N TRP A 78 0.47 -4.63 -7.06
CA TRP A 78 0.77 -3.68 -6.00
C TRP A 78 -0.48 -2.83 -5.74
N SER A 79 -0.74 -2.64 -4.43
CA SER A 79 -1.84 -1.83 -3.99
C SER A 79 -1.45 -1.21 -2.65
N SER A 80 -1.85 0.07 -2.50
CA SER A 80 -1.61 0.83 -1.30
C SER A 80 -2.88 0.81 -0.43
N TYR A 81 -2.69 0.43 0.84
CA TYR A 81 -3.81 0.38 1.77
C TYR A 81 -4.02 1.73 2.47
N LEU A 82 -5.15 2.33 2.13
CA LEU A 82 -5.57 3.60 2.70
C LEU A 82 -6.37 3.34 3.98
N SER A 83 -5.99 4.06 5.05
CA SER A 83 -6.60 3.95 6.36
C SER A 83 -7.90 4.78 6.39
N VAL A 84 -9.01 4.03 6.56
CA VAL A 84 -10.33 4.63 6.55
C VAL A 84 -10.96 4.52 7.94
N ASP A 85 -12.01 5.34 8.14
CA ASP A 85 -12.70 5.39 9.41
C ASP A 85 -13.14 4.00 9.84
N ASP A 86 -13.57 3.22 8.84
CA ASP A 86 -14.03 1.87 9.06
C ASP A 86 -14.20 1.19 7.71
N ALA A 87 -14.07 -0.15 7.73
CA ALA A 87 -14.29 -0.93 6.53
C ALA A 87 -15.64 -0.59 5.89
N ASP A 88 -16.66 -0.53 6.75
CA ASP A 88 -17.99 -0.26 6.29
C ASP A 88 -18.15 1.21 5.89
N ALA A 89 -17.47 2.09 6.63
CA ALA A 89 -17.54 3.52 6.35
C ALA A 89 -17.17 3.77 4.89
N ALA A 90 -15.97 3.30 4.53
CA ALA A 90 -15.48 3.59 3.19
C ALA A 90 -16.45 3.01 2.17
N ALA A 91 -16.71 1.71 2.31
CA ALA A 91 -17.60 1.02 1.39
C ALA A 91 -18.95 1.74 1.25
N ALA A 92 -19.42 2.34 2.34
CA ALA A 92 -20.70 3.00 2.38
C ALA A 92 -20.68 4.34 1.64
N ALA A 93 -19.52 4.99 1.64
CA ALA A 93 -19.34 6.23 0.94
C ALA A 93 -19.07 6.00 -0.55
N VAL A 94 -18.48 4.85 -0.88
CA VAL A 94 -18.23 4.52 -2.27
C VAL A 94 -19.45 4.84 -3.14
N PRO A 95 -20.62 4.28 -2.86
CA PRO A 95 -21.78 4.53 -3.70
C PRO A 95 -22.25 5.98 -3.65
N GLU A 96 -22.02 6.65 -2.51
CA GLU A 96 -22.39 8.04 -2.36
C GLU A 96 -21.71 8.92 -3.41
N LEU A 97 -20.46 8.55 -3.75
CA LEU A 97 -19.67 9.33 -4.67
C LEU A 97 -19.93 8.93 -6.13
N GLY A 98 -20.45 7.71 -6.27
CA GLY A 98 -20.78 7.15 -7.55
C GLY A 98 -19.85 6.04 -8.02
N GLY A 99 -19.18 5.39 -7.05
CA GLY A 99 -18.35 4.26 -7.35
C GLY A 99 -19.08 2.94 -7.06
N ALA A 100 -18.28 1.87 -7.08
CA ALA A 100 -18.78 0.52 -6.89
C ALA A 100 -17.78 -0.25 -6.02
N VAL A 101 -18.32 -0.98 -5.04
CA VAL A 101 -17.51 -1.84 -4.19
C VAL A 101 -17.38 -3.20 -4.88
N LEU A 102 -16.15 -3.73 -4.85
CA LEU A 102 -15.86 -5.00 -5.46
C LEU A 102 -15.67 -6.11 -4.43
N LEU A 103 -14.93 -5.76 -3.36
CA LEU A 103 -14.68 -6.68 -2.27
C LEU A 103 -15.11 -6.03 -0.95
N GLY A 104 -15.21 -6.88 0.08
CA GLY A 104 -15.58 -6.44 1.39
C GLY A 104 -17.07 -6.06 1.49
N PRO A 105 -17.49 -5.75 2.72
CA PRO A 105 -16.71 -5.86 3.94
C PRO A 105 -16.41 -7.33 4.25
N ILE A 106 -15.14 -7.59 4.61
CA ILE A 106 -14.69 -8.92 5.00
C ILE A 106 -13.91 -8.83 6.31
N ASP A 107 -13.95 -9.94 7.06
CA ASP A 107 -13.32 -10.01 8.37
C ASP A 107 -12.20 -11.05 8.29
N ILE A 108 -10.98 -10.54 8.03
CA ILE A 108 -9.82 -11.42 7.87
C ILE A 108 -9.37 -11.84 9.27
N LEU A 109 -9.81 -13.04 9.68
CA LEU A 109 -9.41 -13.64 10.93
C LEU A 109 -9.66 -12.70 12.12
N ALA A 110 -10.71 -11.86 11.97
CA ALA A 110 -11.07 -10.86 12.95
C ALA A 110 -9.88 -9.96 13.35
N GLN A 111 -8.90 -9.85 12.45
CA GLN A 111 -7.70 -9.07 12.71
C GLN A 111 -7.69 -7.78 11.89
N GLY A 112 -8.21 -7.86 10.67
CA GLY A 112 -8.27 -6.73 9.77
C GLY A 112 -9.38 -6.92 8.77
N ARG A 113 -9.53 -5.88 7.92
CA ARG A 113 -10.55 -5.80 6.91
C ARG A 113 -9.93 -5.11 5.70
N MET A 114 -10.02 -5.80 4.55
CA MET A 114 -9.49 -5.32 3.29
C MET A 114 -10.61 -5.36 2.25
N LEU A 115 -10.81 -4.22 1.59
CA LEU A 115 -11.82 -4.13 0.55
C LEU A 115 -11.30 -3.26 -0.58
N LEU A 116 -11.86 -3.48 -1.78
CA LEU A 116 -11.54 -2.71 -2.96
C LEU A 116 -12.80 -2.04 -3.51
N ALA A 117 -12.58 -0.92 -4.20
CA ALA A 117 -13.62 -0.09 -4.79
C ALA A 117 -13.09 0.56 -6.06
N GLY A 118 -14.01 1.32 -6.69
CA GLY A 118 -13.70 2.02 -7.92
C GLY A 118 -14.67 1.63 -9.03
N ASP A 119 -14.11 1.43 -10.23
CA ASP A 119 -14.86 1.13 -11.41
C ASP A 119 -14.74 -0.36 -11.75
N PRO A 120 -15.75 -0.88 -12.47
CA PRO A 120 -15.79 -2.30 -12.78
C PRO A 120 -14.71 -2.75 -13.76
N SER A 121 -13.94 -1.78 -14.30
CA SER A 121 -12.81 -2.06 -15.14
C SER A 121 -11.74 -2.91 -14.42
N GLY A 122 -11.83 -2.96 -13.09
CA GLY A 122 -10.92 -3.77 -12.30
C GLY A 122 -9.99 -2.97 -11.42
N HIS A 123 -10.44 -1.75 -11.07
CA HIS A 123 -9.62 -0.87 -10.24
C HIS A 123 -9.61 -1.43 -8.82
N ARG A 124 -8.38 -1.67 -8.32
CA ARG A 124 -8.19 -2.20 -6.99
C ARG A 124 -7.55 -1.10 -6.12
N VAL A 125 -8.37 -0.60 -5.18
CA VAL A 125 -7.95 0.45 -4.27
C VAL A 125 -7.85 -0.15 -2.87
N GLY A 126 -6.61 -0.32 -2.39
CA GLY A 126 -6.40 -0.89 -1.08
C GLY A 126 -7.04 -0.03 0.01
N LEU A 127 -7.81 -0.70 0.87
CA LEU A 127 -8.52 -0.05 1.96
C LEU A 127 -8.37 -0.96 3.19
N TRP A 128 -7.77 -0.38 4.24
CA TRP A 128 -7.57 -1.06 5.51
C TRP A 128 -8.23 -0.25 6.63
N GLN A 129 -8.76 -1.02 7.60
CA GLN A 129 -9.50 -0.48 8.72
C GLN A 129 -8.58 -0.34 9.95
N ALA A 130 -7.99 0.84 10.07
CA ALA A 130 -7.08 1.12 11.18
C ALA A 130 -7.88 1.31 12.49
N LYS A 131 -7.70 0.32 13.38
CA LYS A 131 -8.36 0.31 14.66
C LYS A 131 -7.40 0.28 15.85
N GLU A 132 -6.29 -0.47 15.69
CA GLU A 132 -5.27 -0.62 16.71
C GLU A 132 -3.99 0.15 16.34
N HIS A 133 -3.58 -0.01 15.08
CA HIS A 133 -2.39 0.63 14.58
C HIS A 133 -2.66 1.11 13.16
N THR A 134 -1.96 2.19 12.80
CA THR A 134 -2.02 2.78 11.49
C THR A 134 -1.13 2.10 10.45
N GLY A 135 0.01 1.56 10.93
CA GLY A 135 0.96 0.85 10.10
C GLY A 135 2.30 1.55 9.85
N SER A 136 2.64 2.48 10.76
CA SER A 136 3.87 3.23 10.71
C SER A 136 4.89 2.56 11.62
N GLY A 137 5.78 1.79 10.98
CA GLY A 137 6.84 1.09 11.68
C GLY A 137 7.79 2.07 12.39
N PRO A 138 8.68 1.47 13.19
CA PRO A 138 9.70 2.26 13.89
C PRO A 138 10.68 2.88 12.88
N ASP A 139 11.60 3.67 13.47
CA ASP A 139 12.60 4.39 12.71
C ASP A 139 13.68 3.42 12.18
N ASP A 140 13.40 2.90 10.98
CA ASP A 140 14.24 1.93 10.32
C ASP A 140 15.00 2.54 9.14
N GLY A 141 14.45 3.64 8.62
CA GLY A 141 15.05 4.30 7.47
C GLY A 141 14.87 3.44 6.21
N ILE A 142 15.93 3.44 5.39
CA ILE A 142 15.93 2.72 4.13
C ILE A 142 15.42 1.30 4.37
N GLY A 143 14.53 0.88 3.47
CA GLY A 143 13.92 -0.43 3.55
C GLY A 143 12.44 -0.39 3.92
N ALA A 144 12.05 0.67 4.63
CA ALA A 144 10.67 0.84 5.01
C ALA A 144 9.91 1.57 3.89
N TYR A 145 8.57 1.46 4.00
CA TYR A 145 7.68 2.14 3.10
C TYR A 145 7.90 3.66 3.22
N THR A 146 7.50 4.38 2.16
CA THR A 146 7.63 5.83 2.15
C THR A 146 6.27 6.52 2.22
N ARG A 147 5.43 6.24 1.21
CA ARG A 147 4.11 6.85 1.14
C ARG A 147 3.31 6.13 0.05
N SER A 148 2.07 6.61 -0.10
CA SER A 148 1.09 6.06 -1.00
C SER A 148 0.65 7.14 -2.01
N GLU A 149 0.84 6.83 -3.29
CA GLU A 149 0.51 7.72 -4.39
C GLU A 149 -0.06 6.87 -5.52
N LEU A 150 -1.07 7.44 -6.20
CA LEU A 150 -1.69 6.83 -7.35
C LEU A 150 -1.62 7.78 -8.55
N LEU A 151 -1.26 7.18 -9.69
CA LEU A 151 -1.12 7.89 -10.94
C LEU A 151 -2.30 7.50 -11.83
N THR A 152 -3.27 8.42 -11.91
CA THR A 152 -4.46 8.20 -12.71
C THR A 152 -4.56 9.28 -13.78
N GLY A 153 -5.33 8.94 -14.83
CA GLY A 153 -5.60 9.89 -15.88
C GLY A 153 -6.72 10.87 -15.57
N ALA A 154 -7.17 10.89 -14.30
CA ALA A 154 -8.29 11.73 -13.93
C ALA A 154 -8.15 12.15 -12.47
N SER A 155 -7.12 12.96 -12.19
CA SER A 155 -6.88 13.40 -10.83
C SER A 155 -8.17 13.98 -10.22
N ALA A 156 -8.85 14.81 -11.00
CA ALA A 156 -10.06 15.48 -10.53
C ALA A 156 -11.10 14.46 -10.04
N THR A 157 -11.20 13.35 -10.79
CA THR A 157 -12.14 12.29 -10.45
C THR A 157 -11.67 11.47 -9.25
N ASP A 158 -10.46 10.92 -9.34
CA ASP A 158 -9.95 10.10 -8.28
C ASP A 158 -9.92 10.89 -6.97
N GLY A 159 -9.54 12.16 -7.06
CA GLY A 159 -9.51 13.01 -5.89
C GLY A 159 -10.84 13.01 -5.16
N ALA A 160 -11.93 13.06 -5.93
CA ALA A 160 -13.27 13.05 -5.39
C ALA A 160 -13.53 11.75 -4.61
N PHE A 161 -12.99 10.65 -5.12
CA PHE A 161 -13.11 9.36 -4.45
C PHE A 161 -12.48 9.42 -3.06
N TYR A 162 -11.28 10.01 -3.01
CA TYR A 162 -10.54 10.09 -1.76
C TYR A 162 -11.27 11.01 -0.76
N ARG A 163 -11.54 12.24 -1.20
CA ARG A 163 -12.18 13.18 -0.30
C ARG A 163 -13.51 12.66 0.23
N GLY A 164 -14.14 11.72 -0.48
CA GLY A 164 -15.36 11.12 0.00
C GLY A 164 -15.15 10.05 1.06
N LEU A 165 -14.15 9.18 0.82
CA LEU A 165 -13.94 8.07 1.73
C LEU A 165 -13.18 8.50 3.00
N PHE A 166 -12.47 9.63 2.88
CA PHE A 166 -11.68 10.21 3.92
C PHE A 166 -12.31 11.46 4.53
N GLY A 167 -12.64 12.41 3.63
CA GLY A 167 -13.27 13.64 4.07
C GLY A 167 -14.46 13.37 4.98
N ALA A 168 -14.57 14.22 6.03
CA ALA A 168 -15.65 14.12 6.98
C ALA A 168 -16.99 14.40 6.31
N ASP A 169 -16.96 15.04 5.15
CA ASP A 169 -18.13 15.33 4.34
C ASP A 169 -19.08 14.14 4.29
N PHE A 170 -18.52 12.91 4.22
CA PHE A 170 -19.35 11.73 4.15
C PHE A 170 -20.32 11.63 5.33
N ALA A 171 -19.78 11.90 6.53
CA ALA A 171 -20.53 11.83 7.76
C ALA A 171 -21.28 13.13 8.10
N THR A 172 -20.78 14.24 7.56
CA THR A 172 -21.37 15.55 7.75
C THR A 172 -21.69 15.80 9.24
N GLU A 173 -20.71 15.43 10.08
CA GLU A 173 -20.83 15.55 11.51
C GLU A 173 -19.42 15.50 12.10
N SER A 174 -19.37 15.79 13.42
CA SER A 174 -18.15 15.77 14.20
C SER A 174 -18.48 15.16 15.57
N GLY A 175 -17.46 14.49 16.14
CA GLY A 175 -17.59 13.95 17.48
C GLY A 175 -16.65 12.81 17.78
N THR A 176 -16.42 11.96 16.75
CA THR A 176 -15.59 10.79 16.90
C THR A 176 -14.60 10.64 15.72
N ASP A 177 -13.82 11.72 15.54
CA ASP A 177 -12.88 11.80 14.45
C ASP A 177 -11.50 12.10 15.02
N GLY A 178 -10.53 11.26 14.59
CA GLY A 178 -9.15 11.37 15.04
C GLY A 178 -8.31 12.33 14.19
N GLY A 179 -8.50 12.21 12.86
CA GLY A 179 -7.83 13.07 11.92
C GLY A 179 -6.54 12.43 11.37
N GLY A 180 -6.75 11.35 10.59
CA GLY A 180 -5.64 10.57 10.07
C GLY A 180 -5.82 10.29 8.58
N ARG A 181 -5.89 11.38 7.81
CA ARG A 181 -6.10 11.29 6.37
C ARG A 181 -4.74 11.38 5.64
N ARG A 182 -4.44 10.34 4.87
CA ARG A 182 -3.20 10.28 4.11
C ARG A 182 -3.52 9.68 2.73
N ALA A 183 -3.20 10.43 1.68
CA ALA A 183 -3.30 9.96 0.31
C ALA A 183 -2.77 11.08 -0.60
N ALA A 184 -2.62 10.73 -1.88
CA ALA A 184 -2.17 11.67 -2.89
C ALA A 184 -2.40 11.03 -4.26
N ILE A 185 -2.85 11.87 -5.20
CA ILE A 185 -3.18 11.50 -6.55
C ILE A 185 -2.65 12.55 -7.51
N ARG A 186 -1.95 12.08 -8.55
CA ARG A 186 -1.42 12.94 -9.58
C ARG A 186 -2.00 12.53 -10.95
N GLN A 187 -2.19 13.56 -11.78
CA GLN A 187 -2.61 13.46 -13.17
C GLN A 187 -1.37 13.35 -14.07
N VAL A 188 -1.27 12.23 -14.77
CA VAL A 188 -0.24 11.95 -15.73
C VAL A 188 -0.78 10.90 -16.72
N GLY A 189 0.07 10.60 -17.73
CA GLY A 189 -0.21 9.54 -18.68
C GLY A 189 0.80 9.54 -19.83
N PRO A 190 0.93 10.68 -20.53
CA PRO A 190 1.85 10.72 -21.66
C PRO A 190 3.31 10.74 -21.21
N ALA A 191 3.57 11.51 -20.15
CA ALA A 191 4.91 11.72 -19.64
C ALA A 191 5.16 11.03 -18.30
N ALA A 192 4.34 10.00 -18.01
CA ALA A 192 4.51 9.23 -16.79
C ALA A 192 3.49 8.08 -16.82
N PRO A 193 3.82 7.01 -16.09
CA PRO A 193 2.98 5.82 -16.04
C PRO A 193 1.68 6.11 -15.26
N SER A 194 0.86 5.04 -15.21
CA SER A 194 -0.45 5.06 -14.61
C SER A 194 -0.68 3.74 -13.86
N GLY A 195 -1.30 3.87 -12.67
CA GLY A 195 -1.63 2.75 -11.83
C GLY A 195 -1.34 3.06 -10.37
N TRP A 196 -1.71 2.08 -9.53
CA TRP A 196 -1.55 2.13 -8.11
C TRP A 196 -0.19 1.51 -7.73
N TYR A 197 0.70 2.35 -7.19
CA TYR A 197 2.00 1.85 -6.79
C TYR A 197 2.63 2.85 -5.83
N PRO A 198 2.73 2.45 -4.54
CA PRO A 198 3.35 3.31 -3.56
C PRO A 198 4.85 3.46 -3.82
N CYS A 199 5.41 4.42 -3.07
CA CYS A 199 6.83 4.70 -3.09
C CYS A 199 7.53 4.07 -1.88
N PHE A 200 8.84 3.90 -2.05
CA PHE A 200 9.69 3.27 -1.06
C PHE A 200 11.05 3.96 -1.06
N ARG A 201 11.70 3.92 0.11
CA ARG A 201 12.99 4.56 0.31
C ARG A 201 14.09 3.50 0.23
N ALA A 202 14.95 3.68 -0.78
CA ALA A 202 16.04 2.78 -1.06
C ALA A 202 17.31 3.57 -1.38
N GLN A 203 18.41 2.82 -1.52
CA GLN A 203 19.70 3.38 -1.85
C GLN A 203 19.85 3.50 -3.37
N GLU A 204 20.72 4.40 -3.80
CA GLU A 204 21.00 4.55 -5.22
C GLU A 204 21.42 3.23 -5.86
N SER A 205 22.13 2.39 -5.08
CA SER A 205 22.62 1.12 -5.57
C SER A 205 21.49 0.11 -5.87
N ALA A 206 20.33 0.34 -5.27
CA ALA A 206 19.17 -0.50 -5.46
C ALA A 206 18.56 -0.31 -6.86
N VAL A 207 18.64 0.93 -7.36
CA VAL A 207 18.12 1.26 -8.67
C VAL A 207 18.63 0.25 -9.71
N PRO A 208 19.95 0.17 -9.91
CA PRO A 208 20.46 -0.76 -10.91
C PRO A 208 20.24 -2.21 -10.52
N ALA A 209 20.11 -2.47 -9.22
CA ALA A 209 19.85 -3.81 -8.74
C ALA A 209 18.63 -4.42 -9.45
N ALA A 210 17.67 -3.57 -9.82
CA ALA A 210 16.51 -4.05 -10.54
C ALA A 210 16.82 -4.19 -12.04
N VAL A 211 17.53 -3.20 -12.57
CA VAL A 211 17.90 -3.19 -13.98
C VAL A 211 18.58 -4.49 -14.39
N MET A 212 19.58 -4.89 -13.60
CA MET A 212 20.34 -6.08 -13.92
C MET A 212 19.46 -7.32 -14.12
N LEU A 213 18.31 -7.35 -13.42
CA LEU A 213 17.39 -8.45 -13.48
C LEU A 213 16.48 -8.42 -14.71
N GLY A 214 16.36 -7.22 -15.28
CA GLY A 214 15.55 -6.97 -16.45
C GLY A 214 14.37 -6.03 -16.21
N ALA A 215 14.50 -5.15 -15.20
CA ALA A 215 13.47 -4.17 -14.94
C ALA A 215 13.28 -3.26 -16.16
N SER A 216 12.02 -2.81 -16.29
CA SER A 216 11.62 -1.95 -17.40
C SER A 216 11.57 -0.49 -16.93
N VAL A 217 12.16 0.39 -17.73
CA VAL A 217 12.18 1.82 -17.47
C VAL A 217 10.92 2.48 -18.05
N LEU A 218 10.24 3.25 -17.18
CA LEU A 218 9.08 4.00 -17.60
C LEU A 218 9.29 5.51 -17.35
N LEU A 219 9.68 5.83 -16.09
CA LEU A 219 9.77 7.22 -15.67
C LEU A 219 10.63 7.28 -14.41
N ARG A 220 11.67 8.12 -14.44
CA ARG A 220 12.56 8.26 -13.30
C ARG A 220 12.97 9.72 -13.08
N TYR A 221 11.94 10.57 -12.94
CA TYR A 221 12.13 12.00 -12.76
C TYR A 221 10.76 12.63 -12.54
N ASP A 222 10.77 13.95 -12.33
CA ASP A 222 9.56 14.75 -12.24
C ASP A 222 8.77 14.40 -10.96
N CYS A 223 9.49 14.52 -9.82
CA CYS A 223 8.90 14.19 -8.53
C CYS A 223 9.15 15.33 -7.54
N PRO A 224 8.26 15.45 -6.54
CA PRO A 224 8.32 16.56 -5.61
C PRO A 224 9.56 16.53 -4.70
N ASP A 225 10.05 15.31 -4.48
CA ASP A 225 11.24 15.03 -3.70
C ASP A 225 12.54 15.06 -4.51
N GLY A 226 12.42 15.20 -5.83
CA GLY A 226 13.55 15.24 -6.73
C GLY A 226 13.80 13.91 -7.44
N PRO A 227 14.84 13.19 -7.01
CA PRO A 227 15.24 11.96 -7.71
C PRO A 227 14.22 10.83 -7.47
N ALA A 228 13.69 10.30 -8.58
CA ALA A 228 12.69 9.25 -8.53
C ALA A 228 13.02 8.19 -9.56
N VAL A 229 12.63 6.95 -9.26
CA VAL A 229 12.85 5.85 -10.18
C VAL A 229 11.65 4.91 -10.14
N VAL A 230 10.94 4.84 -11.28
CA VAL A 230 9.82 3.94 -11.43
C VAL A 230 10.23 2.89 -12.46
N VAL A 231 10.26 1.64 -12.00
CA VAL A 231 10.49 0.49 -12.85
C VAL A 231 9.29 -0.44 -12.79
N SER A 232 9.09 -1.12 -13.94
CA SER A 232 8.08 -2.13 -14.06
C SER A 232 8.74 -3.51 -14.04
N ALA A 233 8.24 -4.34 -13.11
CA ALA A 233 8.72 -5.69 -12.94
C ALA A 233 8.30 -6.55 -14.16
N PRO A 234 9.06 -7.61 -14.43
CA PRO A 234 8.83 -8.40 -15.62
C PRO A 234 7.46 -9.09 -15.62
N GLY A 235 6.97 -9.38 -14.40
CA GLY A 235 5.67 -10.00 -14.25
C GLY A 235 4.48 -9.09 -14.54
N GLY A 236 4.73 -7.76 -14.56
CA GLY A 236 3.68 -6.82 -14.82
C GLY A 236 3.33 -5.91 -13.65
N GLU A 237 4.23 -5.86 -12.67
CA GLU A 237 4.05 -5.06 -11.48
C GLU A 237 4.76 -3.71 -11.68
N VAL A 238 4.42 -2.73 -10.84
CA VAL A 238 4.98 -1.39 -10.94
C VAL A 238 5.22 -0.87 -9.52
N PHE A 239 6.34 -0.16 -9.33
CA PHE A 239 6.66 0.42 -8.04
C PHE A 239 7.69 1.53 -8.24
N THR A 240 7.69 2.47 -7.27
CA THR A 240 8.55 3.63 -7.32
C THR A 240 9.54 3.65 -6.15
N LEU A 241 10.78 4.00 -6.48
CA LEU A 241 11.86 4.10 -5.53
C LEU A 241 12.36 5.54 -5.44
N LEU A 242 12.65 5.93 -4.20
CA LEU A 242 13.12 7.26 -3.85
C LEU A 242 14.44 7.11 -3.10
N LEU A 243 15.49 7.70 -3.69
CA LEU A 243 16.85 7.63 -3.15
C LEU A 243 16.99 8.72 -2.08
N THR A 244 16.97 8.29 -0.82
CA THR A 244 17.18 9.16 0.32
C THR A 244 17.88 8.35 1.43
N ASP A 245 18.37 9.10 2.42
CA ASP A 245 19.07 8.61 3.58
C ASP A 245 19.17 9.80 4.59
N GLY A 1 -25.53 1.45 20.40
CA GLY A 1 -24.37 1.87 21.23
C GLY A 1 -24.03 0.69 22.15
N SER A 2 -22.74 0.59 22.49
CA SER A 2 -22.23 -0.50 23.29
C SER A 2 -21.15 0.05 24.22
N HIS A 3 -20.61 -0.85 25.07
CA HIS A 3 -19.55 -0.50 25.99
C HIS A 3 -18.23 -1.12 25.49
N MET A 4 -17.34 -0.22 25.04
CA MET A 4 -16.02 -0.58 24.55
C MET A 4 -14.97 -0.32 25.63
N SER A 5 -13.70 -0.56 25.26
CA SER A 5 -12.59 -0.27 26.14
C SER A 5 -12.63 1.20 26.58
N HIS A 6 -11.87 1.47 27.64
CA HIS A 6 -11.79 2.77 28.26
C HIS A 6 -10.45 3.48 27.99
N ASP A 7 -9.92 3.25 26.77
CA ASP A 7 -8.66 3.83 26.35
C ASP A 7 -8.67 3.98 24.84
N ALA A 8 -8.26 5.16 24.38
CA ALA A 8 -8.19 5.48 22.97
C ALA A 8 -6.73 5.59 22.51
N VAL A 9 -6.40 4.80 21.49
CA VAL A 9 -5.05 4.76 20.95
C VAL A 9 -4.93 5.76 19.80
N ARG A 10 -3.84 6.55 19.82
CA ARG A 10 -3.58 7.54 18.80
C ARG A 10 -2.21 7.25 18.16
N PRO A 11 -2.23 6.60 17.00
CA PRO A 11 -0.99 6.28 16.30
C PRO A 11 -0.39 7.54 15.66
N ALA A 12 0.82 7.34 15.10
CA ALA A 12 1.57 8.45 14.51
C ALA A 12 1.18 8.62 13.04
N PRO A 13 0.53 9.73 12.71
CA PRO A 13 0.10 9.94 11.33
C PRO A 13 1.31 10.25 10.45
N GLY A 14 1.12 9.97 9.13
CA GLY A 14 2.17 10.16 8.16
C GLY A 14 2.91 8.88 7.78
N GLU A 15 3.00 7.96 8.74
CA GLU A 15 3.70 6.73 8.52
C GLU A 15 2.83 5.75 7.72
N PRO A 16 3.49 4.97 6.85
CA PRO A 16 2.79 3.95 6.09
C PRO A 16 2.26 2.87 7.03
N THR A 17 1.25 2.14 6.50
CA THR A 17 0.58 1.08 7.23
C THR A 17 1.21 -0.29 6.92
N TRP A 18 0.91 -0.82 5.72
CA TRP A 18 1.37 -2.11 5.27
C TRP A 18 1.21 -2.15 3.75
N VAL A 19 2.04 -3.00 3.12
CA VAL A 19 1.99 -3.28 1.69
C VAL A 19 2.38 -4.74 1.47
N ASP A 20 1.52 -5.47 0.76
CA ASP A 20 1.74 -6.85 0.38
C ASP A 20 1.70 -6.94 -1.15
N LEU A 21 2.49 -7.89 -1.66
CA LEU A 21 2.56 -8.15 -3.09
C LEU A 21 2.39 -9.65 -3.36
N LEU A 22 1.22 -9.98 -3.90
CA LEU A 22 0.88 -11.33 -4.30
C LEU A 22 1.62 -11.67 -5.61
N THR A 23 1.94 -12.96 -5.76
CA THR A 23 2.60 -13.44 -6.95
C THR A 23 2.11 -14.85 -7.26
N PRO A 24 2.16 -15.24 -8.54
CA PRO A 24 1.77 -16.59 -8.90
C PRO A 24 2.73 -17.63 -8.32
N ASP A 25 4.02 -17.25 -8.31
CA ASP A 25 5.08 -18.15 -7.91
C ASP A 25 6.02 -17.44 -6.93
N ARG A 26 5.67 -17.54 -5.64
CA ARG A 26 6.44 -16.86 -4.61
C ARG A 26 7.92 -17.20 -4.75
N GLY A 27 8.23 -18.50 -4.95
CA GLY A 27 9.61 -18.91 -5.06
C GLY A 27 10.43 -18.03 -6.01
N ALA A 28 9.81 -17.70 -7.15
CA ALA A 28 10.44 -16.89 -8.15
C ALA A 28 10.38 -15.41 -7.78
N ALA A 29 9.29 -14.99 -7.14
CA ALA A 29 9.20 -13.63 -6.68
C ALA A 29 10.44 -13.26 -5.85
N LEU A 30 10.83 -14.18 -4.98
CA LEU A 30 11.95 -13.93 -4.10
C LEU A 30 13.27 -13.77 -4.87
N GLN A 31 13.30 -14.32 -6.09
CA GLN A 31 14.47 -14.25 -6.93
C GLN A 31 14.57 -12.90 -7.67
N PHE A 32 13.41 -12.42 -8.15
CA PHE A 32 13.36 -11.15 -8.85
C PHE A 32 13.23 -9.99 -7.86
N TYR A 33 12.11 -9.97 -7.12
CA TYR A 33 11.84 -8.87 -6.23
C TYR A 33 12.99 -8.63 -5.25
N SER A 34 13.41 -9.74 -4.59
CA SER A 34 14.45 -9.58 -3.61
C SER A 34 15.78 -9.16 -4.22
N ALA A 35 15.96 -9.39 -5.53
CA ALA A 35 17.15 -8.97 -6.24
C ALA A 35 17.18 -7.47 -6.53
N LEU A 36 16.03 -6.80 -6.34
CA LEU A 36 15.94 -5.38 -6.59
C LEU A 36 16.51 -4.59 -5.40
N PHE A 37 16.10 -5.03 -4.21
CA PHE A 37 16.50 -4.41 -2.97
C PHE A 37 17.70 -5.10 -2.30
N GLY A 38 17.76 -6.42 -2.47
CA GLY A 38 18.80 -7.25 -1.90
C GLY A 38 18.46 -7.74 -0.49
N TRP A 39 17.22 -8.24 -0.35
CA TRP A 39 16.75 -8.73 0.92
C TRP A 39 16.92 -10.25 1.04
N GLU A 40 16.73 -10.74 2.26
CA GLU A 40 16.92 -12.14 2.61
C GLU A 40 15.57 -12.83 2.85
N PHE A 41 15.58 -14.15 2.66
CA PHE A 41 14.39 -14.94 2.79
C PHE A 41 14.31 -15.58 4.19
N SER A 42 13.09 -15.55 4.76
CA SER A 42 12.84 -16.08 6.08
C SER A 42 11.40 -16.59 6.15
N THR A 43 11.23 -17.92 6.14
CA THR A 43 9.91 -18.53 6.23
C THR A 43 9.84 -19.44 7.46
N THR A 44 9.13 -18.95 8.49
CA THR A 44 8.99 -19.68 9.73
C THR A 44 7.55 -19.51 10.24
N SER A 45 6.78 -20.60 10.11
CA SER A 45 5.37 -20.59 10.48
C SER A 45 5.11 -21.70 11.50
N ASP A 46 4.63 -21.31 12.69
CA ASP A 46 4.37 -22.25 13.76
C ASP A 46 2.92 -22.74 13.64
N GLY A 47 2.79 -23.98 13.13
CA GLY A 47 1.49 -24.59 12.96
C GLY A 47 0.61 -23.91 11.91
N THR A 48 1.23 -23.01 11.13
CA THR A 48 0.54 -22.26 10.10
C THR A 48 1.16 -22.57 8.74
N SER A 49 0.39 -22.19 7.71
CA SER A 49 0.79 -22.38 6.32
C SER A 49 2.13 -21.68 6.07
N PRO A 50 2.85 -22.16 5.06
CA PRO A 50 4.17 -21.62 4.74
C PRO A 50 4.04 -20.20 4.15
N TYR A 51 4.58 -19.24 4.92
CA TYR A 51 4.52 -17.83 4.57
C TYR A 51 5.93 -17.22 4.68
N THR A 52 6.46 -16.80 3.53
CA THR A 52 7.78 -16.20 3.47
C THR A 52 7.70 -14.73 3.87
N MET A 53 8.36 -14.44 5.00
CA MET A 53 8.40 -13.12 5.59
C MET A 53 9.78 -12.50 5.30
N CYS A 54 9.79 -11.57 4.32
CA CYS A 54 11.02 -10.90 3.89
C CYS A 54 11.34 -9.79 4.90
N ARG A 55 12.40 -10.01 5.69
CA ARG A 55 12.80 -9.10 6.74
C ARG A 55 14.33 -9.02 6.73
N LEU A 56 14.84 -7.85 7.13
CA LEU A 56 16.27 -7.59 7.16
C LEU A 56 16.57 -6.85 8.47
N ARG A 57 17.76 -7.14 9.04
CA ARG A 57 18.19 -6.48 10.26
C ARG A 57 17.12 -6.57 11.37
N GLY A 58 16.30 -7.64 11.34
CA GLY A 58 15.25 -7.80 12.30
C GLY A 58 14.14 -6.75 12.23
N ARG A 59 13.96 -6.18 11.03
CA ARG A 59 13.06 -5.07 10.80
C ARG A 59 12.14 -5.43 9.63
N GLU A 60 10.83 -5.30 9.90
CA GLU A 60 9.80 -5.62 8.93
C GLU A 60 9.79 -4.60 7.78
N VAL A 61 9.74 -5.15 6.55
CA VAL A 61 9.72 -4.32 5.36
C VAL A 61 8.60 -4.65 4.39
N CYS A 62 8.25 -5.95 4.29
CA CYS A 62 7.24 -6.40 3.36
C CYS A 62 6.96 -7.87 3.62
N SER A 63 6.10 -8.44 2.78
CA SER A 63 5.79 -9.85 2.80
C SER A 63 5.41 -10.27 1.39
N ILE A 64 5.53 -11.58 1.15
CA ILE A 64 5.19 -12.18 -0.13
C ILE A 64 4.24 -13.33 0.13
N GLY A 65 3.46 -13.67 -0.90
CA GLY A 65 2.51 -14.75 -0.85
C GLY A 65 2.08 -15.15 -2.26
N ASP A 66 1.09 -16.04 -2.28
CA ASP A 66 0.57 -16.65 -3.49
C ASP A 66 -0.96 -16.68 -3.38
N LEU A 67 -1.56 -17.23 -4.44
CA LEU A 67 -2.99 -17.33 -4.59
C LEU A 67 -3.51 -18.75 -4.67
N GLY A 68 -2.65 -19.72 -4.99
CA GLY A 68 -3.09 -21.10 -5.15
C GLY A 68 -4.19 -21.17 -6.22
N GLU A 69 -5.41 -21.42 -5.73
CA GLU A 69 -6.58 -21.64 -6.57
C GLU A 69 -7.57 -20.46 -6.52
N ASN A 70 -7.06 -19.29 -6.13
CA ASN A 70 -7.87 -18.11 -5.96
C ASN A 70 -7.71 -17.17 -7.17
N PRO A 71 -8.69 -17.19 -8.10
CA PRO A 71 -8.59 -16.38 -9.30
C PRO A 71 -8.83 -14.89 -9.04
N GLY A 72 -9.60 -14.61 -7.98
CA GLY A 72 -9.93 -13.27 -7.56
C GLY A 72 -9.29 -12.94 -6.21
N PRO A 73 -7.99 -12.63 -6.22
CA PRO A 73 -7.32 -12.25 -4.99
C PRO A 73 -7.78 -10.85 -4.55
N ALA A 74 -7.18 -10.43 -3.43
CA ALA A 74 -7.51 -9.17 -2.79
C ALA A 74 -6.50 -8.06 -3.06
N LEU A 75 -5.23 -8.47 -3.32
CA LEU A 75 -4.14 -7.55 -3.53
C LEU A 75 -4.19 -7.01 -4.98
N GLY A 76 -4.03 -7.96 -5.92
CA GLY A 76 -4.02 -7.61 -7.33
C GLY A 76 -2.84 -6.76 -7.79
N GLY A 77 -1.72 -6.88 -7.05
CA GLY A 77 -0.52 -6.11 -7.31
C GLY A 77 -0.19 -5.21 -6.12
N TRP A 78 0.87 -4.42 -6.29
CA TRP A 78 1.20 -3.41 -5.32
C TRP A 78 0.00 -2.49 -5.14
N SER A 79 0.02 -1.81 -3.97
CA SER A 79 -0.98 -0.83 -3.62
C SER A 79 -0.61 -0.21 -2.29
N SER A 80 -1.07 1.04 -2.12
CA SER A 80 -0.96 1.78 -0.88
C SER A 80 -2.20 1.51 -0.02
N TYR A 81 -1.92 1.22 1.26
CA TYR A 81 -2.94 1.02 2.27
C TYR A 81 -2.99 2.23 3.21
N LEU A 82 -4.21 2.73 3.39
CA LEU A 82 -4.51 3.84 4.26
C LEU A 82 -5.30 3.33 5.46
N SER A 83 -5.12 4.03 6.59
CA SER A 83 -5.74 3.66 7.85
C SER A 83 -7.08 4.39 8.02
N VAL A 84 -8.13 3.58 8.17
CA VAL A 84 -9.48 4.10 8.29
C VAL A 84 -9.97 4.01 9.73
N ASP A 85 -11.00 4.81 10.03
CA ASP A 85 -11.62 4.81 11.34
C ASP A 85 -12.08 3.41 11.74
N ASP A 86 -12.61 2.69 10.73
CA ASP A 86 -13.13 1.36 10.91
C ASP A 86 -13.36 0.76 9.53
N ALA A 87 -13.19 -0.56 9.42
CA ALA A 87 -13.49 -1.26 8.20
C ALA A 87 -14.87 -0.85 7.68
N ASP A 88 -15.82 -0.85 8.62
CA ASP A 88 -17.19 -0.56 8.28
C ASP A 88 -17.39 0.93 8.00
N ALA A 89 -16.64 1.77 8.73
CA ALA A 89 -16.72 3.21 8.54
C ALA A 89 -16.45 3.56 7.07
N ALA A 90 -15.29 3.10 6.58
CA ALA A 90 -14.91 3.43 5.21
C ALA A 90 -15.97 2.90 4.26
N ALA A 91 -16.24 1.60 4.37
CA ALA A 91 -17.20 0.95 3.49
C ALA A 91 -18.55 1.68 3.47
N ALA A 92 -18.94 2.20 4.63
CA ALA A 92 -20.22 2.88 4.79
C ALA A 92 -20.23 4.25 4.11
N ALA A 93 -19.05 4.89 4.07
CA ALA A 93 -18.91 6.17 3.44
C ALA A 93 -18.72 6.02 1.93
N VAL A 94 -18.23 4.88 1.48
CA VAL A 94 -18.09 4.63 0.06
C VAL A 94 -19.34 5.04 -0.71
N PRO A 95 -20.51 4.49 -0.37
CA PRO A 95 -21.71 4.83 -1.10
C PRO A 95 -22.15 6.29 -0.93
N GLU A 96 -21.76 6.88 0.20
CA GLU A 96 -22.09 8.27 0.47
C GLU A 96 -21.45 9.22 -0.54
N LEU A 97 -20.26 8.81 -1.03
CA LEU A 97 -19.52 9.62 -1.98
C LEU A 97 -19.89 9.29 -3.42
N GLY A 98 -20.44 8.08 -3.60
CA GLY A 98 -20.85 7.59 -4.87
C GLY A 98 -19.96 6.50 -5.45
N GLY A 99 -19.28 5.77 -4.56
CA GLY A 99 -18.48 4.64 -4.96
C GLY A 99 -19.20 3.32 -4.66
N ALA A 100 -18.40 2.24 -4.77
CA ALA A 100 -18.89 0.90 -4.60
C ALA A 100 -17.81 0.09 -3.86
N VAL A 101 -18.27 -0.69 -2.88
CA VAL A 101 -17.41 -1.59 -2.14
C VAL A 101 -17.29 -2.90 -2.92
N LEU A 102 -16.03 -3.36 -3.06
CA LEU A 102 -15.77 -4.58 -3.80
C LEU A 102 -15.55 -5.77 -2.87
N LEU A 103 -14.75 -5.52 -1.81
CA LEU A 103 -14.45 -6.52 -0.81
C LEU A 103 -14.76 -5.94 0.57
N GLY A 104 -14.83 -6.86 1.55
CA GLY A 104 -15.07 -6.48 2.91
C GLY A 104 -16.53 -6.06 3.15
N PRO A 105 -16.84 -5.80 4.43
CA PRO A 105 -15.96 -5.99 5.57
C PRO A 105 -15.66 -7.47 5.80
N ILE A 106 -14.39 -7.77 6.08
CA ILE A 106 -13.94 -9.12 6.37
C ILE A 106 -13.04 -9.09 7.60
N ASP A 107 -12.97 -10.25 8.27
CA ASP A 107 -12.22 -10.41 9.50
C ASP A 107 -11.09 -11.43 9.25
N ILE A 108 -9.93 -10.89 8.89
CA ILE A 108 -8.77 -11.72 8.60
C ILE A 108 -8.22 -12.23 9.92
N LEU A 109 -8.50 -13.50 10.22
CA LEU A 109 -7.98 -14.19 11.39
C LEU A 109 -8.26 -13.42 12.68
N ALA A 110 -9.38 -12.66 12.66
CA ALA A 110 -9.77 -11.80 13.77
C ALA A 110 -8.61 -10.90 14.23
N GLN A 111 -7.70 -10.60 13.29
CA GLN A 111 -6.55 -9.77 13.59
C GLN A 111 -6.70 -8.39 12.95
N GLY A 112 -7.24 -8.37 11.73
CA GLY A 112 -7.42 -7.13 10.99
C GLY A 112 -8.55 -7.29 9.99
N ARG A 113 -8.72 -6.22 9.21
CA ARG A 113 -9.79 -6.11 8.24
C ARG A 113 -9.23 -5.34 7.03
N MET A 114 -9.40 -5.94 5.85
CA MET A 114 -8.93 -5.40 4.59
C MET A 114 -10.12 -5.39 3.63
N LEU A 115 -10.38 -4.22 3.05
CA LEU A 115 -11.46 -4.07 2.10
C LEU A 115 -11.02 -3.11 0.99
N LEU A 116 -11.66 -3.26 -0.18
CA LEU A 116 -11.39 -2.40 -1.30
C LEU A 116 -12.68 -1.69 -1.75
N ALA A 117 -12.49 -0.51 -2.33
CA ALA A 117 -13.57 0.34 -2.80
C ALA A 117 -13.13 1.08 -4.07
N GLY A 118 -14.10 1.83 -4.62
CA GLY A 118 -13.88 2.58 -5.83
C GLY A 118 -14.96 2.26 -6.87
N ASP A 119 -14.52 2.15 -8.13
CA ASP A 119 -15.39 1.88 -9.26
C ASP A 119 -15.31 0.42 -9.66
N PRO A 120 -16.37 -0.07 -10.30
CA PRO A 120 -16.42 -1.46 -10.73
C PRO A 120 -15.43 -1.81 -11.85
N SER A 121 -14.76 -0.77 -12.38
CA SER A 121 -13.67 -0.95 -13.32
C SER A 121 -12.55 -1.84 -12.77
N GLY A 122 -12.50 -1.97 -11.44
CA GLY A 122 -11.51 -2.81 -10.81
C GLY A 122 -10.50 -2.02 -9.99
N HIS A 123 -10.92 -0.86 -9.50
CA HIS A 123 -10.07 -0.02 -8.68
C HIS A 123 -10.02 -0.61 -7.27
N ARG A 124 -8.80 -0.94 -6.84
CA ARG A 124 -8.56 -1.45 -5.50
C ARG A 124 -7.83 -0.37 -4.69
N VAL A 125 -8.40 -0.09 -3.50
CA VAL A 125 -7.85 0.90 -2.59
C VAL A 125 -7.59 0.21 -1.25
N GLY A 126 -6.31 0.07 -0.89
CA GLY A 126 -5.95 -0.61 0.33
C GLY A 126 -6.48 0.13 1.55
N LEU A 127 -7.31 -0.56 2.32
CA LEU A 127 -7.96 0.00 3.50
C LEU A 127 -7.73 -0.99 4.66
N TRP A 128 -6.99 -0.50 5.68
CA TRP A 128 -6.71 -1.26 6.88
C TRP A 128 -7.31 -0.55 8.09
N GLN A 129 -7.82 -1.38 9.02
CA GLN A 129 -8.49 -0.90 10.22
C GLN A 129 -7.50 -0.81 11.39
N ALA A 130 -6.93 0.38 11.57
CA ALA A 130 -5.98 0.63 12.63
C ALA A 130 -6.71 0.78 13.98
N LYS A 131 -6.44 -0.22 14.85
CA LYS A 131 -7.02 -0.27 16.17
C LYS A 131 -5.96 -0.35 17.29
N GLU A 132 -4.88 -1.10 17.00
CA GLU A 132 -3.78 -1.31 17.92
C GLU A 132 -2.54 -0.51 17.52
N HIS A 133 -2.23 -0.55 16.20
CA HIS A 133 -1.10 0.14 15.63
C HIS A 133 -1.39 0.36 14.15
N THR A 134 -0.65 1.33 13.57
CA THR A 134 -0.71 1.67 12.17
C THR A 134 0.45 1.08 11.35
N GLY A 135 0.99 -0.05 11.82
CA GLY A 135 2.10 -0.68 11.12
C GLY A 135 3.31 0.25 10.98
N SER A 136 3.54 1.06 12.03
CA SER A 136 4.67 1.96 12.08
C SER A 136 5.94 1.22 11.65
N GLY A 137 6.41 1.61 10.45
CA GLY A 137 7.57 0.99 9.87
C GLY A 137 8.83 1.27 10.71
N PRO A 138 9.87 0.47 10.45
CA PRO A 138 11.14 0.67 11.11
C PRO A 138 11.85 1.91 10.53
N ASP A 139 12.93 2.29 11.24
CA ASP A 139 13.70 3.48 10.94
C ASP A 139 15.08 3.14 10.38
N ASP A 140 15.11 2.07 9.57
CA ASP A 140 16.34 1.62 8.96
C ASP A 140 16.68 2.44 7.72
N GLY A 141 15.65 3.10 7.17
CA GLY A 141 15.83 3.93 5.99
C GLY A 141 15.69 3.08 4.73
N ILE A 142 16.84 2.73 4.16
CA ILE A 142 16.84 1.95 2.94
C ILE A 142 16.21 0.58 3.21
N GLY A 143 15.32 0.18 2.28
CA GLY A 143 14.65 -1.09 2.39
C GLY A 143 13.34 -1.04 3.16
N ALA A 144 13.25 -0.05 4.06
CA ALA A 144 12.05 0.13 4.85
C ALA A 144 11.02 0.91 4.03
N TYR A 145 9.77 0.84 4.53
CA TYR A 145 8.67 1.57 3.92
C TYR A 145 9.07 3.05 3.85
N THR A 146 8.61 3.72 2.78
CA THR A 146 8.90 5.13 2.60
C THR A 146 7.64 5.98 2.81
N ARG A 147 6.65 5.74 1.94
CA ARG A 147 5.41 6.50 1.92
C ARG A 147 4.48 5.85 0.91
N SER A 148 3.26 6.41 0.86
CA SER A 148 2.19 5.93 0.01
C SER A 148 1.79 7.05 -0.96
N GLU A 149 1.75 6.68 -2.25
CA GLU A 149 1.36 7.59 -3.31
C GLU A 149 0.59 6.79 -4.36
N LEU A 150 -0.45 7.43 -4.89
CA LEU A 150 -1.30 6.86 -5.92
C LEU A 150 -1.42 7.84 -7.08
N LEU A 151 -1.34 7.27 -8.28
CA LEU A 151 -1.39 8.01 -9.53
C LEU A 151 -2.75 7.73 -10.18
N THR A 152 -3.65 8.71 -10.08
CA THR A 152 -4.99 8.57 -10.62
C THR A 152 -5.26 9.69 -11.61
N GLY A 153 -6.05 9.35 -12.64
CA GLY A 153 -6.39 10.29 -13.69
C GLY A 153 -7.57 11.22 -13.37
N ALA A 154 -7.61 11.68 -12.10
CA ALA A 154 -8.73 12.47 -11.59
C ALA A 154 -8.51 12.75 -10.10
N SER A 155 -7.52 13.63 -9.82
CA SER A 155 -7.23 14.01 -8.46
C SER A 155 -8.49 14.53 -7.75
N ALA A 156 -9.27 15.32 -8.48
CA ALA A 156 -10.49 15.90 -7.94
C ALA A 156 -11.39 14.83 -7.32
N THR A 157 -11.47 13.68 -8.02
CA THR A 157 -12.28 12.58 -7.56
C THR A 157 -11.64 11.91 -6.35
N ASP A 158 -10.39 11.50 -6.50
CA ASP A 158 -9.75 10.74 -5.45
C ASP A 158 -9.68 11.54 -4.16
N GLY A 159 -9.38 12.83 -4.30
CA GLY A 159 -9.35 13.70 -3.13
C GLY A 159 -10.63 13.57 -2.31
N ALA A 160 -11.76 13.57 -3.03
CA ALA A 160 -13.07 13.46 -2.42
C ALA A 160 -13.27 12.09 -1.77
N PHE A 161 -12.71 11.07 -2.42
CA PHE A 161 -12.78 9.71 -1.89
C PHE A 161 -12.10 9.65 -0.53
N TYR A 162 -10.94 10.31 -0.43
CA TYR A 162 -10.16 10.29 0.79
C TYR A 162 -10.85 11.10 1.89
N ARG A 163 -11.20 12.35 1.57
CA ARG A 163 -11.83 13.17 2.58
C ARG A 163 -13.19 12.62 3.04
N GLY A 164 -13.74 11.66 2.28
CA GLY A 164 -14.97 11.00 2.65
C GLY A 164 -14.76 9.77 3.53
N LEU A 165 -13.82 8.90 3.10
CA LEU A 165 -13.62 7.66 3.84
C LEU A 165 -12.74 7.84 5.08
N PHE A 166 -12.06 8.98 5.12
CA PHE A 166 -11.13 9.33 6.16
C PHE A 166 -11.45 10.67 6.81
N GLY A 167 -11.52 11.71 5.96
CA GLY A 167 -11.88 13.01 6.45
C GLY A 167 -13.17 12.95 7.28
N ALA A 168 -13.16 13.70 8.39
CA ALA A 168 -14.32 13.78 9.26
C ALA A 168 -15.28 14.88 8.83
N ASP A 169 -14.67 15.98 8.36
CA ASP A 169 -15.37 17.16 7.93
C ASP A 169 -15.82 17.08 6.46
N PHE A 170 -16.03 15.85 5.99
CA PHE A 170 -16.47 15.61 4.61
C PHE A 170 -17.63 16.53 4.24
N ALA A 171 -18.58 16.67 5.18
CA ALA A 171 -19.74 17.50 4.99
C ALA A 171 -19.56 18.94 5.48
N THR A 172 -18.62 19.12 6.42
CA THR A 172 -18.31 20.41 7.01
C THR A 172 -16.88 20.85 6.66
N GLU A 173 -16.61 20.85 5.35
CA GLU A 173 -15.29 21.21 4.83
C GLU A 173 -15.10 22.71 5.07
N SER A 174 -13.90 23.18 4.68
CA SER A 174 -13.57 24.58 4.84
C SER A 174 -13.50 24.99 6.32
N GLY A 175 -13.01 24.03 7.14
CA GLY A 175 -12.91 24.22 8.56
C GLY A 175 -11.49 24.09 9.07
N THR A 176 -10.56 24.55 8.23
CA THR A 176 -9.15 24.60 8.57
C THR A 176 -8.75 23.36 9.38
N ASP A 177 -8.96 22.22 8.73
CA ASP A 177 -8.65 20.93 9.30
C ASP A 177 -7.45 20.35 8.53
N GLY A 178 -6.39 20.03 9.30
CA GLY A 178 -5.20 19.47 8.71
C GLY A 178 -5.40 18.04 8.21
N GLY A 179 -6.18 17.29 8.99
CA GLY A 179 -6.48 15.91 8.68
C GLY A 179 -5.34 15.01 9.20
N GLY A 180 -5.69 14.22 10.22
CA GLY A 180 -4.70 13.33 10.81
C GLY A 180 -4.12 12.37 9.76
N ARG A 181 -5.06 11.65 9.12
CA ARG A 181 -4.68 10.74 8.07
C ARG A 181 -3.88 11.51 6.99
N ARG A 182 -2.94 10.79 6.38
CA ARG A 182 -2.08 11.35 5.36
C ARG A 182 -2.12 10.43 4.13
N ALA A 183 -2.08 11.05 2.95
CA ALA A 183 -2.12 10.36 1.68
C ALA A 183 -1.52 11.28 0.62
N ALA A 184 -1.39 10.74 -0.60
CA ALA A 184 -0.86 11.49 -1.73
C ALA A 184 -1.48 10.95 -3.02
N ILE A 185 -2.00 11.88 -3.82
CA ILE A 185 -2.69 11.62 -5.07
C ILE A 185 -2.22 12.64 -6.10
N ARG A 186 -1.51 12.14 -7.12
CA ARG A 186 -1.08 12.99 -8.21
C ARG A 186 -1.92 12.67 -9.47
N GLN A 187 -2.16 13.73 -10.25
CA GLN A 187 -2.86 13.70 -11.53
C GLN A 187 -1.83 13.61 -12.65
N VAL A 188 -1.88 12.49 -13.38
CA VAL A 188 -1.03 12.19 -14.52
C VAL A 188 -1.76 11.14 -15.37
N GLY A 189 -1.13 10.83 -16.52
CA GLY A 189 -1.60 9.77 -17.39
C GLY A 189 -0.73 9.64 -18.64
N PRO A 190 -0.62 10.74 -19.42
CA PRO A 190 0.16 10.66 -20.65
C PRO A 190 1.67 10.59 -20.39
N ALA A 191 2.10 11.36 -19.38
CA ALA A 191 3.50 11.48 -19.05
C ALA A 191 3.87 10.77 -17.74
N ALA A 192 3.03 9.79 -17.34
CA ALA A 192 3.30 9.02 -16.14
C ALA A 192 2.23 7.92 -16.03
N PRO A 193 2.61 6.83 -15.35
CA PRO A 193 1.72 5.70 -15.19
C PRO A 193 0.55 6.06 -14.26
N SER A 194 -0.31 5.03 -14.08
CA SER A 194 -1.49 5.14 -13.26
C SER A 194 -1.66 3.84 -12.47
N GLY A 195 -2.06 4.01 -11.20
CA GLY A 195 -2.28 2.91 -10.30
C GLY A 195 -1.72 3.22 -8.91
N TRP A 196 -1.96 2.23 -8.03
CA TRP A 196 -1.59 2.30 -6.63
C TRP A 196 -0.22 1.62 -6.44
N TYR A 197 0.78 2.43 -6.08
CA TYR A 197 2.10 1.87 -5.86
C TYR A 197 2.92 2.82 -5.01
N PRO A 198 3.16 2.42 -3.75
CA PRO A 198 3.95 3.25 -2.86
C PRO A 198 5.41 3.32 -3.33
N CYS A 199 6.12 4.27 -2.70
CA CYS A 199 7.53 4.46 -2.95
C CYS A 199 8.35 3.65 -1.92
N PHE A 200 9.61 3.43 -2.30
CA PHE A 200 10.53 2.62 -1.53
C PHE A 200 11.94 3.22 -1.68
N ARG A 201 12.72 3.09 -0.60
CA ARG A 201 14.08 3.62 -0.55
C ARG A 201 15.11 2.54 -0.90
N ALA A 202 16.09 2.93 -1.72
CA ALA A 202 17.19 2.06 -2.08
C ALA A 202 18.35 2.88 -2.64
N GLN A 203 19.53 2.24 -2.66
CA GLN A 203 20.72 2.87 -3.21
C GLN A 203 20.57 3.05 -4.72
N GLU A 204 21.39 3.95 -5.28
CA GLU A 204 21.42 4.15 -6.72
C GLU A 204 21.66 2.84 -7.46
N SER A 205 22.50 1.97 -6.88
CA SER A 205 22.85 0.71 -7.50
C SER A 205 21.65 -0.25 -7.64
N ALA A 206 20.62 -0.02 -6.82
CA ALA A 206 19.42 -0.83 -6.88
C ALA A 206 18.61 -0.56 -8.15
N VAL A 207 18.68 0.67 -8.65
CA VAL A 207 17.98 1.03 -9.87
C VAL A 207 18.31 0.03 -10.98
N PRO A 208 19.59 -0.07 -11.37
CA PRO A 208 19.95 -1.00 -12.43
C PRO A 208 19.78 -2.46 -12.03
N ALA A 209 19.78 -2.74 -10.74
CA ALA A 209 19.53 -4.09 -10.25
C ALA A 209 18.27 -4.67 -10.88
N ALA A 210 17.29 -3.82 -11.19
CA ALA A 210 16.06 -4.29 -11.80
C ALA A 210 16.24 -4.49 -13.31
N VAL A 211 16.97 -3.54 -13.92
CA VAL A 211 17.21 -3.57 -15.35
C VAL A 211 17.85 -4.89 -15.77
N MET A 212 18.92 -5.27 -15.06
CA MET A 212 19.63 -6.49 -15.41
C MET A 212 18.71 -7.72 -15.47
N LEU A 213 17.66 -7.71 -14.65
CA LEU A 213 16.71 -8.80 -14.60
C LEU A 213 15.70 -8.78 -15.76
N GLY A 214 15.53 -7.59 -16.34
CA GLY A 214 14.63 -7.37 -17.45
C GLY A 214 13.41 -6.53 -17.11
N ALA A 215 13.55 -5.67 -16.10
CA ALA A 215 12.45 -4.80 -15.70
C ALA A 215 12.15 -3.82 -16.84
N SER A 216 10.88 -3.38 -16.87
CA SER A 216 10.41 -2.44 -17.87
C SER A 216 10.34 -1.03 -17.27
N VAL A 217 10.95 -0.07 -17.97
CA VAL A 217 10.97 1.32 -17.55
C VAL A 217 9.79 2.06 -18.19
N LEU A 218 9.08 2.83 -17.36
CA LEU A 218 7.96 3.62 -17.82
C LEU A 218 8.20 5.10 -17.53
N LEU A 219 8.50 5.40 -16.25
CA LEU A 219 8.60 6.77 -15.80
C LEU A 219 9.70 6.83 -14.75
N ARG A 220 10.71 7.69 -15.02
CA ARG A 220 11.84 7.83 -14.13
C ARG A 220 12.24 9.29 -13.93
N TYR A 221 11.22 10.13 -13.67
CA TYR A 221 11.42 11.55 -13.44
C TYR A 221 10.09 12.14 -12.96
N ASP A 222 10.10 13.46 -12.74
CA ASP A 222 8.90 14.22 -12.41
C ASP A 222 8.37 13.86 -11.01
N CYS A 223 9.26 14.07 -10.01
CA CYS A 223 8.94 13.74 -8.64
C CYS A 223 9.29 14.92 -7.73
N PRO A 224 8.61 14.99 -6.58
CA PRO A 224 8.80 16.11 -5.67
C PRO A 224 10.21 16.16 -5.05
N ASP A 225 10.81 14.97 -4.95
CA ASP A 225 12.14 14.77 -4.44
C ASP A 225 13.23 14.85 -5.51
N GLY A 226 12.82 14.91 -6.78
CA GLY A 226 13.72 14.96 -7.90
C GLY A 226 13.82 13.62 -8.64
N PRO A 227 14.89 12.88 -8.39
CA PRO A 227 15.12 11.63 -9.13
C PRO A 227 14.09 10.57 -8.73
N ALA A 228 13.50 9.93 -9.75
CA ALA A 228 12.48 8.92 -9.58
C ALA A 228 12.76 7.76 -10.52
N VAL A 229 12.35 6.56 -10.11
CA VAL A 229 12.48 5.38 -10.95
C VAL A 229 11.27 4.47 -10.73
N VAL A 230 10.41 4.39 -11.74
CA VAL A 230 9.24 3.54 -11.70
C VAL A 230 9.39 2.48 -12.81
N VAL A 231 9.56 1.24 -12.35
CA VAL A 231 9.63 0.09 -13.22
C VAL A 231 8.39 -0.79 -13.03
N SER A 232 8.02 -1.42 -14.14
CA SER A 232 6.94 -2.38 -14.21
C SER A 232 7.53 -3.78 -14.29
N ALA A 233 7.12 -4.59 -13.30
CA ALA A 233 7.54 -5.96 -13.19
C ALA A 233 6.89 -6.77 -14.34
N PRO A 234 7.52 -7.88 -14.71
CA PRO A 234 7.06 -8.63 -15.87
C PRO A 234 5.67 -9.22 -15.66
N GLY A 235 5.34 -9.52 -14.39
CA GLY A 235 4.05 -10.06 -14.05
C GLY A 235 2.89 -9.06 -14.13
N GLY A 236 3.21 -7.76 -14.16
CA GLY A 236 2.20 -6.74 -14.24
C GLY A 236 2.10 -5.83 -13.01
N GLU A 237 3.15 -5.86 -12.18
CA GLU A 237 3.19 -5.09 -10.96
C GLU A 237 3.95 -3.78 -11.23
N VAL A 238 3.74 -2.78 -10.37
CA VAL A 238 4.34 -1.46 -10.55
C VAL A 238 4.77 -0.95 -9.18
N PHE A 239 5.95 -0.32 -9.12
CA PHE A 239 6.46 0.21 -7.89
C PHE A 239 7.49 1.29 -8.19
N THR A 240 7.65 2.22 -7.23
CA THR A 240 8.53 3.35 -7.37
C THR A 240 9.73 3.27 -6.41
N LEU A 241 10.88 3.66 -6.96
CA LEU A 241 12.16 3.62 -6.29
C LEU A 241 12.73 5.04 -6.18
N LEU A 242 13.09 5.39 -4.93
CA LEU A 242 13.65 6.68 -4.61
C LEU A 242 15.00 6.47 -3.90
N LEU A 243 16.02 7.16 -4.44
CA LEU A 243 17.37 7.09 -3.93
C LEU A 243 17.51 8.05 -2.74
N THR A 244 17.88 7.48 -1.59
CA THR A 244 18.07 8.21 -0.36
C THR A 244 19.04 7.40 0.51
N ASP A 245 19.62 8.08 1.50
CA ASP A 245 20.63 7.57 2.40
C ASP A 245 20.98 8.75 3.38
#